data_6OMB
#
_entry.id   6OMB
#
_cell.length_a   1.00
_cell.length_b   1.00
_cell.length_c   1.00
_cell.angle_alpha   90.00
_cell.angle_beta   90.00
_cell.angle_gamma   90.00
#
_symmetry.space_group_name_H-M   'P 1'
#
loop_
_entity.id
_entity.type
_entity.pdbx_description
1 polymer 'Cell division control protein 48'
2 polymer 'Substrate of Cdc48'
3 non-polymer "ADENOSINE-5'-DIPHOSPHATE"
4 non-polymer 'BERYLLIUM TRIFLUORIDE ION'
5 non-polymer 'MAGNESIUM ION'
#
loop_
_entity_poly.entity_id
_entity_poly.type
_entity_poly.pdbx_seq_one_letter_code
_entity_poly.pdbx_strand_id
1 'polypeptide(L)'
;MGEEHKPLLDASGVDPREEDKTATAILRRKKKDNMLLVDDAINDDNSVIAINSNTMDKLELFRGDTVLVKGKKRKDTVLI
VLIDDELEDGACRINRVVRNNLRIRLGDLVTIHPCPDIKYATRISVLPIADTIEGITGNLFDVFLKPYFVEAYRPVRKGD
HFVVRGGMRQVEFKVVDVEPEEYAVVAQDTIIHWEGEPINREDEENNMNEVGYDDIGGCRKQMAQIREMVELPLRHPQLF
KAIGIKPPRGVLMYGPPGTGKTLMARAVANETGAFFFLINGPEVMSKMAGESESNLRKAFEEAEKNAPAIIFIDEIDSIA
PKRDKTNGEVERRVVSQLLTLMDGMKARSNVVVIAATNRPNSIDPALRRFGRFDREVDIGIPDATGRLEVLRIHTKNMKL
ADDVDLEALAAETHGYVGADIASLCSEAAMQQIREKMDLIDLDEDEIDAEVLDSLGVTMDNFRFALGNSNPSALRETVVE
SVNVTWDDVGGLDEIKEELKETVEYPVLHPDQYTKFGLSPSKGVLFYGPPGTGKTLLAKAVATEVSANFISVKGPELLSM
WYGESESNIRDIFDKARAAAPTVVFLDELDSIAKARGGSLGDAGGASDRVVNQLLTEMDGMNAKKNVFVIGATNRPDQID
PAILRPGRLDQLIYVPLPDENARLSILNAQLRKTPLEPGLELTAIAKATQGFSGADLLYIVQRAAKYAIKDSIEAHRQHE
AEKEVKVEGEDVEMTDEGAKAEQEPEVDPVPYITKEHFAEAMKTAKRSVSDAELRRYEAYSQQMKASRGQFSNFNFNDAP
LGTTATDNANSNNSAPSGAGAAFGSNAEEDDDLYS
;
A,B,C,D,E
2 'polypeptide(L)'
;(UNK)(UNK)(UNK)(UNK)(UNK)(UNK)(UNK)(UNK)(UNK)(UNK)(UNK)(UNK)(UNK)(UNK)(UNK)(UNK)
(UNK)(UNK)(UNK)(UNK)(UNK)(UNK)
;
G
#
loop_
_chem_comp.id
_chem_comp.type
_chem_comp.name
_chem_comp.formula
ADP non-polymer ADENOSINE-5'-DIPHOSPHATE 'C10 H15 N5 O10 P2'
BEF non-polymer 'BERYLLIUM TRIFLUORIDE ION' 'Be F3 -1'
MG non-polymer 'MAGNESIUM ION' 'Mg 2'
#
# COMPACT_ATOMS: atom_id res chain seq x y z
N VAL A 211 24.52 43.91 37.35
CA VAL A 211 24.95 42.56 37.03
C VAL A 211 26.31 42.29 37.69
N GLY A 212 26.49 41.09 38.22
CA GLY A 212 27.73 40.73 38.89
C GLY A 212 27.72 39.28 39.29
N TYR A 213 28.57 38.96 40.26
CA TYR A 213 28.74 37.61 40.76
C TYR A 213 27.68 37.20 41.77
N ASP A 214 26.88 38.14 42.29
CA ASP A 214 25.96 37.85 43.37
C ASP A 214 24.55 37.49 42.90
N ASP A 215 24.26 37.64 41.60
CA ASP A 215 22.92 37.35 41.11
C ASP A 215 22.81 35.99 40.45
N ILE A 216 23.86 35.17 40.47
CA ILE A 216 23.83 33.82 39.90
C ILE A 216 24.03 32.84 41.05
N GLY A 217 23.02 32.01 41.31
CA GLY A 217 23.05 31.06 42.41
C GLY A 217 22.68 29.66 41.98
N GLY A 218 22.89 28.71 42.90
CA GLY A 218 22.58 27.32 42.70
C GLY A 218 23.56 26.55 41.83
N CYS A 219 24.64 27.18 41.41
CA CYS A 219 25.62 26.61 40.47
C CYS A 219 27.03 26.86 40.97
N ARG A 220 27.27 26.52 42.24
CA ARG A 220 28.50 26.91 42.94
C ARG A 220 29.75 26.27 42.33
N LYS A 221 29.68 24.98 41.99
CA LYS A 221 30.85 24.27 41.47
C LYS A 221 31.20 24.74 40.06
N GLN A 222 30.19 24.88 39.19
CA GLN A 222 30.43 25.39 37.84
C GLN A 222 30.87 26.85 37.86
N MET A 223 30.35 27.63 38.81
CA MET A 223 30.75 29.03 38.94
C MET A 223 32.20 29.14 39.42
N ALA A 224 32.61 28.28 40.35
CA ALA A 224 34.01 28.27 40.80
C ALA A 224 34.94 27.80 39.69
N GLN A 225 34.49 26.83 38.88
CA GLN A 225 35.32 26.36 37.77
C GLN A 225 35.46 27.42 36.68
N ILE A 226 34.37 28.15 36.40
CA ILE A 226 34.43 29.22 35.40
C ILE A 226 35.28 30.38 35.91
N ARG A 227 35.16 30.70 37.20
CA ARG A 227 35.98 31.75 37.81
C ARG A 227 37.46 31.40 37.80
N GLU A 228 37.78 30.12 38.06
CA GLU A 228 39.16 29.67 37.94
C GLU A 228 39.67 29.76 36.51
N MET A 229 38.84 29.33 35.55
CA MET A 229 39.22 29.35 34.14
C MET A 229 39.35 30.75 33.55
N VAL A 230 38.72 31.76 34.15
CA VAL A 230 38.89 33.14 33.70
C VAL A 230 39.90 33.90 34.54
N GLU A 231 40.26 33.36 35.71
CA GLU A 231 41.17 34.09 36.59
C GLU A 231 42.61 33.63 36.43
N LEU A 232 42.84 32.31 36.47
CA LEU A 232 44.19 31.76 36.49
C LEU A 232 44.98 31.93 35.18
N PRO A 233 44.43 31.63 33.96
CA PRO A 233 45.27 31.85 32.77
C PRO A 233 45.38 33.31 32.36
N LEU A 234 44.50 34.16 32.88
CA LEU A 234 44.45 35.56 32.45
C LEU A 234 45.27 36.49 33.31
N ARG A 235 45.45 36.21 34.60
CA ARG A 235 46.18 37.10 35.49
C ARG A 235 47.59 36.59 35.80
N HIS A 236 47.70 35.37 36.29
CA HIS A 236 49.00 34.81 36.68
C HIS A 236 49.17 33.41 36.12
N PRO A 237 49.86 33.26 34.98
CA PRO A 237 50.19 31.92 34.49
C PRO A 237 51.40 31.30 35.15
N GLN A 238 52.01 31.97 36.13
CA GLN A 238 53.17 31.44 36.83
C GLN A 238 52.84 30.23 37.69
N LEU A 239 51.61 30.13 38.18
CA LEU A 239 51.20 28.94 38.93
C LEU A 239 51.15 27.71 38.04
N PHE A 240 50.53 27.84 36.87
CA PHE A 240 50.53 26.75 35.90
C PHE A 240 51.90 26.48 35.32
N LYS A 241 52.78 27.48 35.28
CA LYS A 241 54.17 27.22 34.89
C LYS A 241 54.93 26.48 35.98
N ALA A 242 54.57 26.71 37.25
CA ALA A 242 55.24 26.05 38.36
C ALA A 242 54.79 24.60 38.50
N ILE A 243 53.49 24.33 38.36
CA ILE A 243 53.00 22.95 38.41
C ILE A 243 53.36 22.20 37.13
N GLY A 244 53.06 22.78 35.97
CA GLY A 244 53.43 22.16 34.72
C GLY A 244 52.25 21.66 33.91
N ILE A 245 51.09 22.28 34.10
CA ILE A 245 49.88 21.95 33.37
C ILE A 245 49.53 23.12 32.46
N LYS A 246 49.30 22.82 31.18
CA LYS A 246 48.95 23.87 30.23
C LYS A 246 47.52 24.35 30.47
N PRO A 247 47.29 25.66 30.57
CA PRO A 247 45.94 26.16 30.80
C PRO A 247 45.09 26.03 29.56
N PRO A 248 43.83 25.61 29.70
CA PRO A 248 42.95 25.49 28.53
C PRO A 248 42.50 26.85 28.04
N ARG A 249 42.39 26.97 26.71
CA ARG A 249 42.00 28.23 26.09
C ARG A 249 40.66 28.09 25.39
N GLY A 250 39.72 27.39 26.02
CA GLY A 250 38.40 27.20 25.46
C GLY A 250 37.47 26.47 26.40
N VAL A 251 36.23 26.95 26.51
CA VAL A 251 35.22 26.37 27.39
C VAL A 251 33.90 26.33 26.66
N LEU A 252 33.18 25.21 26.79
CA LEU A 252 31.89 25.00 26.17
C LEU A 252 30.81 24.93 27.26
N MET A 253 29.70 25.63 27.03
CA MET A 253 28.58 25.64 27.95
C MET A 253 27.35 25.04 27.27
N TYR A 254 26.88 23.91 27.80
CA TYR A 254 25.67 23.26 27.30
C TYR A 254 24.73 23.00 28.45
N GLY A 255 23.54 22.50 28.12
CA GLY A 255 22.53 22.20 29.11
C GLY A 255 21.14 22.61 28.65
N PRO A 256 20.18 22.61 29.57
CA PRO A 256 18.82 23.03 29.23
C PRO A 256 18.76 24.54 29.03
N PRO A 257 17.80 25.02 28.23
CA PRO A 257 17.69 26.47 28.03
C PRO A 257 17.15 27.17 29.27
N GLY A 258 17.65 28.38 29.49
CA GLY A 258 17.27 29.14 30.67
C GLY A 258 17.95 28.61 31.92
N THR A 259 19.28 28.64 31.94
CA THR A 259 20.03 28.10 33.06
C THR A 259 21.06 29.08 33.61
N GLY A 260 21.65 29.95 32.79
CA GLY A 260 22.54 30.96 33.30
C GLY A 260 23.87 31.11 32.58
N LYS A 261 23.97 30.59 31.35
CA LYS A 261 25.21 30.73 30.59
C LYS A 261 25.44 32.16 30.12
N THR A 262 24.38 32.83 29.65
CA THR A 262 24.49 34.23 29.26
C THR A 262 24.73 35.14 30.46
N LEU A 263 24.14 34.79 31.61
CA LEU A 263 24.39 35.54 32.84
C LEU A 263 25.82 35.36 33.31
N MET A 264 26.37 34.15 33.17
CA MET A 264 27.78 33.91 33.48
C MET A 264 28.69 34.67 32.55
N ALA A 265 28.35 34.74 31.26
CA ALA A 265 29.15 35.50 30.30
C ALA A 265 29.13 36.99 30.60
N ARG A 266 27.96 37.51 31.00
CA ARG A 266 27.85 38.92 31.37
C ARG A 266 28.62 39.22 32.65
N ALA A 267 28.58 38.30 33.63
CA ALA A 267 29.32 38.50 34.86
C ALA A 267 30.83 38.45 34.63
N VAL A 268 31.29 37.56 33.74
CA VAL A 268 32.71 37.51 33.39
C VAL A 268 33.13 38.75 32.62
N ALA A 269 32.27 39.25 31.73
CA ALA A 269 32.59 40.46 30.97
C ALA A 269 32.58 41.70 31.86
N ASN A 270 31.82 41.67 32.95
CA ASN A 270 31.76 42.81 33.86
C ASN A 270 32.80 42.77 34.97
N GLU A 271 33.30 41.58 35.32
CA GLU A 271 34.23 41.50 36.46
C GLU A 271 35.66 41.87 36.10
N THR A 272 35.95 42.17 34.83
CA THR A 272 37.28 42.55 34.40
C THR A 272 37.17 43.75 33.47
N GLY A 273 38.06 44.73 33.66
CA GLY A 273 38.06 45.92 32.83
C GLY A 273 38.88 45.79 31.55
N ALA A 274 39.16 44.55 31.15
CA ALA A 274 39.86 44.29 29.90
C ALA A 274 38.90 44.37 28.72
N PHE A 275 39.42 44.07 27.53
CA PHE A 275 38.64 44.16 26.32
C PHE A 275 37.68 42.98 26.19
N PHE A 276 36.53 43.23 25.59
CA PHE A 276 35.49 42.21 25.41
C PHE A 276 34.88 42.41 24.02
N PHE A 277 35.46 41.72 23.03
CA PHE A 277 34.95 41.76 21.66
C PHE A 277 33.79 40.77 21.55
N LEU A 278 32.57 41.29 21.41
CA LEU A 278 31.36 40.48 21.44
C LEU A 278 30.84 40.30 20.01
N ILE A 279 30.95 39.08 19.49
CA ILE A 279 30.34 38.69 18.23
C ILE A 279 29.43 37.50 18.49
N ASN A 280 28.42 37.34 17.64
CA ASN A 280 27.45 36.26 17.78
C ASN A 280 27.54 35.32 16.58
N GLY A 281 26.64 34.34 16.55
CA GLY A 281 26.66 33.30 15.55
C GLY A 281 26.32 33.75 14.14
N PRO A 282 25.05 34.11 13.89
CA PRO A 282 24.64 34.47 12.52
C PRO A 282 24.85 35.93 12.14
N GLU A 283 25.59 36.72 12.92
CA GLU A 283 25.84 38.11 12.59
C GLU A 283 27.23 38.34 12.00
N VAL A 284 27.99 37.28 11.73
CA VAL A 284 29.31 37.44 11.14
C VAL A 284 29.26 37.48 9.61
N MET A 285 28.09 37.28 9.02
CA MET A 285 27.97 37.21 7.57
C MET A 285 27.86 38.61 6.96
N SER A 286 27.99 38.65 5.64
CA SER A 286 27.89 39.89 4.88
C SER A 286 27.38 39.59 3.48
N LYS A 287 26.80 40.59 2.84
CA LYS A 287 26.19 40.42 1.53
C LYS A 287 27.19 40.54 0.38
N MET A 288 28.45 40.86 0.68
CA MET A 288 29.45 41.01 -0.36
C MET A 288 30.11 39.66 -0.66
N ALA A 289 31.19 39.69 -1.44
CA ALA A 289 31.80 38.47 -1.98
C ALA A 289 32.87 37.97 -1.01
N GLY A 290 32.42 37.27 0.02
CA GLY A 290 33.33 36.56 0.92
C GLY A 290 34.17 37.43 1.83
N GLU A 291 33.54 38.08 2.82
CA GLU A 291 34.25 38.89 3.79
C GLU A 291 33.97 38.48 5.23
N SER A 292 33.25 37.38 5.45
CA SER A 292 33.05 36.87 6.81
C SER A 292 34.34 36.35 7.40
N GLU A 293 35.22 35.79 6.57
CA GLU A 293 36.55 35.42 7.02
C GLU A 293 37.36 36.64 7.44
N SER A 294 37.20 37.76 6.73
CA SER A 294 37.87 38.99 7.14
C SER A 294 37.28 39.57 8.41
N ASN A 295 35.97 39.37 8.63
CA ASN A 295 35.35 39.78 9.89
C ASN A 295 35.87 38.95 11.06
N LEU A 296 36.02 37.63 10.88
CA LEU A 296 36.60 36.80 11.92
C LEU A 296 38.07 37.15 12.16
N ARG A 297 38.80 37.47 11.09
CA ARG A 297 40.20 37.85 11.22
C ARG A 297 40.36 39.18 11.94
N LYS A 298 39.49 40.15 11.64
CA LYS A 298 39.58 41.44 12.31
C LYS A 298 39.10 41.35 13.76
N ALA A 299 38.16 40.43 14.06
CA ALA A 299 37.75 40.20 15.44
C ALA A 299 38.89 39.59 16.26
N PHE A 300 39.59 38.60 15.67
CA PHE A 300 40.72 37.99 16.36
C PHE A 300 41.89 38.97 16.50
N GLU A 301 42.12 39.81 15.49
CA GLU A 301 43.24 40.75 15.60
C GLU A 301 42.92 41.93 16.51
N GLU A 302 41.64 42.27 16.69
CA GLU A 302 41.28 43.26 17.70
C GLU A 302 41.27 42.67 19.10
N ALA A 303 41.03 41.37 19.23
CA ALA A 303 41.24 40.72 20.52
C ALA A 303 42.72 40.55 20.85
N GLU A 304 43.57 40.44 19.83
CA GLU A 304 45.02 40.29 20.04
C GLU A 304 45.74 41.62 20.23
N LYS A 305 45.22 42.71 19.65
CA LYS A 305 45.99 43.95 19.60
C LYS A 305 45.95 44.70 20.93
N ASN A 306 44.82 44.67 21.63
CA ASN A 306 44.65 45.52 22.81
C ASN A 306 45.35 44.94 24.04
N ALA A 307 44.92 43.76 24.47
CA ALA A 307 45.35 43.20 25.74
C ALA A 307 45.10 41.70 25.70
N PRO A 308 45.65 40.93 26.66
CA PRO A 308 45.13 39.57 26.86
C PRO A 308 43.69 39.61 27.34
N ALA A 309 42.78 39.20 26.47
CA ALA A 309 41.36 39.44 26.69
C ALA A 309 40.55 38.16 26.58
N ILE A 310 39.22 38.29 26.54
CA ILE A 310 38.32 37.14 26.50
C ILE A 310 37.33 37.36 25.36
N ILE A 311 36.93 36.26 24.71
CA ILE A 311 36.01 36.29 23.58
C ILE A 311 34.81 35.42 23.93
N PHE A 312 33.61 35.94 23.72
CA PHE A 312 32.37 35.20 23.91
C PHE A 312 31.65 35.08 22.58
N ILE A 313 31.66 33.89 22.00
CA ILE A 313 30.95 33.61 20.76
C ILE A 313 29.65 32.90 21.13
N ASP A 314 28.53 33.60 20.90
CA ASP A 314 27.22 33.09 21.28
C ASP A 314 26.55 32.42 20.10
N GLU A 315 25.83 31.32 20.40
CA GLU A 315 25.03 30.53 19.43
C GLU A 315 25.90 30.02 18.28
N ILE A 316 26.82 29.12 18.65
CA ILE A 316 27.74 28.52 17.67
C ILE A 316 27.11 27.41 16.85
N ASP A 317 25.84 27.07 17.11
CA ASP A 317 25.15 26.09 16.28
C ASP A 317 24.85 26.60 14.88
N SER A 318 24.72 27.92 14.73
CA SER A 318 24.58 28.50 13.40
C SER A 318 25.92 28.63 12.68
N ILE A 319 27.02 28.48 13.39
CA ILE A 319 28.36 28.52 12.81
C ILE A 319 28.84 27.13 12.44
N ALA A 320 28.73 26.18 13.38
CA ALA A 320 29.16 24.80 13.15
C ALA A 320 27.96 23.91 12.83
N PRO A 321 27.77 23.52 11.57
CA PRO A 321 26.60 22.73 11.20
C PRO A 321 26.82 21.23 11.30
N LYS A 322 27.87 20.81 12.03
CA LYS A 322 28.35 19.44 12.31
C LYS A 322 28.97 18.83 11.05
N ARG A 323 29.10 19.60 9.96
CA ARG A 323 29.68 19.23 8.67
C ARG A 323 29.00 18.03 8.01
N ASP A 324 27.75 17.72 8.39
CA ASP A 324 27.02 16.59 7.85
C ASP A 324 25.70 16.97 7.21
N LYS A 325 24.96 17.91 7.79
CA LYS A 325 23.66 18.33 7.25
C LYS A 325 23.76 19.63 6.47
N THR A 326 24.97 20.08 6.16
CA THR A 326 25.18 21.29 5.36
C THR A 326 25.45 20.92 3.91
N ASN A 327 25.12 21.84 3.01
CA ASN A 327 25.30 21.63 1.58
C ASN A 327 26.09 22.73 0.88
N GLY A 328 26.39 23.83 1.56
CA GLY A 328 27.07 24.95 0.94
C GLY A 328 28.58 24.92 1.13
N GLU A 329 29.22 25.92 0.53
CA GLU A 329 30.67 26.08 0.60
C GLU A 329 31.08 27.24 1.49
N VAL A 330 30.22 28.25 1.63
CA VAL A 330 30.53 29.42 2.44
C VAL A 330 30.58 29.06 3.92
N GLU A 331 29.66 28.22 4.38
CA GLU A 331 29.65 27.79 5.77
C GLU A 331 30.83 26.87 6.08
N ARG A 332 31.23 26.05 5.11
CA ARG A 332 32.43 25.23 5.28
C ARG A 332 33.69 26.09 5.32
N ARG A 333 33.72 27.18 4.55
CA ARG A 333 34.85 28.10 4.63
C ARG A 333 34.85 28.86 5.96
N VAL A 334 33.67 29.15 6.50
CA VAL A 334 33.56 29.77 7.83
C VAL A 334 34.11 28.83 8.90
N VAL A 335 33.74 27.54 8.82
CA VAL A 335 34.22 26.55 9.78
C VAL A 335 35.72 26.36 9.66
N SER A 336 36.25 26.33 8.43
CA SER A 336 37.69 26.18 8.23
C SER A 336 38.45 27.42 8.70
N GLN A 337 37.90 28.61 8.49
CA GLN A 337 38.55 29.84 8.93
C GLN A 337 38.56 29.95 10.45
N LEU A 338 37.46 29.55 11.10
CA LEU A 338 37.44 29.55 12.56
C LEU A 338 38.33 28.46 13.14
N LEU A 339 38.50 27.34 12.44
CA LEU A 339 39.42 26.30 12.88
C LEU A 339 40.88 26.77 12.77
N THR A 340 41.21 27.49 11.69
CA THR A 340 42.55 28.01 11.55
C THR A 340 42.83 29.16 12.51
N LEU A 341 41.80 29.96 12.82
CA LEU A 341 41.96 31.05 13.77
C LEU A 341 41.89 30.61 15.22
N MET A 342 41.42 29.38 15.48
CA MET A 342 41.41 28.85 16.84
C MET A 342 42.65 28.03 17.15
N ASP A 343 43.27 27.44 16.13
CA ASP A 343 44.44 26.59 16.36
C ASP A 343 45.72 27.41 16.45
N GLY A 344 45.88 28.41 15.58
CA GLY A 344 47.11 29.18 15.51
C GLY A 344 47.27 30.23 16.58
N MET A 345 47.28 29.82 17.85
CA MET A 345 47.48 30.71 18.98
C MET A 345 48.75 30.30 19.71
N LYS A 346 49.71 31.23 19.81
CA LYS A 346 50.98 30.96 20.45
C LYS A 346 50.88 31.20 21.95
N ALA A 347 52.02 31.13 22.65
CA ALA A 347 52.00 31.30 24.10
C ALA A 347 51.88 32.77 24.49
N ARG A 348 52.35 33.67 23.64
CA ARG A 348 52.30 35.10 23.92
C ARG A 348 50.96 35.73 23.56
N SER A 349 50.02 34.96 23.02
CA SER A 349 48.69 35.49 22.72
C SER A 349 47.88 35.64 24.00
N ASN A 350 47.68 34.53 24.73
CA ASN A 350 47.07 34.47 26.06
C ASN A 350 45.63 34.99 26.04
N VAL A 351 44.79 34.33 25.26
CA VAL A 351 43.35 34.61 25.22
C VAL A 351 42.60 33.29 25.32
N VAL A 352 41.44 33.33 25.98
CA VAL A 352 40.55 32.18 26.08
C VAL A 352 39.21 32.57 25.48
N VAL A 353 38.43 31.55 25.10
CA VAL A 353 37.14 31.77 24.46
C VAL A 353 36.04 31.06 25.25
N ILE A 354 34.86 31.65 25.22
CA ILE A 354 33.65 31.09 25.83
C ILE A 354 32.61 30.93 24.75
N ALA A 355 31.95 29.77 24.71
CA ALA A 355 30.91 29.53 23.73
C ALA A 355 29.69 28.94 24.43
N ALA A 356 28.58 29.67 24.39
CA ALA A 356 27.31 29.20 24.91
C ALA A 356 26.59 28.41 23.82
N THR A 357 25.98 27.29 24.23
CA THR A 357 25.44 26.34 23.28
C THR A 357 24.17 25.72 23.85
N ASN A 358 23.09 25.72 23.07
CA ASN A 358 21.82 25.18 23.57
C ASN A 358 21.82 23.65 23.55
N ARG A 359 22.05 23.05 22.39
CA ARG A 359 21.96 21.60 22.25
C ARG A 359 23.35 20.99 22.17
N PRO A 360 23.63 19.94 22.93
CA PRO A 360 24.98 19.36 22.96
C PRO A 360 25.26 18.27 21.94
N ASN A 361 24.36 18.04 20.98
CA ASN A 361 24.53 16.96 20.02
C ASN A 361 24.94 17.40 18.63
N SER A 362 24.55 18.61 18.21
CA SER A 362 24.91 19.12 16.89
C SER A 362 26.21 19.92 16.92
N ILE A 363 27.27 19.29 17.43
CA ILE A 363 28.58 19.92 17.55
C ILE A 363 29.53 19.21 16.60
N ASP A 364 30.36 20.00 15.91
CA ASP A 364 31.36 19.46 14.98
C ASP A 364 32.45 18.72 15.76
N PRO A 365 32.72 17.45 15.44
CA PRO A 365 33.86 16.76 16.08
C PRO A 365 35.21 17.34 15.70
N ALA A 366 35.32 18.04 14.57
CA ALA A 366 36.55 18.77 14.27
C ALA A 366 36.72 19.99 15.17
N LEU A 367 35.62 20.61 15.59
CA LEU A 367 35.67 21.68 16.59
C LEU A 367 35.82 21.15 18.01
N ARG A 368 35.45 19.89 18.24
CA ARG A 368 35.66 19.25 19.53
C ARG A 368 37.00 18.52 19.61
N ARG A 369 37.95 18.89 18.74
CA ARG A 369 39.27 18.28 18.76
C ARG A 369 40.05 18.78 19.97
N PHE A 370 41.06 17.99 20.37
CA PHE A 370 41.89 18.31 21.52
C PHE A 370 42.77 19.50 21.20
N GLY A 371 42.49 20.64 21.84
CA GLY A 371 43.28 21.83 21.63
C GLY A 371 42.48 23.11 21.54
N ARG A 372 41.19 22.99 21.17
CA ARG A 372 40.33 24.15 21.03
C ARG A 372 39.22 24.15 22.07
N PHE A 373 38.42 23.08 22.15
CA PHE A 373 37.31 22.97 23.10
C PHE A 373 37.46 21.64 23.84
N ASP A 374 37.90 21.72 25.10
CA ASP A 374 38.16 20.52 25.89
C ASP A 374 37.47 20.50 27.25
N ARG A 375 37.23 21.64 27.88
CA ARG A 375 36.65 21.70 29.21
C ARG A 375 35.17 22.09 29.06
N GLU A 376 34.31 21.08 28.95
CA GLU A 376 32.87 21.29 28.84
C GLU A 376 32.25 21.22 30.23
N VAL A 377 31.63 22.31 30.65
CA VAL A 377 30.93 22.35 31.93
C VAL A 377 29.49 21.92 31.72
N ASP A 378 28.88 21.40 32.77
CA ASP A 378 27.52 20.87 32.74
C ASP A 378 26.67 21.61 33.77
N ILE A 379 26.12 22.75 33.36
CA ILE A 379 25.27 23.55 34.22
C ILE A 379 23.86 22.99 34.16
N GLY A 380 23.53 22.09 35.10
CA GLY A 380 22.26 21.40 35.09
C GLY A 380 21.16 22.16 35.83
N ILE A 381 20.07 21.45 36.07
CA ILE A 381 18.92 22.00 36.79
C ILE A 381 19.25 22.08 38.27
N PRO A 382 18.79 23.10 38.98
CA PRO A 382 19.10 23.22 40.41
C PRO A 382 18.26 22.30 41.28
N ASP A 383 18.77 22.05 42.48
CA ASP A 383 18.08 21.27 43.49
C ASP A 383 17.23 22.21 44.35
N ALA A 384 16.77 21.73 45.51
CA ALA A 384 15.94 22.57 46.39
C ALA A 384 16.75 23.71 47.00
N THR A 385 18.01 23.44 47.36
CA THR A 385 18.87 24.50 47.89
C THR A 385 19.21 25.53 46.81
N GLY A 386 19.43 25.06 45.58
CA GLY A 386 19.63 25.99 44.48
C GLY A 386 18.40 26.81 44.16
N ARG A 387 17.22 26.20 44.28
CA ARG A 387 15.97 26.94 44.09
C ARG A 387 15.77 27.98 45.18
N LEU A 388 16.16 27.64 46.41
CA LEU A 388 16.16 28.62 47.51
C LEU A 388 17.13 29.76 47.23
N GLU A 389 18.28 29.44 46.62
CA GLU A 389 19.28 30.48 46.32
C GLU A 389 18.77 31.43 45.24
N VAL A 390 18.18 30.90 44.17
CA VAL A 390 17.63 31.75 43.11
C VAL A 390 16.41 32.53 43.61
N LEU A 391 15.62 31.94 44.52
CA LEU A 391 14.51 32.68 45.13
C LEU A 391 15.00 33.83 45.99
N ARG A 392 16.03 33.59 46.82
CA ARG A 392 16.57 34.67 47.65
C ARG A 392 17.35 35.69 46.83
N ILE A 393 17.77 35.32 45.62
CA ILE A 393 18.43 36.30 44.74
C ILE A 393 17.39 37.19 44.06
N HIS A 394 16.30 36.60 43.55
CA HIS A 394 15.38 37.36 42.71
C HIS A 394 14.47 38.30 43.50
N THR A 395 13.68 37.77 44.43
CA THR A 395 12.60 38.55 45.04
C THR A 395 13.07 39.38 46.23
N LYS A 396 14.37 39.51 46.46
CA LYS A 396 14.88 40.31 47.57
C LYS A 396 14.91 41.80 47.28
N ASN A 397 14.45 42.25 46.11
CA ASN A 397 14.50 43.65 45.72
C ASN A 397 13.10 44.24 45.59
N MET A 398 12.20 43.91 46.51
CA MET A 398 10.84 44.41 46.48
C MET A 398 10.24 44.44 47.88
N LYS A 399 9.21 45.26 48.06
CA LYS A 399 8.42 45.27 49.29
C LYS A 399 7.56 44.01 49.29
N LEU A 400 8.07 42.94 49.90
CA LEU A 400 7.57 41.60 49.56
C LEU A 400 6.28 41.28 50.32
N ALA A 401 6.39 41.08 51.64
CA ALA A 401 5.30 40.55 52.44
C ALA A 401 5.61 40.62 53.94
N ASP A 402 4.74 40.01 54.74
CA ASP A 402 4.99 39.81 56.16
C ASP A 402 4.68 38.40 56.63
N ASP A 403 4.21 37.52 55.74
CA ASP A 403 3.82 36.16 56.09
C ASP A 403 4.30 35.17 55.03
N VAL A 404 5.56 35.29 54.61
CA VAL A 404 6.10 34.53 53.50
C VAL A 404 7.11 33.52 54.05
N ASP A 405 7.19 32.36 53.41
CA ASP A 405 8.23 31.36 53.66
C ASP A 405 8.67 30.78 52.33
N LEU A 406 9.92 31.04 51.95
CA LEU A 406 10.44 30.57 50.67
C LEU A 406 10.81 29.09 50.68
N GLU A 407 10.86 28.46 51.86
CA GLU A 407 11.23 27.06 51.95
C GLU A 407 10.15 26.17 51.36
N ALA A 408 8.88 26.44 51.68
CA ALA A 408 7.79 25.66 51.09
C ALA A 408 7.62 25.97 49.60
N LEU A 409 7.93 27.20 49.19
CA LEU A 409 7.85 27.56 47.78
C LEU A 409 8.93 26.85 46.96
N ALA A 410 10.11 26.65 47.55
CA ALA A 410 11.15 25.89 46.87
C ALA A 410 10.95 24.38 46.99
N ALA A 411 10.24 23.92 48.01
CA ALA A 411 10.00 22.48 48.16
C ALA A 411 8.88 22.01 47.25
N GLU A 412 7.82 22.81 47.09
CA GLU A 412 6.73 22.42 46.21
C GLU A 412 7.11 22.53 44.74
N THR A 413 7.99 23.48 44.40
CA THR A 413 8.45 23.62 43.03
C THR A 413 9.55 22.61 42.75
N HIS A 414 9.39 21.81 41.70
CA HIS A 414 10.29 20.71 41.41
C HIS A 414 11.08 20.89 40.11
N GLY A 415 10.40 21.13 38.99
CA GLY A 415 11.04 21.12 37.70
C GLY A 415 11.40 22.45 37.09
N TYR A 416 11.37 23.53 37.87
CA TYR A 416 11.69 24.84 37.31
C TYR A 416 13.20 25.03 37.23
N VAL A 417 13.64 25.82 36.25
CA VAL A 417 15.06 26.07 36.06
C VAL A 417 15.34 27.50 35.57
N GLY A 418 16.06 28.26 36.38
CA GLY A 418 16.68 29.50 35.95
C GLY A 418 15.77 30.68 35.71
N ALA A 419 14.97 30.62 34.63
CA ALA A 419 14.14 31.74 34.24
C ALA A 419 12.69 31.57 34.66
N ASP A 420 12.28 30.35 34.95
CA ASP A 420 10.90 30.09 35.35
C ASP A 420 10.59 30.64 36.73
N ILE A 421 11.61 30.74 37.60
CA ILE A 421 11.41 31.36 38.90
C ILE A 421 11.21 32.87 38.76
N ALA A 422 11.96 33.49 37.84
CA ALA A 422 11.76 34.91 37.57
C ALA A 422 10.41 35.17 36.93
N SER A 423 9.95 34.24 36.07
CA SER A 423 8.60 34.33 35.53
C SER A 423 7.54 34.15 36.60
N LEU A 424 7.82 33.30 37.60
CA LEU A 424 6.91 33.12 38.73
C LEU A 424 6.80 34.39 39.56
N CYS A 425 7.94 35.06 39.82
CA CYS A 425 7.91 36.32 40.56
C CYS A 425 7.23 37.42 39.78
N SER A 426 7.44 37.47 38.46
CA SER A 426 6.76 38.46 37.63
C SER A 426 5.26 38.22 37.56
N GLU A 427 4.84 36.95 37.48
CA GLU A 427 3.41 36.65 37.49
C GLU A 427 2.78 36.92 38.84
N ALA A 428 3.54 36.73 39.94
CA ALA A 428 3.03 37.08 41.26
C ALA A 428 2.87 38.59 41.41
N ALA A 429 3.81 39.36 40.86
CA ALA A 429 3.69 40.82 40.89
C ALA A 429 2.52 41.30 40.05
N MET A 430 2.32 40.69 38.88
CA MET A 430 1.18 41.06 38.03
C MET A 430 -0.15 40.65 38.67
N GLN A 431 -0.17 39.52 39.40
CA GLN A 431 -1.37 39.12 40.11
C GLN A 431 -1.67 40.06 41.28
N GLN A 432 -0.63 40.55 41.96
CA GLN A 432 -0.84 41.54 43.02
C GLN A 432 -1.35 42.86 42.45
N ILE A 433 -0.83 43.26 41.29
CA ILE A 433 -1.32 44.47 40.61
C ILE A 433 -2.77 44.31 40.17
N ARG A 434 -3.14 43.13 39.65
CA ARG A 434 -4.54 42.86 39.31
C ARG A 434 -5.44 42.81 40.54
N GLU A 435 -4.90 42.35 41.67
CA GLU A 435 -5.70 42.24 42.89
C GLU A 435 -5.95 43.60 43.53
N LYS A 436 -4.97 44.49 43.48
CA LYS A 436 -5.07 45.80 44.12
C LYS A 436 -5.39 46.90 43.12
N MET A 437 -6.26 46.63 42.15
CA MET A 437 -6.67 47.62 41.17
C MET A 437 -8.17 47.83 41.09
N ASP A 438 -8.96 46.76 41.22
CA ASP A 438 -10.41 46.84 41.03
C ASP A 438 -11.12 47.43 42.24
N LEU A 439 -10.47 47.54 43.39
CA LEU A 439 -11.13 48.00 44.61
C LEU A 439 -10.60 49.32 45.15
N ILE A 440 -9.41 49.76 44.73
CA ILE A 440 -8.78 50.95 45.28
C ILE A 440 -8.77 52.11 44.29
N ASP A 441 -9.24 51.88 43.05
CA ASP A 441 -9.50 52.88 42.01
C ASP A 441 -8.23 53.64 41.64
N LEU A 442 -7.31 52.96 40.94
CA LEU A 442 -6.04 53.54 40.46
C LEU A 442 -6.21 54.82 39.66
N ASP A 443 -7.33 54.99 38.94
CA ASP A 443 -7.66 56.20 38.16
C ASP A 443 -6.58 56.47 37.09
N GLU A 444 -6.60 55.62 36.07
CA GLU A 444 -5.54 55.52 35.06
C GLU A 444 -5.25 56.82 34.28
N ASP A 445 -6.08 57.86 34.42
CA ASP A 445 -5.76 59.13 33.77
C ASP A 445 -4.61 59.85 34.50
N GLU A 446 -4.56 59.77 35.83
CA GLU A 446 -3.47 60.39 36.58
C GLU A 446 -3.19 59.58 37.84
N ILE A 447 -1.92 59.32 38.08
CA ILE A 447 -1.51 58.42 39.15
C ILE A 447 -1.40 59.18 40.47
N ASP A 448 -1.81 58.53 41.55
CA ASP A 448 -1.79 59.08 42.89
C ASP A 448 -0.53 58.62 43.62
N ALA A 449 -0.48 58.87 44.93
CA ALA A 449 0.65 58.44 45.75
C ALA A 449 0.22 57.63 46.97
N GLU A 450 -1.01 57.13 46.99
CA GLU A 450 -1.53 56.39 48.13
C GLU A 450 -1.41 54.88 47.94
N VAL A 451 -1.57 54.40 46.70
CA VAL A 451 -1.52 52.96 46.44
C VAL A 451 -0.09 52.46 46.32
N LEU A 452 0.86 53.35 46.02
CA LEU A 452 2.22 52.92 45.65
C LEU A 452 3.00 52.38 46.85
N ASP A 453 2.76 52.89 48.05
CA ASP A 453 3.49 52.39 49.21
C ASP A 453 2.79 51.23 49.90
N SER A 454 1.50 51.02 49.65
CA SER A 454 0.77 49.89 50.22
C SER A 454 0.72 48.74 49.20
N LEU A 455 1.89 48.19 48.91
CA LEU A 455 2.04 47.13 47.92
C LEU A 455 2.84 45.99 48.54
N GLY A 456 2.23 44.81 48.63
CA GLY A 456 2.94 43.64 49.11
C GLY A 456 2.50 42.36 48.43
N VAL A 457 3.45 41.63 47.86
CA VAL A 457 3.16 40.35 47.23
C VAL A 457 3.08 39.28 48.33
N THR A 458 1.85 38.95 48.73
CA THR A 458 1.63 38.03 49.84
C THR A 458 1.71 36.58 49.34
N MET A 459 1.29 35.64 50.18
CA MET A 459 1.37 34.23 49.83
C MET A 459 0.34 33.84 48.80
N ASP A 460 -0.80 34.55 48.75
CA ASP A 460 -1.88 34.20 47.83
C ASP A 460 -1.49 34.46 46.38
N ASN A 461 -0.76 35.56 46.13
CA ASN A 461 -0.30 35.86 44.79
C ASN A 461 0.75 34.85 44.32
N PHE A 462 1.61 34.39 45.23
CA PHE A 462 2.59 33.38 44.87
C PHE A 462 1.95 32.01 44.64
N ARG A 463 0.89 31.69 45.40
CA ARG A 463 0.17 30.44 45.16
C ARG A 463 -0.58 30.48 43.83
N PHE A 464 -1.15 31.65 43.49
CA PHE A 464 -1.82 31.80 42.20
C PHE A 464 -0.83 31.74 41.04
N ALA A 465 0.36 32.31 41.23
CA ALA A 465 1.40 32.23 40.21
C ALA A 465 1.97 30.82 40.08
N LEU A 466 1.99 30.05 41.17
CA LEU A 466 2.41 28.66 41.08
C LEU A 466 1.36 27.80 40.39
N GLY A 467 0.08 28.05 40.67
CA GLY A 467 -0.99 27.34 40.00
C GLY A 467 -1.27 27.77 38.58
N ASN A 468 -0.77 28.93 38.17
CA ASN A 468 -1.00 29.47 36.84
C ASN A 468 0.32 29.58 36.05
N SER A 469 1.14 28.54 36.12
CA SER A 469 2.41 28.50 35.38
C SER A 469 2.77 27.06 35.11
N ASN A 470 3.81 26.88 34.31
CA ASN A 470 4.27 25.56 33.89
C ASN A 470 5.77 25.63 33.64
N PRO A 471 6.48 24.51 33.72
CA PRO A 471 7.90 24.50 33.37
C PRO A 471 8.12 24.76 31.89
N SER A 472 9.28 25.31 31.58
CA SER A 472 9.61 25.71 30.22
C SER A 472 9.94 24.51 29.32
N ALA A 473 10.29 23.37 29.90
CA ALA A 473 10.55 22.17 29.11
C ALA A 473 9.30 21.35 28.84
N LEU A 474 8.25 21.54 29.63
CA LEU A 474 6.99 20.81 29.46
C LEU A 474 5.87 21.73 28.99
N ARG A 475 6.21 22.73 28.18
CA ARG A 475 5.21 23.66 27.68
C ARG A 475 4.42 23.07 26.52
N GLU A 476 5.10 22.35 25.63
CA GLU A 476 4.43 21.77 24.48
C GLU A 476 3.60 20.54 24.83
N THR A 477 3.84 19.93 25.98
CA THR A 477 3.11 18.75 26.44
C THR A 477 2.27 19.07 27.67
N VAL A 478 1.59 20.23 27.63
CA VAL A 478 0.77 20.66 28.76
C VAL A 478 -0.51 19.84 28.80
N VAL A 479 -0.83 19.32 29.97
CA VAL A 479 -2.03 18.50 30.18
C VAL A 479 -3.11 19.38 30.80
N GLU A 480 -4.33 19.26 30.28
CA GLU A 480 -5.46 20.03 30.80
C GLU A 480 -5.82 19.55 32.20
N SER A 481 -6.30 20.49 33.02
CA SER A 481 -6.50 20.23 34.44
C SER A 481 -7.76 19.41 34.67
N VAL A 482 -7.62 18.29 35.36
CA VAL A 482 -8.74 17.44 35.76
C VAL A 482 -8.86 17.54 37.28
N ASN A 483 -9.94 18.15 37.75
CA ASN A 483 -10.13 18.42 39.18
C ASN A 483 -10.61 17.14 39.86
N VAL A 484 -9.66 16.26 40.16
CA VAL A 484 -9.90 15.04 40.91
C VAL A 484 -8.88 14.95 42.03
N THR A 485 -9.30 14.44 43.18
CA THR A 485 -8.43 14.33 44.35
C THR A 485 -8.32 12.86 44.75
N TRP A 486 -7.65 12.63 45.88
CA TRP A 486 -7.47 11.27 46.38
C TRP A 486 -8.70 10.74 47.11
N ASP A 487 -9.69 11.58 47.40
CA ASP A 487 -10.96 11.13 47.96
C ASP A 487 -12.03 10.94 46.89
N ASP A 488 -11.74 11.27 45.64
CA ASP A 488 -12.68 11.05 44.55
C ASP A 488 -12.63 9.61 44.04
N VAL A 489 -11.55 8.88 44.32
CA VAL A 489 -11.41 7.50 43.89
C VAL A 489 -11.93 6.63 45.03
N GLY A 490 -13.18 6.19 44.89
CA GLY A 490 -13.77 5.34 45.91
C GLY A 490 -13.20 3.93 45.87
N GLY A 491 -12.95 3.39 47.05
CA GLY A 491 -12.34 2.07 47.16
C GLY A 491 -10.85 2.11 46.88
N LEU A 492 -10.26 0.91 46.86
CA LEU A 492 -8.83 0.68 46.61
C LEU A 492 -7.95 1.46 47.58
N ASP A 493 -8.24 1.30 48.87
CA ASP A 493 -7.60 2.13 49.90
C ASP A 493 -6.14 1.74 50.10
N GLU A 494 -5.87 0.45 50.32
CA GLU A 494 -4.49 0.00 50.52
C GLU A 494 -3.69 0.12 49.23
N ILE A 495 -4.33 -0.06 48.07
CA ILE A 495 -3.67 0.09 46.78
C ILE A 495 -3.26 1.54 46.56
N LYS A 496 -4.16 2.49 46.84
CA LYS A 496 -3.84 3.88 46.63
C LYS A 496 -2.85 4.41 47.68
N GLU A 497 -2.86 3.85 48.89
CA GLU A 497 -1.89 4.34 49.87
C GLU A 497 -0.50 3.77 49.61
N GLU A 498 -0.39 2.51 49.17
CA GLU A 498 0.92 2.00 48.79
C GLU A 498 1.40 2.63 47.49
N LEU A 499 0.48 3.05 46.61
CA LEU A 499 0.87 3.75 45.40
C LEU A 499 1.40 5.14 45.70
N LYS A 500 0.68 5.90 46.53
CA LYS A 500 1.17 7.24 46.90
C LYS A 500 2.44 7.17 47.73
N GLU A 501 2.65 6.10 48.51
CA GLU A 501 3.92 5.95 49.21
C GLU A 501 5.06 5.64 48.23
N THR A 502 4.84 4.71 47.30
CA THR A 502 5.92 4.31 46.40
C THR A 502 6.21 5.34 45.32
N VAL A 503 5.34 6.34 45.11
CA VAL A 503 5.68 7.48 44.27
C VAL A 503 6.25 8.64 45.09
N GLU A 504 5.76 8.84 46.32
CA GLU A 504 6.23 9.97 47.13
C GLU A 504 7.58 9.72 47.78
N TYR A 505 8.03 8.45 47.86
CA TYR A 505 9.32 8.14 48.48
C TYR A 505 10.55 8.72 47.77
N PRO A 506 10.89 8.36 46.52
CA PRO A 506 12.25 8.64 46.04
C PRO A 506 12.48 10.05 45.54
N VAL A 507 11.50 10.96 45.63
CA VAL A 507 11.63 12.29 45.05
C VAL A 507 11.76 13.40 46.09
N LEU A 508 11.45 13.11 47.36
CA LEU A 508 11.49 14.15 48.38
C LEU A 508 12.44 13.83 49.54
N HIS A 509 12.45 12.59 50.02
CA HIS A 509 13.26 12.20 51.17
C HIS A 509 14.18 11.06 50.78
N PRO A 510 15.38 11.35 50.29
CA PRO A 510 16.34 10.30 49.91
C PRO A 510 17.11 9.70 51.07
N ASP A 511 16.85 10.10 52.31
CA ASP A 511 17.61 9.59 53.45
C ASP A 511 17.24 8.14 53.75
N GLN A 512 15.96 7.79 53.62
CA GLN A 512 15.55 6.40 53.79
C GLN A 512 16.05 5.53 52.64
N TYR A 513 16.15 6.10 51.44
CA TYR A 513 16.72 5.38 50.31
C TYR A 513 18.21 5.14 50.50
N THR A 514 18.90 6.10 51.10
CA THR A 514 20.33 5.94 51.37
C THR A 514 20.57 4.96 52.51
N LYS A 515 19.75 4.99 53.55
CA LYS A 515 19.89 4.05 54.66
C LYS A 515 19.42 2.65 54.29
N PHE A 516 18.56 2.50 53.28
CA PHE A 516 18.12 1.18 52.86
C PHE A 516 19.21 0.45 52.08
N GLY A 517 19.90 1.16 51.19
CA GLY A 517 20.99 0.57 50.43
C GLY A 517 20.57 -0.31 49.28
N LEU A 518 19.37 -0.11 48.73
CA LEU A 518 18.86 -0.92 47.64
C LEU A 518 18.41 -0.01 46.50
N SER A 519 18.66 -0.45 45.26
CA SER A 519 18.21 0.30 44.11
C SER A 519 16.69 0.23 43.98
N PRO A 520 16.03 1.34 43.69
CA PRO A 520 14.56 1.37 43.68
C PRO A 520 13.98 0.96 42.34
N SER A 521 12.66 0.76 42.34
CA SER A 521 11.94 0.44 41.12
C SER A 521 11.75 1.69 40.28
N LYS A 522 11.91 1.53 38.96
CA LYS A 522 11.83 2.64 38.01
C LYS A 522 10.65 2.47 37.06
N GLY A 523 9.67 1.66 37.44
CA GLY A 523 8.50 1.45 36.61
C GLY A 523 7.42 0.72 37.39
N VAL A 524 6.21 0.80 36.86
CA VAL A 524 5.04 0.19 37.50
C VAL A 524 4.02 -0.08 36.40
N LEU A 525 3.11 -1.03 36.64
CA LEU A 525 2.15 -1.44 35.64
C LEU A 525 0.79 -1.71 36.29
N PHE A 526 -0.28 -1.38 35.56
CA PHE A 526 -1.63 -1.68 35.98
C PHE A 526 -2.25 -2.68 35.01
N TYR A 527 -3.03 -3.62 35.55
CA TYR A 527 -3.73 -4.59 34.72
C TYR A 527 -4.98 -5.05 35.45
N GLY A 528 -6.02 -5.36 34.68
CA GLY A 528 -7.28 -5.81 35.23
C GLY A 528 -8.42 -5.60 34.26
N PRO A 529 -9.66 -5.61 34.77
CA PRO A 529 -10.82 -5.40 33.91
C PRO A 529 -10.97 -3.94 33.53
N PRO A 530 -11.59 -3.65 32.39
CA PRO A 530 -11.84 -2.26 32.03
C PRO A 530 -12.96 -1.66 32.88
N GLY A 531 -12.82 -0.38 33.19
CA GLY A 531 -13.78 0.28 34.06
C GLY A 531 -13.52 -0.06 35.52
N THR A 532 -12.27 0.13 35.96
CA THR A 532 -11.88 -0.20 37.32
C THR A 532 -11.19 0.95 38.05
N GLY A 533 -10.51 1.85 37.35
CA GLY A 533 -9.93 3.00 38.00
C GLY A 533 -8.45 3.22 37.72
N LYS A 534 -7.92 2.63 36.65
CA LYS A 534 -6.52 2.82 36.32
C LYS A 534 -6.27 4.23 35.79
N THR A 535 -7.10 4.68 34.85
CA THR A 535 -6.99 6.04 34.35
C THR A 535 -7.37 7.06 35.43
N LEU A 536 -8.29 6.70 36.32
CA LEU A 536 -8.63 7.59 37.43
C LEU A 536 -7.48 7.69 38.43
N LEU A 537 -6.75 6.58 38.66
CA LEU A 537 -5.55 6.64 39.48
C LEU A 537 -4.45 7.44 38.81
N ALA A 538 -4.36 7.38 37.48
CA ALA A 538 -3.40 8.19 36.75
C ALA A 538 -3.75 9.68 36.84
N LYS A 539 -5.04 10.01 36.82
CA LYS A 539 -5.46 11.40 36.99
C LYS A 539 -5.21 11.89 38.42
N ALA A 540 -5.40 11.01 39.41
CA ALA A 540 -5.12 11.37 40.80
C ALA A 540 -3.63 11.54 41.03
N VAL A 541 -2.81 10.79 40.30
CA VAL A 541 -1.37 11.05 40.29
C VAL A 541 -1.08 12.38 39.62
N ALA A 542 -1.76 12.68 38.51
CA ALA A 542 -1.50 13.91 37.77
C ALA A 542 -1.92 15.15 38.53
N THR A 543 -2.85 15.04 39.47
CA THR A 543 -3.30 16.22 40.19
C THR A 543 -2.63 16.38 41.56
N GLU A 544 -2.56 15.32 42.35
CA GLU A 544 -2.22 15.47 43.76
C GLU A 544 -1.05 14.60 44.20
N VAL A 545 0.05 14.65 43.46
CA VAL A 545 1.28 13.96 43.87
C VAL A 545 2.39 14.94 44.24
N SER A 546 2.19 16.25 44.04
CA SER A 546 3.18 17.31 44.23
C SER A 546 4.47 17.05 43.43
N ALA A 547 4.29 16.68 42.17
CA ALA A 547 5.40 16.51 41.24
C ALA A 547 4.89 16.79 39.83
N ASN A 548 5.79 16.67 38.85
CA ASN A 548 5.41 16.93 37.47
C ASN A 548 4.69 15.73 36.87
N PHE A 549 4.14 15.92 35.68
CA PHE A 549 3.39 14.87 34.99
C PHE A 549 3.39 15.11 33.49
N ILE A 550 3.73 14.07 32.73
CA ILE A 550 3.64 14.11 31.26
C ILE A 550 2.91 12.86 30.80
N SER A 551 1.89 13.04 29.97
CA SER A 551 1.06 11.94 29.50
C SER A 551 1.01 11.94 27.98
N VAL A 552 1.20 10.76 27.41
CA VAL A 552 1.06 10.52 25.98
C VAL A 552 0.04 9.42 25.78
N LYS A 553 -0.51 9.36 24.56
CA LYS A 553 -1.41 8.27 24.21
C LYS A 553 -0.59 7.10 23.69
N GLY A 554 -1.24 6.01 23.30
CA GLY A 554 -0.56 4.82 22.87
C GLY A 554 0.16 4.96 21.53
N PRO A 555 -0.60 5.02 20.44
CA PRO A 555 0.04 5.12 19.12
C PRO A 555 0.32 6.54 18.65
N GLU A 556 0.30 7.51 19.57
CA GLU A 556 0.59 8.90 19.19
C GLU A 556 2.03 9.11 18.76
N LEU A 557 2.96 8.31 19.27
CA LEU A 557 4.39 8.52 19.06
C LEU A 557 4.92 7.71 17.89
N LEU A 558 4.09 7.50 16.87
CA LEU A 558 4.47 6.77 15.67
C LEU A 558 4.29 7.68 14.46
N SER A 559 5.20 7.56 13.50
CA SER A 559 5.16 8.35 12.28
C SER A 559 5.55 7.48 11.09
N MET A 560 5.06 7.87 9.92
CA MET A 560 5.32 7.12 8.70
C MET A 560 6.71 7.37 8.13
N TRP A 561 7.40 8.41 8.59
CA TRP A 561 8.72 8.72 8.07
C TRP A 561 9.77 7.83 8.74
N TYR A 562 11.02 7.97 8.31
CA TYR A 562 12.12 7.17 8.80
C TYR A 562 12.89 7.96 9.86
N GLY A 563 13.02 7.37 11.06
CA GLY A 563 13.73 7.99 12.15
C GLY A 563 12.86 8.79 13.10
N GLU A 564 11.73 9.32 12.61
CA GLU A 564 10.87 10.13 13.46
C GLU A 564 10.11 9.30 14.48
N SER A 565 9.82 8.03 14.15
CA SER A 565 9.09 7.15 15.05
C SER A 565 9.90 6.78 16.29
N GLU A 566 11.23 6.82 16.21
CA GLU A 566 12.08 6.70 17.38
C GLU A 566 12.51 8.05 17.94
N SER A 567 12.58 9.09 17.11
CA SER A 567 12.95 10.42 17.59
C SER A 567 11.86 11.01 18.48
N ASN A 568 10.60 10.60 18.27
CA ASN A 568 9.51 11.05 19.15
C ASN A 568 9.68 10.50 20.56
N ILE A 569 9.99 9.21 20.68
CA ILE A 569 10.27 8.62 21.98
C ILE A 569 11.55 9.22 22.58
N ARG A 570 12.54 9.52 21.72
CA ARG A 570 13.79 10.09 22.19
C ARG A 570 13.62 11.48 22.78
N ASP A 571 12.92 12.39 22.10
CA ASP A 571 12.78 13.72 22.68
C ASP A 571 11.66 13.80 23.72
N ILE A 572 10.71 12.86 23.75
CA ILE A 572 9.80 12.78 24.88
C ILE A 572 10.53 12.35 26.14
N PHE A 573 11.42 11.35 26.04
CA PHE A 573 12.23 10.98 27.19
C PHE A 573 13.30 12.02 27.51
N ASP A 574 13.72 12.83 26.54
CA ASP A 574 14.62 13.94 26.82
C ASP A 574 13.90 15.04 27.62
N LYS A 575 12.63 15.31 27.26
CA LYS A 575 11.83 16.24 28.05
C LYS A 575 11.51 15.68 29.43
N ALA A 576 11.43 14.35 29.56
CA ALA A 576 11.24 13.74 30.87
C ALA A 576 12.50 13.87 31.72
N ARG A 577 13.67 13.62 31.14
CA ARG A 577 14.93 13.76 31.85
C ARG A 577 15.30 15.21 32.15
N ALA A 578 14.76 16.17 31.40
CA ALA A 578 15.08 17.56 31.63
C ALA A 578 14.34 18.10 32.85
N ALA A 579 13.04 17.85 32.95
CA ALA A 579 12.22 18.35 34.05
C ALA A 579 12.10 17.29 35.14
N ALA A 580 13.22 17.02 35.80
CA ALA A 580 13.24 16.04 36.88
C ALA A 580 12.80 16.68 38.18
N PRO A 581 11.93 16.00 38.97
CA PRO A 581 11.29 14.71 38.68
C PRO A 581 10.01 14.86 37.85
N THR A 582 9.56 13.76 37.25
CA THR A 582 8.32 13.76 36.48
C THR A 582 7.75 12.35 36.49
N VAL A 583 6.56 12.20 35.90
CA VAL A 583 5.89 10.91 35.78
C VAL A 583 5.45 10.77 34.34
N VAL A 584 5.91 9.71 33.67
CA VAL A 584 5.59 9.42 32.28
C VAL A 584 4.55 8.31 32.29
N PHE A 585 3.29 8.66 32.03
CA PHE A 585 2.19 7.69 32.02
C PHE A 585 2.04 7.14 30.61
N LEU A 586 2.60 5.96 30.36
CA LEU A 586 2.47 5.29 29.08
C LEU A 586 1.14 4.54 29.06
N ASP A 587 0.10 5.20 28.55
CA ASP A 587 -1.22 4.60 28.51
C ASP A 587 -1.36 3.66 27.32
N GLU A 588 -2.00 2.51 27.57
CA GLU A 588 -2.30 1.48 26.57
C GLU A 588 -1.03 0.96 25.90
N LEU A 589 -0.19 0.32 26.72
CA LEU A 589 1.08 -0.26 26.28
C LEU A 589 0.93 -1.50 25.37
N ASP A 590 -0.27 -1.92 24.97
CA ASP A 590 -0.44 -2.99 24.00
C ASP A 590 -0.27 -2.53 22.56
N SER A 591 0.04 -1.24 22.35
CA SER A 591 0.35 -0.71 21.03
C SER A 591 1.81 -0.28 20.88
N ILE A 592 2.49 0.02 21.97
CA ILE A 592 3.91 0.37 21.93
C ILE A 592 4.72 -0.88 22.20
N ALA A 593 4.47 -1.53 23.32
CA ALA A 593 5.18 -2.75 23.71
C ALA A 593 4.39 -3.98 23.24
N LYS A 594 4.25 -4.07 21.92
CA LYS A 594 3.58 -5.20 21.30
C LYS A 594 4.48 -6.42 21.32
N ALA A 595 3.86 -7.59 21.47
CA ALA A 595 4.59 -8.85 21.38
C ALA A 595 5.12 -9.06 19.96
N ARG A 596 6.32 -9.61 19.86
CA ARG A 596 7.00 -9.71 18.58
C ARG A 596 6.37 -10.80 17.71
N GLY A 597 6.45 -12.05 18.15
CA GLY A 597 5.96 -13.17 17.36
C GLY A 597 6.78 -13.39 16.11
N GLY A 598 8.06 -13.70 16.27
CA GLY A 598 8.97 -13.83 15.15
C GLY A 598 8.71 -15.05 14.27
N SER A 599 8.18 -14.81 13.08
CA SER A 599 7.95 -15.87 12.10
C SER A 599 8.34 -15.41 10.70
N LEU A 600 9.36 -14.55 10.61
CA LEU A 600 9.94 -14.16 9.29
C LEU A 600 8.96 -13.34 8.44
N GLY A 601 7.86 -12.86 9.03
CA GLY A 601 6.92 -12.04 8.28
C GLY A 601 6.38 -10.90 9.11
N ASP A 602 6.65 -9.67 8.69
CA ASP A 602 6.21 -8.49 9.43
C ASP A 602 5.97 -7.36 8.43
N ALA A 603 5.82 -6.14 8.95
CA ALA A 603 5.65 -4.97 8.11
C ALA A 603 6.96 -4.29 7.74
N GLY A 604 8.09 -4.81 8.22
CA GLY A 604 9.40 -4.23 7.94
C GLY A 604 10.28 -4.09 9.16
N GLY A 605 9.75 -4.22 10.37
CA GLY A 605 10.55 -4.12 11.57
C GLY A 605 10.54 -2.74 12.19
N ALA A 606 9.37 -2.11 12.23
CA ALA A 606 9.23 -0.79 12.85
C ALA A 606 8.83 -0.88 14.31
N SER A 607 7.93 -1.79 14.65
CA SER A 607 7.54 -1.99 16.05
C SER A 607 8.69 -2.58 16.85
N ASP A 608 9.53 -3.40 16.21
CA ASP A 608 10.75 -3.88 16.85
C ASP A 608 11.73 -2.74 17.13
N ARG A 609 11.85 -1.78 16.22
CA ARG A 609 12.68 -0.61 16.47
C ARG A 609 12.09 0.26 17.58
N VAL A 610 10.77 0.34 17.67
CA VAL A 610 10.12 1.11 18.74
C VAL A 610 10.38 0.47 20.09
N VAL A 611 10.24 -0.86 20.17
CA VAL A 611 10.50 -1.60 21.40
C VAL A 611 11.98 -1.52 21.79
N ASN A 612 12.88 -1.60 20.81
CA ASN A 612 14.31 -1.50 21.11
C ASN A 612 14.71 -0.09 21.55
N GLN A 613 14.11 0.95 20.95
CA GLN A 613 14.37 2.31 21.37
C GLN A 613 13.83 2.58 22.78
N LEU A 614 12.65 2.03 23.09
CA LEU A 614 12.11 2.17 24.44
C LEU A 614 12.95 1.41 25.47
N LEU A 615 13.53 0.27 25.07
CA LEU A 615 14.37 -0.49 25.98
C LEU A 615 15.70 0.18 26.23
N THR A 616 16.34 0.72 25.20
CA THR A 616 17.61 1.43 25.40
C THR A 616 17.43 2.84 25.95
N GLU A 617 16.22 3.39 25.91
CA GLU A 617 15.94 4.65 26.59
C GLU A 617 15.38 4.46 27.99
N MET A 618 14.98 3.24 28.35
CA MET A 618 14.54 2.94 29.70
C MET A 618 15.59 2.25 30.55
N ASP A 619 16.67 1.75 29.94
CA ASP A 619 17.74 1.11 30.68
C ASP A 619 18.78 2.08 31.21
N GLY A 620 18.82 3.30 30.69
CA GLY A 620 19.75 4.30 31.17
C GLY A 620 19.20 5.16 32.28
N MET A 621 18.58 4.53 33.28
CA MET A 621 17.98 5.22 34.42
C MET A 621 18.78 4.85 35.67
N ASN A 622 19.70 5.73 36.06
CA ASN A 622 20.47 5.54 37.27
C ASN A 622 19.73 6.16 38.45
N ALA A 623 20.42 6.34 39.58
CA ALA A 623 19.83 7.00 40.74
C ALA A 623 19.58 8.48 40.49
N LYS A 624 20.27 9.08 39.53
CA LYS A 624 20.04 10.48 39.17
C LYS A 624 18.81 10.60 38.27
N LYS A 625 18.19 11.79 38.34
CA LYS A 625 17.10 12.30 37.50
C LYS A 625 15.74 11.65 37.77
N ASN A 626 15.73 10.57 38.58
CA ASN A 626 14.60 9.94 39.29
C ASN A 626 13.23 9.98 38.63
N VAL A 627 13.14 9.62 37.34
CA VAL A 627 11.87 9.61 36.63
C VAL A 627 11.12 8.33 36.96
N PHE A 628 9.83 8.29 36.61
CA PHE A 628 9.00 7.14 36.90
C PHE A 628 8.06 6.90 35.73
N VAL A 629 7.98 5.65 35.27
CA VAL A 629 7.16 5.27 34.12
C VAL A 629 5.97 4.46 34.63
N ILE A 630 4.76 4.90 34.32
CA ILE A 630 3.53 4.23 34.75
C ILE A 630 2.82 3.68 33.52
N GLY A 631 2.44 2.41 33.57
CA GLY A 631 1.71 1.78 32.49
C GLY A 631 0.36 1.25 32.98
N ALA A 632 -0.61 1.21 32.07
CA ALA A 632 -1.94 0.72 32.39
C ALA A 632 -2.58 0.17 31.12
N THR A 633 -2.70 -1.16 31.05
CA THR A 633 -3.23 -1.83 29.87
C THR A 633 -4.52 -2.57 30.24
N ASN A 634 -5.27 -2.94 29.20
CA ASN A 634 -6.46 -3.78 29.40
C ASN A 634 -6.10 -5.26 29.23
N ARG A 635 -5.34 -5.58 28.18
CA ARG A 635 -4.92 -6.95 27.93
C ARG A 635 -3.47 -7.12 28.35
N PRO A 636 -3.18 -7.84 29.44
CA PRO A 636 -1.79 -8.01 29.87
C PRO A 636 -1.05 -9.14 29.17
N ASP A 637 -1.72 -9.91 28.31
CA ASP A 637 -1.06 -11.03 27.66
C ASP A 637 -0.17 -10.59 26.52
N GLN A 638 -0.46 -9.43 25.92
CA GLN A 638 0.26 -8.96 24.73
C GLN A 638 1.43 -8.05 25.08
N ILE A 639 1.78 -7.93 26.36
CA ILE A 639 2.92 -7.11 26.77
C ILE A 639 4.20 -7.93 26.61
N ASP A 640 5.27 -7.25 26.19
CA ASP A 640 6.54 -7.91 25.94
C ASP A 640 7.18 -8.36 27.26
N PRO A 641 7.61 -9.63 27.36
CA PRO A 641 8.39 -10.04 28.54
C PRO A 641 9.75 -9.36 28.62
N ALA A 642 10.28 -8.83 27.52
CA ALA A 642 11.51 -8.04 27.57
C ALA A 642 11.31 -6.70 28.26
N ILE A 643 10.09 -6.14 28.23
CA ILE A 643 9.78 -4.94 28.99
C ILE A 643 9.14 -5.26 30.34
N LEU A 644 8.65 -6.49 30.54
CA LEU A 644 8.17 -6.93 31.83
C LEU A 644 9.25 -7.62 32.67
N ARG A 645 10.51 -7.44 32.30
CA ARG A 645 11.63 -8.05 32.98
C ARG A 645 11.90 -7.35 34.32
N PRO A 646 12.24 -8.10 35.36
CA PRO A 646 12.72 -7.47 36.60
C PRO A 646 14.04 -6.77 36.37
N GLY A 647 14.14 -5.54 36.87
CA GLY A 647 15.26 -4.66 36.57
C GLY A 647 14.94 -3.55 35.61
N ARG A 648 13.89 -3.70 34.80
CA ARG A 648 13.39 -2.65 33.93
C ARG A 648 12.01 -2.17 34.34
N LEU A 649 11.05 -3.08 34.49
CA LEU A 649 9.72 -2.73 34.99
C LEU A 649 9.22 -3.97 35.75
N ASP A 650 9.37 -3.92 37.07
CA ASP A 650 9.16 -5.09 37.92
C ASP A 650 7.84 -5.08 38.68
N GLN A 651 7.30 -3.91 39.02
CA GLN A 651 6.10 -3.84 39.82
C GLN A 651 4.87 -4.21 39.00
N LEU A 652 3.91 -4.86 39.67
CA LEU A 652 2.69 -5.34 39.03
C LEU A 652 1.56 -5.28 40.05
N ILE A 653 0.81 -4.18 40.02
CA ILE A 653 -0.34 -4.01 40.90
C ILE A 653 -1.59 -4.45 40.17
N TYR A 654 -2.30 -5.43 40.72
CA TYR A 654 -3.57 -5.88 40.18
C TYR A 654 -4.70 -5.07 40.79
N VAL A 655 -5.59 -4.57 39.94
CA VAL A 655 -6.73 -3.78 40.39
C VAL A 655 -7.97 -4.64 40.22
N PRO A 656 -8.45 -5.31 41.27
CA PRO A 656 -9.54 -6.27 41.12
C PRO A 656 -10.89 -5.59 41.05
N LEU A 657 -11.92 -6.42 40.89
CA LEU A 657 -13.29 -5.92 40.91
C LEU A 657 -13.67 -5.49 42.32
N PRO A 658 -14.51 -4.47 42.47
CA PRO A 658 -14.84 -3.96 43.81
C PRO A 658 -15.73 -4.93 44.59
N ASP A 659 -15.51 -4.95 45.90
CA ASP A 659 -16.28 -5.76 46.82
C ASP A 659 -17.51 -4.96 47.28
N GLU A 660 -18.17 -5.41 48.35
CA GLU A 660 -19.34 -4.71 48.87
C GLU A 660 -18.96 -3.34 49.45
N ASN A 661 -17.92 -3.30 50.29
CA ASN A 661 -17.50 -2.04 50.89
C ASN A 661 -16.86 -1.11 49.88
N ALA A 662 -16.10 -1.66 48.92
CA ALA A 662 -15.54 -0.84 47.85
C ALA A 662 -16.63 -0.30 46.93
N ARG A 663 -17.69 -1.09 46.69
CA ARG A 663 -18.81 -0.63 45.89
C ARG A 663 -19.58 0.47 46.59
N LEU A 664 -19.74 0.34 47.91
CA LEU A 664 -20.39 1.40 48.70
C LEU A 664 -19.55 2.67 48.71
N SER A 665 -18.21 2.52 48.77
CA SER A 665 -17.32 3.68 48.71
C SER A 665 -17.35 4.33 47.33
N ILE A 666 -17.48 3.55 46.26
CA ILE A 666 -17.61 4.10 44.92
C ILE A 666 -18.93 4.87 44.78
N LEU A 667 -20.02 4.29 45.31
CA LEU A 667 -21.32 4.96 45.23
C LEU A 667 -21.38 6.20 46.10
N ASN A 668 -20.59 6.23 47.17
CA ASN A 668 -20.51 7.42 48.01
C ASN A 668 -19.59 8.49 47.43
N ALA A 669 -18.53 8.10 46.72
CA ALA A 669 -17.63 9.07 46.13
C ALA A 669 -18.13 9.64 44.82
N GLN A 670 -18.97 8.89 44.09
CA GLN A 670 -19.54 9.42 42.85
C GLN A 670 -20.66 10.40 43.13
N LEU A 671 -21.25 10.35 44.31
CA LEU A 671 -22.35 11.23 44.71
C LEU A 671 -21.90 12.31 45.68
N ARG A 672 -20.70 12.86 45.48
CA ARG A 672 -20.18 13.85 46.41
C ARG A 672 -20.86 15.22 46.23
N LYS A 673 -20.69 15.83 45.07
CA LYS A 673 -21.28 17.14 44.81
C LYS A 673 -22.65 17.02 44.13
N THR A 674 -23.54 16.21 44.70
CA THR A 674 -24.89 16.02 44.21
C THR A 674 -25.90 16.33 45.30
N PRO A 675 -27.00 17.01 44.97
CA PRO A 675 -28.06 17.22 45.96
C PRO A 675 -28.87 15.94 46.21
N LEU A 676 -28.34 15.07 47.07
CA LEU A 676 -28.96 13.77 47.28
C LEU A 676 -30.12 13.88 48.29
N GLU A 677 -31.00 12.89 48.22
CA GLU A 677 -32.12 12.83 49.16
C GLU A 677 -31.62 12.44 50.55
N PRO A 678 -32.13 13.08 51.61
CA PRO A 678 -31.73 12.66 52.96
C PRO A 678 -32.26 11.28 53.34
N GLY A 679 -33.44 10.92 52.85
CA GLY A 679 -33.98 9.59 53.11
C GLY A 679 -33.65 8.60 52.02
N LEU A 680 -32.36 8.50 51.66
CA LEU A 680 -31.90 7.61 50.61
C LEU A 680 -30.62 6.93 51.06
N GLU A 681 -30.59 5.60 50.93
CA GLU A 681 -29.42 4.80 51.26
C GLU A 681 -28.92 4.08 50.03
N LEU A 682 -27.62 3.78 50.02
CA LEU A 682 -26.97 3.11 48.90
C LEU A 682 -26.60 1.67 49.23
N THR A 683 -26.95 1.18 50.42
CA THR A 683 -26.61 -0.19 50.78
C THR A 683 -27.42 -1.21 50.00
N ALA A 684 -28.64 -0.86 49.59
CA ALA A 684 -29.43 -1.76 48.76
C ALA A 684 -28.85 -1.84 47.35
N ILE A 685 -28.33 -0.73 46.83
CA ILE A 685 -27.67 -0.75 45.53
C ILE A 685 -26.35 -1.51 45.61
N ALA A 686 -25.68 -1.44 46.76
CA ALA A 686 -24.43 -2.18 46.93
C ALA A 686 -24.68 -3.67 47.10
N LYS A 687 -25.77 -4.06 47.75
CA LYS A 687 -26.06 -5.48 47.98
C LYS A 687 -26.72 -6.15 46.80
N ALA A 688 -27.57 -5.44 46.05
CA ALA A 688 -28.28 -6.07 44.95
C ALA A 688 -27.40 -6.29 43.73
N THR A 689 -26.28 -5.57 43.63
CA THR A 689 -25.35 -5.69 42.50
C THR A 689 -24.05 -6.30 43.02
N GLN A 690 -23.69 -7.47 42.49
CA GLN A 690 -22.52 -8.20 42.96
C GLN A 690 -21.33 -8.13 42.00
N GLY A 691 -21.57 -8.29 40.70
CA GLY A 691 -20.50 -8.27 39.73
C GLY A 691 -20.48 -7.00 38.90
N PHE A 692 -20.80 -5.87 39.52
CA PHE A 692 -20.84 -4.60 38.81
C PHE A 692 -19.47 -3.92 38.92
N SER A 693 -19.33 -2.75 38.29
CA SER A 693 -18.10 -1.99 38.34
C SER A 693 -18.42 -0.51 38.40
N GLY A 694 -17.37 0.30 38.53
CA GLY A 694 -17.54 1.73 38.71
C GLY A 694 -18.06 2.44 37.47
N ALA A 695 -17.74 1.90 36.28
CA ALA A 695 -18.20 2.52 35.04
C ALA A 695 -19.71 2.39 34.88
N ASP A 696 -20.25 1.17 35.05
CA ASP A 696 -21.69 0.98 35.00
C ASP A 696 -22.41 1.54 36.23
N LEU A 697 -21.71 1.69 37.37
CA LEU A 697 -22.32 2.42 38.48
C LEU A 697 -22.47 3.90 38.16
N LEU A 698 -21.46 4.48 37.51
CA LEU A 698 -21.56 5.85 37.00
C LEU A 698 -22.65 5.96 35.94
N TYR A 699 -22.82 4.91 35.13
CA TYR A 699 -23.91 4.88 34.15
C TYR A 699 -25.27 4.87 34.83
N ILE A 700 -25.39 4.15 35.96
CA ILE A 700 -26.63 4.12 36.73
C ILE A 700 -26.94 5.50 37.32
N VAL A 701 -25.92 6.14 37.89
CA VAL A 701 -26.10 7.47 38.48
C VAL A 701 -26.42 8.50 37.40
N GLN A 702 -25.81 8.37 36.22
CA GLN A 702 -26.09 9.29 35.12
C GLN A 702 -27.48 9.09 34.55
N ARG A 703 -27.97 7.85 34.50
CA ARG A 703 -29.34 7.61 34.06
C ARG A 703 -30.35 8.12 35.08
N ALA A 704 -30.03 8.04 36.37
CA ALA A 704 -30.89 8.63 37.39
C ALA A 704 -30.92 10.15 37.28
N ALA A 705 -29.76 10.75 37.00
CA ALA A 705 -29.71 12.21 36.80
C ALA A 705 -30.44 12.63 35.54
N LYS A 706 -30.39 11.79 34.49
CA LYS A 706 -31.12 12.08 33.27
C LYS A 706 -32.63 11.99 33.49
N TYR A 707 -33.07 11.00 34.28
CA TYR A 707 -34.49 10.90 34.60
C TYR A 707 -34.95 12.08 35.47
N ALA A 708 -34.11 12.52 36.40
CA ALA A 708 -34.44 13.69 37.20
C ALA A 708 -34.48 14.96 36.35
N ILE A 709 -33.59 15.09 35.37
CA ILE A 709 -33.60 16.23 34.48
C ILE A 709 -34.83 16.22 33.57
N LYS A 710 -35.24 15.03 33.12
CA LYS A 710 -36.47 14.90 32.33
C LYS A 710 -37.71 15.26 33.15
N ASP A 711 -37.74 14.84 34.43
CA ASP A 711 -38.84 15.21 35.31
C ASP A 711 -38.85 16.71 35.58
N SER A 712 -37.67 17.33 35.70
CA SER A 712 -37.59 18.77 35.90
C SER A 712 -38.06 19.53 34.67
N ILE A 713 -37.73 19.03 33.48
CA ILE A 713 -38.17 19.67 32.24
C ILE A 713 -39.68 19.54 32.06
N GLU A 714 -40.23 18.36 32.41
CA GLU A 714 -41.67 18.17 32.34
C GLU A 714 -42.42 19.04 33.34
N ALA A 715 -41.89 19.17 34.56
CA ALA A 715 -42.50 20.05 35.54
C ALA A 715 -42.37 21.52 35.15
N HIS A 716 -41.27 21.90 34.49
CA HIS A 716 -41.09 23.28 34.06
C HIS A 716 -42.05 23.63 32.93
N ARG A 717 -42.24 22.73 31.97
CA ARG A 717 -43.19 23.02 30.90
C ARG A 717 -44.64 22.95 31.41
N GLN A 718 -44.91 22.12 32.41
CA GLN A 718 -46.23 22.12 33.03
C GLN A 718 -46.49 23.43 33.79
N HIS A 719 -45.46 23.95 34.46
CA HIS A 719 -45.59 25.24 35.14
C HIS A 719 -45.77 26.38 34.15
N GLU A 720 -45.06 26.31 33.01
CA GLU A 720 -45.23 27.32 31.97
C GLU A 720 -46.61 27.26 31.34
N ALA A 721 -47.16 26.06 31.14
CA ALA A 721 -48.50 25.92 30.59
C ALA A 721 -49.55 26.40 31.58
N GLU A 722 -49.39 26.09 32.87
CA GLU A 722 -50.35 26.55 33.86
C GLU A 722 -50.19 28.04 34.18
N LYS A 723 -49.05 28.64 33.84
CA LYS A 723 -48.91 30.09 33.99
C LYS A 723 -49.48 30.83 32.79
N GLU A 724 -49.29 30.29 31.58
CA GLU A 724 -49.83 30.93 30.40
C GLU A 724 -51.35 30.74 30.28
N VAL A 725 -51.86 29.61 30.76
CA VAL A 725 -53.29 29.35 30.70
C VAL A 725 -53.88 29.37 32.11
N GLU A 744 -47.25 28.96 42.02
CA GLU A 744 -45.90 28.83 41.50
C GLU A 744 -45.06 27.92 42.39
N PRO A 745 -44.34 26.97 41.78
CA PRO A 745 -43.47 26.08 42.57
C PRO A 745 -42.17 26.76 43.00
N GLU A 746 -41.26 25.97 43.57
CA GLU A 746 -39.99 26.49 44.06
C GLU A 746 -38.99 26.69 42.92
N VAL A 747 -37.72 26.90 43.26
CA VAL A 747 -36.71 27.17 42.24
C VAL A 747 -36.39 25.92 41.43
N ASP A 748 -36.74 24.74 41.96
CA ASP A 748 -36.72 23.50 41.19
C ASP A 748 -37.78 22.59 41.81
N PRO A 749 -38.70 22.04 40.99
CA PRO A 749 -39.73 21.15 41.55
C PRO A 749 -39.19 19.82 42.03
N VAL A 750 -38.07 19.36 41.49
CA VAL A 750 -37.39 18.16 42.00
C VAL A 750 -36.01 18.58 42.53
N PRO A 751 -35.92 19.00 43.80
CA PRO A 751 -34.63 19.47 44.31
C PRO A 751 -33.63 18.35 44.59
N TYR A 752 -34.07 17.10 44.65
CA TYR A 752 -33.19 15.98 44.92
C TYR A 752 -33.53 14.83 43.99
N ILE A 753 -32.61 13.87 43.89
CA ILE A 753 -32.81 12.66 43.13
C ILE A 753 -33.55 11.67 44.02
N THR A 754 -34.78 11.35 43.65
CA THR A 754 -35.62 10.49 44.49
C THR A 754 -35.22 9.03 44.33
N LYS A 755 -35.85 8.16 45.12
CA LYS A 755 -35.62 6.73 45.01
C LYS A 755 -36.26 6.14 43.76
N GLU A 756 -37.33 6.75 43.26
CA GLU A 756 -37.98 6.26 42.04
C GLU A 756 -37.10 6.48 40.82
N HIS A 757 -36.28 7.54 40.83
CA HIS A 757 -35.34 7.76 39.73
C HIS A 757 -34.26 6.69 39.70
N PHE A 758 -33.76 6.28 40.87
CA PHE A 758 -32.78 5.20 40.93
C PHE A 758 -33.42 3.85 40.56
N ALA A 759 -34.66 3.63 41.01
CA ALA A 759 -35.36 2.39 40.66
C ALA A 759 -35.72 2.31 39.19
N GLU A 760 -35.90 3.44 38.52
CA GLU A 760 -36.11 3.45 37.07
C GLU A 760 -34.82 3.41 36.28
N ALA A 761 -33.73 3.93 36.84
CA ALA A 761 -32.42 3.87 36.18
C ALA A 761 -31.78 2.50 36.29
N MET A 762 -32.07 1.74 37.35
CA MET A 762 -31.54 0.40 37.50
C MET A 762 -32.35 -0.66 36.78
N LYS A 763 -33.37 -0.26 36.01
CA LYS A 763 -34.15 -1.22 35.23
C LYS A 763 -33.35 -1.73 34.03
N THR A 764 -32.54 -0.87 33.41
CA THR A 764 -31.73 -1.25 32.27
C THR A 764 -30.24 -1.20 32.63
N ALA A 765 -29.89 -1.69 33.81
CA ALA A 765 -28.53 -1.60 34.34
C ALA A 765 -27.82 -2.92 34.08
N LYS A 766 -27.13 -3.00 32.95
CA LYS A 766 -26.33 -4.17 32.62
C LYS A 766 -24.99 -4.10 33.35
N ARG A 767 -24.19 -5.16 33.20
CA ARG A 767 -22.84 -5.20 33.76
C ARG A 767 -21.82 -5.00 32.65
N SER A 768 -20.62 -4.58 33.04
CA SER A 768 -19.60 -4.21 32.07
C SER A 768 -18.85 -5.43 31.55
N VAL A 769 -18.18 -6.15 32.44
CA VAL A 769 -17.30 -7.26 32.06
C VAL A 769 -18.09 -8.56 32.02
N SER A 770 -17.66 -9.47 31.15
CA SER A 770 -18.29 -10.76 31.01
C SER A 770 -17.65 -11.75 32.00
N ASP A 771 -17.95 -13.03 31.84
CA ASP A 771 -17.43 -14.05 32.75
C ASP A 771 -16.11 -14.64 32.27
N ALA A 772 -15.89 -14.75 30.96
CA ALA A 772 -14.67 -15.34 30.44
C ALA A 772 -13.46 -14.42 30.62
N GLU A 773 -13.68 -13.11 30.58
CA GLU A 773 -12.59 -12.16 30.80
C GLU A 773 -12.09 -12.24 32.24
N LEU A 774 -13.00 -12.44 33.20
CA LEU A 774 -12.60 -12.66 34.58
C LEU A 774 -11.82 -13.95 34.74
N ARG A 775 -12.17 -14.99 33.97
CA ARG A 775 -11.40 -16.23 34.00
C ARG A 775 -10.00 -16.04 33.43
N ARG A 776 -9.88 -15.26 32.36
CA ARG A 776 -8.56 -14.97 31.79
C ARG A 776 -7.71 -14.13 32.73
N TYR A 777 -8.33 -13.16 33.41
CA TYR A 777 -7.57 -12.33 34.35
C TYR A 777 -7.17 -13.11 35.60
N GLU A 778 -8.03 -14.04 36.04
CA GLU A 778 -7.68 -14.90 37.16
C GLU A 778 -6.57 -15.87 36.78
N ALA A 779 -6.59 -16.37 35.54
CA ALA A 779 -5.51 -17.24 35.08
C ALA A 779 -4.18 -16.50 34.97
N TYR A 780 -4.22 -15.24 34.49
CA TYR A 780 -3.00 -14.44 34.45
C TYR A 780 -2.50 -14.06 35.84
N SER A 781 -3.42 -13.83 36.78
CA SER A 781 -3.01 -13.53 38.16
C SER A 781 -2.46 -14.76 38.86
N GLN A 782 -2.95 -15.95 38.51
CA GLN A 782 -2.39 -17.17 39.07
C GLN A 782 -1.07 -17.53 38.42
N GLN A 783 -0.87 -17.17 37.15
CA GLN A 783 0.42 -17.42 36.50
C GLN A 783 1.48 -16.45 36.99
N MET A 784 1.13 -15.19 37.17
CA MET A 784 2.07 -14.19 37.67
C MET A 784 1.92 -14.00 39.17
N VAL B 211 -10.93 50.75 14.26
CA VAL B 211 -11.22 49.52 14.98
C VAL B 211 -10.61 49.56 16.38
N GLY B 212 -11.46 49.73 17.39
CA GLY B 212 -11.03 49.80 18.77
C GLY B 212 -11.12 48.47 19.47
N TYR B 213 -11.21 48.53 20.80
CA TYR B 213 -11.31 47.34 21.63
C TYR B 213 -12.74 46.85 21.79
N ASP B 214 -13.72 47.52 21.18
CA ASP B 214 -15.11 47.10 21.23
C ASP B 214 -15.51 46.28 20.00
N ASP B 215 -14.57 45.57 19.39
CA ASP B 215 -14.84 44.79 18.19
C ASP B 215 -14.42 43.33 18.30
N ILE B 216 -13.66 42.95 19.32
CA ILE B 216 -13.10 41.61 19.44
C ILE B 216 -13.74 40.96 20.66
N GLY B 217 -15.01 41.30 20.91
CA GLY B 217 -15.71 40.73 22.06
C GLY B 217 -15.93 39.25 21.93
N GLY B 218 -16.11 38.60 23.09
CA GLY B 218 -16.18 37.17 23.18
C GLY B 218 -14.91 36.51 23.69
N CYS B 219 -13.81 37.25 23.70
CA CYS B 219 -12.52 36.82 24.25
C CYS B 219 -12.00 37.87 25.23
N ARG B 220 -12.89 38.27 26.14
CA ARG B 220 -12.64 39.41 27.03
C ARG B 220 -11.50 39.14 28.01
N LYS B 221 -11.36 37.89 28.48
CA LYS B 221 -10.30 37.56 29.42
C LYS B 221 -8.92 37.64 28.77
N GLN B 222 -8.77 37.07 27.58
CA GLN B 222 -7.50 37.16 26.86
C GLN B 222 -7.23 38.58 26.39
N MET B 223 -8.29 39.33 26.05
CA MET B 223 -8.13 40.73 25.67
C MET B 223 -7.64 41.57 26.83
N ALA B 224 -8.16 41.33 28.04
CA ALA B 224 -7.67 42.04 29.22
C ALA B 224 -6.26 41.61 29.58
N GLN B 225 -5.94 40.33 29.41
CA GLN B 225 -4.58 39.84 29.68
C GLN B 225 -3.55 40.44 28.73
N ILE B 226 -3.94 40.68 27.48
CA ILE B 226 -3.03 41.35 26.56
C ILE B 226 -2.97 42.85 26.84
N ARG B 227 -4.14 43.47 27.08
CA ARG B 227 -4.24 44.91 27.26
C ARG B 227 -3.52 45.38 28.53
N GLU B 228 -3.46 44.53 29.56
CA GLU B 228 -2.71 44.87 30.77
C GLU B 228 -1.22 45.03 30.48
N MET B 229 -0.60 43.99 29.91
CA MET B 229 0.83 44.02 29.64
C MET B 229 1.21 44.92 28.47
N VAL B 230 0.25 45.39 27.68
CA VAL B 230 0.55 46.45 26.71
C VAL B 230 0.39 47.86 27.30
N GLU B 231 -0.70 48.14 28.01
CA GLU B 231 -1.04 49.50 28.41
C GLU B 231 -0.47 49.91 29.76
N LEU B 232 -0.48 49.03 30.76
CA LEU B 232 -0.03 49.43 32.09
C LEU B 232 1.47 49.72 32.20
N PRO B 233 2.41 49.02 31.52
CA PRO B 233 3.79 49.52 31.52
C PRO B 233 4.06 50.61 30.48
N LEU B 234 3.01 51.09 29.81
CA LEU B 234 3.14 52.17 28.83
C LEU B 234 2.41 53.44 29.21
N ARG B 235 1.32 53.34 29.98
CA ARG B 235 0.59 54.53 30.41
C ARG B 235 1.17 55.12 31.69
N HIS B 236 1.23 54.29 32.74
CA HIS B 236 1.82 54.70 34.03
C HIS B 236 2.80 53.63 34.48
N PRO B 237 4.07 53.75 34.10
CA PRO B 237 5.09 52.79 34.53
C PRO B 237 5.63 53.02 35.94
N GLN B 238 5.12 54.02 36.66
CA GLN B 238 5.55 54.25 38.03
C GLN B 238 5.09 53.15 38.97
N LEU B 239 3.98 52.48 38.67
CA LEU B 239 3.53 51.35 39.47
C LEU B 239 4.50 50.18 39.35
N PHE B 240 4.97 49.90 38.13
CA PHE B 240 5.96 48.85 37.93
C PHE B 240 7.35 49.26 38.40
N LYS B 241 7.65 50.55 38.44
CA LYS B 241 8.91 51.02 39.03
C LYS B 241 8.88 50.99 40.55
N ALA B 242 7.69 51.10 41.16
CA ALA B 242 7.55 51.02 42.60
C ALA B 242 7.37 49.59 43.11
N ILE B 243 6.93 48.66 42.24
CA ILE B 243 6.78 47.28 42.68
C ILE B 243 8.14 46.59 42.76
N GLY B 244 9.17 47.12 42.10
CA GLY B 244 10.53 46.64 42.24
C GLY B 244 11.10 45.96 41.01
N ILE B 245 10.29 45.23 40.25
CA ILE B 245 10.82 44.45 39.13
C ILE B 245 10.21 44.92 37.81
N LYS B 246 10.66 44.31 36.70
CA LYS B 246 10.35 44.59 35.31
C LYS B 246 9.09 43.85 34.87
N PRO B 247 8.26 44.47 34.04
CA PRO B 247 7.06 43.79 33.52
C PRO B 247 7.44 42.79 32.43
N PRO B 248 6.57 41.82 32.14
CA PRO B 248 6.84 40.91 31.03
C PRO B 248 6.74 41.63 29.69
N ARG B 249 7.66 41.29 28.79
CA ARG B 249 7.79 41.95 27.49
C ARG B 249 7.72 40.93 26.36
N GLY B 250 6.72 40.05 26.44
CA GLY B 250 6.54 39.03 25.42
C GLY B 250 5.21 38.30 25.54
N VAL B 251 4.52 38.13 24.42
CA VAL B 251 3.22 37.46 24.39
C VAL B 251 3.06 36.76 23.05
N LEU B 252 2.60 35.51 23.10
CA LEU B 252 2.42 34.68 21.92
C LEU B 252 0.95 34.26 21.83
N MET B 253 0.28 34.70 20.77
CA MET B 253 -1.09 34.28 20.53
C MET B 253 -1.11 32.99 19.72
N TYR B 254 -1.87 32.01 20.19
CA TYR B 254 -2.02 30.74 19.49
C TYR B 254 -3.46 30.27 19.60
N GLY B 255 -3.94 29.59 18.57
CA GLY B 255 -5.29 29.09 18.54
C GLY B 255 -5.71 28.64 17.15
N PRO B 256 -7.00 28.35 16.98
CA PRO B 256 -7.50 27.96 15.67
C PRO B 256 -7.55 29.16 14.73
N PRO B 257 -7.50 28.94 13.42
CA PRO B 257 -7.59 30.07 12.48
C PRO B 257 -9.00 30.64 12.45
N GLY B 258 -9.08 31.96 12.37
CA GLY B 258 -10.36 32.65 12.41
C GLY B 258 -10.89 32.76 13.82
N THR B 259 -10.14 33.44 14.68
CA THR B 259 -10.56 33.61 16.06
C THR B 259 -10.50 35.09 16.43
N GLY B 260 -9.50 35.81 15.92
CA GLY B 260 -9.40 37.23 16.16
C GLY B 260 -8.06 37.71 16.65
N LYS B 261 -7.00 36.92 16.44
CA LYS B 261 -5.66 37.32 16.87
C LYS B 261 -5.12 38.47 16.03
N THR B 262 -5.29 38.40 14.71
CA THR B 262 -4.85 39.49 13.85
C THR B 262 -5.71 40.74 14.05
N LEU B 263 -7.00 40.57 14.33
CA LEU B 263 -7.86 41.70 14.65
C LEU B 263 -7.47 42.34 15.99
N MET B 264 -7.05 41.52 16.96
CA MET B 264 -6.59 42.06 18.23
C MET B 264 -5.28 42.80 18.08
N ALA B 265 -4.37 42.29 17.25
CA ALA B 265 -3.13 43.00 16.97
C ALA B 265 -3.38 44.30 16.21
N ARG B 266 -4.36 44.30 15.30
CA ARG B 266 -4.72 45.53 14.58
C ARG B 266 -5.35 46.55 15.51
N ALA B 267 -6.15 46.09 16.47
CA ALA B 267 -6.74 47.01 17.45
C ALA B 267 -5.67 47.55 18.41
N VAL B 268 -4.65 46.74 18.71
CA VAL B 268 -3.52 47.21 19.52
C VAL B 268 -2.74 48.27 18.76
N ALA B 269 -2.51 48.04 17.45
CA ALA B 269 -1.81 49.03 16.63
C ALA B 269 -2.62 50.30 16.42
N ASN B 270 -3.95 50.20 16.42
CA ASN B 270 -4.79 51.36 16.19
C ASN B 270 -5.10 52.14 17.46
N GLU B 271 -5.09 51.49 18.62
CA GLU B 271 -5.48 52.15 19.86
C GLU B 271 -4.36 53.03 20.41
N THR B 272 -3.17 52.44 20.60
CA THR B 272 -2.06 53.18 21.18
C THR B 272 -1.45 54.15 20.18
N GLY B 273 -0.94 55.26 20.70
CA GLY B 273 -0.34 56.28 19.86
C GLY B 273 1.16 56.13 19.73
N ALA B 274 1.69 54.99 20.19
CA ALA B 274 3.11 54.71 20.10
C ALA B 274 3.46 54.18 18.71
N PHE B 275 4.74 53.92 18.48
CA PHE B 275 5.20 53.40 17.20
C PHE B 275 4.84 51.93 17.07
N PHE B 276 4.63 51.49 15.84
CA PHE B 276 4.24 50.12 15.54
C PHE B 276 4.97 49.66 14.28
N PHE B 277 5.69 48.55 14.38
CA PHE B 277 6.37 47.94 13.25
C PHE B 277 5.74 46.58 12.94
N LEU B 278 5.43 46.36 11.66
CA LEU B 278 4.78 45.14 11.21
C LEU B 278 5.80 44.25 10.51
N ILE B 279 5.99 43.05 11.04
CA ILE B 279 6.90 42.06 10.47
C ILE B 279 6.08 40.83 10.11
N ASN B 280 6.04 40.50 8.83
CA ASN B 280 5.32 39.32 8.37
C ASN B 280 6.23 38.10 8.48
N GLY B 281 5.72 36.93 8.11
CA GLY B 281 6.45 35.70 8.25
C GLY B 281 7.61 35.54 7.28
N PRO B 282 7.31 35.33 6.00
CA PRO B 282 8.40 35.16 5.02
C PRO B 282 8.84 36.46 4.36
N GLU B 283 8.39 37.60 4.89
CA GLU B 283 8.78 38.89 4.32
C GLU B 283 10.22 39.26 4.67
N VAL B 284 10.84 38.61 5.65
CA VAL B 284 12.20 38.95 6.04
C VAL B 284 13.24 38.22 5.19
N MET B 285 12.85 37.16 4.49
CA MET B 285 13.78 36.38 3.70
C MET B 285 14.19 37.13 2.44
N SER B 286 15.42 36.87 2.00
CA SER B 286 15.96 37.51 0.80
C SER B 286 16.94 36.56 0.13
N LYS B 287 17.26 36.87 -1.13
CA LYS B 287 18.10 35.99 -1.92
C LYS B 287 19.57 36.10 -1.55
N MET B 288 19.99 37.23 -0.97
CA MET B 288 21.39 37.43 -0.64
C MET B 288 21.77 36.62 0.60
N ALA B 289 23.03 36.19 0.62
CA ALA B 289 23.57 35.41 1.74
C ALA B 289 23.89 36.37 2.88
N GLY B 290 23.03 36.38 3.89
CA GLY B 290 23.19 37.26 5.02
C GLY B 290 22.35 38.52 4.98
N GLU B 291 21.19 38.49 4.31
CA GLU B 291 20.31 39.65 4.22
C GLU B 291 19.10 39.57 5.13
N SER B 292 18.64 38.37 5.49
CA SER B 292 17.50 38.24 6.38
C SER B 292 17.86 38.64 7.80
N GLU B 293 19.06 38.28 8.25
CA GLU B 293 19.55 38.71 9.56
C GLU B 293 19.78 40.21 9.60
N SER B 294 20.26 40.79 8.49
CA SER B 294 20.42 42.24 8.42
C SER B 294 19.07 42.95 8.43
N ASN B 295 18.06 42.37 7.78
CA ASN B 295 16.73 42.96 7.79
C ASN B 295 16.10 42.88 9.18
N LEU B 296 16.31 41.76 9.88
CA LEU B 296 15.81 41.62 11.25
C LEU B 296 16.50 42.60 12.19
N ARG B 297 17.82 42.78 12.02
CA ARG B 297 18.56 43.72 12.86
C ARG B 297 18.15 45.16 12.57
N LYS B 298 17.89 45.50 11.30
CA LYS B 298 17.43 46.84 10.96
C LYS B 298 16.01 47.10 11.46
N ALA B 299 15.14 46.08 11.42
CA ALA B 299 13.80 46.24 11.94
C ALA B 299 13.80 46.42 13.46
N PHE B 300 14.64 45.66 14.16
CA PHE B 300 14.75 45.81 15.61
C PHE B 300 15.39 47.14 15.99
N GLU B 301 16.37 47.60 15.21
CA GLU B 301 17.00 48.89 15.50
C GLU B 301 16.05 50.04 15.20
N GLU B 302 15.19 49.90 14.19
CA GLU B 302 14.19 50.93 13.92
C GLU B 302 13.09 50.92 14.97
N ALA B 303 12.74 49.75 15.51
CA ALA B 303 11.75 49.67 16.58
C ALA B 303 12.30 50.14 17.92
N GLU B 304 13.60 50.04 18.13
CA GLU B 304 14.20 50.45 19.41
C GLU B 304 14.65 51.91 19.41
N LYS B 305 15.11 52.43 18.26
CA LYS B 305 15.74 53.74 18.24
C LYS B 305 14.72 54.86 18.31
N ASN B 306 13.60 54.71 17.59
CA ASN B 306 12.63 55.80 17.44
C ASN B 306 11.85 56.05 18.73
N ALA B 307 11.15 55.04 19.22
CA ALA B 307 10.26 55.19 20.36
C ALA B 307 10.09 53.83 21.01
N PRO B 308 9.57 53.78 22.25
CA PRO B 308 9.09 52.49 22.79
C PRO B 308 7.93 51.97 21.95
N ALA B 309 8.17 50.89 21.22
CA ALA B 309 7.27 50.45 20.17
C ALA B 309 6.77 49.04 20.43
N ILE B 310 5.86 48.60 19.57
CA ILE B 310 5.28 47.27 19.62
C ILE B 310 5.57 46.58 18.29
N ILE B 311 6.20 45.40 18.36
CA ILE B 311 6.56 44.62 17.19
C ILE B 311 5.59 43.45 17.09
N PHE B 312 5.00 43.28 15.90
CA PHE B 312 4.08 42.19 15.64
C PHE B 312 4.71 41.23 14.64
N ILE B 313 4.84 39.97 15.02
CA ILE B 313 5.44 38.94 14.18
C ILE B 313 4.31 38.00 13.75
N ASP B 314 3.74 38.26 12.58
CA ASP B 314 2.63 37.45 12.09
C ASP B 314 3.16 36.22 11.36
N GLU B 315 2.53 35.07 11.63
CA GLU B 315 2.85 33.77 11.03
C GLU B 315 4.30 33.37 11.29
N ILE B 316 4.60 33.15 12.57
CA ILE B 316 5.95 32.84 13.01
C ILE B 316 6.39 31.42 12.65
N ASP B 317 5.46 30.57 12.17
CA ASP B 317 5.79 29.21 11.78
C ASP B 317 6.67 29.13 10.55
N SER B 318 6.69 30.15 9.70
CA SER B 318 7.61 30.23 8.58
C SER B 318 8.94 30.86 8.98
N ILE B 319 9.06 31.30 10.24
CA ILE B 319 10.29 31.88 10.75
C ILE B 319 11.03 30.93 11.67
N ALA B 320 10.30 30.14 12.46
CA ALA B 320 10.88 29.18 13.41
C ALA B 320 10.49 27.77 12.99
N PRO B 321 11.38 27.06 12.29
CA PRO B 321 11.10 25.65 11.96
C PRO B 321 11.55 24.68 13.04
N LYS B 322 11.75 25.18 14.26
CA LYS B 322 12.12 24.50 15.52
C LYS B 322 13.58 24.09 15.57
N ARG B 323 14.37 24.34 14.51
CA ARG B 323 15.82 24.18 14.45
C ARG B 323 16.32 22.76 14.71
N ASP B 324 15.42 21.77 14.64
CA ASP B 324 15.78 20.37 14.83
C ASP B 324 15.18 19.47 13.76
N LYS B 325 14.26 19.98 12.95
CA LYS B 325 13.67 19.22 11.85
C LYS B 325 14.03 19.77 10.48
N THR B 326 14.42 21.03 10.38
CA THR B 326 14.85 21.59 9.11
C THR B 326 16.26 21.10 8.76
N ASN B 327 16.59 21.19 7.47
CA ASN B 327 17.89 20.75 6.98
C ASN B 327 18.66 21.87 6.29
N GLY B 328 18.14 23.10 6.29
CA GLY B 328 18.82 24.22 5.67
C GLY B 328 19.76 24.93 6.62
N GLU B 329 20.21 26.11 6.20
CA GLU B 329 21.11 26.94 6.98
C GLU B 329 20.55 28.32 7.25
N VAL B 330 19.83 28.89 6.29
CA VAL B 330 19.30 30.25 6.43
C VAL B 330 18.22 30.30 7.50
N GLU B 331 17.40 29.24 7.61
CA GLU B 331 16.36 29.21 8.63
C GLU B 331 16.96 29.12 10.04
N ARG B 332 18.00 28.30 10.20
CA ARG B 332 18.68 28.20 11.49
C ARG B 332 19.41 29.50 11.83
N ARG B 333 19.95 30.18 10.82
CA ARG B 333 20.57 31.48 11.03
C ARG B 333 19.55 32.53 11.46
N VAL B 334 18.35 32.48 10.88
CA VAL B 334 17.28 33.41 11.24
C VAL B 334 16.78 33.13 12.66
N VAL B 335 16.65 31.85 13.04
CA VAL B 335 16.23 31.51 14.39
C VAL B 335 17.28 31.91 15.42
N SER B 336 18.57 31.71 15.10
CA SER B 336 19.64 32.13 15.99
C SER B 336 19.73 33.65 16.11
N GLN B 337 19.47 34.36 15.03
CA GLN B 337 19.43 35.83 15.09
C GLN B 337 18.26 36.32 15.91
N LEU B 338 17.11 35.65 15.82
CA LEU B 338 15.96 36.01 16.65
C LEU B 338 16.22 35.73 18.12
N LEU B 339 16.89 34.61 18.42
CA LEU B 339 17.23 34.28 19.80
C LEU B 339 18.29 35.23 20.36
N THR B 340 19.18 35.72 19.50
CA THR B 340 20.17 36.71 19.94
C THR B 340 19.53 38.07 20.19
N LEU B 341 18.68 38.53 19.26
CA LEU B 341 18.09 39.85 19.38
C LEU B 341 17.00 39.89 20.45
N MET B 342 16.41 38.74 20.78
CA MET B 342 15.33 38.74 21.76
C MET B 342 15.83 38.63 23.19
N ASP B 343 16.95 37.96 23.41
CA ASP B 343 17.48 37.78 24.76
C ASP B 343 19.00 37.70 24.69
N GLY B 344 19.66 38.63 25.36
CA GLY B 344 21.11 38.64 25.36
C GLY B 344 21.64 40.01 25.74
N MET B 345 22.87 40.29 25.33
CA MET B 345 23.45 41.60 25.52
C MET B 345 22.87 42.58 24.51
N LYS B 346 22.33 43.70 25.01
CA LYS B 346 21.55 44.68 24.26
C LYS B 346 20.40 43.99 23.52
N ALA B 347 19.52 43.38 24.32
CA ALA B 347 18.40 42.61 23.79
C ALA B 347 17.22 43.50 23.44
N ARG B 348 16.67 44.19 24.44
CA ARG B 348 15.45 44.98 24.25
C ARG B 348 15.48 46.15 25.20
N SER B 349 15.16 47.35 24.69
CA SER B 349 15.12 48.57 25.49
C SER B 349 13.71 49.13 25.43
N ASN B 350 12.86 48.64 26.35
CA ASN B 350 11.47 49.09 26.55
C ASN B 350 10.62 48.91 25.29
N VAL B 351 10.72 47.72 24.71
CA VAL B 351 9.89 47.34 23.56
C VAL B 351 9.29 45.97 23.83
N VAL B 352 8.11 45.73 23.27
CA VAL B 352 7.39 44.47 23.45
C VAL B 352 7.26 43.81 22.09
N VAL B 353 7.14 42.48 22.09
CA VAL B 353 6.97 41.70 20.86
C VAL B 353 5.73 40.83 21.00
N ILE B 354 4.88 40.86 19.98
CA ILE B 354 3.69 40.03 19.91
C ILE B 354 3.83 39.10 18.70
N ALA B 355 3.41 37.85 18.87
CA ALA B 355 3.46 36.89 17.78
C ALA B 355 2.14 36.13 17.72
N ALA B 356 1.76 35.76 16.50
CA ALA B 356 0.53 35.02 16.25
C ALA B 356 0.84 33.82 15.38
N THR B 357 0.12 32.73 15.63
CA THR B 357 0.37 31.48 14.92
C THR B 357 -0.91 30.65 14.91
N ASN B 358 -0.91 29.63 14.05
CA ASN B 358 -2.01 28.68 13.96
C ASN B 358 -1.72 27.38 14.69
N ARG B 359 -0.47 26.93 14.67
CA ARG B 359 -0.05 25.75 15.43
C ARG B 359 1.01 26.15 16.45
N PRO B 360 0.83 25.83 17.73
CA PRO B 360 1.82 26.24 18.73
C PRO B 360 2.96 25.25 18.92
N ASN B 361 2.81 24.05 18.36
CA ASN B 361 3.81 23.00 18.57
C ASN B 361 4.99 23.12 17.62
N SER B 362 4.89 23.92 16.57
CA SER B 362 5.97 24.11 15.60
C SER B 362 6.85 25.30 15.94
N ILE B 363 6.87 25.71 17.21
CA ILE B 363 7.66 26.84 17.66
C ILE B 363 8.82 26.29 18.48
N ASP B 364 9.97 26.98 18.41
CA ASP B 364 11.18 26.52 19.06
C ASP B 364 11.05 26.58 20.59
N PRO B 365 11.53 25.55 21.30
CA PRO B 365 11.48 25.59 22.77
C PRO B 365 12.36 26.66 23.40
N ALA B 366 13.42 27.10 22.72
CA ALA B 366 14.19 28.24 23.20
C ALA B 366 13.48 29.56 22.92
N LEU B 367 12.61 29.61 21.91
CA LEU B 367 11.77 30.79 21.68
C LEU B 367 10.53 30.79 22.55
N ARG B 368 10.16 29.65 23.13
CA ARG B 368 9.03 29.57 24.05
C ARG B 368 9.47 29.66 25.51
N ARG B 369 10.53 30.43 25.76
CA ARG B 369 11.12 30.59 27.08
C ARG B 369 10.80 31.96 27.65
N PHE B 370 11.12 32.13 28.93
CA PHE B 370 10.90 33.42 29.59
C PHE B 370 11.90 34.45 29.08
N GLY B 371 11.39 35.67 28.88
CA GLY B 371 12.21 36.75 28.35
C GLY B 371 11.91 37.02 26.89
N ARG B 372 11.64 35.96 26.14
CA ARG B 372 11.28 36.08 24.72
C ARG B 372 9.77 35.95 24.52
N PHE B 373 9.20 34.82 24.92
CA PHE B 373 7.74 34.59 24.87
C PHE B 373 7.39 33.76 26.10
N ASP B 374 7.01 34.45 27.18
CA ASP B 374 6.69 33.78 28.43
C ASP B 374 5.20 33.57 28.62
N ARG B 375 4.39 34.57 28.29
CA ARG B 375 2.94 34.47 28.44
C ARG B 375 2.32 34.00 27.13
N GLU B 376 1.60 32.88 27.19
CA GLU B 376 0.95 32.29 26.03
C GLU B 376 -0.56 32.39 26.23
N VAL B 377 -1.16 33.41 25.62
CA VAL B 377 -2.60 33.60 25.71
C VAL B 377 -3.29 32.58 24.81
N ASP B 378 -4.38 32.01 25.31
CA ASP B 378 -5.12 30.96 24.62
C ASP B 378 -6.47 31.51 24.20
N ILE B 379 -6.56 31.98 22.96
CA ILE B 379 -7.80 32.53 22.41
C ILE B 379 -8.50 31.39 21.68
N GLY B 380 -9.38 30.67 22.38
CA GLY B 380 -10.06 29.53 21.84
C GLY B 380 -11.40 29.86 21.22
N ILE B 381 -12.24 28.83 21.11
CA ILE B 381 -13.58 29.00 20.56
C ILE B 381 -14.45 29.76 21.55
N PRO B 382 -15.36 30.62 21.10
CA PRO B 382 -16.19 31.37 22.03
C PRO B 382 -17.33 30.51 22.58
N ASP B 383 -17.95 31.04 23.63
CA ASP B 383 -19.13 30.40 24.22
C ASP B 383 -20.37 30.92 23.48
N ALA B 384 -21.55 30.59 24.01
CA ALA B 384 -22.80 31.10 23.44
C ALA B 384 -22.91 32.61 23.64
N THR B 385 -22.50 33.10 24.80
CA THR B 385 -22.49 34.54 25.04
C THR B 385 -21.45 35.24 24.18
N GLY B 386 -20.31 34.58 23.92
CA GLY B 386 -19.32 35.16 23.01
C GLY B 386 -19.82 35.22 21.57
N ARG B 387 -20.53 34.18 21.14
CA ARG B 387 -21.11 34.19 19.80
C ARG B 387 -22.22 35.23 19.69
N LEU B 388 -22.97 35.44 20.78
CA LEU B 388 -23.98 36.50 20.80
C LEU B 388 -23.34 37.88 20.75
N GLU B 389 -22.19 38.04 21.41
CA GLU B 389 -21.46 39.32 21.37
C GLU B 389 -20.90 39.59 19.97
N VAL B 390 -20.37 38.56 19.31
CA VAL B 390 -19.87 38.73 17.94
C VAL B 390 -21.03 39.02 16.99
N LEU B 391 -22.19 38.40 17.21
CA LEU B 391 -23.38 38.67 16.40
C LEU B 391 -23.88 40.11 16.61
N ARG B 392 -23.79 40.61 17.84
CA ARG B 392 -24.21 41.99 18.10
C ARG B 392 -23.20 42.99 17.56
N ILE B 393 -21.93 42.61 17.48
CA ILE B 393 -20.93 43.48 16.89
C ILE B 393 -21.10 43.56 15.38
N HIS B 394 -21.30 42.42 14.73
CA HIS B 394 -21.38 42.38 13.26
C HIS B 394 -22.73 42.83 12.72
N THR B 395 -23.73 43.04 13.57
CA THR B 395 -25.05 43.52 13.14
C THR B 395 -25.37 44.90 13.71
N LYS B 396 -24.35 45.72 13.96
CA LYS B 396 -24.54 47.06 14.47
C LYS B 396 -24.43 48.14 13.40
N ASN B 397 -23.96 47.78 12.20
CA ASN B 397 -23.82 48.73 11.10
C ASN B 397 -24.81 48.44 9.98
N MET B 398 -25.92 47.76 10.29
CA MET B 398 -26.91 47.38 9.29
C MET B 398 -28.29 47.41 9.90
N LYS B 399 -29.29 47.75 9.09
CA LYS B 399 -30.68 47.76 9.51
C LYS B 399 -31.29 46.39 9.23
N LEU B 400 -31.59 45.62 10.27
CA LEU B 400 -32.01 44.24 10.05
C LEU B 400 -33.53 44.10 9.97
N ALA B 401 -34.21 44.34 11.09
CA ALA B 401 -35.62 44.01 11.24
C ALA B 401 -36.18 44.53 12.56
N ASP B 402 -37.47 44.28 12.78
CA ASP B 402 -38.09 44.46 14.09
C ASP B 402 -38.38 43.15 14.79
N ASP B 403 -38.14 42.01 14.14
CA ASP B 403 -38.41 40.69 14.70
C ASP B 403 -37.21 39.77 14.65
N VAL B 404 -36.01 40.29 14.39
CA VAL B 404 -34.82 39.46 14.34
C VAL B 404 -34.40 39.08 15.76
N ASP B 405 -33.93 37.84 15.93
CA ASP B 405 -33.57 37.30 17.25
C ASP B 405 -32.11 36.84 17.17
N LEU B 406 -31.21 37.67 17.69
CA LEU B 406 -29.80 37.29 17.74
C LEU B 406 -29.51 36.28 18.83
N GLU B 407 -30.33 36.24 19.89
CA GLU B 407 -30.12 35.30 20.98
C GLU B 407 -30.43 33.87 20.55
N ALA B 408 -31.55 33.68 19.84
CA ALA B 408 -31.88 32.36 19.32
C ALA B 408 -30.93 31.94 18.21
N LEU B 409 -30.41 32.91 17.46
CA LEU B 409 -29.42 32.61 16.43
C LEU B 409 -28.09 32.18 17.05
N ALA B 410 -27.73 32.79 18.19
CA ALA B 410 -26.50 32.40 18.87
C ALA B 410 -26.68 31.06 19.59
N ALA B 411 -27.87 30.78 20.11
CA ALA B 411 -28.14 29.50 20.74
C ALA B 411 -28.39 28.38 19.73
N GLU B 412 -28.64 28.71 18.47
CA GLU B 412 -28.86 27.70 17.44
C GLU B 412 -27.57 27.21 16.83
N THR B 413 -26.61 28.10 16.60
CA THR B 413 -25.30 27.67 16.10
C THR B 413 -24.52 27.00 17.22
N HIS B 414 -23.61 26.10 16.84
CA HIS B 414 -22.93 25.26 17.81
C HIS B 414 -21.43 25.16 17.63
N GLY B 415 -20.91 25.35 16.42
CA GLY B 415 -19.48 25.21 16.19
C GLY B 415 -18.84 26.38 15.49
N TYR B 416 -19.57 27.50 15.41
CA TYR B 416 -19.05 28.67 14.70
C TYR B 416 -18.04 29.39 15.58
N VAL B 417 -16.94 29.84 14.96
CA VAL B 417 -15.87 30.54 15.65
C VAL B 417 -15.38 31.67 14.77
N GLY B 418 -15.32 32.89 15.34
CA GLY B 418 -14.70 34.03 14.70
C GLY B 418 -15.36 34.57 13.46
N ALA B 419 -14.73 34.35 12.31
CA ALA B 419 -15.19 34.94 11.05
C ALA B 419 -16.37 34.19 10.44
N ASP B 420 -16.74 33.04 11.00
CA ASP B 420 -17.89 32.29 10.49
C ASP B 420 -19.21 33.01 10.76
N ILE B 421 -19.30 33.77 11.85
CA ILE B 421 -20.48 34.59 12.10
C ILE B 421 -20.58 35.73 11.09
N ALA B 422 -19.45 36.34 10.72
CA ALA B 422 -19.44 37.34 9.67
C ALA B 422 -19.78 36.74 8.31
N SER B 423 -19.36 35.48 8.07
CA SER B 423 -19.75 34.79 6.85
C SER B 423 -21.25 34.52 6.82
N LEU B 424 -21.82 34.15 7.97
CA LEU B 424 -23.26 33.95 8.10
C LEU B 424 -24.02 35.26 7.81
N CYS B 425 -23.55 36.37 8.38
CA CYS B 425 -24.21 37.65 8.18
C CYS B 425 -24.09 38.13 6.74
N SER B 426 -22.93 37.93 6.11
CA SER B 426 -22.74 38.32 4.72
C SER B 426 -23.56 37.45 3.77
N GLU B 427 -23.68 36.16 4.09
CA GLU B 427 -24.52 35.28 3.26
C GLU B 427 -26.00 35.62 3.40
N ALA B 428 -26.44 35.99 4.60
CA ALA B 428 -27.83 36.40 4.80
C ALA B 428 -28.12 37.72 4.07
N ALA B 429 -27.19 38.67 4.12
CA ALA B 429 -27.38 39.93 3.41
C ALA B 429 -27.32 39.75 1.90
N MET B 430 -26.46 38.84 1.41
CA MET B 430 -26.41 38.56 -0.02
C MET B 430 -27.66 37.86 -0.51
N GLN B 431 -28.22 36.96 0.31
CA GLN B 431 -29.49 36.32 -0.05
C GLN B 431 -30.64 37.31 0.00
N GLN B 432 -30.60 38.29 0.91
CA GLN B 432 -31.61 39.33 0.94
C GLN B 432 -31.52 40.23 -0.30
N ILE B 433 -30.31 40.56 -0.73
CA ILE B 433 -30.11 41.38 -1.93
C ILE B 433 -30.57 40.61 -3.17
N ARG B 434 -30.25 39.32 -3.25
CA ARG B 434 -30.68 38.52 -4.40
C ARG B 434 -32.17 38.18 -4.35
N GLU B 435 -32.81 38.30 -3.19
CA GLU B 435 -34.25 38.09 -3.08
C GLU B 435 -35.04 39.35 -3.42
N LYS B 436 -34.51 40.53 -3.08
CA LYS B 436 -35.22 41.79 -3.31
C LYS B 436 -34.79 42.46 -4.60
N MET B 437 -34.50 41.67 -5.64
CA MET B 437 -34.13 42.22 -6.94
C MET B 437 -34.93 41.62 -8.08
N ASP B 438 -36.00 40.87 -7.79
CA ASP B 438 -36.82 40.26 -8.82
C ASP B 438 -38.06 41.09 -9.17
N LEU B 439 -38.54 41.92 -8.24
CA LEU B 439 -39.67 42.80 -8.55
C LEU B 439 -39.25 43.94 -9.47
N ILE B 440 -38.01 44.39 -9.34
CA ILE B 440 -37.46 45.39 -10.25
C ILE B 440 -36.56 44.67 -11.25
N ASP B 441 -36.20 45.36 -12.33
CA ASP B 441 -35.37 44.78 -13.39
C ASP B 441 -33.89 44.77 -13.01
N LEU B 442 -33.02 44.51 -13.97
CA LEU B 442 -31.59 44.50 -13.71
C LEU B 442 -31.08 45.90 -13.41
N ASP B 443 -31.53 46.90 -14.19
CA ASP B 443 -31.23 48.32 -14.02
C ASP B 443 -29.71 48.58 -14.07
N GLU B 444 -29.15 48.33 -15.26
CA GLU B 444 -27.73 48.50 -15.50
C GLU B 444 -27.27 49.95 -15.41
N ASP B 445 -28.18 50.92 -15.54
CA ASP B 445 -27.81 52.33 -15.44
C ASP B 445 -27.71 52.76 -13.99
N GLU B 446 -28.81 52.69 -13.25
CA GLU B 446 -28.85 53.19 -11.87
C GLU B 446 -30.05 52.58 -11.15
N ILE B 447 -29.81 52.10 -9.94
CA ILE B 447 -30.89 51.66 -9.06
C ILE B 447 -31.43 52.88 -8.33
N ASP B 448 -32.74 53.12 -8.46
CA ASP B 448 -33.36 54.30 -7.90
C ASP B 448 -33.44 54.25 -6.38
N ALA B 449 -33.86 55.37 -5.80
CA ALA B 449 -33.85 55.56 -4.34
C ALA B 449 -34.97 54.81 -3.63
N GLU B 450 -35.87 54.15 -4.36
CA GLU B 450 -36.96 53.42 -3.72
C GLU B 450 -36.50 52.06 -3.18
N VAL B 451 -35.45 51.49 -3.76
CA VAL B 451 -34.94 50.19 -3.34
C VAL B 451 -33.84 50.35 -2.29
N LEU B 452 -33.18 51.51 -2.26
CA LEU B 452 -32.08 51.74 -1.32
C LEU B 452 -32.59 51.85 0.11
N ASP B 453 -33.75 52.48 0.30
CA ASP B 453 -34.32 52.58 1.63
C ASP B 453 -35.30 51.44 1.89
N SER B 454 -35.44 51.10 3.18
CA SER B 454 -36.36 50.08 3.69
C SER B 454 -36.09 48.70 3.05
N LEU B 455 -34.83 48.29 3.11
CA LEU B 455 -34.46 46.98 2.59
C LEU B 455 -34.88 45.87 3.55
N GLY B 456 -34.30 45.86 4.74
CA GLY B 456 -34.70 44.93 5.77
C GLY B 456 -34.09 43.55 5.61
N VAL B 457 -33.48 43.03 6.67
CA VAL B 457 -32.92 41.67 6.69
C VAL B 457 -33.73 40.89 7.71
N THR B 458 -34.70 40.11 7.22
CA THR B 458 -35.61 39.39 8.10
C THR B 458 -34.95 38.12 8.62
N MET B 459 -35.67 37.35 9.42
CA MET B 459 -35.13 36.16 10.05
C MET B 459 -35.07 34.95 9.12
N ASP B 460 -35.88 34.93 8.05
CA ASP B 460 -35.84 33.81 7.12
C ASP B 460 -34.55 33.80 6.30
N ASN B 461 -33.99 34.98 6.02
CA ASN B 461 -32.68 35.04 5.37
C ASN B 461 -31.58 34.48 6.28
N PHE B 462 -31.64 34.77 7.58
CA PHE B 462 -30.68 34.21 8.51
C PHE B 462 -30.86 32.72 8.70
N ARG B 463 -32.10 32.23 8.67
CA ARG B 463 -32.33 30.79 8.76
C ARG B 463 -31.84 30.06 7.51
N PHE B 464 -32.03 30.66 6.33
CA PHE B 464 -31.51 30.07 5.10
C PHE B 464 -29.99 30.08 5.07
N ALA B 465 -29.37 31.17 5.54
CA ALA B 465 -27.91 31.24 5.60
C ALA B 465 -27.34 30.32 6.67
N LEU B 466 -28.09 30.02 7.72
CA LEU B 466 -27.64 29.08 8.74
C LEU B 466 -27.80 27.64 8.27
N GLY B 467 -28.86 27.34 7.53
CA GLY B 467 -29.02 26.02 6.95
C GLY B 467 -28.20 25.77 5.71
N ASN B 468 -27.62 26.82 5.12
CA ASN B 468 -26.79 26.70 3.92
C ASN B 468 -25.31 27.02 4.20
N SER B 469 -24.82 26.70 5.40
CA SER B 469 -23.43 26.96 5.74
C SER B 469 -22.96 25.91 6.73
N ASN B 470 -21.68 25.96 7.05
CA ASN B 470 -21.01 25.00 7.91
C ASN B 470 -19.87 25.71 8.62
N PRO B 471 -19.40 25.17 9.76
CA PRO B 471 -18.18 25.71 10.38
C PRO B 471 -16.96 25.52 9.50
N SER B 472 -15.99 26.41 9.68
CA SER B 472 -14.79 26.43 8.84
C SER B 472 -13.84 25.28 9.11
N ALA B 473 -13.94 24.63 10.27
CA ALA B 473 -13.09 23.49 10.58
C ALA B 473 -13.68 22.18 10.07
N LEU B 474 -15.01 22.11 9.94
CA LEU B 474 -15.70 20.91 9.48
C LEU B 474 -16.07 20.98 8.01
N ARG B 475 -15.40 21.80 7.21
CA ARG B 475 -15.70 21.88 5.79
C ARG B 475 -15.16 20.68 5.02
N GLU B 476 -14.17 19.97 5.56
CA GLU B 476 -13.61 18.82 4.88
C GLU B 476 -14.50 17.58 4.99
N THR B 477 -15.15 17.40 6.13
CA THR B 477 -15.95 16.22 6.41
C THR B 477 -17.45 16.50 6.32
N VAL B 478 -17.84 17.35 5.37
CA VAL B 478 -19.24 17.68 5.16
C VAL B 478 -19.94 16.47 4.51
N VAL B 479 -21.09 16.10 5.04
CA VAL B 479 -21.85 14.95 4.56
C VAL B 479 -22.91 15.45 3.59
N GLU B 480 -23.35 14.56 2.68
CA GLU B 480 -24.41 14.92 1.75
C GLU B 480 -25.75 14.97 2.49
N SER B 481 -26.53 16.01 2.20
CA SER B 481 -27.78 16.27 2.93
C SER B 481 -28.86 15.32 2.45
N VAL B 482 -29.05 14.21 3.17
CA VAL B 482 -30.18 13.33 2.91
C VAL B 482 -31.45 13.97 3.49
N ASN B 483 -32.59 13.71 2.84
CA ASN B 483 -33.84 14.37 3.18
C ASN B 483 -34.79 13.36 3.82
N VAL B 484 -34.68 13.23 5.14
CA VAL B 484 -35.61 12.44 5.93
C VAL B 484 -36.12 13.30 7.08
N THR B 485 -37.10 12.77 7.81
CA THR B 485 -37.64 13.39 9.01
C THR B 485 -37.83 12.31 10.08
N TRP B 486 -38.34 12.72 11.25
CA TRP B 486 -38.61 11.77 12.31
C TRP B 486 -39.83 10.89 12.03
N ASP B 487 -40.80 11.38 11.26
CA ASP B 487 -41.94 10.55 10.89
C ASP B 487 -41.66 9.67 9.69
N ASP B 488 -40.51 9.87 9.02
CA ASP B 488 -40.09 8.97 7.96
C ASP B 488 -39.63 7.62 8.51
N VAL B 489 -39.05 7.61 9.71
CA VAL B 489 -38.63 6.36 10.35
C VAL B 489 -39.85 5.80 11.05
N GLY B 490 -40.51 4.85 10.40
CA GLY B 490 -41.69 4.24 10.96
C GLY B 490 -41.37 3.29 12.11
N GLY B 491 -42.20 3.34 13.13
CA GLY B 491 -41.99 2.54 14.32
C GLY B 491 -40.84 3.06 15.16
N LEU B 492 -40.42 2.21 16.11
CA LEU B 492 -39.32 2.45 17.04
C LEU B 492 -39.53 3.73 17.85
N ASP B 493 -40.69 3.81 18.51
CA ASP B 493 -41.09 5.04 19.20
C ASP B 493 -40.23 5.29 20.43
N GLU B 494 -40.08 4.28 21.28
CA GLU B 494 -39.28 4.43 22.50
C GLU B 494 -37.79 4.60 22.20
N ILE B 495 -37.27 3.87 21.21
CA ILE B 495 -35.87 4.01 20.80
C ILE B 495 -35.63 5.41 20.23
N LYS B 496 -36.56 5.88 19.39
CA LYS B 496 -36.44 7.21 18.80
C LYS B 496 -36.50 8.31 19.85
N GLU B 497 -37.43 8.20 20.80
CA GLU B 497 -37.56 9.21 21.85
C GLU B 497 -36.35 9.21 22.78
N GLU B 498 -35.84 8.01 23.13
CA GLU B 498 -34.68 7.93 24.02
C GLU B 498 -33.42 8.46 23.36
N LEU B 499 -33.22 8.13 22.07
CA LEU B 499 -32.06 8.65 21.34
C LEU B 499 -32.16 10.17 21.15
N LYS B 500 -33.36 10.66 20.83
CA LYS B 500 -33.54 12.09 20.62
C LYS B 500 -33.32 12.89 21.90
N GLU B 501 -33.83 12.39 23.04
CA GLU B 501 -33.61 13.09 24.29
C GLU B 501 -32.17 12.96 24.78
N THR B 502 -31.51 11.82 24.52
CA THR B 502 -30.12 11.66 24.93
C THR B 502 -29.20 12.57 24.13
N VAL B 503 -29.56 12.85 22.88
CA VAL B 503 -28.80 13.84 22.12
C VAL B 503 -29.15 15.28 22.53
N GLU B 504 -30.42 15.61 22.69
CA GLU B 504 -30.82 17.00 22.86
C GLU B 504 -30.73 17.50 24.31
N TYR B 505 -30.52 16.63 25.29
CA TYR B 505 -30.48 17.12 26.67
C TYR B 505 -29.23 17.93 27.04
N PRO B 506 -27.98 17.48 26.84
CA PRO B 506 -26.86 18.29 27.30
C PRO B 506 -26.50 19.46 26.39
N VAL B 507 -27.12 19.59 25.21
CA VAL B 507 -26.84 20.70 24.31
C VAL B 507 -27.86 21.82 24.45
N LEU B 508 -28.89 21.64 25.28
CA LEU B 508 -29.91 22.66 25.49
C LEU B 508 -30.05 23.08 26.94
N HIS B 509 -29.85 22.16 27.89
CA HIS B 509 -29.94 22.45 29.32
C HIS B 509 -28.68 21.97 30.03
N PRO B 510 -27.60 22.75 30.00
CA PRO B 510 -26.40 22.37 30.76
C PRO B 510 -26.47 22.80 32.21
N ASP B 511 -27.39 23.73 32.51
CA ASP B 511 -27.50 24.27 33.86
C ASP B 511 -28.00 23.23 34.86
N GLN B 512 -28.95 22.40 34.46
CA GLN B 512 -29.38 21.31 35.33
C GLN B 512 -28.29 20.24 35.47
N TYR B 513 -27.49 20.04 34.42
CA TYR B 513 -26.41 19.06 34.48
C TYR B 513 -25.26 19.49 35.37
N THR B 514 -24.99 20.80 35.47
CA THR B 514 -24.01 21.27 36.44
C THR B 514 -24.63 21.56 37.80
N LYS B 515 -25.96 21.64 37.88
CA LYS B 515 -26.62 21.72 39.19
C LYS B 515 -26.61 20.36 39.88
N PHE B 516 -26.86 19.28 39.14
CA PHE B 516 -26.73 17.93 39.69
C PHE B 516 -25.29 17.49 39.84
N GLY B 517 -24.34 18.18 39.19
CA GLY B 517 -22.93 17.88 39.36
C GLY B 517 -22.46 16.60 38.70
N LEU B 518 -23.03 16.25 37.55
CA LEU B 518 -22.67 15.02 36.86
C LEU B 518 -22.55 15.30 35.36
N SER B 519 -21.63 14.56 34.71
CA SER B 519 -21.41 14.60 33.28
C SER B 519 -22.45 13.75 32.55
N PRO B 520 -22.93 14.20 31.40
CA PRO B 520 -23.99 13.47 30.69
C PRO B 520 -23.43 12.24 29.98
N SER B 521 -24.34 11.40 29.52
CA SER B 521 -23.98 10.23 28.72
C SER B 521 -23.56 10.66 27.32
N LYS B 522 -22.66 9.86 26.72
CA LYS B 522 -22.05 10.23 25.44
C LYS B 522 -22.39 9.26 24.32
N GLY B 523 -22.15 7.96 24.51
CA GLY B 523 -22.27 7.02 23.42
C GLY B 523 -23.59 6.29 23.37
N VAL B 524 -23.87 5.72 22.20
CA VAL B 524 -25.05 4.89 21.97
C VAL B 524 -24.73 3.95 20.81
N LEU B 525 -25.08 2.68 20.98
CA LEU B 525 -24.78 1.65 19.99
C LEU B 525 -26.06 0.94 19.60
N PHE B 526 -26.34 0.89 18.30
CA PHE B 526 -27.46 0.14 17.76
C PHE B 526 -26.98 -1.20 17.20
N TYR B 527 -27.73 -2.26 17.48
CA TYR B 527 -27.39 -3.59 17.00
C TYR B 527 -28.66 -4.39 16.84
N GLY B 528 -28.67 -5.28 15.84
CA GLY B 528 -29.81 -6.12 15.57
C GLY B 528 -29.75 -6.73 14.19
N PRO B 529 -30.91 -7.06 13.62
CA PRO B 529 -30.96 -7.62 12.27
C PRO B 529 -30.66 -6.55 11.23
N PRO B 530 -30.08 -6.92 10.09
CA PRO B 530 -29.79 -5.93 9.06
C PRO B 530 -31.05 -5.47 8.34
N GLY B 531 -31.07 -4.20 7.96
CA GLY B 531 -32.23 -3.62 7.31
C GLY B 531 -33.37 -3.40 8.28
N THR B 532 -33.10 -2.65 9.34
CA THR B 532 -34.10 -2.41 10.38
C THR B 532 -34.31 -0.93 10.67
N GLY B 533 -33.32 -0.07 10.43
CA GLY B 533 -33.50 1.36 10.65
C GLY B 533 -32.40 2.02 11.45
N LYS B 534 -31.25 1.37 11.58
CA LYS B 534 -30.12 1.97 12.29
C LYS B 534 -29.52 3.12 11.49
N THR B 535 -29.21 2.88 10.22
CA THR B 535 -28.70 3.94 9.35
C THR B 535 -29.76 5.00 9.08
N LEU B 536 -31.04 4.60 9.07
CA LEU B 536 -32.12 5.57 8.92
C LEU B 536 -32.24 6.46 10.16
N LEU B 537 -32.03 5.89 11.34
CA LEU B 537 -32.02 6.68 12.57
C LEU B 537 -30.82 7.62 12.60
N ALA B 538 -29.67 7.16 12.10
CA ALA B 538 -28.51 8.03 11.96
C ALA B 538 -28.73 9.16 10.96
N LYS B 539 -29.43 8.89 9.86
CA LYS B 539 -29.75 9.94 8.90
C LYS B 539 -30.75 10.94 9.48
N ALA B 540 -31.71 10.45 10.28
CA ALA B 540 -32.68 11.35 10.92
C ALA B 540 -32.00 12.20 11.99
N VAL B 541 -30.97 11.67 12.65
CA VAL B 541 -30.16 12.48 13.55
C VAL B 541 -29.34 13.50 12.75
N ALA B 542 -28.82 13.10 11.59
CA ALA B 542 -27.96 13.98 10.80
C ALA B 542 -28.73 15.12 10.15
N THR B 543 -30.02 14.94 9.86
CA THR B 543 -30.69 15.88 8.97
C THR B 543 -31.29 17.07 9.71
N GLU B 544 -31.65 16.93 11.00
CA GLU B 544 -32.42 17.97 11.67
C GLU B 544 -31.99 18.31 13.09
N VAL B 545 -31.13 17.51 13.71
CA VAL B 545 -30.67 17.83 15.05
C VAL B 545 -29.57 18.89 14.96
N SER B 546 -29.57 19.83 15.91
CA SER B 546 -28.74 21.03 15.88
C SER B 546 -27.25 20.75 16.03
N ALA B 547 -26.85 19.56 16.48
CA ALA B 547 -25.43 19.27 16.61
C ALA B 547 -24.82 19.00 15.24
N ASN B 548 -23.53 19.34 15.12
CA ASN B 548 -22.81 19.11 13.88
C ASN B 548 -22.54 17.62 13.68
N PHE B 549 -22.61 17.19 12.42
CA PHE B 549 -22.57 15.77 12.09
C PHE B 549 -21.29 15.47 11.30
N ILE B 550 -20.48 14.55 11.83
CA ILE B 550 -19.31 14.04 11.15
C ILE B 550 -19.57 12.57 10.86
N SER B 551 -19.76 12.24 9.58
CA SER B 551 -20.02 10.88 9.15
C SER B 551 -18.73 10.22 8.67
N VAL B 552 -18.59 8.95 9.00
CA VAL B 552 -17.38 8.20 8.65
C VAL B 552 -17.77 6.72 8.50
N LYS B 553 -17.24 6.10 7.46
CA LYS B 553 -17.48 4.68 7.21
C LYS B 553 -16.53 3.85 8.07
N GLY B 554 -16.65 2.52 7.99
CA GLY B 554 -15.85 1.64 8.81
C GLY B 554 -14.39 1.58 8.42
N PRO B 555 -14.08 0.95 7.28
CA PRO B 555 -12.67 0.85 6.86
C PRO B 555 -12.19 2.02 6.01
N GLU B 556 -12.91 3.15 6.07
CA GLU B 556 -12.58 4.29 5.23
C GLU B 556 -11.28 4.99 5.68
N LEU B 557 -11.05 5.07 6.98
CA LEU B 557 -9.91 5.84 7.50
C LEU B 557 -8.61 5.07 7.54
N LEU B 558 -8.55 3.87 6.98
CA LEU B 558 -7.32 3.10 6.98
C LEU B 558 -6.39 3.57 5.86
N SER B 559 -5.11 3.22 5.99
CA SER B 559 -4.10 3.61 5.02
C SER B 559 -2.98 2.58 5.02
N MET B 560 -2.21 2.57 3.93
CA MET B 560 -1.15 1.59 3.77
C MET B 560 0.14 1.96 4.49
N TRP B 561 0.26 3.21 4.96
CA TRP B 561 1.47 3.63 5.64
C TRP B 561 1.42 3.22 7.12
N TYR B 562 2.46 3.59 7.86
CA TYR B 562 2.63 3.20 9.26
C TYR B 562 2.25 4.36 10.15
N GLY B 563 1.04 4.33 10.70
CA GLY B 563 0.56 5.35 11.60
C GLY B 563 -0.44 6.33 11.01
N GLU B 564 -0.68 6.27 9.69
CA GLU B 564 -1.61 7.20 9.07
C GLU B 564 -3.06 6.92 9.46
N SER B 565 -3.39 5.66 9.76
CA SER B 565 -4.74 5.33 10.22
C SER B 565 -5.01 5.93 11.60
N GLU B 566 -4.04 5.80 12.52
CA GLU B 566 -4.19 6.41 13.84
C GLU B 566 -4.13 7.93 13.76
N SER B 567 -3.36 8.49 12.81
CA SER B 567 -3.37 9.93 12.59
C SER B 567 -4.70 10.42 12.06
N ASN B 568 -5.34 9.64 11.18
CA ASN B 568 -6.67 10.02 10.68
C ASN B 568 -7.72 9.91 11.77
N ILE B 569 -7.62 8.90 12.64
CA ILE B 569 -8.54 8.76 13.77
C ILE B 569 -8.38 9.93 14.74
N ARG B 570 -7.13 10.31 15.03
CA ARG B 570 -6.87 11.45 15.91
C ARG B 570 -7.33 12.76 15.29
N ASP B 571 -7.17 12.92 13.97
CA ASP B 571 -7.63 14.14 13.32
C ASP B 571 -9.15 14.22 13.28
N ILE B 572 -9.83 13.10 13.08
CA ILE B 572 -11.29 13.07 13.08
C ILE B 572 -11.83 13.39 14.47
N PHE B 573 -11.23 12.80 15.52
CA PHE B 573 -11.67 13.09 16.88
C PHE B 573 -11.31 14.51 17.32
N ASP B 574 -10.19 15.05 16.84
CA ASP B 574 -9.83 16.44 17.17
C ASP B 574 -10.74 17.43 16.46
N LYS B 575 -11.15 17.15 15.21
CA LYS B 575 -12.15 17.99 14.56
C LYS B 575 -13.52 17.83 15.19
N ALA B 576 -13.80 16.66 15.78
CA ALA B 576 -15.06 16.47 16.47
C ALA B 576 -15.11 17.26 17.77
N ARG B 577 -14.06 17.20 18.57
CA ARG B 577 -14.03 17.93 19.83
C ARG B 577 -13.61 19.39 19.68
N ALA B 578 -13.21 19.81 18.47
CA ALA B 578 -12.85 21.21 18.26
C ALA B 578 -14.09 22.08 18.13
N ALA B 579 -14.98 21.73 17.20
CA ALA B 579 -16.25 22.45 17.02
C ALA B 579 -17.37 21.78 17.80
N ALA B 580 -17.11 21.58 19.10
CA ALA B 580 -18.06 20.92 19.97
C ALA B 580 -19.28 21.81 20.22
N PRO B 581 -20.49 21.23 20.30
CA PRO B 581 -20.86 19.81 20.27
C PRO B 581 -21.03 19.20 18.88
N THR B 582 -20.37 18.07 18.65
CA THR B 582 -20.55 17.28 17.44
C THR B 582 -21.11 15.91 17.81
N VAL B 583 -21.67 15.23 16.81
CA VAL B 583 -22.14 13.86 16.93
C VAL B 583 -21.49 13.05 15.80
N VAL B 584 -20.92 11.90 16.18
CA VAL B 584 -20.14 11.07 15.25
C VAL B 584 -20.90 9.77 15.01
N PHE B 585 -20.94 9.34 13.74
CA PHE B 585 -21.58 8.09 13.35
C PHE B 585 -20.50 7.14 12.87
N LEU B 586 -20.09 6.21 13.75
CA LEU B 586 -19.10 5.20 13.40
C LEU B 586 -19.84 3.96 12.91
N ASP B 587 -20.19 3.97 11.63
CA ASP B 587 -20.90 2.85 11.03
C ASP B 587 -19.96 1.67 10.83
N GLU B 588 -20.48 0.47 11.11
CA GLU B 588 -19.79 -0.82 10.95
C GLU B 588 -18.49 -0.86 11.77
N LEU B 589 -18.68 -0.92 13.09
CA LEU B 589 -17.56 -0.96 14.02
C LEU B 589 -16.78 -2.27 13.95
N ASP B 590 -17.36 -3.31 13.34
CA ASP B 590 -16.70 -4.62 13.26
C ASP B 590 -15.63 -4.69 12.16
N SER B 591 -15.24 -3.57 11.56
CA SER B 591 -14.19 -3.57 10.55
C SER B 591 -12.87 -3.03 11.10
N ILE B 592 -12.91 -1.99 11.91
CA ILE B 592 -11.68 -1.43 12.47
C ILE B 592 -11.55 -1.74 13.95
N ALA B 593 -12.67 -1.93 14.65
CA ALA B 593 -12.67 -2.21 16.08
C ALA B 593 -13.07 -3.68 16.28
N LYS B 594 -12.07 -4.55 16.21
CA LYS B 594 -12.27 -5.98 16.42
C LYS B 594 -11.67 -6.38 17.77
N ALA B 595 -11.65 -7.68 18.04
CA ALA B 595 -10.96 -8.17 19.22
C ALA B 595 -9.45 -8.10 19.02
N ARG B 596 -8.71 -8.13 20.13
CA ARG B 596 -7.26 -8.01 20.11
C ARG B 596 -6.64 -9.38 20.35
N GLY B 597 -5.64 -9.71 19.55
CA GLY B 597 -4.96 -10.99 19.68
C GLY B 597 -5.67 -12.15 19.02
N GLY B 598 -6.61 -11.90 18.12
CA GLY B 598 -7.34 -12.97 17.47
C GLY B 598 -6.74 -13.47 16.17
N SER B 599 -5.81 -12.73 15.58
CA SER B 599 -5.21 -13.10 14.31
C SER B 599 -3.75 -13.46 14.52
N LEU B 600 -3.35 -14.66 14.09
CA LEU B 600 -1.96 -15.06 14.18
C LEU B 600 -1.11 -14.35 13.14
N GLY B 601 -1.57 -14.33 11.90
CA GLY B 601 -0.88 -13.61 10.84
C GLY B 601 -1.58 -12.30 10.51
N ASP B 602 -0.89 -11.19 10.71
CA ASP B 602 -1.48 -9.86 10.53
C ASP B 602 -0.45 -8.97 9.86
N ALA B 603 -0.73 -7.66 9.83
CA ALA B 603 0.16 -6.68 9.21
C ALA B 603 1.14 -6.07 10.21
N GLY B 604 1.53 -6.81 11.23
CA GLY B 604 2.40 -6.28 12.26
C GLY B 604 1.67 -5.62 13.41
N GLY B 605 0.42 -5.97 13.64
CA GLY B 605 -0.36 -5.39 14.71
C GLY B 605 -0.78 -3.95 14.43
N ALA B 606 -1.60 -3.76 13.41
CA ALA B 606 -2.11 -2.44 13.06
C ALA B 606 -3.55 -2.20 13.49
N SER B 607 -4.42 -3.21 13.36
CA SER B 607 -5.80 -3.07 13.84
C SER B 607 -5.85 -3.00 15.36
N ASP B 608 -4.89 -3.63 16.04
CA ASP B 608 -4.77 -3.46 17.49
C ASP B 608 -4.40 -2.03 17.85
N ARG B 609 -3.53 -1.38 17.08
CA ARG B 609 -3.23 0.02 17.31
C ARG B 609 -4.41 0.91 16.97
N VAL B 610 -5.22 0.53 15.98
CA VAL B 610 -6.41 1.31 15.63
C VAL B 610 -7.44 1.25 16.74
N VAL B 611 -7.71 0.04 17.27
CA VAL B 611 -8.69 -0.07 18.34
C VAL B 611 -8.14 0.49 19.65
N ASN B 612 -6.81 0.50 19.84
CA ASN B 612 -6.24 1.14 21.01
C ASN B 612 -6.35 2.65 20.93
N GLN B 613 -6.16 3.21 19.72
CA GLN B 613 -6.37 4.64 19.53
C GLN B 613 -7.83 5.03 19.71
N LEU B 614 -8.76 4.16 19.28
CA LEU B 614 -10.18 4.43 19.50
C LEU B 614 -10.54 4.38 20.98
N LEU B 615 -10.01 3.39 21.71
CA LEU B 615 -10.26 3.28 23.14
C LEU B 615 -9.63 4.42 23.92
N THR B 616 -8.47 4.92 23.46
CA THR B 616 -7.81 6.02 24.13
C THR B 616 -8.51 7.34 23.86
N GLU B 617 -8.92 7.57 22.61
CA GLU B 617 -9.63 8.81 22.26
C GLU B 617 -11.04 8.85 22.81
N MET B 618 -11.67 7.69 23.05
CA MET B 618 -12.99 7.69 23.65
C MET B 618 -12.96 7.81 25.17
N ASP B 619 -11.86 7.41 25.81
CA ASP B 619 -11.71 7.59 27.26
C ASP B 619 -10.20 7.61 27.53
N GLY B 620 -9.69 8.76 27.95
CA GLY B 620 -8.27 8.91 28.25
C GLY B 620 -8.04 10.17 29.06
N MET B 621 -6.96 10.88 28.73
CA MET B 621 -6.65 12.15 29.37
C MET B 621 -7.24 13.31 28.59
N ASN B 622 -8.56 13.28 28.44
CA ASN B 622 -9.30 14.25 27.66
C ASN B 622 -10.31 14.97 28.53
N ALA B 623 -10.72 16.17 28.09
CA ALA B 623 -11.72 16.93 28.82
C ALA B 623 -13.13 16.38 28.64
N LYS B 624 -13.41 15.77 27.49
CA LYS B 624 -14.71 15.20 27.11
C LYS B 624 -15.83 16.23 27.23
N LYS B 625 -15.68 17.30 26.43
CA LYS B 625 -16.63 18.39 26.41
C LYS B 625 -18.01 17.94 25.92
N ASN B 626 -18.08 17.56 24.63
CA ASN B 626 -19.32 17.05 24.06
C ASN B 626 -18.95 16.23 22.81
N VAL B 627 -18.91 14.90 22.97
CA VAL B 627 -18.66 13.97 21.87
C VAL B 627 -19.70 12.87 21.96
N PHE B 628 -20.49 12.71 20.89
CA PHE B 628 -21.55 11.70 20.83
C PHE B 628 -21.21 10.74 19.70
N VAL B 629 -20.60 9.60 20.05
CA VAL B 629 -20.31 8.57 19.07
C VAL B 629 -21.53 7.66 18.93
N ILE B 630 -21.78 7.20 17.71
CA ILE B 630 -22.91 6.32 17.41
C ILE B 630 -22.37 5.12 16.64
N GLY B 631 -22.65 3.92 17.15
CA GLY B 631 -22.28 2.69 16.48
C GLY B 631 -23.50 1.97 15.95
N ALA B 632 -23.38 1.44 14.73
CA ALA B 632 -24.46 0.69 14.10
C ALA B 632 -23.83 -0.54 13.45
N THR B 633 -23.75 -1.63 14.21
CA THR B 633 -23.11 -2.86 13.78
C THR B 633 -24.13 -3.99 13.80
N ASN B 634 -24.18 -4.74 12.70
CA ASN B 634 -25.14 -5.83 12.53
C ASN B 634 -24.62 -7.16 13.10
N ARG B 635 -23.51 -7.15 13.83
CA ARG B 635 -23.00 -8.33 14.51
C ARG B 635 -22.23 -7.89 15.74
N PRO B 636 -22.84 -7.95 16.92
CA PRO B 636 -22.17 -7.51 18.15
C PRO B 636 -21.20 -8.52 18.77
N ASP B 637 -20.85 -9.59 18.05
CA ASP B 637 -19.95 -10.59 18.62
C ASP B 637 -18.49 -10.20 18.41
N GLN B 638 -18.18 -9.57 17.29
CA GLN B 638 -16.80 -9.22 16.96
C GLN B 638 -16.34 -7.91 17.57
N ILE B 639 -17.16 -7.26 18.39
CA ILE B 639 -16.78 -6.02 19.04
C ILE B 639 -15.89 -6.34 20.24
N ASP B 640 -14.92 -5.48 20.49
CA ASP B 640 -14.05 -5.63 21.66
C ASP B 640 -14.87 -5.39 22.93
N PRO B 641 -14.63 -6.17 24.00
CA PRO B 641 -15.44 -6.01 25.22
C PRO B 641 -15.10 -4.76 26.03
N ALA B 642 -14.04 -4.06 25.66
CA ALA B 642 -13.65 -2.82 26.32
C ALA B 642 -14.32 -1.60 25.71
N ILE B 643 -14.97 -1.74 24.57
CA ILE B 643 -15.70 -0.63 23.96
C ILE B 643 -17.15 -0.60 24.42
N LEU B 644 -17.74 -1.78 24.67
CA LEU B 644 -19.09 -1.87 25.22
C LEU B 644 -19.14 -1.55 26.71
N ARG B 645 -18.00 -1.32 27.35
CA ARG B 645 -17.95 -0.82 28.71
C ARG B 645 -18.57 0.58 28.77
N PRO B 646 -19.35 0.88 29.82
CA PRO B 646 -19.91 2.23 29.97
C PRO B 646 -18.82 3.28 30.18
N GLY B 647 -19.11 4.50 29.75
CA GLY B 647 -18.14 5.55 29.64
C GLY B 647 -17.65 5.79 28.22
N ARG B 648 -17.68 4.76 27.38
CA ARG B 648 -17.39 4.90 25.96
C ARG B 648 -18.63 4.65 25.11
N LEU B 649 -19.26 3.48 25.26
CA LEU B 649 -20.52 3.15 24.57
C LEU B 649 -21.39 2.41 25.59
N ASP B 650 -22.21 3.18 26.33
CA ASP B 650 -23.01 2.62 27.40
C ASP B 650 -24.41 2.22 26.95
N GLN B 651 -24.98 2.95 26.00
CA GLN B 651 -26.34 2.67 25.52
C GLN B 651 -26.27 1.61 24.44
N LEU B 652 -26.49 0.36 24.81
CA LEU B 652 -26.54 -0.76 23.87
C LEU B 652 -28.00 -1.00 23.53
N ILE B 653 -28.49 -0.29 22.51
CA ILE B 653 -29.90 -0.34 22.12
C ILE B 653 -30.07 -1.48 21.11
N TYR B 654 -30.90 -2.45 21.47
CA TYR B 654 -31.27 -3.54 20.56
C TYR B 654 -32.50 -3.10 19.77
N VAL B 655 -32.38 -3.10 18.45
CA VAL B 655 -33.47 -2.70 17.58
C VAL B 655 -34.14 -3.96 17.02
N PRO B 656 -35.29 -4.36 17.55
CA PRO B 656 -35.86 -5.66 17.18
C PRO B 656 -36.63 -5.59 15.87
N LEU B 657 -37.18 -6.73 15.49
CA LEU B 657 -38.02 -6.79 14.30
C LEU B 657 -39.37 -6.15 14.59
N PRO B 658 -39.98 -5.48 13.62
CA PRO B 658 -41.28 -4.85 13.86
C PRO B 658 -42.40 -5.86 13.95
N ASP B 659 -43.39 -5.55 14.79
CA ASP B 659 -44.58 -6.36 14.94
C ASP B 659 -45.69 -5.82 14.05
N GLU B 660 -46.92 -6.29 14.31
CA GLU B 660 -48.06 -5.92 13.46
C GLU B 660 -48.46 -4.46 13.63
N ASN B 661 -48.18 -3.87 14.79
CA ASN B 661 -48.48 -2.46 15.01
C ASN B 661 -47.38 -1.53 14.50
N ALA B 662 -46.18 -2.05 14.28
CA ALA B 662 -45.08 -1.23 13.76
C ALA B 662 -44.94 -1.35 12.25
N ARG B 663 -45.30 -2.50 11.67
CA ARG B 663 -45.24 -2.65 10.22
C ARG B 663 -46.28 -1.77 9.52
N LEU B 664 -47.42 -1.52 10.18
CA LEU B 664 -48.41 -0.60 9.63
C LEU B 664 -47.88 0.83 9.60
N SER B 665 -47.17 1.24 10.65
CA SER B 665 -46.58 2.57 10.67
C SER B 665 -45.42 2.69 9.69
N ILE B 666 -44.67 1.61 9.47
CA ILE B 666 -43.60 1.61 8.47
C ILE B 666 -44.19 1.73 7.06
N LEU B 667 -45.28 1.00 6.79
CA LEU B 667 -45.94 1.11 5.50
C LEU B 667 -46.61 2.45 5.30
N ASN B 668 -47.07 3.08 6.38
CA ASN B 668 -47.61 4.43 6.27
C ASN B 668 -46.52 5.49 6.06
N ALA B 669 -45.34 5.28 6.65
CA ALA B 669 -44.24 6.23 6.46
C ALA B 669 -43.58 6.09 5.10
N GLN B 670 -43.51 4.86 4.56
CA GLN B 670 -42.91 4.66 3.25
C GLN B 670 -43.83 5.11 2.12
N LEU B 671 -45.14 5.09 2.35
CA LEU B 671 -46.13 5.54 1.38
C LEU B 671 -46.63 6.95 1.67
N ARG B 672 -45.75 7.82 2.16
CA ARG B 672 -46.17 9.15 2.58
C ARG B 672 -46.37 10.09 1.40
N LYS B 673 -45.47 10.05 0.42
CA LYS B 673 -45.48 10.99 -0.70
C LYS B 673 -45.92 10.35 -2.01
N THR B 674 -46.90 9.44 -1.95
CA THR B 674 -47.39 8.81 -3.16
C THR B 674 -48.92 8.87 -3.21
N PRO B 675 -49.50 8.94 -4.41
CA PRO B 675 -50.95 8.79 -4.53
C PRO B 675 -51.36 7.34 -4.33
N LEU B 676 -52.38 7.14 -3.50
CA LEU B 676 -52.84 5.81 -3.14
C LEU B 676 -54.34 5.69 -3.38
N GLU B 677 -54.80 4.45 -3.47
CA GLU B 677 -56.22 4.19 -3.63
C GLU B 677 -56.94 4.48 -2.31
N PRO B 678 -58.09 5.17 -2.36
CA PRO B 678 -58.84 5.43 -1.12
C PRO B 678 -59.44 4.18 -0.48
N GLY B 679 -59.69 3.14 -1.26
CA GLY B 679 -60.18 1.90 -0.71
C GLY B 679 -59.11 0.91 -0.30
N LEU B 680 -57.85 1.22 -0.57
CA LEU B 680 -56.75 0.32 -0.23
C LEU B 680 -56.37 0.46 1.23
N GLU B 681 -56.24 -0.67 1.91
CA GLU B 681 -55.81 -0.70 3.30
C GLU B 681 -54.50 -1.47 3.43
N LEU B 682 -53.70 -1.10 4.43
CA LEU B 682 -52.43 -1.75 4.69
C LEU B 682 -52.51 -2.71 5.88
N THR B 683 -53.71 -2.91 6.44
CA THR B 683 -53.88 -3.82 7.57
C THR B 683 -53.67 -5.27 7.16
N ALA B 684 -54.14 -5.67 5.97
CA ALA B 684 -53.91 -7.02 5.49
C ALA B 684 -52.44 -7.25 5.15
N ILE B 685 -51.74 -6.22 4.68
CA ILE B 685 -50.32 -6.35 4.40
C ILE B 685 -49.52 -6.43 5.70
N ALA B 686 -49.97 -5.72 6.74
CA ALA B 686 -49.28 -5.80 8.03
C ALA B 686 -49.59 -7.10 8.75
N LYS B 687 -50.75 -7.70 8.51
CA LYS B 687 -51.14 -8.94 9.18
C LYS B 687 -50.64 -10.18 8.46
N ALA B 688 -50.45 -10.10 7.14
CA ALA B 688 -49.95 -11.26 6.39
C ALA B 688 -48.48 -11.48 6.66
N THR B 689 -47.67 -10.43 6.56
CA THR B 689 -46.24 -10.53 6.83
C THR B 689 -46.00 -10.50 8.33
N GLN B 690 -45.29 -11.52 8.84
CA GLN B 690 -45.00 -11.62 10.26
C GLN B 690 -43.51 -11.64 10.58
N GLY B 691 -42.66 -12.15 9.70
CA GLY B 691 -41.23 -12.14 9.94
C GLY B 691 -40.50 -11.23 8.97
N PHE B 692 -41.25 -10.31 8.36
CA PHE B 692 -40.69 -9.40 7.38
C PHE B 692 -39.97 -8.24 8.07
N SER B 693 -39.39 -7.37 7.26
CA SER B 693 -38.64 -6.22 7.75
C SER B 693 -38.99 -4.99 6.93
N GLY B 694 -38.38 -3.87 7.32
CA GLY B 694 -38.59 -2.62 6.60
C GLY B 694 -38.02 -2.63 5.19
N ALA B 695 -36.90 -3.34 4.99
CA ALA B 695 -36.36 -3.51 3.65
C ALA B 695 -37.27 -4.36 2.78
N ASP B 696 -37.91 -5.38 3.37
CA ASP B 696 -38.87 -6.19 2.64
C ASP B 696 -40.13 -5.40 2.29
N LEU B 697 -40.60 -4.54 3.19
CA LEU B 697 -41.76 -3.70 2.90
C LEU B 697 -41.44 -2.66 1.84
N LEU B 698 -40.21 -2.11 1.88
CA LEU B 698 -39.76 -1.21 0.83
C LEU B 698 -39.64 -1.92 -0.51
N TYR B 699 -39.22 -3.20 -0.50
CA TYR B 699 -39.16 -3.98 -1.73
C TYR B 699 -40.56 -4.25 -2.29
N ILE B 700 -41.54 -4.49 -1.40
CA ILE B 700 -42.93 -4.68 -1.82
C ILE B 700 -43.47 -3.41 -2.45
N VAL B 701 -43.19 -2.26 -1.82
CA VAL B 701 -43.64 -0.97 -2.34
C VAL B 701 -42.98 -0.66 -3.67
N GLN B 702 -41.69 -0.98 -3.81
CA GLN B 702 -40.98 -0.72 -5.07
C GLN B 702 -41.45 -1.65 -6.19
N ARG B 703 -41.79 -2.90 -5.87
CA ARG B 703 -42.33 -3.80 -6.89
C ARG B 703 -43.73 -3.38 -7.33
N ALA B 704 -44.55 -2.88 -6.39
CA ALA B 704 -45.86 -2.36 -6.74
C ALA B 704 -45.75 -1.11 -7.60
N ALA B 705 -44.78 -0.24 -7.29
CA ALA B 705 -44.54 0.94 -8.11
C ALA B 705 -44.00 0.59 -9.49
N LYS B 706 -43.17 -0.46 -9.58
CA LYS B 706 -42.67 -0.90 -10.87
C LYS B 706 -43.79 -1.50 -11.73
N TYR B 707 -44.70 -2.25 -11.11
CA TYR B 707 -45.85 -2.77 -11.84
C TYR B 707 -46.80 -1.67 -12.27
N ALA B 708 -46.96 -0.63 -11.44
CA ALA B 708 -47.78 0.51 -11.83
C ALA B 708 -47.15 1.30 -12.98
N ILE B 709 -45.82 1.44 -12.97
CA ILE B 709 -45.13 2.12 -14.04
C ILE B 709 -45.19 1.31 -15.34
N LYS B 710 -45.13 -0.02 -15.23
CA LYS B 710 -45.27 -0.89 -16.40
C LYS B 710 -46.68 -0.80 -16.99
N ASP B 711 -47.71 -0.79 -16.14
CA ASP B 711 -49.07 -0.62 -16.63
C ASP B 711 -49.29 0.76 -17.22
N SER B 712 -48.66 1.80 -16.66
CA SER B 712 -48.80 3.14 -17.19
C SER B 712 -48.12 3.29 -18.55
N ILE B 713 -46.94 2.69 -18.72
CA ILE B 713 -46.26 2.79 -20.00
C ILE B 713 -46.93 1.89 -21.05
N GLU B 714 -47.58 0.81 -20.61
CA GLU B 714 -48.36 -0.01 -21.54
C GLU B 714 -49.61 0.74 -22.02
N ALA B 715 -50.28 1.44 -21.10
CA ALA B 715 -51.42 2.26 -21.48
C ALA B 715 -51.00 3.45 -22.34
N HIS B 716 -49.81 4.00 -22.11
CA HIS B 716 -49.30 5.08 -22.95
C HIS B 716 -48.99 4.58 -24.36
N ARG B 717 -48.41 3.39 -24.47
CA ARG B 717 -48.12 2.82 -25.79
C ARG B 717 -49.40 2.47 -26.53
N GLN B 718 -50.42 1.97 -25.82
CA GLN B 718 -51.69 1.67 -26.45
C GLN B 718 -52.43 2.95 -26.86
N HIS B 719 -52.30 4.02 -26.08
CA HIS B 719 -52.93 5.28 -26.45
C HIS B 719 -52.22 5.92 -27.64
N GLU B 720 -50.90 5.80 -27.71
CA GLU B 720 -50.17 6.31 -28.86
C GLU B 720 -50.37 5.46 -30.11
N ALA B 721 -50.66 4.16 -29.94
CA ALA B 721 -51.01 3.34 -31.09
C ALA B 721 -52.40 3.66 -31.60
N GLU B 722 -53.39 3.69 -30.71
CA GLU B 722 -54.75 4.03 -31.09
C GLU B 722 -55.11 5.44 -30.63
N ASP B 748 -54.00 10.85 -18.01
CA ASP B 748 -53.22 9.94 -17.17
C ASP B 748 -54.07 8.71 -16.83
N PRO B 749 -53.70 7.55 -17.38
CA PRO B 749 -54.55 6.37 -17.20
C PRO B 749 -54.46 5.75 -15.82
N VAL B 750 -53.27 5.71 -15.22
CA VAL B 750 -53.08 5.09 -13.92
C VAL B 750 -52.75 6.18 -12.89
N PRO B 751 -53.75 6.70 -12.16
CA PRO B 751 -53.47 7.82 -11.25
C PRO B 751 -52.83 7.40 -9.94
N TYR B 752 -53.11 6.19 -9.47
CA TYR B 752 -52.57 5.71 -8.20
C TYR B 752 -52.25 4.23 -8.32
N ILE B 753 -51.71 3.67 -7.23
CA ILE B 753 -51.44 2.24 -7.16
C ILE B 753 -52.71 1.53 -6.73
N THR B 754 -53.16 0.58 -7.55
CA THR B 754 -54.39 -0.15 -7.27
C THR B 754 -54.09 -1.34 -6.38
N LYS B 755 -55.10 -2.18 -6.13
CA LYS B 755 -54.91 -3.38 -5.32
C LYS B 755 -54.29 -4.53 -6.09
N GLU B 756 -54.48 -4.57 -7.41
CA GLU B 756 -53.90 -5.64 -8.22
C GLU B 756 -52.39 -5.52 -8.30
N HIS B 757 -51.85 -4.30 -8.26
CA HIS B 757 -50.40 -4.11 -8.25
C HIS B 757 -49.79 -4.64 -6.96
N PHE B 758 -50.45 -4.41 -5.81
CA PHE B 758 -49.96 -4.94 -4.55
C PHE B 758 -50.13 -6.46 -4.50
N ALA B 759 -51.22 -6.98 -5.05
CA ALA B 759 -51.44 -8.41 -5.09
C ALA B 759 -50.46 -9.14 -6.00
N GLU B 760 -49.98 -8.47 -7.06
CA GLU B 760 -48.94 -9.04 -7.91
C GLU B 760 -47.54 -8.81 -7.37
N ALA B 761 -47.34 -7.77 -6.54
CA ALA B 761 -46.04 -7.53 -5.93
C ALA B 761 -45.79 -8.36 -4.68
N MET B 762 -46.85 -8.80 -4.00
CA MET B 762 -46.72 -9.63 -2.81
C MET B 762 -46.57 -11.12 -3.13
N LYS B 763 -46.35 -11.48 -4.39
CA LYS B 763 -46.16 -12.88 -4.76
C LYS B 763 -44.70 -13.29 -4.83
N THR B 764 -43.79 -12.35 -5.09
CA THR B 764 -42.36 -12.61 -5.15
C THR B 764 -41.62 -11.86 -4.05
N ALA B 765 -42.19 -11.85 -2.86
CA ALA B 765 -41.62 -11.12 -1.72
C ALA B 765 -41.29 -12.10 -0.60
N LYS B 766 -40.06 -12.02 -0.10
CA LYS B 766 -39.58 -12.93 0.92
C LYS B 766 -38.90 -12.15 2.04
N ARG B 767 -38.65 -12.83 3.15
CA ARG B 767 -38.02 -12.21 4.30
C ARG B 767 -36.50 -12.12 4.09
N SER B 768 -35.89 -11.14 4.75
CA SER B 768 -34.44 -10.98 4.64
C SER B 768 -33.70 -11.90 5.60
N VAL B 769 -33.97 -11.77 6.89
CA VAL B 769 -33.27 -12.57 7.90
C VAL B 769 -33.89 -13.95 7.99
N SER B 770 -33.05 -14.95 8.28
CA SER B 770 -33.51 -16.32 8.42
C SER B 770 -33.91 -16.57 9.88
N ASP B 771 -34.12 -17.85 10.22
CA ASP B 771 -34.51 -18.22 11.58
C ASP B 771 -33.31 -18.43 12.49
N ALA B 772 -32.16 -18.81 11.94
CA ALA B 772 -30.98 -19.05 12.76
C ALA B 772 -30.34 -17.74 13.24
N GLU B 773 -30.32 -16.72 12.37
CA GLU B 773 -29.77 -15.42 12.78
C GLU B 773 -30.66 -14.72 13.79
N LEU B 774 -31.99 -14.87 13.66
CA LEU B 774 -32.90 -14.34 14.67
C LEU B 774 -32.71 -15.04 16.00
N ARG B 775 -32.46 -16.36 15.97
CA ARG B 775 -32.16 -17.09 17.20
C ARG B 775 -30.83 -16.65 17.80
N ARG B 776 -29.84 -16.32 16.97
CA ARG B 776 -28.57 -15.82 17.47
C ARG B 776 -28.73 -14.44 18.11
N TYR B 777 -29.56 -13.58 17.52
CA TYR B 777 -29.78 -12.25 18.08
C TYR B 777 -30.58 -12.32 19.38
N GLU B 778 -31.57 -13.23 19.44
CA GLU B 778 -32.28 -13.43 20.71
C GLU B 778 -31.39 -14.07 21.76
N ALA B 779 -30.44 -14.91 21.35
CA ALA B 779 -29.49 -15.47 22.29
C ALA B 779 -28.54 -14.42 22.84
N TYR B 780 -28.11 -13.47 22.00
CA TYR B 780 -27.27 -12.37 22.49
C TYR B 780 -28.07 -11.44 23.39
N SER B 781 -29.34 -11.20 23.07
CA SER B 781 -30.19 -10.37 23.92
C SER B 781 -30.46 -11.03 25.26
N GLN B 782 -30.67 -12.35 25.27
CA GLN B 782 -30.85 -13.07 26.54
C GLN B 782 -29.54 -13.19 27.32
N GLN B 783 -28.39 -13.19 26.65
CA GLN B 783 -27.12 -13.13 27.36
C GLN B 783 -26.92 -11.76 28.00
N MET B 784 -27.32 -10.69 27.31
CA MET B 784 -27.25 -9.35 27.89
C MET B 784 -28.24 -9.18 29.04
N LYS B 785 -29.39 -9.87 28.95
CA LYS B 785 -30.34 -9.86 30.06
C LYS B 785 -29.91 -10.74 31.22
N ALA B 786 -29.15 -11.80 30.95
CA ALA B 786 -28.52 -12.59 32.01
C ALA B 786 -27.36 -11.84 32.65
N SER B 787 -26.77 -10.88 31.94
CA SER B 787 -25.86 -9.92 32.55
C SER B 787 -26.59 -8.91 33.43
N ARG B 788 -27.92 -8.82 33.31
CA ARG B 788 -28.77 -8.01 34.18
C ARG B 788 -29.41 -8.87 35.27
N GLY B 789 -28.67 -9.85 35.78
CA GLY B 789 -29.20 -10.73 36.81
C GLY B 789 -29.29 -10.04 38.16
N GLN B 790 -30.10 -10.67 39.03
CA GLN B 790 -30.41 -10.20 40.39
C GLN B 790 -30.99 -8.79 40.37
N PHE B 791 -32.08 -8.65 39.62
CA PHE B 791 -32.81 -7.40 39.52
C PHE B 791 -34.30 -7.67 39.68
N SER B 792 -34.95 -6.80 40.44
CA SER B 792 -36.35 -7.00 40.84
C SER B 792 -36.99 -5.63 40.99
N ASN B 793 -38.09 -5.57 41.75
CA ASN B 793 -38.76 -4.31 42.06
C ASN B 793 -37.87 -3.37 42.88
N PHE B 794 -36.89 -3.92 43.60
CA PHE B 794 -35.83 -3.19 44.31
C PHE B 794 -36.40 -2.24 45.38
N ASN B 795 -37.01 -2.85 46.39
CA ASN B 795 -37.41 -2.10 47.57
C ASN B 795 -36.18 -1.71 48.37
N PHE B 796 -36.19 -0.48 48.89
CA PHE B 796 -35.06 0.03 49.65
C PHE B 796 -35.12 -0.40 51.11
N VAL C 211 -15.22 34.22 -26.47
CA VAL C 211 -15.66 33.56 -25.24
C VAL C 211 -16.39 34.54 -24.34
N GLY C 212 -17.66 34.26 -24.06
CA GLY C 212 -18.45 35.14 -23.23
C GLY C 212 -19.21 34.42 -22.14
N TYR C 213 -20.24 35.07 -21.59
CA TYR C 213 -21.06 34.47 -20.54
C TYR C 213 -22.06 33.46 -21.08
N ASP C 214 -22.30 33.43 -22.39
CA ASP C 214 -23.20 32.47 -23.02
C ASP C 214 -22.45 31.27 -23.58
N ASP C 215 -21.34 30.90 -22.94
CA ASP C 215 -20.49 29.81 -23.37
C ASP C 215 -20.37 28.68 -22.35
N ILE C 216 -20.74 28.92 -21.10
CA ILE C 216 -20.50 27.97 -20.02
C ILE C 216 -21.86 27.49 -19.51
N GLY C 217 -22.84 27.44 -20.41
CA GLY C 217 -24.18 27.04 -20.02
C GLY C 217 -24.26 25.57 -19.63
N GLY C 218 -24.98 25.32 -18.54
CA GLY C 218 -25.10 24.01 -17.94
C GLY C 218 -24.98 24.01 -16.43
N CYS C 219 -24.37 25.06 -15.86
CA CYS C 219 -24.24 25.23 -14.41
C CYS C 219 -24.78 26.61 -14.05
N ARG C 220 -26.11 26.69 -13.92
CA ARG C 220 -26.78 27.99 -13.77
C ARG C 220 -26.58 28.55 -12.37
N LYS C 221 -26.69 27.72 -11.34
CA LYS C 221 -26.56 28.19 -9.96
C LYS C 221 -25.13 28.61 -9.65
N GLN C 222 -24.15 27.82 -10.11
CA GLN C 222 -22.75 28.16 -9.88
C GLN C 222 -22.34 29.38 -10.72
N MET C 223 -22.88 29.47 -11.94
CA MET C 223 -22.63 30.64 -12.78
C MET C 223 -23.18 31.92 -12.15
N ALA C 224 -24.40 31.85 -11.59
CA ALA C 224 -24.98 33.00 -10.92
C ALA C 224 -24.23 33.33 -9.64
N GLN C 225 -23.77 32.31 -8.91
CA GLN C 225 -23.06 32.54 -7.64
C GLN C 225 -21.69 33.17 -7.88
N ILE C 226 -21.05 32.86 -9.01
CA ILE C 226 -19.80 33.54 -9.33
C ILE C 226 -20.08 34.95 -9.85
N ARG C 227 -21.00 35.06 -10.83
CA ARG C 227 -21.29 36.32 -11.51
C ARG C 227 -21.87 37.37 -10.57
N GLU C 228 -22.52 36.97 -9.48
CA GLU C 228 -23.05 37.92 -8.51
C GLU C 228 -21.93 38.73 -7.85
N MET C 229 -20.99 38.04 -7.19
CA MET C 229 -19.89 38.75 -6.55
C MET C 229 -18.85 39.27 -7.54
N VAL C 230 -18.87 38.82 -8.80
CA VAL C 230 -18.01 39.46 -9.79
C VAL C 230 -18.62 40.76 -10.32
N GLU C 231 -19.91 40.79 -10.64
CA GLU C 231 -20.53 41.89 -11.37
C GLU C 231 -21.21 42.92 -10.47
N LEU C 232 -21.89 42.50 -9.41
CA LEU C 232 -22.66 43.44 -8.59
C LEU C 232 -21.83 44.45 -7.81
N PRO C 233 -20.63 44.13 -7.22
CA PRO C 233 -19.84 45.22 -6.60
C PRO C 233 -19.05 46.07 -7.59
N LEU C 234 -19.28 45.89 -8.89
CA LEU C 234 -18.64 46.70 -9.91
C LEU C 234 -19.61 47.56 -10.72
N ARG C 235 -20.83 47.09 -10.95
CA ARG C 235 -21.81 47.90 -11.67
C ARG C 235 -22.37 49.00 -10.77
N HIS C 236 -23.00 48.61 -9.67
CA HIS C 236 -23.57 49.57 -8.74
C HIS C 236 -23.34 49.13 -7.30
N PRO C 237 -22.45 49.80 -6.57
CA PRO C 237 -22.23 49.46 -5.15
C PRO C 237 -23.16 50.16 -4.18
N GLN C 238 -24.25 50.76 -4.65
CA GLN C 238 -25.17 51.48 -3.77
C GLN C 238 -25.94 50.53 -2.86
N LEU C 239 -26.19 49.31 -3.32
CA LEU C 239 -26.85 48.32 -2.48
C LEU C 239 -25.98 47.91 -1.30
N PHE C 240 -24.67 47.73 -1.54
CA PHE C 240 -23.74 47.43 -0.46
C PHE C 240 -23.43 48.63 0.41
N LYS C 241 -23.51 49.85 -0.13
CA LYS C 241 -23.36 51.04 0.70
C LYS C 241 -24.60 51.29 1.56
N ALA C 242 -25.78 50.87 1.11
CA ALA C 242 -26.99 51.01 1.90
C ALA C 242 -27.14 49.89 2.94
N ILE C 243 -26.74 48.67 2.59
CA ILE C 243 -26.86 47.56 3.53
C ILE C 243 -25.71 47.56 4.54
N GLY C 244 -24.63 48.29 4.25
CA GLY C 244 -23.53 48.47 5.17
C GLY C 244 -22.47 47.37 5.14
N ILE C 245 -22.86 46.12 4.88
CA ILE C 245 -21.93 45.01 4.93
C ILE C 245 -21.13 44.96 3.63
N LYS C 246 -19.97 44.28 3.69
CA LYS C 246 -19.09 44.11 2.55
C LYS C 246 -19.35 42.78 1.86
N PRO C 247 -19.26 42.73 0.53
CA PRO C 247 -19.55 41.47 -0.19
C PRO C 247 -18.42 40.48 -0.03
N PRO C 248 -18.69 39.19 -0.22
CA PRO C 248 -17.61 38.19 -0.19
C PRO C 248 -16.66 38.34 -1.37
N ARG C 249 -15.39 38.07 -1.12
CA ARG C 249 -14.33 38.27 -2.10
C ARG C 249 -13.49 37.00 -2.24
N GLY C 250 -14.14 35.86 -2.39
CA GLY C 250 -13.43 34.61 -2.58
C GLY C 250 -14.23 33.53 -3.27
N VAL C 251 -13.66 32.95 -4.33
CA VAL C 251 -14.28 31.87 -5.08
C VAL C 251 -13.33 30.69 -5.09
N LEU C 252 -13.85 29.50 -4.76
CA LEU C 252 -13.11 28.26 -4.85
C LEU C 252 -13.92 27.29 -5.71
N MET C 253 -13.51 27.12 -6.96
CA MET C 253 -14.21 26.26 -7.90
C MET C 253 -13.58 24.87 -7.88
N TYR C 254 -14.27 23.92 -7.24
CA TYR C 254 -13.80 22.55 -7.14
C TYR C 254 -14.78 21.62 -7.84
N GLY C 255 -14.29 20.43 -8.20
CA GLY C 255 -15.11 19.44 -8.85
C GLY C 255 -14.31 18.47 -9.69
N PRO C 256 -14.97 17.71 -10.55
CA PRO C 256 -14.27 16.79 -11.45
C PRO C 256 -13.54 17.56 -12.53
N PRO C 257 -12.45 16.99 -13.08
CA PRO C 257 -11.73 17.69 -14.15
C PRO C 257 -12.51 17.69 -15.46
N GLY C 258 -12.41 18.82 -16.17
CA GLY C 258 -13.14 19.00 -17.40
C GLY C 258 -14.58 19.35 -17.18
N THR C 259 -14.83 20.46 -16.49
CA THR C 259 -16.19 20.88 -16.16
C THR C 259 -16.48 22.32 -16.55
N GLY C 260 -15.48 23.20 -16.58
CA GLY C 260 -15.72 24.55 -17.04
C GLY C 260 -15.21 25.65 -16.12
N LYS C 261 -14.34 25.31 -15.17
CA LYS C 261 -13.80 26.33 -14.27
C LYS C 261 -12.80 27.26 -14.97
N THR C 262 -11.95 26.70 -15.84
CA THR C 262 -11.04 27.52 -16.63
C THR C 262 -11.79 28.35 -17.66
N LEU C 263 -12.87 27.79 -18.23
CA LEU C 263 -13.70 28.54 -19.16
C LEU C 263 -14.44 29.67 -18.46
N MET C 264 -14.86 29.44 -17.21
CA MET C 264 -15.51 30.49 -16.42
C MET C 264 -14.52 31.60 -16.08
N ALA C 265 -13.29 31.24 -15.72
CA ALA C 265 -12.26 32.24 -15.45
C ALA C 265 -11.89 33.02 -16.71
N ARG C 266 -11.88 32.34 -17.86
CA ARG C 266 -11.59 33.03 -19.12
C ARG C 266 -12.72 33.97 -19.53
N ALA C 267 -13.97 33.60 -19.28
CA ALA C 267 -15.09 34.49 -19.58
C ALA C 267 -15.11 35.69 -18.64
N VAL C 268 -14.76 35.47 -17.37
CA VAL C 268 -14.63 36.57 -16.41
C VAL C 268 -13.51 37.52 -16.84
N ALA C 269 -12.38 36.96 -17.30
CA ALA C 269 -11.30 37.79 -17.80
C ALA C 269 -11.63 38.50 -19.10
N ASN C 270 -12.55 37.96 -19.90
CA ASN C 270 -12.84 38.51 -21.21
C ASN C 270 -13.97 39.53 -21.24
N GLU C 271 -14.97 39.41 -20.35
CA GLU C 271 -16.06 40.38 -20.39
C GLU C 271 -15.98 41.45 -19.31
N THR C 272 -15.53 41.12 -18.11
CA THR C 272 -15.44 42.10 -17.03
C THR C 272 -14.29 43.06 -17.30
N GLY C 273 -14.60 44.35 -17.33
CA GLY C 273 -13.68 45.41 -17.69
C GLY C 273 -12.68 45.81 -16.62
N ALA C 274 -12.64 45.12 -15.50
CA ALA C 274 -11.63 45.38 -14.49
C ALA C 274 -10.29 44.77 -14.92
N PHE C 275 -9.25 45.08 -14.16
CA PHE C 275 -7.93 44.52 -14.42
C PHE C 275 -7.91 43.05 -14.05
N PHE C 276 -7.17 42.25 -14.82
CA PHE C 276 -7.06 40.83 -14.59
C PHE C 276 -5.60 40.43 -14.43
N PHE C 277 -5.38 39.40 -13.62
CA PHE C 277 -4.05 38.86 -13.41
C PHE C 277 -4.17 37.37 -13.13
N LEU C 278 -3.65 36.55 -14.03
CA LEU C 278 -3.71 35.10 -13.88
C LEU C 278 -2.40 34.60 -13.31
N ILE C 279 -2.50 33.72 -12.32
CA ILE C 279 -1.34 33.12 -11.66
C ILE C 279 -1.46 31.60 -11.81
N ASN C 280 -0.45 30.98 -12.40
CA ASN C 280 -0.41 29.53 -12.51
C ASN C 280 0.06 28.96 -11.17
N GLY C 281 -0.03 27.64 -11.02
CA GLY C 281 0.31 26.99 -9.77
C GLY C 281 1.78 27.02 -9.45
N PRO C 282 2.58 26.23 -10.17
CA PRO C 282 4.04 26.30 -9.98
C PRO C 282 4.71 27.28 -10.93
N GLU C 283 4.23 28.53 -10.96
CA GLU C 283 4.86 29.54 -11.79
C GLU C 283 5.68 30.55 -10.98
N VAL C 284 5.35 30.74 -9.70
CA VAL C 284 6.10 31.67 -8.88
C VAL C 284 7.34 31.03 -8.26
N MET C 285 7.46 29.70 -8.31
CA MET C 285 8.56 28.99 -7.67
C MET C 285 9.87 29.24 -8.38
N SER C 286 10.87 29.69 -7.64
CA SER C 286 12.19 29.98 -8.16
C SER C 286 13.24 29.30 -7.29
N LYS C 287 14.44 29.16 -7.86
CA LYS C 287 15.51 28.43 -7.16
C LYS C 287 16.16 29.27 -6.06
N MET C 288 15.96 30.59 -6.08
CA MET C 288 16.55 31.44 -5.06
C MET C 288 15.76 31.31 -3.75
N ALA C 289 16.49 31.43 -2.64
CA ALA C 289 15.88 31.35 -1.31
C ALA C 289 15.16 32.65 -1.02
N GLY C 290 13.83 32.61 -0.99
CA GLY C 290 13.03 33.78 -0.74
C GLY C 290 12.60 34.54 -1.98
N GLU C 291 12.46 33.87 -3.13
CA GLU C 291 12.08 34.52 -4.37
C GLU C 291 10.62 34.27 -4.75
N SER C 292 10.06 33.13 -4.35
CA SER C 292 8.66 32.82 -4.68
C SER C 292 7.71 33.71 -3.89
N GLU C 293 8.01 33.96 -2.62
CA GLU C 293 7.20 34.84 -1.80
C GLU C 293 7.32 36.29 -2.28
N SER C 294 8.50 36.69 -2.74
CA SER C 294 8.67 38.01 -3.35
C SER C 294 7.90 38.12 -4.66
N ASN C 295 7.85 37.04 -5.45
CA ASN C 295 7.07 37.06 -6.68
C ASN C 295 5.58 37.15 -6.39
N LEU C 296 5.12 36.46 -5.35
CA LEU C 296 3.70 36.55 -4.95
C LEU C 296 3.37 37.94 -4.43
N ARG C 297 4.29 38.55 -3.67
CA ARG C 297 4.08 39.91 -3.17
C ARG C 297 4.06 40.92 -4.31
N LYS C 298 4.95 40.77 -5.29
CA LYS C 298 4.96 41.66 -6.45
C LYS C 298 3.72 41.49 -7.31
N ALA C 299 3.21 40.25 -7.44
CA ALA C 299 1.98 40.01 -8.19
C ALA C 299 0.78 40.63 -7.50
N PHE C 300 0.69 40.49 -6.17
CA PHE C 300 -0.43 41.09 -5.44
C PHE C 300 -0.35 42.61 -5.42
N GLU C 301 0.85 43.18 -5.29
CA GLU C 301 0.98 44.63 -5.34
C GLU C 301 0.74 45.19 -6.73
N GLU C 302 1.04 44.41 -7.78
CA GLU C 302 0.70 44.84 -9.13
C GLU C 302 -0.79 44.77 -9.37
N ALA C 303 -1.46 43.76 -8.81
CA ALA C 303 -2.92 43.67 -8.94
C ALA C 303 -3.63 44.73 -8.12
N GLU C 304 -3.04 45.15 -7.01
CA GLU C 304 -3.67 46.16 -6.16
C GLU C 304 -3.32 47.59 -6.60
N LYS C 305 -2.19 47.77 -7.30
CA LYS C 305 -1.74 49.11 -7.63
C LYS C 305 -2.55 49.73 -8.76
N ASN C 306 -2.92 48.94 -9.77
CA ASN C 306 -3.54 49.48 -10.97
C ASN C 306 -4.99 49.89 -10.74
N ALA C 307 -5.83 48.93 -10.36
CA ALA C 307 -7.27 49.13 -10.29
C ALA C 307 -7.86 48.10 -9.34
N PRO C 308 -9.14 48.21 -8.95
CA PRO C 308 -9.82 47.04 -8.36
C PRO C 308 -9.85 45.89 -9.35
N ALA C 309 -9.14 44.82 -9.02
CA ALA C 309 -8.79 43.79 -9.99
C ALA C 309 -9.28 42.42 -9.51
N ILE C 310 -9.16 41.45 -10.41
CA ILE C 310 -9.51 40.06 -10.14
C ILE C 310 -8.25 39.21 -10.31
N ILE C 311 -7.97 38.38 -9.31
CA ILE C 311 -6.79 37.53 -9.31
C ILE C 311 -7.26 36.09 -9.43
N PHE C 312 -6.81 35.40 -10.48
CA PHE C 312 -7.15 34.00 -10.70
C PHE C 312 -5.90 33.16 -10.47
N ILE C 313 -5.85 32.48 -9.33
CA ILE C 313 -4.75 31.58 -9.01
C ILE C 313 -5.22 30.17 -9.36
N ASP C 314 -4.70 29.63 -10.46
CA ASP C 314 -5.09 28.31 -10.94
C ASP C 314 -4.19 27.24 -10.35
N GLU C 315 -4.79 26.07 -10.08
CA GLU C 315 -4.11 24.87 -9.58
C GLU C 315 -3.38 25.15 -8.25
N ILE C 316 -4.19 25.41 -7.23
CA ILE C 316 -3.69 25.80 -5.91
C ILE C 316 -3.29 24.58 -5.08
N ASP C 317 -3.34 23.39 -5.67
CA ASP C 317 -2.88 22.18 -5.01
C ASP C 317 -1.37 22.01 -5.04
N SER C 318 -0.65 22.92 -5.71
CA SER C 318 0.80 22.88 -5.77
C SER C 318 1.47 23.93 -4.90
N ILE C 319 0.71 24.89 -4.36
CA ILE C 319 1.27 25.93 -3.50
C ILE C 319 0.54 25.93 -2.15
N ALA C 320 -0.13 24.82 -1.83
CA ALA C 320 -0.80 24.70 -0.55
C ALA C 320 -0.86 23.25 -0.08
N PRO C 321 0.26 22.67 0.39
CA PRO C 321 0.22 21.28 0.85
C PRO C 321 -0.12 21.14 2.32
N LYS C 322 -1.16 21.85 2.78
CA LYS C 322 -1.83 21.68 4.08
C LYS C 322 -0.99 21.95 5.32
N ARG C 323 0.29 22.30 5.15
CA ARG C 323 1.26 22.70 6.18
C ARG C 323 1.59 21.57 7.18
N ASP C 324 1.03 20.38 7.02
CA ASP C 324 1.26 19.29 7.96
C ASP C 324 1.80 18.03 7.30
N LYS C 325 1.32 17.70 6.10
CA LYS C 325 1.81 16.51 5.40
C LYS C 325 3.07 16.79 4.61
N THR C 326 3.39 18.06 4.35
CA THR C 326 4.60 18.40 3.62
C THR C 326 5.82 18.31 4.53
N ASN C 327 7.01 18.33 3.90
CA ASN C 327 8.26 18.23 4.62
C ASN C 327 9.24 19.35 4.32
N GLY C 328 9.02 20.15 3.28
CA GLY C 328 9.93 21.22 2.93
C GLY C 328 9.73 22.47 3.77
N GLU C 329 10.38 23.55 3.33
CA GLU C 329 10.31 24.83 4.03
C GLU C 329 9.77 25.90 3.09
N VAL C 330 10.10 25.77 1.80
CA VAL C 330 9.64 26.73 0.80
C VAL C 330 8.13 26.65 0.63
N GLU C 331 7.56 25.44 0.72
CA GLU C 331 6.11 25.28 0.61
C GLU C 331 5.39 25.91 1.81
N ARG C 332 5.95 25.71 3.01
CA ARG C 332 5.37 26.32 4.21
C ARG C 332 5.48 27.84 4.18
N ARG C 333 6.59 28.36 3.67
CA ARG C 333 6.75 29.81 3.57
C ARG C 333 5.84 30.40 2.50
N VAL C 334 5.59 29.67 1.41
CA VAL C 334 4.62 30.12 0.40
C VAL C 334 3.20 30.11 0.96
N VAL C 335 2.87 29.09 1.75
CA VAL C 335 1.57 29.02 2.43
C VAL C 335 1.41 30.17 3.40
N SER C 336 2.45 30.49 4.17
CA SER C 336 2.39 31.61 5.11
C SER C 336 2.32 32.95 4.39
N GLN C 337 3.00 33.08 3.25
CA GLN C 337 2.91 34.31 2.45
C GLN C 337 1.49 34.50 1.90
N LEU C 338 0.87 33.42 1.43
CA LEU C 338 -0.50 33.52 0.94
C LEU C 338 -1.48 33.83 2.07
N LEU C 339 -1.28 33.20 3.24
CA LEU C 339 -2.19 33.40 4.36
C LEU C 339 -2.04 34.80 4.97
N THR C 340 -0.85 35.38 4.93
CA THR C 340 -0.65 36.73 5.41
C THR C 340 -1.11 37.77 4.39
N LEU C 341 -0.81 37.56 3.11
CA LEU C 341 -1.13 38.54 2.08
C LEU C 341 -2.60 38.51 1.67
N MET C 342 -3.32 37.43 2.00
CA MET C 342 -4.74 37.37 1.68
C MET C 342 -5.63 37.93 2.77
N ASP C 343 -5.26 37.74 4.05
CA ASP C 343 -6.06 38.28 5.14
C ASP C 343 -5.13 38.55 6.32
N GLY C 344 -4.78 39.81 6.51
CA GLY C 344 -3.97 40.26 7.63
C GLY C 344 -4.18 41.74 7.89
N MET C 345 -3.10 42.45 8.22
CA MET C 345 -3.15 43.89 8.32
C MET C 345 -2.96 44.52 6.95
N LYS C 346 -3.79 45.53 6.66
CA LYS C 346 -4.05 46.16 5.35
C LYS C 346 -4.04 45.14 4.20
N ALA C 347 -4.89 44.11 4.34
CA ALA C 347 -4.85 42.92 3.49
C ALA C 347 -5.19 43.18 2.03
N ARG C 348 -6.43 43.58 1.75
CA ARG C 348 -6.91 43.62 0.38
C ARG C 348 -7.77 44.87 0.20
N SER C 349 -7.36 45.75 -0.71
CA SER C 349 -8.12 46.97 -0.99
C SER C 349 -8.90 46.78 -2.28
N ASN C 350 -10.12 46.22 -2.13
CA ASN C 350 -11.11 46.04 -3.19
C ASN C 350 -10.59 45.15 -4.33
N VAL C 351 -10.08 43.97 -3.96
CA VAL C 351 -9.67 42.96 -4.92
C VAL C 351 -10.26 41.63 -4.50
N VAL C 352 -10.54 40.79 -5.50
CA VAL C 352 -11.22 39.51 -5.30
C VAL C 352 -10.34 38.41 -5.90
N VAL C 353 -10.19 37.31 -5.17
CA VAL C 353 -9.38 36.18 -5.59
C VAL C 353 -10.28 35.02 -5.99
N ILE C 354 -9.96 34.38 -7.10
CA ILE C 354 -10.67 33.20 -7.60
C ILE C 354 -9.66 32.06 -7.72
N ALA C 355 -10.02 30.89 -7.22
CA ALA C 355 -9.15 29.72 -7.30
C ALA C 355 -9.89 28.58 -7.98
N ALA C 356 -9.11 27.70 -8.61
CA ALA C 356 -9.63 26.52 -9.28
C ALA C 356 -8.77 25.32 -8.90
N THR C 357 -9.43 24.20 -8.61
CA THR C 357 -8.73 23.02 -8.13
C THR C 357 -9.45 21.77 -8.59
N ASN C 358 -8.71 20.67 -8.69
CA ASN C 358 -9.30 19.37 -9.00
C ASN C 358 -9.65 18.58 -7.74
N ARG C 359 -8.98 18.86 -6.63
CA ARG C 359 -9.31 18.24 -5.35
C ARG C 359 -9.38 19.31 -4.26
N PRO C 360 -10.50 19.39 -3.53
CA PRO C 360 -10.62 20.44 -2.51
C PRO C 360 -10.09 20.02 -1.14
N ASN C 361 -9.77 18.74 -0.98
CA ASN C 361 -9.40 18.22 0.33
C ASN C 361 -7.95 18.49 0.68
N SER C 362 -7.07 18.59 -0.30
CA SER C 362 -5.65 18.87 -0.04
C SER C 362 -5.36 20.37 -0.07
N ILE C 363 -6.18 21.13 0.66
CA ILE C 363 -6.04 22.58 0.81
C ILE C 363 -5.99 22.85 2.31
N ASP C 364 -5.24 23.88 2.70
CA ASP C 364 -5.13 24.27 4.10
C ASP C 364 -6.48 24.78 4.61
N PRO C 365 -6.95 24.29 5.77
CA PRO C 365 -8.20 24.82 6.34
C PRO C 365 -8.12 26.28 6.76
N ALA C 366 -6.92 26.82 6.98
CA ALA C 366 -6.77 28.26 7.14
C ALA C 366 -6.93 29.02 5.83
N LEU C 367 -6.63 28.37 4.70
CA LEU C 367 -6.90 28.94 3.39
C LEU C 367 -8.33 28.72 2.93
N ARG C 368 -9.04 27.77 3.53
CA ARG C 368 -10.45 27.53 3.26
C ARG C 368 -11.36 28.31 4.19
N ARG C 369 -10.92 29.47 4.66
CA ARG C 369 -11.58 30.26 5.68
C ARG C 369 -12.31 31.45 5.05
N PHE C 370 -13.13 32.12 5.85
CA PHE C 370 -13.82 33.32 5.40
C PHE C 370 -12.83 34.48 5.23
N GLY C 371 -13.03 35.25 4.17
CA GLY C 371 -12.14 36.35 3.88
C GLY C 371 -11.15 36.01 2.79
N ARG C 372 -10.68 34.77 2.77
CA ARG C 372 -9.74 34.32 1.75
C ARG C 372 -10.46 33.52 0.67
N PHE C 373 -11.09 32.42 1.06
CA PHE C 373 -11.86 31.54 0.16
C PHE C 373 -13.07 31.06 0.94
N ASP C 374 -14.18 31.77 0.83
CA ASP C 374 -15.35 31.53 1.68
C ASP C 374 -16.48 30.80 0.97
N ARG C 375 -16.93 31.28 -0.18
CA ARG C 375 -18.01 30.64 -0.92
C ARG C 375 -17.41 29.64 -1.91
N GLU C 376 -17.63 28.36 -1.65
CA GLU C 376 -17.11 27.29 -2.47
C GLU C 376 -18.21 26.77 -3.39
N VAL C 377 -18.17 27.18 -4.65
CA VAL C 377 -19.13 26.71 -5.63
C VAL C 377 -18.74 25.29 -6.06
N ASP C 378 -19.73 24.51 -6.47
CA ASP C 378 -19.55 23.10 -6.82
C ASP C 378 -20.02 22.91 -8.26
N ILE C 379 -19.11 23.17 -9.20
CA ILE C 379 -19.41 22.98 -10.62
C ILE C 379 -19.22 21.49 -10.90
N GLY C 380 -20.32 20.73 -10.85
CA GLY C 380 -20.27 19.29 -10.89
C GLY C 380 -20.77 18.70 -12.20
N ILE C 381 -21.16 17.43 -12.11
CA ILE C 381 -21.61 16.67 -13.29
C ILE C 381 -22.96 17.19 -13.74
N PRO C 382 -23.13 17.57 -15.01
CA PRO C 382 -24.40 18.17 -15.44
C PRO C 382 -25.53 17.16 -15.60
N ASP C 383 -26.67 17.64 -16.10
CA ASP C 383 -27.87 16.86 -16.29
C ASP C 383 -28.20 16.79 -17.79
N ALA C 384 -29.41 16.31 -18.10
CA ALA C 384 -29.83 16.18 -19.49
C ALA C 384 -29.97 17.54 -20.15
N THR C 385 -30.59 18.50 -19.47
CA THR C 385 -30.69 19.85 -20.01
C THR C 385 -29.35 20.57 -20.05
N GLY C 386 -28.43 20.24 -19.14
CA GLY C 386 -27.10 20.84 -19.20
C GLY C 386 -26.30 20.31 -20.38
N ARG C 387 -26.39 18.99 -20.63
CA ARG C 387 -25.73 18.42 -21.80
C ARG C 387 -26.37 18.90 -23.10
N LEU C 388 -27.69 19.15 -23.09
CA LEU C 388 -28.35 19.74 -24.25
C LEU C 388 -27.88 21.17 -24.48
N GLU C 389 -27.66 21.93 -23.40
CA GLU C 389 -27.13 23.28 -23.54
C GLU C 389 -25.70 23.28 -24.07
N VAL C 390 -24.88 22.33 -23.61
CA VAL C 390 -23.50 22.22 -24.10
C VAL C 390 -23.49 21.79 -25.57
N LEU C 391 -24.41 20.89 -25.95
CA LEU C 391 -24.52 20.48 -27.35
C LEU C 391 -24.99 21.62 -28.24
N ARG C 392 -25.93 22.44 -27.76
CA ARG C 392 -26.39 23.58 -28.54
C ARG C 392 -25.36 24.70 -28.59
N ILE C 393 -24.48 24.78 -27.59
CA ILE C 393 -23.42 25.78 -27.61
C ILE C 393 -22.30 25.36 -28.56
N HIS C 394 -21.87 24.10 -28.49
CA HIS C 394 -20.74 23.63 -29.29
C HIS C 394 -21.10 23.36 -30.75
N THR C 395 -22.37 23.30 -31.09
CA THR C 395 -22.77 23.04 -32.48
C THR C 395 -23.56 24.22 -33.05
N LYS C 396 -23.11 25.44 -32.75
CA LYS C 396 -23.76 26.63 -33.27
C LYS C 396 -22.91 27.37 -34.30
N ASN C 397 -21.66 26.96 -34.50
CA ASN C 397 -20.79 27.57 -35.49
C ASN C 397 -20.54 26.69 -36.70
N MET C 398 -20.93 25.43 -36.66
CA MET C 398 -20.71 24.50 -37.76
C MET C 398 -21.96 24.37 -38.62
N LYS C 399 -21.75 24.16 -39.91
CA LYS C 399 -22.85 23.82 -40.82
C LYS C 399 -23.20 22.36 -40.59
N LEU C 400 -24.14 22.11 -39.69
CA LEU C 400 -24.33 20.75 -39.20
C LEU C 400 -25.14 19.89 -40.16
N ALA C 401 -26.44 20.18 -40.29
CA ALA C 401 -27.36 19.34 -41.04
C ALA C 401 -28.74 19.99 -41.19
N ASP C 402 -29.67 19.23 -41.76
CA ASP C 402 -31.09 19.54 -41.71
C ASP C 402 -31.90 18.39 -41.11
N ASP C 403 -31.21 17.38 -40.56
CA ASP C 403 -31.89 16.20 -40.04
C ASP C 403 -31.30 15.68 -38.74
N VAL C 404 -30.37 16.41 -38.10
CA VAL C 404 -29.74 15.96 -36.88
C VAL C 404 -30.43 16.62 -35.69
N ASP C 405 -30.92 15.80 -34.76
CA ASP C 405 -31.53 16.29 -33.54
C ASP C 405 -30.55 16.13 -32.38
N LEU C 406 -30.61 17.06 -31.44
CA LEU C 406 -29.71 17.06 -30.29
C LEU C 406 -30.37 16.54 -29.02
N GLU C 407 -31.70 16.37 -29.01
CA GLU C 407 -32.39 15.89 -27.82
C GLU C 407 -32.08 14.42 -27.54
N ALA C 408 -32.10 13.57 -28.58
CA ALA C 408 -31.73 12.18 -28.40
C ALA C 408 -30.25 12.02 -28.10
N LEU C 409 -29.41 12.92 -28.63
CA LEU C 409 -27.98 12.87 -28.33
C LEU C 409 -27.72 13.27 -26.88
N ALA C 410 -28.47 14.24 -26.37
CA ALA C 410 -28.35 14.63 -24.97
C ALA C 410 -29.00 13.65 -24.01
N ALA C 411 -29.98 12.87 -24.47
CA ALA C 411 -30.62 11.86 -23.63
C ALA C 411 -29.87 10.54 -23.60
N GLU C 412 -29.22 10.15 -24.69
CA GLU C 412 -28.44 8.92 -24.71
C GLU C 412 -27.04 9.09 -24.15
N THR C 413 -26.57 10.33 -23.99
CA THR C 413 -25.32 10.59 -23.30
C THR C 413 -25.59 10.65 -21.80
N HIS C 414 -24.88 9.83 -21.02
CA HIS C 414 -25.23 9.62 -19.62
C HIS C 414 -24.20 10.17 -18.64
N GLY C 415 -22.95 9.74 -18.75
CA GLY C 415 -21.98 10.09 -17.73
C GLY C 415 -20.84 10.96 -18.21
N TYR C 416 -21.09 11.81 -19.20
CA TYR C 416 -20.05 12.67 -19.73
C TYR C 416 -19.85 13.86 -18.80
N VAL C 417 -18.59 14.27 -18.63
CA VAL C 417 -18.24 15.31 -17.67
C VAL C 417 -18.51 16.72 -18.19
N GLY C 418 -18.97 16.86 -19.42
CA GLY C 418 -19.19 18.17 -20.02
C GLY C 418 -18.09 18.64 -20.93
N ALA C 419 -16.89 18.10 -20.81
CA ALA C 419 -15.78 18.42 -21.69
C ALA C 419 -15.55 17.34 -22.74
N ASP C 420 -16.28 16.23 -22.66
CA ASP C 420 -16.22 15.20 -23.68
C ASP C 420 -17.24 15.40 -24.79
N ILE C 421 -18.16 16.37 -24.61
CA ILE C 421 -19.12 16.69 -25.67
C ILE C 421 -18.40 17.33 -26.85
N ALA C 422 -17.43 18.20 -26.58
CA ALA C 422 -16.63 18.80 -27.65
C ALA C 422 -15.77 17.75 -28.35
N SER C 423 -15.29 16.76 -27.59
CA SER C 423 -14.58 15.64 -28.20
C SER C 423 -15.50 14.79 -29.06
N LEU C 424 -16.77 14.63 -28.65
CA LEU C 424 -17.75 13.92 -29.46
C LEU C 424 -18.01 14.64 -30.78
N CYS C 425 -18.21 15.96 -30.74
CA CYS C 425 -18.45 16.72 -31.97
C CYS C 425 -17.21 16.78 -32.85
N SER C 426 -16.01 16.84 -32.23
CA SER C 426 -14.78 16.84 -33.02
C SER C 426 -14.55 15.48 -33.68
N GLU C 427 -14.89 14.39 -32.98
CA GLU C 427 -14.77 13.06 -33.58
C GLU C 427 -15.78 12.86 -34.70
N ALA C 428 -16.99 13.40 -34.54
CA ALA C 428 -17.99 13.31 -35.61
C ALA C 428 -17.57 14.13 -36.83
N ALA C 429 -17.02 15.32 -36.63
CA ALA C 429 -16.54 16.13 -37.74
C ALA C 429 -15.34 15.50 -38.43
N MET C 430 -14.43 14.88 -37.65
CA MET C 430 -13.29 14.20 -38.24
C MET C 430 -13.71 12.95 -38.99
N GLN C 431 -14.75 12.25 -38.50
CA GLN C 431 -15.27 11.09 -39.22
C GLN C 431 -15.92 11.50 -40.54
N GLN C 432 -16.64 12.63 -40.55
CA GLN C 432 -17.25 13.12 -41.77
C GLN C 432 -16.18 13.57 -42.77
N ILE C 433 -15.14 14.24 -42.29
CA ILE C 433 -14.04 14.67 -43.15
C ILE C 433 -13.28 13.47 -43.71
N ARG C 434 -13.05 12.44 -42.89
CA ARG C 434 -12.40 11.22 -43.36
C ARG C 434 -13.27 10.45 -44.34
N GLU C 435 -14.60 10.54 -44.21
CA GLU C 435 -15.48 9.93 -45.19
C GLU C 435 -15.46 10.69 -46.51
N LYS C 436 -15.38 12.02 -46.45
CA LYS C 436 -15.35 12.82 -47.67
C LYS C 436 -13.98 12.81 -48.34
N MET C 437 -12.93 12.41 -47.63
CA MET C 437 -11.58 12.45 -48.17
C MET C 437 -11.20 11.20 -48.95
N ASP C 438 -11.87 10.07 -48.71
CA ASP C 438 -11.51 8.81 -49.34
C ASP C 438 -12.18 8.59 -50.69
N LEU C 439 -13.45 8.96 -50.83
CA LEU C 439 -14.15 8.74 -52.10
C LEU C 439 -13.68 9.74 -53.16
N ILE C 440 -13.86 11.03 -52.91
CA ILE C 440 -13.34 12.05 -53.80
C ILE C 440 -11.85 12.21 -53.52
N ASP C 441 -11.07 12.47 -54.58
CA ASP C 441 -9.62 12.57 -54.46
C ASP C 441 -9.24 13.80 -53.64
N LEU C 442 -8.11 13.68 -52.93
CA LEU C 442 -7.74 14.71 -51.95
C LEU C 442 -7.20 15.97 -52.62
N ASP C 443 -6.58 15.83 -53.80
CA ASP C 443 -5.97 16.93 -54.57
C ASP C 443 -4.94 17.68 -53.73
N GLU C 444 -3.85 16.97 -53.43
CA GLU C 444 -2.84 17.40 -52.45
C GLU C 444 -2.14 18.71 -52.82
N ASP C 445 -2.18 19.15 -54.07
CA ASP C 445 -1.64 20.45 -54.42
C ASP C 445 -2.56 21.58 -53.95
N GLU C 446 -3.85 21.49 -54.28
CA GLU C 446 -4.85 22.42 -53.79
C GLU C 446 -6.21 21.73 -53.86
N ILE C 447 -6.96 21.83 -52.77
CA ILE C 447 -8.24 21.16 -52.63
C ILE C 447 -9.29 21.93 -53.44
N ASP C 448 -10.10 21.20 -54.20
CA ASP C 448 -11.15 21.81 -55.00
C ASP C 448 -12.26 22.34 -54.10
N ALA C 449 -12.65 23.59 -54.32
CA ALA C 449 -13.57 24.30 -53.43
C ALA C 449 -15.04 23.97 -53.69
N GLU C 450 -15.34 23.04 -54.61
CA GLU C 450 -16.73 22.68 -54.85
C GLU C 450 -17.28 21.82 -53.71
N VAL C 451 -16.43 20.96 -53.14
CA VAL C 451 -16.88 20.07 -52.07
C VAL C 451 -16.93 20.80 -50.72
N LEU C 452 -16.31 21.97 -50.61
CA LEU C 452 -16.31 22.69 -49.34
C LEU C 452 -17.65 23.35 -49.04
N ASP C 453 -18.44 23.66 -50.06
CA ASP C 453 -19.74 24.29 -49.83
C ASP C 453 -20.81 23.30 -49.35
N SER C 454 -20.61 22.00 -49.58
CA SER C 454 -21.56 20.97 -49.15
C SER C 454 -20.78 19.88 -48.43
N LEU C 455 -20.59 20.05 -47.12
CA LEU C 455 -19.94 19.05 -46.29
C LEU C 455 -20.90 18.46 -45.26
N GLY C 456 -21.46 19.31 -44.39
CA GLY C 456 -22.40 18.87 -43.37
C GLY C 456 -21.86 17.95 -42.31
N VAL C 457 -22.69 17.60 -41.33
CA VAL C 457 -22.41 16.56 -40.35
C VAL C 457 -23.70 15.75 -40.22
N THR C 458 -23.65 14.48 -40.60
CA THR C 458 -24.86 13.66 -40.64
C THR C 458 -25.10 13.02 -39.26
N MET C 459 -26.16 12.22 -39.16
CA MET C 459 -26.55 11.65 -37.87
C MET C 459 -25.80 10.37 -37.57
N ASP C 460 -25.49 9.56 -38.60
CA ASP C 460 -24.73 8.34 -38.37
C ASP C 460 -23.29 8.61 -37.97
N ASN C 461 -22.74 9.78 -38.36
CA ASN C 461 -21.44 10.18 -37.85
C ASN C 461 -21.48 10.43 -36.35
N PHE C 462 -22.54 11.09 -35.87
CA PHE C 462 -22.71 11.29 -34.43
C PHE C 462 -22.97 9.97 -33.70
N ARG C 463 -23.68 9.04 -34.35
CA ARG C 463 -23.92 7.73 -33.73
C ARG C 463 -22.64 6.91 -33.65
N PHE C 464 -21.79 6.99 -34.69
CA PHE C 464 -20.50 6.29 -34.65
C PHE C 464 -19.56 6.94 -33.64
N ALA C 465 -19.61 8.26 -33.50
CA ALA C 465 -18.80 8.94 -32.50
C ALA C 465 -19.29 8.64 -31.09
N LEU C 466 -20.59 8.42 -30.90
CA LEU C 466 -21.10 8.03 -29.60
C LEU C 466 -20.72 6.58 -29.27
N GLY C 467 -20.80 5.70 -30.26
CA GLY C 467 -20.40 4.31 -30.06
C GLY C 467 -18.91 4.09 -29.97
N ASN C 468 -18.10 5.08 -30.40
CA ASN C 468 -16.64 4.97 -30.36
C ASN C 468 -16.04 5.97 -29.37
N SER C 469 -16.66 6.16 -28.22
CA SER C 469 -16.15 7.06 -27.20
C SER C 469 -16.57 6.56 -25.83
N ASN C 470 -16.11 7.27 -24.79
CA ASN C 470 -16.37 6.89 -23.41
C ASN C 470 -16.20 8.13 -22.55
N PRO C 471 -16.80 8.17 -21.35
CA PRO C 471 -16.51 9.28 -20.43
C PRO C 471 -15.06 9.29 -19.98
N SER C 472 -14.56 10.48 -19.67
CA SER C 472 -13.16 10.64 -19.29
C SER C 472 -12.83 10.10 -17.91
N ALA C 473 -13.83 9.84 -17.08
CA ALA C 473 -13.59 9.27 -15.75
C ALA C 473 -13.53 7.76 -15.77
N LEU C 474 -14.15 7.12 -16.76
CA LEU C 474 -14.19 5.66 -16.85
C LEU C 474 -13.26 5.12 -17.94
N ARG C 475 -12.19 5.84 -18.25
CA ARG C 475 -11.24 5.40 -19.28
C ARG C 475 -10.28 4.34 -18.78
N GLU C 476 -10.19 4.13 -17.46
CA GLU C 476 -9.29 3.14 -16.89
C GLU C 476 -9.94 1.79 -16.63
N THR C 477 -11.27 1.75 -16.50
CA THR C 477 -12.01 0.51 -16.29
C THR C 477 -12.88 0.21 -17.50
N VAL C 478 -12.32 0.38 -18.69
CA VAL C 478 -13.05 0.18 -19.94
C VAL C 478 -13.23 -1.32 -20.18
N VAL C 479 -14.45 -1.71 -20.56
CA VAL C 479 -14.73 -3.11 -20.87
C VAL C 479 -14.33 -3.38 -22.31
N GLU C 480 -13.70 -4.54 -22.54
CA GLU C 480 -13.33 -4.93 -23.90
C GLU C 480 -14.58 -5.21 -24.73
N SER C 481 -14.45 -5.00 -26.03
CA SER C 481 -15.60 -5.01 -26.94
C SER C 481 -16.03 -6.44 -27.22
N VAL C 482 -17.00 -6.92 -26.44
CA VAL C 482 -17.65 -8.20 -26.72
C VAL C 482 -18.83 -7.94 -27.65
N ASN C 483 -19.19 -8.96 -28.43
CA ASN C 483 -20.23 -8.84 -29.45
C ASN C 483 -21.27 -9.94 -29.25
N VAL C 484 -22.29 -9.65 -28.44
CA VAL C 484 -23.44 -10.52 -28.28
C VAL C 484 -24.71 -9.70 -28.48
N THR C 485 -25.85 -10.39 -28.40
CA THR C 485 -27.13 -9.82 -28.76
C THR C 485 -28.18 -10.42 -27.83
N TRP C 486 -29.22 -9.65 -27.51
CA TRP C 486 -30.37 -10.18 -26.77
C TRP C 486 -31.05 -11.34 -27.48
N ASP C 487 -30.98 -11.38 -28.82
CA ASP C 487 -31.47 -12.52 -29.60
C ASP C 487 -30.45 -13.66 -29.67
N ASP C 488 -29.23 -13.44 -29.18
CA ASP C 488 -28.22 -14.48 -29.12
C ASP C 488 -28.26 -15.26 -27.81
N VAL C 489 -29.08 -14.83 -26.86
CA VAL C 489 -29.27 -15.54 -25.59
C VAL C 489 -30.64 -16.20 -25.67
N GLY C 490 -30.67 -17.47 -26.10
CA GLY C 490 -31.91 -18.19 -26.23
C GLY C 490 -32.53 -18.54 -24.89
N GLY C 491 -33.86 -18.67 -24.89
CA GLY C 491 -34.61 -18.97 -23.69
C GLY C 491 -34.57 -17.84 -22.68
N LEU C 492 -35.08 -18.17 -21.48
CA LEU C 492 -35.09 -17.29 -20.30
C LEU C 492 -35.79 -15.96 -20.59
N ASP C 493 -37.00 -16.04 -21.16
CA ASP C 493 -37.70 -14.84 -21.60
C ASP C 493 -38.16 -13.99 -20.44
N GLU C 494 -38.63 -14.63 -19.35
CA GLU C 494 -39.05 -13.89 -18.17
C GLU C 494 -37.87 -13.23 -17.49
N ILE C 495 -36.72 -13.92 -17.44
CA ILE C 495 -35.51 -13.35 -16.84
C ILE C 495 -35.00 -12.19 -17.68
N LYS C 496 -35.06 -12.32 -19.01
CA LYS C 496 -34.60 -11.26 -19.89
C LYS C 496 -35.50 -10.02 -19.81
N GLU C 497 -36.82 -10.22 -19.77
CA GLU C 497 -37.71 -9.07 -19.67
C GLU C 497 -37.66 -8.42 -18.28
N GLU C 498 -37.40 -9.22 -17.23
CA GLU C 498 -37.27 -8.64 -15.89
C GLU C 498 -35.97 -7.85 -15.76
N LEU C 499 -34.89 -8.35 -16.36
CA LEU C 499 -33.63 -7.62 -16.36
C LEU C 499 -33.72 -6.34 -17.20
N LYS C 500 -34.43 -6.40 -18.34
CA LYS C 500 -34.62 -5.21 -19.16
C LYS C 500 -35.50 -4.18 -18.46
N GLU C 501 -36.52 -4.64 -17.72
CA GLU C 501 -37.35 -3.74 -16.93
C GLU C 501 -36.53 -3.05 -15.84
N THR C 502 -35.81 -3.84 -15.04
CA THR C 502 -34.99 -3.36 -13.95
C THR C 502 -33.88 -2.42 -14.42
N VAL C 503 -33.34 -2.61 -15.62
CA VAL C 503 -32.32 -1.73 -16.15
C VAL C 503 -32.92 -0.46 -16.75
N GLU C 504 -33.97 -0.56 -17.58
CA GLU C 504 -34.39 0.56 -18.40
C GLU C 504 -35.63 1.29 -17.91
N TYR C 505 -36.18 0.93 -16.74
CA TYR C 505 -37.26 1.78 -16.23
C TYR C 505 -36.78 3.09 -15.56
N PRO C 506 -35.77 3.12 -14.68
CA PRO C 506 -35.32 4.42 -14.18
C PRO C 506 -34.46 5.21 -15.15
N VAL C 507 -34.06 4.62 -16.28
CA VAL C 507 -33.30 5.35 -17.28
C VAL C 507 -34.20 6.10 -18.26
N LEU C 508 -35.22 5.42 -18.79
CA LEU C 508 -36.09 6.02 -19.80
C LEU C 508 -37.23 6.83 -19.22
N HIS C 509 -37.75 6.46 -18.04
CA HIS C 509 -38.86 7.16 -17.41
C HIS C 509 -38.50 7.59 -15.99
N PRO C 510 -37.82 8.74 -15.84
CA PRO C 510 -37.59 9.27 -14.49
C PRO C 510 -38.77 10.07 -13.98
N ASP C 511 -39.65 10.50 -14.90
CA ASP C 511 -40.78 11.34 -14.54
C ASP C 511 -41.84 10.57 -13.75
N GLN C 512 -42.08 9.30 -14.11
CA GLN C 512 -43.01 8.50 -13.34
C GLN C 512 -42.46 8.16 -11.96
N TYR C 513 -41.14 7.96 -11.86
CA TYR C 513 -40.54 7.66 -10.57
C TYR C 513 -40.51 8.89 -9.66
N THR C 514 -40.34 10.09 -10.23
CA THR C 514 -40.41 11.30 -9.42
C THR C 514 -41.85 11.79 -9.21
N LYS C 515 -42.81 11.27 -9.97
CA LYS C 515 -44.21 11.56 -9.69
C LYS C 515 -44.75 10.65 -8.60
N PHE C 516 -44.38 9.37 -8.61
CA PHE C 516 -44.77 8.47 -7.53
C PHE C 516 -43.96 8.72 -6.26
N GLY C 517 -42.82 9.38 -6.37
CA GLY C 517 -42.05 9.74 -5.19
C GLY C 517 -41.33 8.60 -4.53
N LEU C 518 -40.91 7.59 -5.30
CA LEU C 518 -40.24 6.43 -4.76
C LEU C 518 -38.96 6.15 -5.53
N SER C 519 -38.00 5.53 -4.85
CA SER C 519 -36.72 5.17 -5.44
C SER C 519 -36.81 3.82 -6.15
N PRO C 520 -36.18 3.67 -7.30
CA PRO C 520 -36.28 2.41 -8.04
C PRO C 520 -35.38 1.33 -7.47
N SER C 521 -35.74 0.09 -7.79
CA SER C 521 -34.92 -1.05 -7.41
C SER C 521 -33.69 -1.13 -8.32
N LYS C 522 -32.54 -1.47 -7.73
CA LYS C 522 -31.28 -1.41 -8.45
C LYS C 522 -30.54 -2.75 -8.50
N GLY C 523 -30.54 -3.51 -7.42
CA GLY C 523 -29.75 -4.72 -7.37
C GLY C 523 -30.45 -5.94 -7.95
N VAL C 524 -29.63 -6.90 -8.40
CA VAL C 524 -30.10 -8.18 -8.90
C VAL C 524 -28.96 -9.19 -8.78
N LEU C 525 -29.29 -10.41 -8.34
CA LEU C 525 -28.30 -11.46 -8.15
C LEU C 525 -28.68 -12.67 -9.00
N PHE C 526 -27.68 -13.27 -9.64
CA PHE C 526 -27.87 -14.46 -10.46
C PHE C 526 -27.18 -15.64 -9.79
N TYR C 527 -27.94 -16.69 -9.49
CA TYR C 527 -27.39 -17.89 -8.89
C TYR C 527 -28.02 -19.11 -9.55
N GLY C 528 -27.22 -20.17 -9.65
CA GLY C 528 -27.67 -21.38 -10.29
C GLY C 528 -26.51 -22.29 -10.68
N PRO C 529 -26.78 -23.28 -11.52
CA PRO C 529 -25.71 -24.20 -11.94
C PRO C 529 -24.80 -23.52 -12.95
N PRO C 530 -23.53 -23.93 -13.01
CA PRO C 530 -22.61 -23.34 -13.99
C PRO C 530 -22.91 -23.85 -15.40
N GLY C 531 -22.58 -22.99 -16.37
CA GLY C 531 -22.88 -23.29 -17.76
C GLY C 531 -24.34 -23.08 -18.06
N THR C 532 -24.87 -21.92 -17.66
CA THR C 532 -26.29 -21.63 -17.84
C THR C 532 -26.56 -20.31 -18.57
N GLY C 533 -25.72 -19.30 -18.42
CA GLY C 533 -25.93 -18.06 -19.14
C GLY C 533 -25.95 -16.81 -18.28
N LYS C 534 -25.40 -16.89 -17.06
CA LYS C 534 -25.32 -15.73 -16.19
C LYS C 534 -24.30 -14.72 -16.73
N THR C 535 -23.11 -15.20 -17.07
CA THR C 535 -22.10 -14.33 -17.69
C THR C 535 -22.53 -13.91 -19.10
N LEU C 536 -23.29 -14.76 -19.80
CA LEU C 536 -23.83 -14.37 -21.08
C LEU C 536 -24.88 -13.28 -20.94
N LEU C 537 -25.69 -13.34 -19.88
CA LEU C 537 -26.65 -12.27 -19.62
C LEU C 537 -25.94 -10.98 -19.23
N ALA C 538 -24.83 -11.10 -18.50
CA ALA C 538 -24.02 -9.91 -18.18
C ALA C 538 -23.39 -9.31 -19.42
N LYS C 539 -22.96 -10.15 -20.37
CA LYS C 539 -22.39 -9.64 -21.61
C LYS C 539 -23.48 -8.99 -22.49
N ALA C 540 -24.67 -9.59 -22.51
CA ALA C 540 -25.79 -9.01 -23.25
C ALA C 540 -26.25 -7.70 -22.64
N VAL C 541 -26.10 -7.55 -21.32
CA VAL C 541 -26.28 -6.25 -20.69
C VAL C 541 -25.18 -5.29 -21.14
N ALA C 542 -23.93 -5.74 -21.09
CA ALA C 542 -22.79 -4.88 -21.41
C ALA C 542 -22.73 -4.45 -22.87
N THR C 543 -23.47 -5.11 -23.75
CA THR C 543 -23.46 -4.71 -25.16
C THR C 543 -24.42 -3.55 -25.44
N GLU C 544 -25.71 -3.70 -25.07
CA GLU C 544 -26.70 -2.79 -25.61
C GLU C 544 -27.71 -2.27 -24.58
N VAL C 545 -27.31 -1.98 -23.35
CA VAL C 545 -28.19 -1.24 -22.44
C VAL C 545 -27.96 0.25 -22.66
N SER C 546 -28.82 1.07 -22.09
CA SER C 546 -28.70 2.53 -22.15
C SER C 546 -27.99 3.09 -20.92
N ALA C 547 -26.99 2.37 -20.41
CA ALA C 547 -26.20 2.81 -19.28
C ALA C 547 -24.76 2.37 -19.45
N ASN C 548 -23.86 3.01 -18.71
CA ASN C 548 -22.45 2.64 -18.76
C ASN C 548 -22.20 1.35 -18.00
N PHE C 549 -21.11 0.67 -18.34
CA PHE C 549 -20.79 -0.63 -17.77
C PHE C 549 -19.42 -0.59 -17.10
N ILE C 550 -19.36 -1.08 -15.87
CA ILE C 550 -18.11 -1.26 -15.14
C ILE C 550 -18.06 -2.69 -14.62
N SER C 551 -17.09 -3.46 -15.08
CA SER C 551 -16.99 -4.88 -14.75
C SER C 551 -15.73 -5.18 -13.97
N VAL C 552 -15.84 -6.10 -13.03
CA VAL C 552 -14.71 -6.61 -12.25
C VAL C 552 -14.78 -8.12 -12.23
N LYS C 553 -13.66 -8.73 -11.85
CA LYS C 553 -13.61 -10.16 -11.57
C LYS C 553 -13.81 -10.36 -10.07
N GLY C 554 -13.61 -11.58 -9.59
CA GLY C 554 -13.80 -11.89 -8.19
C GLY C 554 -12.75 -11.28 -7.28
N PRO C 555 -11.53 -11.81 -7.31
CA PRO C 555 -10.46 -11.27 -6.46
C PRO C 555 -9.65 -10.16 -7.12
N GLU C 556 -10.19 -9.55 -8.18
CA GLU C 556 -9.44 -8.59 -8.97
C GLU C 556 -9.15 -7.30 -8.21
N LEU C 557 -10.05 -6.91 -7.29
CA LEU C 557 -9.89 -5.67 -6.56
C LEU C 557 -9.22 -5.84 -5.20
N LEU C 558 -8.45 -6.92 -5.02
CA LEU C 558 -7.73 -7.16 -3.77
C LEU C 558 -6.25 -6.86 -3.96
N SER C 559 -5.61 -6.38 -2.90
CA SER C 559 -4.20 -6.02 -2.93
C SER C 559 -3.52 -6.54 -1.67
N MET C 560 -2.19 -6.48 -1.67
CA MET C 560 -1.38 -7.01 -0.59
C MET C 560 -1.13 -5.99 0.52
N TRP C 561 -1.37 -4.71 0.28
CA TRP C 561 -1.14 -3.69 1.29
C TRP C 561 -2.34 -3.60 2.23
N TYR C 562 -2.24 -2.70 3.20
CA TYR C 562 -3.26 -2.53 4.23
C TYR C 562 -4.24 -1.45 3.81
N GLY C 563 -5.45 -1.85 3.42
CA GLY C 563 -6.48 -0.90 3.04
C GLY C 563 -6.50 -0.52 1.58
N GLU C 564 -5.59 -1.06 0.76
CA GLU C 564 -5.60 -0.76 -0.67
C GLU C 564 -6.78 -1.40 -1.38
N SER C 565 -7.24 -2.56 -0.92
CA SER C 565 -8.46 -3.14 -1.48
C SER C 565 -9.68 -2.30 -1.13
N GLU C 566 -9.71 -1.74 0.09
CA GLU C 566 -10.77 -0.82 0.48
C GLU C 566 -10.73 0.46 -0.36
N SER C 567 -9.53 0.97 -0.63
CA SER C 567 -9.40 2.16 -1.47
C SER C 567 -9.82 1.87 -2.91
N ASN C 568 -9.52 0.66 -3.42
CA ASN C 568 -9.96 0.30 -4.76
C ASN C 568 -11.47 0.16 -4.85
N ILE C 569 -12.09 -0.43 -3.82
CA ILE C 569 -13.55 -0.55 -3.77
C ILE C 569 -14.21 0.83 -3.71
N ARG C 570 -13.68 1.72 -2.85
CA ARG C 570 -14.24 3.06 -2.72
C ARG C 570 -14.05 3.89 -3.99
N ASP C 571 -12.89 3.76 -4.65
CA ASP C 571 -12.67 4.50 -5.89
C ASP C 571 -13.54 3.98 -7.03
N ILE C 572 -13.73 2.67 -7.13
CA ILE C 572 -14.54 2.17 -8.24
C ILE C 572 -16.02 2.42 -7.98
N PHE C 573 -16.46 2.47 -6.72
CA PHE C 573 -17.85 2.85 -6.45
C PHE C 573 -18.08 4.34 -6.59
N ASP C 574 -17.09 5.18 -6.28
CA ASP C 574 -17.21 6.61 -6.55
C ASP C 574 -17.20 6.91 -8.03
N LYS C 575 -16.43 6.15 -8.82
CA LYS C 575 -16.48 6.31 -10.27
C LYS C 575 -17.75 5.72 -10.88
N ALA C 576 -18.36 4.73 -10.23
CA ALA C 576 -19.65 4.22 -10.70
C ALA C 576 -20.80 5.17 -10.40
N ARG C 577 -20.79 5.80 -9.21
CA ARG C 577 -21.85 6.71 -8.85
C ARG C 577 -21.60 8.15 -9.31
N ALA C 578 -20.41 8.45 -9.81
CA ALA C 578 -20.14 9.81 -10.30
C ALA C 578 -20.72 10.01 -11.69
N ALA C 579 -20.38 9.13 -12.63
CA ALA C 579 -20.88 9.24 -14.01
C ALA C 579 -22.14 8.41 -14.19
N ALA C 580 -23.12 8.65 -13.32
CA ALA C 580 -24.39 7.94 -13.27
C ALA C 580 -25.23 8.23 -14.51
N PRO C 581 -26.01 7.25 -15.00
CA PRO C 581 -26.18 5.87 -14.51
C PRO C 581 -25.19 4.85 -15.06
N THR C 582 -24.60 4.06 -14.17
CA THR C 582 -23.79 2.91 -14.52
C THR C 582 -24.38 1.66 -13.88
N VAL C 583 -23.98 0.51 -14.42
CA VAL C 583 -24.33 -0.79 -13.86
C VAL C 583 -23.02 -1.54 -13.57
N VAL C 584 -22.91 -2.10 -12.37
CA VAL C 584 -21.69 -2.74 -11.90
C VAL C 584 -21.93 -4.24 -11.88
N PHE C 585 -21.06 -4.99 -12.57
CA PHE C 585 -21.14 -6.45 -12.62
C PHE C 585 -20.13 -7.00 -11.61
N LEU C 586 -20.60 -7.25 -10.39
CA LEU C 586 -19.77 -7.85 -9.35
C LEU C 586 -19.74 -9.36 -9.58
N ASP C 587 -18.78 -9.82 -10.38
CA ASP C 587 -18.63 -11.24 -10.66
C ASP C 587 -17.96 -11.92 -9.48
N GLU C 588 -18.43 -13.15 -9.18
CA GLU C 588 -17.93 -14.01 -8.10
C GLU C 588 -18.07 -13.30 -6.74
N LEU C 589 -19.33 -13.12 -6.36
CA LEU C 589 -19.65 -12.62 -5.02
C LEU C 589 -19.22 -13.59 -3.92
N ASP C 590 -19.09 -14.88 -4.24
CA ASP C 590 -18.47 -15.82 -3.32
C ASP C 590 -17.01 -15.47 -3.06
N SER C 591 -16.30 -14.96 -4.08
CA SER C 591 -14.91 -14.57 -3.90
C SER C 591 -14.79 -13.23 -3.21
N ILE C 592 -15.56 -12.23 -3.64
CA ILE C 592 -15.37 -10.88 -3.11
C ILE C 592 -16.05 -10.72 -1.76
N ALA C 593 -16.97 -11.61 -1.39
CA ALA C 593 -17.75 -11.45 -0.15
C ALA C 593 -18.00 -12.81 0.50
N LYS C 594 -17.31 -13.05 1.63
CA LYS C 594 -17.67 -14.13 2.53
C LYS C 594 -18.76 -13.63 3.47
N ALA C 595 -19.18 -14.43 4.45
CA ALA C 595 -20.24 -13.94 5.32
C ALA C 595 -19.68 -13.02 6.39
N ARG C 596 -18.97 -13.59 7.38
CA ARG C 596 -18.16 -12.88 8.36
C ARG C 596 -17.38 -13.88 9.21
N GLY C 597 -16.08 -13.64 9.40
CA GLY C 597 -15.26 -14.34 10.36
C GLY C 597 -15.19 -15.86 10.21
N GLY C 598 -15.28 -16.37 8.98
CA GLY C 598 -15.34 -17.81 8.78
C GLY C 598 -14.05 -18.55 9.06
N SER C 599 -12.91 -17.85 9.00
CA SER C 599 -11.64 -18.50 9.26
C SER C 599 -11.39 -18.59 10.77
N LEU C 600 -10.85 -19.73 11.20
CA LEU C 600 -10.43 -19.87 12.59
C LEU C 600 -9.22 -18.99 12.87
N GLY C 601 -8.21 -19.05 12.01
CA GLY C 601 -7.10 -18.11 12.05
C GLY C 601 -7.25 -17.08 10.96
N ASP C 602 -7.28 -15.81 11.33
CA ASP C 602 -7.51 -14.75 10.36
C ASP C 602 -6.26 -14.46 9.54
N ALA C 603 -6.48 -13.91 8.35
CA ALA C 603 -5.39 -13.51 7.46
C ALA C 603 -5.03 -12.03 7.59
N GLY C 604 -5.19 -11.47 8.79
CA GLY C 604 -4.98 -10.06 9.03
C GLY C 604 -6.25 -9.27 9.21
N GLY C 605 -7.42 -9.90 9.06
CA GLY C 605 -8.69 -9.21 9.16
C GLY C 605 -8.92 -8.26 7.99
N ALA C 606 -9.02 -8.81 6.78
CA ALA C 606 -9.21 -8.01 5.59
C ALA C 606 -10.46 -8.36 4.80
N SER C 607 -10.86 -9.64 4.76
CA SER C 607 -12.07 -10.02 4.05
C SER C 607 -13.32 -9.47 4.73
N ASP C 608 -13.33 -9.42 6.06
CA ASP C 608 -14.42 -8.79 6.78
C ASP C 608 -14.49 -7.30 6.51
N ARG C 609 -13.33 -6.64 6.35
CA ARG C 609 -13.32 -5.23 6.00
C ARG C 609 -13.79 -5.00 4.57
N VAL C 610 -13.47 -5.91 3.65
CA VAL C 610 -13.98 -5.82 2.28
C VAL C 610 -15.50 -5.99 2.26
N VAL C 611 -16.01 -6.93 3.07
CA VAL C 611 -17.46 -7.14 3.19
C VAL C 611 -18.14 -5.91 3.79
N ASN C 612 -17.52 -5.31 4.81
CA ASN C 612 -18.08 -4.13 5.45
C ASN C 612 -18.08 -2.92 4.51
N GLN C 613 -17.01 -2.76 3.72
CA GLN C 613 -16.96 -1.67 2.76
C GLN C 613 -17.96 -1.88 1.61
N LEU C 614 -18.19 -3.13 1.21
CA LEU C 614 -19.21 -3.42 0.20
C LEU C 614 -20.61 -3.12 0.74
N LEU C 615 -20.86 -3.49 2.00
CA LEU C 615 -22.17 -3.22 2.61
C LEU C 615 -22.39 -1.74 2.83
N THR C 616 -21.32 -0.98 3.09
CA THR C 616 -21.44 0.46 3.25
C THR C 616 -21.61 1.18 1.92
N GLU C 617 -20.90 0.74 0.88
CA GLU C 617 -20.99 1.42 -0.41
C GLU C 617 -22.27 1.07 -1.14
N MET C 618 -22.81 -0.13 -0.94
CA MET C 618 -24.05 -0.50 -1.62
C MET C 618 -25.27 0.11 -0.95
N ASP C 619 -25.23 0.29 0.38
CA ASP C 619 -26.33 0.96 1.09
C ASP C 619 -25.73 1.56 2.37
N GLY C 620 -25.49 2.87 2.33
CA GLY C 620 -24.93 3.58 3.48
C GLY C 620 -25.36 5.01 3.49
N MET C 621 -24.45 5.90 3.89
CA MET C 621 -24.74 7.33 3.95
C MET C 621 -24.25 8.01 2.67
N ASN C 622 -24.94 7.69 1.58
CA ASN C 622 -24.65 8.24 0.26
C ASN C 622 -25.93 8.84 -0.31
N ALA C 623 -25.82 9.34 -1.54
CA ALA C 623 -26.96 9.91 -2.24
C ALA C 623 -27.79 8.87 -2.98
N LYS C 624 -27.15 7.79 -3.46
CA LYS C 624 -27.76 6.67 -4.18
C LYS C 624 -28.51 7.18 -5.43
N LYS C 625 -27.73 7.75 -6.35
CA LYS C 625 -28.29 8.31 -7.57
C LYS C 625 -28.73 7.20 -8.52
N ASN C 626 -27.76 6.43 -9.02
CA ASN C 626 -28.05 5.30 -9.91
C ASN C 626 -26.88 4.34 -9.83
N VAL C 627 -27.02 3.27 -9.03
CA VAL C 627 -25.99 2.24 -8.92
C VAL C 627 -26.62 0.85 -9.00
N PHE C 628 -26.58 0.26 -10.19
CA PHE C 628 -27.14 -1.07 -10.40
C PHE C 628 -26.05 -2.12 -10.17
N VAL C 629 -26.32 -3.08 -9.28
CA VAL C 629 -25.36 -4.11 -8.92
C VAL C 629 -25.85 -5.45 -9.46
N ILE C 630 -25.12 -6.02 -10.40
CA ILE C 630 -25.41 -7.33 -10.97
C ILE C 630 -24.41 -8.32 -10.39
N GLY C 631 -24.91 -9.35 -9.71
CA GLY C 631 -24.05 -10.37 -9.15
C GLY C 631 -24.30 -11.74 -9.72
N ALA C 632 -23.26 -12.42 -10.19
CA ALA C 632 -23.37 -13.75 -10.77
C ALA C 632 -22.46 -14.69 -10.00
N THR C 633 -23.05 -15.63 -9.27
CA THR C 633 -22.32 -16.62 -8.50
C THR C 633 -22.91 -18.00 -8.74
N ASN C 634 -22.14 -19.02 -8.35
CA ASN C 634 -22.57 -20.41 -8.44
C ASN C 634 -22.42 -21.11 -7.10
N ARG C 635 -22.46 -20.34 -6.01
CA ARG C 635 -22.34 -20.87 -4.66
C ARG C 635 -23.07 -19.94 -3.70
N PRO C 636 -24.38 -20.05 -3.56
CA PRO C 636 -25.14 -19.10 -2.73
C PRO C 636 -25.10 -19.38 -1.24
N ASP C 637 -24.38 -20.43 -0.80
CA ASP C 637 -24.35 -20.74 0.63
C ASP C 637 -23.37 -19.86 1.38
N GLN C 638 -22.30 -19.40 0.71
CA GLN C 638 -21.25 -18.61 1.34
C GLN C 638 -21.44 -17.11 1.11
N ILE C 639 -22.68 -16.66 0.97
CA ILE C 639 -22.98 -15.25 0.75
C ILE C 639 -23.58 -14.67 2.02
N ASP C 640 -23.26 -13.41 2.30
CA ASP C 640 -23.73 -12.74 3.51
C ASP C 640 -25.24 -12.50 3.43
N PRO C 641 -25.99 -12.85 4.48
CA PRO C 641 -27.41 -12.45 4.53
C PRO C 641 -27.62 -10.94 4.62
N ALA C 642 -26.62 -10.19 5.08
CA ALA C 642 -26.69 -8.73 5.04
C ALA C 642 -26.55 -8.16 3.64
N ILE C 643 -25.96 -8.92 2.71
CA ILE C 643 -25.89 -8.47 1.33
C ILE C 643 -26.93 -9.18 0.46
N LEU C 644 -27.62 -10.17 1.03
CA LEU C 644 -28.75 -10.82 0.31
C LEU C 644 -30.03 -10.02 0.60
N ARG C 645 -29.94 -9.02 1.51
CA ARG C 645 -31.06 -8.17 1.97
C ARG C 645 -31.39 -7.04 0.96
N PRO C 646 -32.69 -6.72 0.78
CA PRO C 646 -33.16 -5.64 -0.10
C PRO C 646 -32.47 -4.32 0.22
N GLY C 647 -32.43 -3.45 -0.80
CA GLY C 647 -31.66 -2.24 -0.75
C GLY C 647 -30.28 -2.36 -1.38
N ARG C 648 -29.68 -3.56 -1.31
CA ARG C 648 -28.43 -3.84 -2.00
C ARG C 648 -28.63 -4.87 -3.11
N LEU C 649 -29.18 -6.04 -2.78
CA LEU C 649 -29.47 -7.10 -3.75
C LEU C 649 -30.79 -7.74 -3.32
N ASP C 650 -31.89 -7.24 -3.89
CA ASP C 650 -33.21 -7.72 -3.51
C ASP C 650 -33.71 -8.85 -4.43
N GLN C 651 -33.49 -8.74 -5.73
CA GLN C 651 -33.96 -9.72 -6.69
C GLN C 651 -33.01 -10.90 -6.71
N LEU C 652 -33.43 -12.02 -6.12
CA LEU C 652 -32.65 -13.25 -6.13
C LEU C 652 -33.14 -14.11 -7.28
N ILE C 653 -32.68 -13.76 -8.48
CA ILE C 653 -33.10 -14.44 -9.69
C ILE C 653 -32.39 -15.79 -9.77
N TYR C 654 -33.16 -16.87 -9.86
CA TYR C 654 -32.64 -18.22 -10.02
C TYR C 654 -32.77 -18.60 -11.49
N VAL C 655 -31.63 -18.87 -12.14
CA VAL C 655 -31.61 -19.24 -13.54
C VAL C 655 -31.50 -20.77 -13.60
N PRO C 656 -32.57 -21.49 -13.92
CA PRO C 656 -32.56 -22.94 -13.84
C PRO C 656 -32.03 -23.59 -15.11
N LEU C 657 -32.05 -24.92 -15.10
CA LEU C 657 -31.70 -25.69 -16.29
C LEU C 657 -32.81 -25.54 -17.32
N PRO C 658 -32.47 -25.55 -18.62
CA PRO C 658 -33.50 -25.37 -19.64
C PRO C 658 -34.39 -26.59 -19.80
N ASP C 659 -35.65 -26.33 -20.14
CA ASP C 659 -36.60 -27.38 -20.49
C ASP C 659 -36.50 -27.64 -22.00
N GLU C 660 -37.52 -28.31 -22.55
CA GLU C 660 -37.49 -28.67 -23.97
C GLU C 660 -37.57 -27.45 -24.88
N ASN C 661 -38.45 -26.49 -24.55
CA ASN C 661 -38.60 -25.30 -25.39
C ASN C 661 -37.40 -24.38 -25.28
N ALA C 662 -36.87 -24.20 -24.07
CA ALA C 662 -35.66 -23.40 -23.90
C ALA C 662 -34.45 -24.07 -24.53
N ARG C 663 -34.41 -25.41 -24.50
CA ARG C 663 -33.36 -26.17 -25.18
C ARG C 663 -33.43 -25.99 -26.69
N LEU C 664 -34.64 -26.00 -27.25
CA LEU C 664 -34.82 -25.74 -28.67
C LEU C 664 -34.42 -24.31 -29.04
N SER C 665 -34.72 -23.33 -28.17
CA SER C 665 -34.37 -21.96 -28.50
C SER C 665 -32.88 -21.71 -28.38
N ILE C 666 -32.20 -22.35 -27.42
CA ILE C 666 -30.75 -22.16 -27.35
C ILE C 666 -30.05 -22.95 -28.45
N LEU C 667 -30.65 -24.05 -28.92
CA LEU C 667 -30.10 -24.75 -30.07
C LEU C 667 -30.29 -23.94 -31.35
N ASN C 668 -31.39 -23.19 -31.46
CA ASN C 668 -31.57 -22.32 -32.61
C ASN C 668 -30.75 -21.04 -32.51
N ALA C 669 -30.43 -20.59 -31.30
CA ALA C 669 -29.64 -19.37 -31.10
C ALA C 669 -28.15 -19.60 -31.21
N GLN C 670 -27.65 -20.76 -30.75
CA GLN C 670 -26.25 -21.08 -30.95
C GLN C 670 -25.92 -21.42 -32.40
N LEU C 671 -26.92 -21.82 -33.18
CA LEU C 671 -26.78 -22.08 -34.61
C LEU C 671 -27.35 -20.95 -35.45
N ARG C 672 -27.16 -19.70 -35.01
CA ARG C 672 -27.77 -18.56 -35.70
C ARG C 672 -27.05 -18.24 -37.00
N LYS C 673 -25.72 -18.12 -36.96
CA LYS C 673 -24.93 -17.77 -38.13
C LYS C 673 -24.10 -18.99 -38.54
N THR C 674 -24.73 -19.88 -39.30
CA THR C 674 -24.09 -21.09 -39.82
C THR C 674 -24.95 -21.63 -40.95
N PRO C 675 -24.34 -22.27 -41.95
CA PRO C 675 -25.14 -23.01 -42.93
C PRO C 675 -25.49 -24.40 -42.42
N LEU C 676 -26.73 -24.81 -42.69
CA LEU C 676 -27.25 -26.08 -42.19
C LEU C 676 -28.01 -26.79 -43.30
N GLU C 677 -28.22 -28.08 -43.08
CA GLU C 677 -29.04 -28.87 -44.00
C GLU C 677 -30.52 -28.52 -43.80
N PRO C 678 -31.29 -28.42 -44.89
CA PRO C 678 -32.72 -28.09 -44.73
C PRO C 678 -33.55 -29.19 -44.11
N GLY C 679 -33.07 -30.43 -44.08
CA GLY C 679 -33.82 -31.51 -43.47
C GLY C 679 -33.42 -31.77 -42.04
N LEU C 680 -32.67 -30.86 -41.44
CA LEU C 680 -32.21 -31.02 -40.06
C LEU C 680 -33.34 -30.72 -39.08
N GLU C 681 -33.56 -31.65 -38.14
CA GLU C 681 -34.60 -31.53 -37.12
C GLU C 681 -33.92 -31.53 -35.75
N LEU C 682 -34.04 -30.41 -35.03
CA LEU C 682 -33.45 -30.28 -33.71
C LEU C 682 -34.36 -30.78 -32.59
N THR C 683 -35.55 -31.29 -32.93
CA THR C 683 -36.49 -31.75 -31.90
C THR C 683 -36.00 -33.03 -31.24
N ALA C 684 -35.36 -33.92 -31.99
CA ALA C 684 -34.81 -35.14 -31.41
C ALA C 684 -33.62 -34.83 -30.51
N ILE C 685 -32.83 -33.82 -30.87
CA ILE C 685 -31.72 -33.40 -30.01
C ILE C 685 -32.24 -32.73 -28.75
N ALA C 686 -33.33 -31.97 -28.86
CA ALA C 686 -33.93 -31.33 -27.70
C ALA C 686 -34.64 -32.33 -26.78
N LYS C 687 -35.14 -33.44 -27.33
CA LYS C 687 -35.87 -34.41 -26.54
C LYS C 687 -35.00 -35.54 -25.99
N ALA C 688 -33.87 -35.84 -26.63
CA ALA C 688 -33.07 -37.00 -26.24
C ALA C 688 -32.14 -36.69 -25.08
N THR C 689 -31.67 -35.46 -24.95
CA THR C 689 -30.70 -35.13 -23.91
C THR C 689 -31.36 -35.04 -22.54
N GLN C 690 -32.34 -34.13 -22.41
CA GLN C 690 -33.26 -33.92 -21.29
C GLN C 690 -32.59 -33.66 -19.93
N GLY C 691 -31.27 -33.49 -19.89
CA GLY C 691 -30.58 -33.16 -18.66
C GLY C 691 -29.39 -32.26 -18.91
N PHE C 692 -29.27 -31.79 -20.16
CA PHE C 692 -28.09 -31.05 -20.59
C PHE C 692 -28.22 -29.57 -20.23
N SER C 693 -27.21 -28.80 -20.61
CA SER C 693 -27.19 -27.36 -20.38
C SER C 693 -26.65 -26.66 -21.62
N GLY C 694 -26.55 -25.33 -21.53
CA GLY C 694 -26.10 -24.53 -22.66
C GLY C 694 -24.65 -24.76 -23.03
N ALA C 695 -23.78 -24.95 -22.02
CA ALA C 695 -22.38 -25.22 -22.29
C ALA C 695 -22.19 -26.59 -22.92
N ASP C 696 -22.98 -27.58 -22.49
CA ASP C 696 -22.89 -28.92 -23.07
C ASP C 696 -23.44 -28.95 -24.49
N LEU C 697 -24.50 -28.19 -24.77
CA LEU C 697 -24.99 -28.10 -26.14
C LEU C 697 -24.04 -27.32 -27.04
N LEU C 698 -23.35 -26.32 -26.48
CA LEU C 698 -22.29 -25.64 -27.22
C LEU C 698 -21.12 -26.58 -27.51
N TYR C 699 -20.82 -27.49 -26.56
CA TYR C 699 -19.80 -28.51 -26.81
C TYR C 699 -20.23 -29.47 -27.91
N ILE C 700 -21.52 -29.82 -27.95
CA ILE C 700 -22.06 -30.67 -29.01
C ILE C 700 -21.93 -29.99 -30.37
N VAL C 701 -22.30 -28.70 -30.43
CA VAL C 701 -22.23 -27.93 -31.68
C VAL C 701 -20.77 -27.76 -32.12
N GLN C 702 -19.86 -27.56 -31.16
CA GLN C 702 -18.44 -27.43 -31.48
C GLN C 702 -17.84 -28.75 -31.95
N ARG C 703 -18.28 -29.89 -31.39
CA ARG C 703 -17.80 -31.18 -31.87
C ARG C 703 -18.32 -31.47 -33.27
N ALA C 704 -19.57 -31.08 -33.56
CA ALA C 704 -20.11 -31.25 -34.91
C ALA C 704 -19.38 -30.35 -35.91
N ALA C 705 -19.04 -29.13 -35.49
CA ALA C 705 -18.27 -28.23 -36.36
C ALA C 705 -16.85 -28.74 -36.59
N LYS C 706 -16.23 -29.33 -35.56
CA LYS C 706 -14.89 -29.89 -35.71
C LYS C 706 -14.90 -31.11 -36.63
N TYR C 707 -15.94 -31.94 -36.54
CA TYR C 707 -16.07 -33.08 -37.43
C TYR C 707 -16.34 -32.64 -38.87
N ALA C 708 -17.14 -31.59 -39.06
CA ALA C 708 -17.36 -31.05 -40.40
C ALA C 708 -16.09 -30.43 -40.98
N ILE C 709 -15.28 -29.79 -40.12
CA ILE C 709 -14.02 -29.21 -40.56
C ILE C 709 -13.02 -30.31 -40.93
N LYS C 710 -12.99 -31.41 -40.16
CA LYS C 710 -12.13 -32.55 -40.50
C LYS C 710 -12.55 -33.21 -41.81
N ASP C 711 -13.87 -33.36 -42.02
CA ASP C 711 -14.37 -33.90 -43.29
C ASP C 711 -14.07 -32.98 -44.46
N SER C 712 -14.16 -31.66 -44.26
CA SER C 712 -13.83 -30.71 -45.32
C SER C 712 -12.34 -30.73 -45.65
N ILE C 713 -11.49 -30.87 -44.63
CA ILE C 713 -10.04 -30.94 -44.85
C ILE C 713 -9.67 -32.22 -45.59
N GLU C 714 -10.28 -33.34 -45.20
CA GLU C 714 -10.02 -34.61 -45.88
C GLU C 714 -10.52 -34.60 -47.32
N ALA C 715 -11.70 -34.01 -47.56
CA ALA C 715 -12.24 -33.95 -48.92
C ALA C 715 -11.44 -33.00 -49.80
N HIS C 716 -10.97 -31.88 -49.23
CA HIS C 716 -10.13 -30.96 -50.00
C HIS C 716 -8.76 -31.55 -50.31
N ARG C 717 -8.19 -32.32 -49.37
CA ARG C 717 -6.92 -32.99 -49.63
C ARG C 717 -7.08 -34.07 -50.69
N GLN C 718 -8.22 -34.79 -50.67
CA GLN C 718 -8.48 -35.81 -51.69
C GLN C 718 -8.68 -35.18 -53.06
N HIS C 719 -9.46 -34.10 -53.13
CA HIS C 719 -9.72 -33.44 -54.41
C HIS C 719 -8.53 -32.64 -54.91
N GLU C 720 -7.56 -32.30 -54.07
CA GLU C 720 -6.33 -31.67 -54.51
C GLU C 720 -5.22 -32.66 -54.82
N ALA C 721 -5.28 -33.87 -54.27
CA ALA C 721 -4.31 -34.89 -54.65
C ALA C 721 -4.73 -35.60 -55.94
N GLU C 722 -6.00 -35.97 -56.04
CA GLU C 722 -6.51 -36.62 -57.25
C GLU C 722 -7.69 -35.86 -57.82
N ASP C 748 -15.94 -25.74 -52.84
CA ASP C 748 -16.35 -26.20 -51.52
C ASP C 748 -16.96 -27.60 -51.60
N PRO C 749 -16.30 -28.59 -50.98
CA PRO C 749 -16.85 -29.95 -51.01
C PRO C 749 -18.10 -30.11 -50.16
N VAL C 750 -18.12 -29.54 -48.96
CA VAL C 750 -19.30 -29.56 -48.10
C VAL C 750 -19.71 -28.12 -47.78
N PRO C 751 -20.93 -27.70 -48.14
CA PRO C 751 -21.31 -26.30 -47.91
C PRO C 751 -22.07 -26.08 -46.61
N TYR C 752 -22.40 -27.16 -45.89
CA TYR C 752 -23.11 -27.04 -44.62
C TYR C 752 -22.77 -28.22 -43.73
N ILE C 753 -23.35 -28.21 -42.53
CA ILE C 753 -23.19 -29.32 -41.60
C ILE C 753 -24.36 -30.29 -41.81
N THR C 754 -24.04 -31.57 -41.94
CA THR C 754 -25.05 -32.58 -42.20
C THR C 754 -25.53 -33.20 -40.89
N LYS C 755 -26.51 -34.10 -41.00
CA LYS C 755 -27.02 -34.81 -39.83
C LYS C 755 -26.04 -35.87 -39.35
N GLU C 756 -25.18 -36.37 -40.25
CA GLU C 756 -24.21 -37.40 -39.89
C GLU C 756 -23.15 -36.84 -38.95
N HIS C 757 -22.78 -35.57 -39.12
CA HIS C 757 -21.81 -34.93 -38.24
C HIS C 757 -22.37 -34.77 -36.83
N PHE C 758 -23.65 -34.40 -36.70
CA PHE C 758 -24.27 -34.32 -35.39
C PHE C 758 -24.45 -35.71 -34.78
N ALA C 759 -24.74 -36.72 -35.61
CA ALA C 759 -24.90 -38.08 -35.10
C ALA C 759 -23.59 -38.66 -34.60
N GLU C 760 -22.47 -38.32 -35.23
CA GLU C 760 -21.19 -38.79 -34.71
C GLU C 760 -20.63 -37.88 -33.62
N ALA C 761 -21.12 -36.65 -33.51
CA ALA C 761 -20.68 -35.77 -32.43
C ALA C 761 -21.45 -36.02 -31.14
N MET C 762 -22.67 -36.57 -31.23
CA MET C 762 -23.47 -36.89 -30.05
C MET C 762 -23.17 -38.27 -29.47
N LYS C 763 -21.99 -38.82 -29.76
CA LYS C 763 -21.57 -40.11 -29.19
C LYS C 763 -20.82 -39.94 -27.88
N THR C 764 -20.12 -38.82 -27.71
CA THR C 764 -19.36 -38.55 -26.50
C THR C 764 -19.93 -37.41 -25.68
N ALA C 765 -21.19 -37.04 -25.89
CA ALA C 765 -21.80 -35.97 -25.13
C ALA C 765 -22.10 -36.42 -23.70
N LYS C 766 -21.73 -35.59 -22.73
CA LYS C 766 -21.91 -35.92 -21.33
C LYS C 766 -22.42 -34.69 -20.59
N ARG C 767 -23.17 -34.93 -19.52
CA ARG C 767 -23.71 -33.84 -18.72
C ARG C 767 -22.62 -33.17 -17.90
N SER C 768 -22.84 -31.90 -17.56
CA SER C 768 -21.89 -31.14 -16.74
C SER C 768 -22.16 -31.30 -15.26
N VAL C 769 -23.35 -30.91 -14.81
CA VAL C 769 -23.70 -30.98 -13.40
C VAL C 769 -24.06 -32.42 -13.03
N SER C 770 -23.82 -32.78 -11.78
CA SER C 770 -24.12 -34.10 -11.27
C SER C 770 -25.53 -34.10 -10.67
N ASP C 771 -25.88 -35.19 -9.99
CA ASP C 771 -27.18 -35.30 -9.35
C ASP C 771 -27.16 -34.88 -7.88
N ALA C 772 -26.03 -34.41 -7.38
CA ALA C 772 -25.92 -33.90 -6.01
C ALA C 772 -25.88 -32.39 -5.94
N GLU C 773 -25.18 -31.74 -6.88
CA GLU C 773 -25.18 -30.28 -6.93
C GLU C 773 -26.55 -29.75 -7.34
N LEU C 774 -27.25 -30.48 -8.23
CA LEU C 774 -28.62 -30.14 -8.56
C LEU C 774 -29.55 -30.32 -7.36
N ARG C 775 -29.30 -31.33 -6.54
CA ARG C 775 -30.06 -31.51 -5.30
C ARG C 775 -29.81 -30.35 -4.34
N ARG C 776 -28.56 -29.88 -4.25
CA ARG C 776 -28.24 -28.74 -3.40
C ARG C 776 -28.90 -27.46 -3.90
N TYR C 777 -28.92 -27.25 -5.22
CA TYR C 777 -29.53 -26.05 -5.78
C TYR C 777 -31.04 -26.06 -5.63
N GLU C 778 -31.68 -27.23 -5.83
CA GLU C 778 -33.12 -27.31 -5.62
C GLU C 778 -33.49 -27.24 -4.15
N ALA C 779 -32.59 -27.69 -3.26
CA ALA C 779 -32.84 -27.54 -1.83
C ALA C 779 -32.74 -26.09 -1.40
N TYR C 780 -31.78 -25.35 -1.97
CA TYR C 780 -31.69 -23.92 -1.69
C TYR C 780 -32.87 -23.15 -2.26
N SER C 781 -33.36 -23.55 -3.44
CA SER C 781 -34.54 -22.92 -4.01
C SER C 781 -35.79 -23.24 -3.21
N GLN C 782 -35.90 -24.46 -2.69
CA GLN C 782 -37.04 -24.80 -1.84
C GLN C 782 -36.96 -24.12 -0.47
N GLN C 783 -35.75 -23.86 0.03
CA GLN C 783 -35.62 -23.08 1.25
C GLN C 783 -35.98 -21.62 1.01
N MET C 784 -35.62 -21.07 -0.15
CA MET C 784 -36.02 -19.71 -0.50
C MET C 784 -37.53 -19.61 -0.71
N LYS C 785 -38.17 -20.68 -1.19
CA LYS C 785 -39.62 -20.69 -1.31
C LYS C 785 -40.29 -20.92 0.04
N ALA C 786 -39.63 -21.63 0.95
CA ALA C 786 -40.11 -21.79 2.32
C ALA C 786 -39.91 -20.54 3.16
N SER C 787 -39.05 -19.62 2.72
CA SER C 787 -38.99 -18.29 3.30
C SER C 787 -40.19 -17.42 2.90
N ARG C 788 -40.99 -17.87 1.94
CA ARG C 788 -42.22 -17.20 1.52
C ARG C 788 -43.44 -17.82 2.19
N GLY C 789 -43.30 -18.27 3.43
CA GLY C 789 -44.39 -18.91 4.14
C GLY C 789 -45.45 -17.94 4.61
N GLN C 790 -46.56 -18.51 5.09
CA GLN C 790 -47.75 -17.79 5.57
C GLN C 790 -48.30 -16.86 4.49
N PHE C 791 -48.35 -17.36 3.26
CA PHE C 791 -48.81 -16.59 2.13
C PHE C 791 -49.81 -17.40 1.32
N SER C 792 -50.59 -16.69 0.52
CA SER C 792 -51.63 -17.31 -0.31
C SER C 792 -51.79 -16.44 -1.56
N ASN C 793 -52.92 -16.60 -2.25
CA ASN C 793 -53.25 -15.77 -3.40
C ASN C 793 -53.44 -14.30 -3.03
N PHE C 794 -53.84 -14.02 -1.78
CA PHE C 794 -53.97 -12.67 -1.19
C PHE C 794 -54.96 -11.82 -1.98
N ASN C 795 -56.20 -12.28 -1.98
CA ASN C 795 -57.31 -11.55 -2.58
C ASN C 795 -57.92 -10.62 -1.56
N PHE C 796 -58.02 -9.33 -1.91
CA PHE C 796 -58.57 -8.33 -1.02
C PHE C 796 -60.09 -8.47 -0.88
N VAL D 211 14.67 6.90 -41.90
CA VAL D 211 13.38 6.46 -41.35
C VAL D 211 12.26 7.30 -41.95
N GLY D 212 11.31 6.64 -42.60
CA GLY D 212 10.19 7.34 -43.22
C GLY D 212 8.86 6.71 -42.89
N TYR D 213 7.82 7.03 -43.68
CA TYR D 213 6.49 6.51 -43.41
C TYR D 213 6.31 5.08 -43.91
N ASP D 214 7.27 4.56 -44.67
CA ASP D 214 7.25 3.18 -45.14
C ASP D 214 8.08 2.25 -44.27
N ASP D 215 8.09 2.49 -42.95
CA ASP D 215 8.88 1.71 -42.03
C ASP D 215 8.07 1.10 -40.89
N ILE D 216 6.82 1.53 -40.69
CA ILE D 216 6.03 1.07 -39.56
C ILE D 216 4.85 0.29 -40.14
N GLY D 217 5.10 -0.40 -41.26
CA GLY D 217 4.05 -1.19 -41.88
C GLY D 217 3.60 -2.34 -41.01
N GLY D 218 2.29 -2.59 -41.03
CA GLY D 218 1.65 -3.53 -40.13
C GLY D 218 0.77 -2.88 -39.08
N CYS D 219 0.84 -1.56 -38.93
CA CYS D 219 0.01 -0.80 -38.01
C CYS D 219 -0.61 0.38 -38.75
N ARG D 220 -1.18 0.10 -39.92
CA ARG D 220 -1.64 1.15 -40.83
C ARG D 220 -2.86 1.90 -40.31
N LYS D 221 -3.68 1.27 -39.47
CA LYS D 221 -4.84 1.96 -38.90
C LYS D 221 -4.41 3.06 -37.94
N GLN D 222 -3.51 2.73 -37.00
CA GLN D 222 -2.98 3.74 -36.10
C GLN D 222 -2.10 4.74 -36.83
N MET D 223 -1.41 4.28 -37.89
CA MET D 223 -0.66 5.18 -38.76
C MET D 223 -1.54 6.23 -39.41
N ALA D 224 -2.70 5.82 -39.92
CA ALA D 224 -3.65 6.77 -40.51
C ALA D 224 -4.26 7.67 -39.44
N GLN D 225 -4.57 7.10 -38.27
CA GLN D 225 -5.17 7.89 -37.18
C GLN D 225 -4.24 8.95 -36.63
N ILE D 226 -2.93 8.73 -36.66
CA ILE D 226 -1.98 9.76 -36.24
C ILE D 226 -1.64 10.69 -37.40
N ARG D 227 -1.48 10.14 -38.61
CA ARG D 227 -1.10 10.92 -39.79
C ARG D 227 -2.17 11.94 -40.16
N GLU D 228 -3.44 11.64 -39.87
CA GLU D 228 -4.52 12.60 -40.10
C GLU D 228 -4.31 13.88 -39.28
N MET D 229 -4.23 13.74 -37.95
CA MET D 229 -4.10 14.91 -37.10
C MET D 229 -2.72 15.56 -37.17
N VAL D 230 -1.71 14.87 -37.71
CA VAL D 230 -0.44 15.55 -37.95
C VAL D 230 -0.43 16.31 -39.28
N GLU D 231 -0.90 15.69 -40.36
CA GLU D 231 -0.73 16.27 -41.70
C GLU D 231 -1.86 17.21 -42.09
N LEU D 232 -3.12 16.79 -41.90
CA LEU D 232 -4.25 17.57 -42.40
C LEU D 232 -4.45 18.95 -41.77
N PRO D 233 -4.25 19.18 -40.46
CA PRO D 233 -4.29 20.57 -39.98
C PRO D 233 -3.09 21.42 -40.38
N LEU D 234 -2.01 20.81 -40.90
CA LEU D 234 -0.82 21.56 -41.27
C LEU D 234 -0.64 21.71 -42.78
N ARG D 235 -1.13 20.76 -43.57
CA ARG D 235 -0.97 20.85 -45.02
C ARG D 235 -1.95 21.86 -45.62
N HIS D 236 -3.25 21.62 -45.44
CA HIS D 236 -4.28 22.55 -45.90
C HIS D 236 -5.41 22.58 -44.87
N PRO D 237 -5.58 23.70 -44.16
CA PRO D 237 -6.63 23.78 -43.13
C PRO D 237 -7.98 24.24 -43.66
N GLN D 238 -8.17 24.17 -44.99
CA GLN D 238 -9.39 24.69 -45.61
C GLN D 238 -10.63 23.91 -45.20
N LEU D 239 -10.52 22.58 -45.04
CA LEU D 239 -11.67 21.80 -44.61
C LEU D 239 -12.03 22.08 -43.16
N PHE D 240 -11.03 22.22 -42.30
CA PHE D 240 -11.27 22.54 -40.90
C PHE D 240 -11.75 23.97 -40.70
N LYS D 241 -11.45 24.87 -41.64
CA LYS D 241 -11.98 26.23 -41.60
C LYS D 241 -13.35 26.34 -42.23
N ALA D 242 -13.69 25.46 -43.15
CA ALA D 242 -15.04 25.42 -43.71
C ALA D 242 -16.03 24.74 -42.78
N ILE D 243 -15.58 23.73 -42.03
CA ILE D 243 -16.47 23.08 -41.08
C ILE D 243 -16.54 23.84 -39.76
N GLY D 244 -15.58 24.72 -39.49
CA GLY D 244 -15.59 25.50 -38.25
C GLY D 244 -15.32 24.71 -37.00
N ILE D 245 -14.51 23.66 -37.09
CA ILE D 245 -14.22 22.78 -35.96
C ILE D 245 -12.71 22.65 -35.82
N LYS D 246 -12.20 22.96 -34.64
CA LYS D 246 -10.76 22.81 -34.39
C LYS D 246 -10.40 21.34 -34.29
N PRO D 247 -9.26 20.93 -34.85
CA PRO D 247 -8.88 19.52 -34.82
C PRO D 247 -8.36 19.11 -33.45
N PRO D 248 -8.34 17.81 -33.14
CA PRO D 248 -7.72 17.36 -31.89
C PRO D 248 -6.21 17.57 -31.91
N ARG D 249 -5.65 17.84 -30.73
CA ARG D 249 -4.25 18.19 -30.57
C ARG D 249 -3.62 17.38 -29.45
N GLY D 250 -3.84 16.07 -29.46
CA GLY D 250 -3.23 15.21 -28.48
C GLY D 250 -3.18 13.74 -28.88
N VAL D 251 -1.99 13.14 -28.79
CA VAL D 251 -1.78 11.74 -29.13
C VAL D 251 -1.20 11.03 -27.91
N LEU D 252 -1.74 9.84 -27.63
CA LEU D 252 -1.23 9.03 -26.54
C LEU D 252 -1.08 7.60 -27.07
N MET D 253 0.14 7.22 -27.40
CA MET D 253 0.42 5.89 -27.96
C MET D 253 0.84 4.97 -26.83
N TYR D 254 -0.07 4.07 -26.44
CA TYR D 254 0.21 3.06 -25.43
C TYR D 254 0.22 1.67 -26.05
N GLY D 255 0.41 0.67 -25.21
CA GLY D 255 0.45 -0.70 -25.66
C GLY D 255 1.61 -1.47 -25.06
N PRO D 256 1.94 -2.62 -25.64
CA PRO D 256 3.05 -3.43 -25.14
C PRO D 256 4.38 -2.80 -25.48
N PRO D 257 5.44 -3.07 -24.71
CA PRO D 257 6.76 -2.51 -25.04
C PRO D 257 7.34 -3.19 -26.27
N GLY D 258 7.82 -2.37 -27.20
CA GLY D 258 8.36 -2.89 -28.45
C GLY D 258 7.33 -3.05 -29.54
N THR D 259 6.62 -1.97 -29.86
CA THR D 259 5.60 -1.99 -30.90
C THR D 259 5.85 -0.98 -32.01
N GLY D 260 6.57 0.11 -31.73
CA GLY D 260 6.94 1.04 -32.78
C GLY D 260 6.52 2.47 -32.55
N LYS D 261 6.26 2.84 -31.29
CA LYS D 261 5.81 4.20 -30.99
C LYS D 261 6.92 5.22 -31.17
N THR D 262 8.14 4.88 -30.73
CA THR D 262 9.28 5.76 -30.96
C THR D 262 9.64 5.84 -32.43
N LEU D 263 9.42 4.76 -33.18
CA LEU D 263 9.64 4.79 -34.62
C LEU D 263 8.61 5.67 -35.31
N MET D 264 7.36 5.65 -34.84
CA MET D 264 6.33 6.53 -35.38
C MET D 264 6.64 7.99 -35.06
N ALA D 265 7.18 8.25 -33.87
CA ALA D 265 7.59 9.60 -33.51
C ALA D 265 8.75 10.08 -34.36
N ARG D 266 9.72 9.19 -34.64
CA ARG D 266 10.82 9.54 -35.54
C ARG D 266 10.34 9.75 -36.97
N ALA D 267 9.33 9.00 -37.39
CA ALA D 267 8.79 9.14 -38.74
C ALA D 267 8.05 10.47 -38.91
N VAL D 268 7.21 10.82 -37.93
CA VAL D 268 6.54 12.13 -38.00
C VAL D 268 7.47 13.28 -37.66
N ALA D 269 8.66 13.01 -37.12
CA ALA D 269 9.68 14.04 -37.00
C ALA D 269 10.41 14.27 -38.33
N ASN D 270 10.78 13.19 -39.01
CA ASN D 270 11.59 13.33 -40.23
C ASN D 270 10.74 13.66 -41.44
N GLU D 271 9.45 13.32 -41.43
CA GLU D 271 8.63 13.51 -42.62
C GLU D 271 8.10 14.93 -42.72
N THR D 272 7.41 15.40 -41.70
CA THR D 272 6.77 16.71 -41.74
C THR D 272 7.81 17.83 -41.61
N GLY D 273 7.44 19.00 -42.13
CA GLY D 273 8.34 20.15 -42.11
C GLY D 273 8.15 21.03 -40.90
N ALA D 274 7.43 20.54 -39.89
CA ALA D 274 7.23 21.27 -38.66
C ALA D 274 8.43 21.10 -37.74
N PHE D 275 8.56 22.01 -36.78
CA PHE D 275 9.63 21.93 -35.80
C PHE D 275 9.36 20.79 -34.83
N PHE D 276 10.42 20.09 -34.43
CA PHE D 276 10.31 18.93 -33.55
C PHE D 276 11.17 19.16 -32.32
N PHE D 277 10.54 19.30 -31.16
CA PHE D 277 11.23 19.43 -29.89
C PHE D 277 11.04 18.14 -29.10
N LEU D 278 12.14 17.50 -28.74
CA LEU D 278 12.11 16.23 -28.03
C LEU D 278 12.27 16.46 -26.53
N ILE D 279 11.36 15.89 -25.75
CA ILE D 279 11.41 15.96 -24.29
C ILE D 279 11.33 14.53 -23.77
N ASN D 280 12.34 14.14 -23.00
CA ASN D 280 12.40 12.79 -22.45
C ASN D 280 11.61 12.75 -21.14
N GLY D 281 11.58 11.58 -20.50
CA GLY D 281 10.81 11.41 -19.29
C GLY D 281 11.38 12.11 -18.07
N PRO D 282 12.50 11.61 -17.55
CA PRO D 282 13.10 12.23 -16.35
C PRO D 282 14.22 13.23 -16.62
N GLU D 283 14.46 13.62 -17.87
CA GLU D 283 15.53 14.57 -18.16
C GLU D 283 15.19 16.00 -17.76
N VAL D 284 13.92 16.31 -17.50
CA VAL D 284 13.54 17.65 -17.09
C VAL D 284 13.66 17.86 -15.59
N MET D 285 13.87 16.78 -14.82
CA MET D 285 13.90 16.87 -13.37
C MET D 285 15.23 17.50 -12.90
N SER D 286 15.20 18.01 -11.67
CA SER D 286 16.37 18.63 -11.07
C SER D 286 16.25 18.53 -9.56
N LYS D 287 17.30 19.00 -8.87
CA LYS D 287 17.34 18.92 -7.41
C LYS D 287 16.86 20.20 -6.74
N MET D 288 16.98 21.34 -7.42
CA MET D 288 16.56 22.60 -6.83
C MET D 288 15.03 22.72 -6.85
N ALA D 289 14.51 23.55 -5.94
CA ALA D 289 13.08 23.79 -5.83
C ALA D 289 12.70 24.87 -6.83
N GLY D 290 11.92 24.50 -7.84
CA GLY D 290 11.53 25.42 -8.87
C GLY D 290 12.35 25.37 -10.15
N GLU D 291 12.80 24.19 -10.56
CA GLU D 291 13.63 24.04 -11.74
C GLU D 291 13.03 23.13 -12.80
N SER D 292 12.33 22.07 -12.40
CA SER D 292 11.71 21.17 -13.38
C SER D 292 10.52 21.84 -14.07
N GLU D 293 9.72 22.59 -13.32
CA GLU D 293 8.65 23.37 -13.91
C GLU D 293 9.19 24.46 -14.82
N SER D 294 10.34 25.05 -14.46
CA SER D 294 10.97 26.05 -15.32
C SER D 294 11.52 25.41 -16.59
N ASN D 295 12.03 24.17 -16.51
CA ASN D 295 12.49 23.48 -17.71
C ASN D 295 11.32 23.12 -18.63
N LEU D 296 10.20 22.69 -18.04
CA LEU D 296 9.00 22.40 -18.84
C LEU D 296 8.45 23.67 -19.49
N ARG D 297 8.46 24.79 -18.76
CA ARG D 297 8.00 26.06 -19.32
C ARG D 297 8.92 26.55 -20.42
N LYS D 298 10.24 26.36 -20.26
CA LYS D 298 11.19 26.73 -21.30
C LYS D 298 11.02 25.88 -22.54
N ALA D 299 10.75 24.59 -22.36
CA ALA D 299 10.50 23.70 -23.50
C ALA D 299 9.22 24.09 -24.23
N PHE D 300 8.16 24.43 -23.47
CA PHE D 300 6.90 24.80 -24.10
C PHE D 300 6.99 26.16 -24.82
N GLU D 301 7.70 27.14 -24.24
CA GLU D 301 7.87 28.41 -24.94
C GLU D 301 8.82 28.28 -26.13
N GLU D 302 9.79 27.36 -26.06
CA GLU D 302 10.67 27.17 -27.22
C GLU D 302 9.95 26.43 -28.34
N ALA D 303 8.98 25.58 -28.00
CA ALA D 303 8.17 24.92 -29.01
C ALA D 303 7.05 25.81 -29.54
N GLU D 304 6.62 26.81 -28.78
CA GLU D 304 5.56 27.71 -29.21
C GLU D 304 6.07 28.97 -29.91
N LYS D 305 7.30 29.40 -29.62
CA LYS D 305 7.79 30.67 -30.13
C LYS D 305 8.24 30.57 -31.59
N ASN D 306 8.83 29.44 -31.97
CA ASN D 306 9.49 29.34 -33.27
C ASN D 306 8.47 29.19 -34.41
N ALA D 307 7.68 28.14 -34.37
CA ALA D 307 6.82 27.77 -35.49
C ALA D 307 5.68 26.90 -34.99
N PRO D 308 4.67 26.59 -35.81
CA PRO D 308 3.79 25.46 -35.47
C PRO D 308 4.57 24.17 -35.40
N ALA D 309 4.67 23.61 -34.19
CA ALA D 309 5.63 22.56 -33.90
C ALA D 309 4.93 21.33 -33.35
N ILE D 310 5.71 20.26 -33.23
CA ILE D 310 5.25 18.99 -32.68
C ILE D 310 6.14 18.63 -31.50
N ILE D 311 5.52 18.38 -30.34
CA ILE D 311 6.24 18.00 -29.13
C ILE D 311 6.01 16.52 -28.89
N PHE D 312 7.08 15.80 -28.55
CA PHE D 312 7.00 14.37 -28.24
C PHE D 312 7.52 14.16 -26.82
N ILE D 313 6.61 14.03 -25.87
CA ILE D 313 6.97 13.76 -24.48
C ILE D 313 7.03 12.24 -24.35
N ASP D 314 8.25 11.71 -24.42
CA ASP D 314 8.45 10.27 -24.27
C ASP D 314 8.43 9.89 -22.79
N GLU D 315 7.82 8.74 -22.50
CA GLU D 315 7.70 8.16 -21.16
C GLU D 315 7.03 9.11 -20.18
N ILE D 316 5.75 9.39 -20.44
CA ILE D 316 4.97 10.28 -19.59
C ILE D 316 4.58 9.65 -18.27
N ASP D 317 4.76 8.34 -18.09
CA ASP D 317 4.45 7.66 -16.84
C ASP D 317 5.50 7.91 -15.76
N SER D 318 6.62 8.55 -16.10
CA SER D 318 7.63 8.93 -15.12
C SER D 318 7.44 10.34 -14.58
N ILE D 319 6.56 11.13 -15.19
CA ILE D 319 6.28 12.48 -14.71
C ILE D 319 4.77 12.63 -14.50
N ALA D 320 4.10 11.52 -14.21
CA ALA D 320 2.67 11.54 -13.87
C ALA D 320 2.37 10.40 -12.90
N PRO D 321 2.62 10.62 -11.60
CA PRO D 321 2.36 9.57 -10.62
C PRO D 321 0.94 9.56 -10.06
N LYS D 322 0.01 10.22 -10.77
CA LYS D 322 -1.44 10.30 -10.56
C LYS D 322 -1.83 11.17 -9.37
N ARG D 323 -0.87 11.88 -8.75
CA ARG D 323 -1.08 12.87 -7.69
C ARG D 323 -1.77 12.36 -6.43
N ASP D 324 -1.85 11.05 -6.25
CA ASP D 324 -2.53 10.48 -5.10
C ASP D 324 -1.74 9.38 -4.39
N LYS D 325 -0.86 8.67 -5.08
CA LYS D 325 -0.12 7.56 -4.47
C LYS D 325 1.29 7.93 -4.04
N THR D 326 1.76 9.14 -4.38
CA THR D 326 3.09 9.59 -4.00
C THR D 326 3.00 10.78 -3.05
N ASN D 327 4.03 10.94 -2.23
CA ASN D 327 4.07 11.96 -1.21
C ASN D 327 5.02 13.11 -1.54
N GLY D 328 5.67 13.09 -2.69
CA GLY D 328 6.59 14.14 -3.06
C GLY D 328 5.86 15.32 -3.67
N GLU D 329 6.22 16.53 -3.22
CA GLU D 329 5.61 17.74 -3.73
C GLU D 329 6.13 18.12 -5.11
N VAL D 330 7.34 17.68 -5.46
CA VAL D 330 7.94 18.03 -6.74
C VAL D 330 7.20 17.36 -7.89
N GLU D 331 6.78 16.10 -7.70
CA GLU D 331 6.05 15.39 -8.74
C GLU D 331 4.67 16.00 -8.96
N ARG D 332 3.99 16.38 -7.87
CA ARG D 332 2.70 17.07 -7.97
C ARG D 332 2.85 18.43 -8.63
N ARG D 333 3.97 19.13 -8.36
CA ARG D 333 4.20 20.42 -9.01
C ARG D 333 4.47 20.26 -10.51
N VAL D 334 5.19 19.19 -10.89
CA VAL D 334 5.42 18.91 -12.31
C VAL D 334 4.11 18.56 -13.02
N VAL D 335 3.25 17.77 -12.37
CA VAL D 335 1.96 17.41 -12.97
C VAL D 335 1.06 18.64 -13.07
N SER D 336 1.09 19.52 -12.05
CA SER D 336 0.32 20.75 -12.11
C SER D 336 0.83 21.69 -13.20
N GLN D 337 2.15 21.76 -13.40
CA GLN D 337 2.70 22.54 -14.49
C GLN D 337 2.30 21.99 -15.85
N LEU D 338 2.26 20.66 -15.99
CA LEU D 338 1.84 20.06 -17.25
C LEU D 338 0.36 20.30 -17.51
N LEU D 339 -0.47 20.19 -16.46
CA LEU D 339 -1.91 20.42 -16.59
C LEU D 339 -2.22 21.88 -16.90
N THR D 340 -1.41 22.80 -16.39
CA THR D 340 -1.58 24.21 -16.70
C THR D 340 -1.09 24.56 -18.09
N LEU D 341 0.06 24.03 -18.51
CA LEU D 341 0.61 24.36 -19.82
C LEU D 341 -0.17 23.70 -20.95
N MET D 342 -0.82 22.57 -20.69
CA MET D 342 -1.56 21.89 -21.75
C MET D 342 -3.01 22.35 -21.86
N ASP D 343 -3.61 22.87 -20.79
CA ASP D 343 -4.99 23.34 -20.84
C ASP D 343 -5.16 24.45 -19.80
N GLY D 344 -5.16 25.70 -20.27
CA GLY D 344 -5.38 26.85 -19.43
C GLY D 344 -5.78 28.06 -20.23
N MET D 345 -5.35 29.25 -19.80
CA MET D 345 -5.56 30.47 -20.58
C MET D 345 -4.47 30.58 -21.63
N LYS D 346 -4.89 30.81 -22.88
CA LYS D 346 -4.09 30.78 -24.12
C LYS D 346 -3.07 29.64 -24.12
N ALA D 347 -3.59 28.42 -23.97
CA ALA D 347 -2.78 27.23 -23.72
C ALA D 347 -1.92 26.82 -24.91
N ARG D 348 -2.55 26.50 -26.03
CA ARG D 348 -1.84 25.97 -27.18
C ARG D 348 -2.21 26.75 -28.44
N SER D 349 -1.19 27.16 -29.19
CA SER D 349 -1.37 27.87 -30.45
C SER D 349 -0.56 27.14 -31.51
N ASN D 350 -1.27 26.36 -32.35
CA ASN D 350 -0.74 25.62 -33.50
C ASN D 350 0.30 24.58 -33.12
N VAL D 351 0.32 24.12 -31.86
CA VAL D 351 1.25 23.08 -31.44
C VAL D 351 0.45 21.84 -31.03
N VAL D 352 1.13 20.70 -31.01
CA VAL D 352 0.51 19.43 -30.72
C VAL D 352 1.49 18.54 -29.96
N VAL D 353 1.02 17.86 -28.92
CA VAL D 353 1.85 17.00 -28.09
C VAL D 353 1.55 15.53 -28.42
N ILE D 354 2.57 14.68 -28.30
CA ILE D 354 2.48 13.25 -28.57
C ILE D 354 3.12 12.51 -27.40
N ALA D 355 2.40 11.56 -26.82
CA ALA D 355 2.88 10.77 -25.70
C ALA D 355 3.19 9.34 -26.14
N ALA D 356 4.01 8.67 -25.33
CA ALA D 356 4.35 7.27 -25.57
C ALA D 356 4.70 6.64 -24.22
N THR D 357 3.92 5.65 -23.81
CA THR D 357 4.13 5.00 -22.53
C THR D 357 3.83 3.52 -22.64
N ASN D 358 4.44 2.72 -21.75
CA ASN D 358 4.23 1.28 -21.77
C ASN D 358 3.00 0.88 -20.97
N ARG D 359 2.69 1.59 -19.89
CA ARG D 359 1.50 1.34 -19.09
C ARG D 359 0.54 2.52 -19.23
N PRO D 360 -0.70 2.28 -19.64
CA PRO D 360 -1.67 3.39 -19.82
C PRO D 360 -2.50 3.72 -18.59
N ASN D 361 -2.39 2.97 -17.50
CA ASN D 361 -3.23 3.20 -16.34
C ASN D 361 -2.59 4.10 -15.29
N SER D 362 -1.27 4.27 -15.32
CA SER D 362 -0.57 5.11 -14.35
C SER D 362 -0.41 6.53 -14.86
N ILE D 363 -1.51 7.13 -15.31
CA ILE D 363 -1.56 8.51 -15.76
C ILE D 363 -2.80 9.13 -15.12
N ASP D 364 -2.67 10.40 -14.69
CA ASP D 364 -3.72 11.19 -14.09
C ASP D 364 -4.93 11.28 -15.01
N PRO D 365 -6.15 11.06 -14.50
CA PRO D 365 -7.34 11.24 -15.36
C PRO D 365 -7.55 12.67 -15.84
N ALA D 366 -7.01 13.66 -15.13
CA ALA D 366 -6.99 15.02 -15.65
C ALA D 366 -6.02 15.16 -16.81
N LEU D 367 -5.01 14.29 -16.91
CA LEU D 367 -4.15 14.23 -18.08
C LEU D 367 -4.68 13.32 -19.18
N ARG D 368 -5.62 12.43 -18.85
CA ARG D 368 -6.25 11.54 -19.83
C ARG D 368 -7.56 12.11 -20.35
N ARG D 369 -7.63 13.43 -20.50
CA ARG D 369 -8.84 14.17 -20.78
C ARG D 369 -8.76 14.80 -22.17
N PHE D 370 -9.91 15.27 -22.65
CA PHE D 370 -9.95 16.02 -23.90
C PHE D 370 -9.27 17.38 -23.73
N GLY D 371 -8.51 17.78 -24.75
CA GLY D 371 -7.74 18.99 -24.72
C GLY D 371 -6.29 18.78 -24.33
N ARG D 372 -5.98 17.68 -23.65
CA ARG D 372 -4.62 17.34 -23.28
C ARG D 372 -4.18 16.06 -23.98
N PHE D 373 -4.88 14.95 -23.76
CA PHE D 373 -4.63 13.67 -24.43
C PHE D 373 -5.99 13.06 -24.73
N ASP D 374 -6.52 13.37 -25.92
CA ASP D 374 -7.88 12.95 -26.27
C ASP D 374 -7.92 11.74 -27.17
N ARG D 375 -6.96 11.60 -28.09
CA ARG D 375 -6.90 10.47 -29.01
C ARG D 375 -5.85 9.50 -28.49
N GLU D 376 -6.30 8.50 -27.72
CA GLU D 376 -5.41 7.47 -27.19
C GLU D 376 -5.42 6.29 -28.15
N VAL D 377 -4.49 6.30 -29.10
CA VAL D 377 -4.40 5.22 -30.07
C VAL D 377 -3.79 3.98 -29.41
N ASP D 378 -4.17 2.81 -29.93
CA ASP D 378 -3.75 1.53 -29.38
C ASP D 378 -2.86 0.83 -30.40
N ILE D 379 -1.56 1.08 -30.31
CA ILE D 379 -0.59 0.39 -31.18
C ILE D 379 -0.35 -0.97 -30.55
N GLY D 380 -1.11 -1.95 -31.02
CA GLY D 380 -1.06 -3.29 -30.49
C GLY D 380 -0.27 -4.24 -31.37
N ILE D 381 -0.36 -5.52 -31.04
CA ILE D 381 0.34 -6.58 -31.77
C ILE D 381 -0.28 -6.73 -33.15
N PRO D 382 0.51 -7.06 -34.17
CA PRO D 382 -0.04 -7.22 -35.52
C PRO D 382 -0.57 -8.63 -35.75
N ASP D 383 -1.26 -8.79 -36.87
CA ASP D 383 -1.73 -10.09 -37.34
C ASP D 383 -0.67 -10.68 -38.27
N ALA D 384 -1.05 -11.73 -39.00
CA ALA D 384 -0.11 -12.40 -39.90
C ALA D 384 0.29 -11.52 -41.07
N THR D 385 -0.63 -10.68 -41.56
CA THR D 385 -0.27 -9.71 -42.59
C THR D 385 0.67 -8.65 -42.05
N GLY D 386 0.51 -8.25 -40.78
CA GLY D 386 1.44 -7.31 -40.19
C GLY D 386 2.83 -7.90 -40.00
N ARG D 387 2.91 -9.17 -39.60
CA ARG D 387 4.20 -9.86 -39.57
C ARG D 387 4.81 -9.99 -40.96
N LEU D 388 3.97 -10.20 -41.98
CA LEU D 388 4.47 -10.24 -43.35
C LEU D 388 5.05 -8.91 -43.79
N GLU D 389 4.39 -7.80 -43.40
CA GLU D 389 4.92 -6.48 -43.74
C GLU D 389 6.21 -6.17 -42.98
N VAL D 390 6.29 -6.56 -41.71
CA VAL D 390 7.51 -6.33 -40.94
C VAL D 390 8.68 -7.16 -41.49
N LEU D 391 8.40 -8.41 -41.89
CA LEU D 391 9.43 -9.26 -42.48
C LEU D 391 9.85 -8.76 -43.86
N ARG D 392 8.93 -8.15 -44.60
CA ARG D 392 9.28 -7.60 -45.91
C ARG D 392 9.99 -6.25 -45.80
N ILE D 393 9.77 -5.51 -44.71
CA ILE D 393 10.45 -4.23 -44.55
C ILE D 393 11.86 -4.43 -43.99
N HIS D 394 12.02 -5.29 -42.97
CA HIS D 394 13.33 -5.47 -42.37
C HIS D 394 14.29 -6.26 -43.25
N THR D 395 13.79 -7.01 -44.24
CA THR D 395 14.64 -7.77 -45.15
C THR D 395 14.71 -7.14 -46.53
N LYS D 396 14.71 -5.81 -46.61
CA LYS D 396 14.81 -5.10 -47.88
C LYS D 396 16.22 -4.61 -48.17
N ASN D 397 17.13 -4.67 -47.19
CA ASN D 397 18.50 -4.22 -47.37
C ASN D 397 19.52 -5.36 -47.25
N MET D 398 19.05 -6.60 -47.12
CA MET D 398 19.93 -7.76 -47.05
C MET D 398 19.61 -8.70 -48.22
N LYS D 399 20.58 -8.89 -49.10
CA LYS D 399 20.46 -9.84 -50.20
C LYS D 399 20.56 -11.23 -49.61
N LEU D 400 19.41 -11.81 -49.22
CA LEU D 400 19.40 -13.11 -48.48
C LEU D 400 19.46 -14.38 -49.34
N ALA D 401 18.57 -14.52 -50.32
CA ALA D 401 18.53 -15.73 -51.15
C ALA D 401 17.57 -15.48 -52.31
N ASP D 402 17.28 -16.54 -53.06
CA ASP D 402 16.26 -16.51 -54.11
C ASP D 402 15.19 -17.58 -53.92
N ASP D 403 15.45 -18.60 -53.12
CA ASP D 403 14.50 -19.69 -52.90
C ASP D 403 13.97 -19.67 -51.48
N VAL D 404 13.69 -18.48 -50.95
CA VAL D 404 13.21 -18.31 -49.59
C VAL D 404 11.89 -17.55 -49.63
N ASP D 405 10.97 -17.91 -48.73
CA ASP D 405 9.67 -17.26 -48.63
C ASP D 405 9.53 -16.58 -47.27
N LEU D 406 8.63 -15.59 -47.23
CA LEU D 406 8.33 -14.88 -46.00
C LEU D 406 6.91 -15.11 -45.49
N GLU D 407 6.02 -15.69 -46.32
CA GLU D 407 4.66 -15.96 -45.88
C GLU D 407 4.63 -17.05 -44.82
N ALA D 408 5.37 -18.12 -45.03
CA ALA D 408 5.45 -19.19 -44.02
C ALA D 408 6.21 -18.73 -42.78
N LEU D 409 7.18 -17.83 -42.95
CA LEU D 409 7.89 -17.29 -41.80
C LEU D 409 6.99 -16.37 -40.97
N ALA D 410 6.07 -15.66 -41.63
CA ALA D 410 5.12 -14.83 -40.89
C ALA D 410 4.02 -15.67 -40.28
N ALA D 411 3.63 -16.77 -40.94
CA ALA D 411 2.55 -17.60 -40.43
C ALA D 411 3.02 -18.58 -39.36
N GLU D 412 4.33 -18.83 -39.25
CA GLU D 412 4.82 -19.76 -38.25
C GLU D 412 4.78 -19.14 -36.85
N THR D 413 5.32 -17.93 -36.70
CA THR D 413 5.36 -17.28 -35.40
C THR D 413 4.00 -16.69 -35.05
N HIS D 414 3.75 -16.54 -33.75
CA HIS D 414 2.47 -16.06 -33.27
C HIS D 414 2.61 -14.94 -32.24
N GLY D 415 3.66 -14.97 -31.43
CA GLY D 415 3.79 -13.99 -30.36
C GLY D 415 4.88 -12.95 -30.58
N TYR D 416 5.36 -12.82 -31.80
CA TYR D 416 6.43 -11.87 -32.11
C TYR D 416 5.82 -10.50 -32.34
N VAL D 417 6.11 -9.55 -31.44
CA VAL D 417 5.61 -8.19 -31.55
C VAL D 417 6.80 -7.23 -31.76
N GLY D 418 6.75 -6.49 -32.86
CA GLY D 418 7.69 -5.41 -33.11
C GLY D 418 9.14 -5.80 -33.32
N ALA D 419 9.96 -5.50 -32.32
CA ALA D 419 11.41 -5.67 -32.46
C ALA D 419 11.86 -7.11 -32.34
N ASP D 420 10.96 -8.04 -32.00
CA ASP D 420 11.34 -9.44 -31.89
C ASP D 420 11.64 -10.05 -33.25
N ILE D 421 10.98 -9.57 -34.31
CA ILE D 421 11.30 -10.03 -35.65
C ILE D 421 12.63 -9.45 -36.12
N ALA D 422 12.96 -8.23 -35.68
CA ALA D 422 14.28 -7.68 -35.97
C ALA D 422 15.38 -8.44 -35.24
N SER D 423 15.09 -8.88 -34.01
CA SER D 423 16.02 -9.76 -33.30
C SER D 423 16.14 -11.11 -33.99
N LEU D 424 15.03 -11.61 -34.55
CA LEU D 424 15.05 -12.84 -35.33
C LEU D 424 15.97 -12.71 -36.56
N CYS D 425 15.84 -11.60 -37.29
CA CYS D 425 16.65 -11.38 -38.47
C CYS D 425 18.12 -11.18 -38.11
N SER D 426 18.40 -10.47 -37.02
CA SER D 426 19.77 -10.29 -36.56
C SER D 426 20.39 -11.60 -36.09
N GLU D 427 19.62 -12.45 -35.42
CA GLU D 427 20.15 -13.73 -34.97
C GLU D 427 20.37 -14.68 -36.14
N ALA D 428 19.51 -14.61 -37.17
CA ALA D 428 19.72 -15.42 -38.37
C ALA D 428 20.96 -14.96 -39.14
N ALA D 429 21.17 -13.63 -39.21
CA ALA D 429 22.36 -13.11 -39.88
C ALA D 429 23.64 -13.47 -39.11
N MET D 430 23.58 -13.42 -37.77
CA MET D 430 24.73 -13.81 -36.97
C MET D 430 25.00 -15.32 -37.06
N GLN D 431 23.95 -16.13 -37.16
CA GLN D 431 24.12 -17.57 -37.36
C GLN D 431 24.74 -17.86 -38.73
N GLN D 432 24.35 -17.11 -39.76
CA GLN D 432 24.95 -17.28 -41.07
C GLN D 432 26.42 -16.84 -41.08
N ILE D 433 26.74 -15.76 -40.37
CA ILE D 433 28.12 -15.29 -40.29
C ILE D 433 28.98 -16.29 -39.52
N ARG D 434 28.43 -16.87 -38.46
CA ARG D 434 29.15 -17.91 -37.71
C ARG D 434 29.30 -19.19 -38.52
N GLU D 435 28.33 -19.50 -39.39
CA GLU D 435 28.44 -20.68 -40.24
C GLU D 435 29.46 -20.49 -41.35
N LYS D 436 29.61 -19.26 -41.85
CA LYS D 436 30.59 -18.95 -42.88
C LYS D 436 31.89 -18.41 -42.28
N MET D 437 32.25 -18.88 -41.09
CA MET D 437 33.45 -18.42 -40.39
C MET D 437 34.50 -19.50 -40.21
N ASP D 438 34.11 -20.76 -40.05
CA ASP D 438 35.05 -21.82 -39.73
C ASP D 438 35.48 -22.64 -40.94
N LEU D 439 34.82 -22.48 -42.09
CA LEU D 439 35.18 -23.27 -43.25
C LEU D 439 36.44 -22.73 -43.94
N ILE D 440 36.56 -21.41 -44.04
CA ILE D 440 37.72 -20.77 -44.64
C ILE D 440 38.31 -19.80 -43.63
N ASP D 441 39.48 -19.26 -43.98
CA ASP D 441 40.11 -18.24 -43.15
C ASP D 441 39.37 -16.92 -43.30
N LEU D 442 39.33 -16.15 -42.21
CA LEU D 442 38.59 -14.89 -42.20
C LEU D 442 39.32 -13.76 -42.91
N ASP D 443 40.61 -13.93 -43.20
CA ASP D 443 41.48 -12.90 -43.79
C ASP D 443 41.47 -11.62 -42.94
N GLU D 444 42.03 -11.76 -41.73
CA GLU D 444 41.93 -10.84 -40.60
C GLU D 444 42.40 -9.41 -40.91
N ASP D 445 43.17 -9.17 -41.96
CA ASP D 445 43.50 -7.80 -42.33
C ASP D 445 42.36 -7.15 -43.11
N GLU D 446 41.82 -7.85 -44.11
CA GLU D 446 40.67 -7.42 -44.88
C GLU D 446 40.10 -8.63 -45.61
N ILE D 447 38.78 -8.78 -45.56
CA ILE D 447 38.13 -9.96 -46.13
C ILE D 447 38.14 -9.83 -47.66
N ASP D 448 38.55 -10.90 -48.33
CA ASP D 448 38.63 -10.91 -49.79
C ASP D 448 37.25 -10.86 -50.42
N ALA D 449 37.21 -10.38 -51.66
CA ALA D 449 35.95 -10.13 -52.36
C ALA D 449 35.32 -11.39 -52.93
N GLU D 450 36.00 -12.54 -52.88
CA GLU D 450 35.45 -13.77 -53.42
C GLU D 450 34.36 -14.36 -52.54
N VAL D 451 34.26 -13.94 -51.28
CA VAL D 451 33.22 -14.43 -50.39
C VAL D 451 32.26 -13.32 -49.95
N LEU D 452 32.64 -12.04 -50.10
CA LEU D 452 31.75 -10.94 -49.74
C LEU D 452 30.55 -10.82 -50.65
N ASP D 453 30.68 -11.15 -51.93
CA ASP D 453 29.54 -11.15 -52.83
C ASP D 453 28.69 -12.41 -52.67
N SER D 454 29.32 -13.56 -52.45
CA SER D 454 28.62 -14.82 -52.27
C SER D 454 28.39 -15.14 -50.79
N LEU D 455 27.80 -14.21 -50.06
CA LEU D 455 27.48 -14.48 -48.66
C LEU D 455 26.18 -15.27 -48.54
N GLY D 456 25.06 -14.67 -48.94
CA GLY D 456 23.76 -15.31 -48.86
C GLY D 456 23.21 -15.48 -47.46
N VAL D 457 21.89 -15.62 -47.35
CA VAL D 457 21.22 -15.99 -46.10
C VAL D 457 20.23 -17.08 -46.47
N THR D 458 20.50 -18.31 -46.06
CA THR D 458 19.62 -19.42 -46.39
C THR D 458 18.45 -19.49 -45.42
N MET D 459 17.49 -20.36 -45.74
CA MET D 459 16.33 -20.55 -44.89
C MET D 459 16.65 -21.37 -43.65
N ASP D 460 17.77 -22.11 -43.65
CA ASP D 460 18.15 -22.89 -42.48
C ASP D 460 18.57 -21.99 -41.32
N ASN D 461 19.18 -20.85 -41.62
CA ASN D 461 19.51 -19.88 -40.57
C ASN D 461 18.25 -19.27 -39.98
N PHE D 462 17.24 -19.03 -40.82
CA PHE D 462 15.96 -18.52 -40.32
C PHE D 462 15.24 -19.56 -39.48
N ARG D 463 15.34 -20.84 -39.86
CA ARG D 463 14.75 -21.90 -39.03
C ARG D 463 15.48 -22.07 -37.72
N PHE D 464 16.81 -21.89 -37.72
CA PHE D 464 17.59 -21.95 -36.49
C PHE D 464 17.24 -20.80 -35.56
N ALA D 465 17.09 -19.59 -36.13
CA ALA D 465 16.71 -18.43 -35.32
C ALA D 465 15.26 -18.53 -34.83
N LEU D 466 14.39 -19.18 -35.60
CA LEU D 466 13.01 -19.37 -35.20
C LEU D 466 12.86 -20.45 -34.14
N GLY D 467 13.72 -21.48 -34.15
CA GLY D 467 13.70 -22.48 -33.11
C GLY D 467 14.50 -22.11 -31.88
N ASN D 468 15.37 -21.11 -31.97
CA ASN D 468 16.20 -20.73 -30.83
C ASN D 468 15.95 -19.29 -30.39
N SER D 469 14.69 -18.90 -30.29
CA SER D 469 14.34 -17.58 -29.78
C SER D 469 13.00 -17.68 -29.05
N ASN D 470 12.57 -16.55 -28.51
CA ASN D 470 11.35 -16.47 -27.72
C ASN D 470 10.73 -15.10 -27.89
N PRO D 471 9.41 -14.97 -27.75
CA PRO D 471 8.81 -13.64 -27.67
C PRO D 471 9.27 -12.90 -26.42
N SER D 472 9.38 -11.58 -26.53
CA SER D 472 9.87 -10.75 -25.43
C SER D 472 8.89 -10.66 -24.27
N ALA D 473 7.60 -10.85 -24.51
CA ALA D 473 6.63 -10.79 -23.42
C ALA D 473 6.61 -12.08 -22.60
N LEU D 474 7.01 -13.19 -23.21
CA LEU D 474 7.01 -14.49 -22.56
C LEU D 474 8.41 -14.96 -22.19
N ARG D 475 9.32 -14.03 -21.87
CA ARG D 475 10.66 -14.41 -21.49
C ARG D 475 10.77 -14.81 -20.02
N GLU D 476 9.88 -14.31 -19.16
CA GLU D 476 9.90 -14.70 -17.76
C GLU D 476 9.36 -16.11 -17.56
N THR D 477 8.51 -16.59 -18.46
CA THR D 477 7.95 -17.93 -18.41
C THR D 477 8.44 -18.79 -19.57
N VAL D 478 9.75 -18.69 -19.86
CA VAL D 478 10.34 -19.44 -20.96
C VAL D 478 10.40 -20.93 -20.62
N VAL D 479 10.13 -21.76 -21.61
CA VAL D 479 10.21 -23.21 -21.46
C VAL D 479 11.64 -23.65 -21.80
N GLU D 480 12.18 -24.57 -21.03
CA GLU D 480 13.54 -25.03 -21.25
C GLU D 480 13.59 -25.99 -22.44
N SER D 481 14.81 -26.23 -22.93
CA SER D 481 15.04 -26.97 -24.17
C SER D 481 14.87 -28.47 -23.92
N VAL D 482 13.63 -28.91 -23.86
CA VAL D 482 13.30 -30.33 -23.80
C VAL D 482 12.96 -30.80 -25.21
N ASN D 483 13.50 -31.97 -25.59
CA ASN D 483 13.43 -32.43 -26.98
C ASN D 483 12.83 -33.83 -27.02
N VAL D 484 11.54 -33.90 -27.32
CA VAL D 484 10.88 -35.15 -27.67
C VAL D 484 10.31 -35.00 -29.07
N THR D 485 9.74 -36.09 -29.59
CA THR D 485 9.18 -36.12 -30.93
C THR D 485 7.86 -36.87 -30.85
N TRP D 486 6.99 -36.66 -31.86
CA TRP D 486 5.64 -37.23 -31.84
C TRP D 486 5.66 -38.75 -31.94
N ASP D 487 6.65 -39.33 -32.61
CA ASP D 487 6.75 -40.77 -32.69
C ASP D 487 7.53 -41.38 -31.53
N ASP D 488 8.10 -40.55 -30.65
CA ASP D 488 8.84 -41.04 -29.50
C ASP D 488 7.95 -41.55 -28.38
N VAL D 489 6.67 -41.22 -28.40
CA VAL D 489 5.70 -41.71 -27.42
C VAL D 489 5.00 -42.91 -28.03
N GLY D 490 5.02 -44.04 -27.31
CA GLY D 490 4.38 -45.24 -27.80
C GLY D 490 2.93 -45.33 -27.39
N GLY D 491 2.12 -45.89 -28.28
CA GLY D 491 0.70 -46.05 -28.03
C GLY D 491 -0.04 -44.72 -28.05
N LEU D 492 -1.29 -44.77 -27.58
CA LEU D 492 -2.21 -43.63 -27.47
C LEU D 492 -2.39 -42.92 -28.81
N ASP D 493 -2.66 -43.70 -29.86
CA ASP D 493 -2.73 -43.14 -31.21
C ASP D 493 -3.96 -42.28 -31.41
N GLU D 494 -5.12 -42.72 -30.91
CA GLU D 494 -6.33 -41.93 -31.04
C GLU D 494 -6.27 -40.68 -30.17
N ILE D 495 -5.60 -40.76 -29.01
CA ILE D 495 -5.43 -39.61 -28.14
C ILE D 495 -4.50 -38.60 -28.79
N LYS D 496 -3.42 -39.08 -29.43
CA LYS D 496 -2.50 -38.20 -30.13
C LYS D 496 -3.15 -37.54 -31.33
N GLU D 497 -3.99 -38.30 -32.06
CA GLU D 497 -4.70 -37.75 -33.21
C GLU D 497 -5.71 -36.69 -32.80
N GLU D 498 -6.46 -36.96 -31.71
CA GLU D 498 -7.45 -35.99 -31.23
C GLU D 498 -6.77 -34.75 -30.67
N LEU D 499 -5.63 -34.91 -30.00
CA LEU D 499 -4.91 -33.77 -29.47
C LEU D 499 -4.29 -32.93 -30.59
N LYS D 500 -3.75 -33.59 -31.63
CA LYS D 500 -3.21 -32.87 -32.78
C LYS D 500 -4.31 -32.13 -33.53
N GLU D 501 -5.50 -32.74 -33.62
CA GLU D 501 -6.65 -32.07 -34.22
C GLU D 501 -7.06 -30.83 -33.44
N THR D 502 -7.29 -30.99 -32.13
CA THR D 502 -7.78 -29.89 -31.31
C THR D 502 -6.73 -28.82 -31.04
N VAL D 503 -5.45 -29.08 -31.36
CA VAL D 503 -4.45 -28.02 -31.27
C VAL D 503 -4.28 -27.35 -32.63
N GLU D 504 -4.08 -28.14 -33.69
CA GLU D 504 -3.66 -27.61 -34.97
C GLU D 504 -4.82 -27.24 -35.90
N TYR D 505 -6.07 -27.41 -35.46
CA TYR D 505 -7.15 -26.93 -36.33
C TYR D 505 -7.39 -25.42 -36.29
N PRO D 506 -7.57 -24.74 -35.15
CA PRO D 506 -7.87 -23.30 -35.23
C PRO D 506 -6.66 -22.41 -35.50
N VAL D 507 -5.43 -22.92 -35.34
CA VAL D 507 -4.26 -22.10 -35.59
C VAL D 507 -3.77 -22.21 -37.04
N LEU D 508 -4.25 -23.20 -37.79
CA LEU D 508 -3.87 -23.38 -39.19
C LEU D 508 -4.99 -23.08 -40.17
N HIS D 509 -6.24 -23.43 -39.83
CA HIS D 509 -7.39 -23.19 -40.68
C HIS D 509 -8.45 -22.39 -39.92
N PRO D 510 -8.32 -21.06 -39.84
CA PRO D 510 -9.37 -20.27 -39.19
C PRO D 510 -10.51 -19.92 -40.14
N ASP D 511 -10.29 -20.15 -41.44
CA ASP D 511 -11.28 -19.78 -42.45
C ASP D 511 -12.52 -20.66 -42.37
N GLN D 512 -12.35 -21.96 -42.06
CA GLN D 512 -13.49 -22.83 -41.89
C GLN D 512 -14.28 -22.48 -40.63
N TYR D 513 -13.58 -22.05 -39.58
CA TYR D 513 -14.25 -21.64 -38.35
C TYR D 513 -15.01 -20.33 -38.54
N THR D 514 -14.48 -19.41 -39.34
CA THR D 514 -15.22 -18.19 -39.66
C THR D 514 -16.34 -18.45 -40.65
N LYS D 515 -16.23 -19.48 -41.49
CA LYS D 515 -17.32 -19.85 -42.37
C LYS D 515 -18.48 -20.46 -41.59
N PHE D 516 -18.17 -21.36 -40.65
CA PHE D 516 -19.21 -21.91 -39.79
C PHE D 516 -19.63 -20.94 -38.69
N GLY D 517 -18.83 -19.92 -38.40
CA GLY D 517 -19.21 -18.90 -37.45
C GLY D 517 -19.22 -19.35 -36.00
N LEU D 518 -18.37 -20.31 -35.64
CA LEU D 518 -18.32 -20.84 -34.29
C LEU D 518 -16.89 -20.80 -33.75
N SER D 519 -16.79 -20.76 -32.42
CA SER D 519 -15.52 -20.75 -31.69
C SER D 519 -15.04 -22.18 -31.47
N PRO D 520 -13.73 -22.42 -31.54
CA PRO D 520 -13.23 -23.80 -31.38
C PRO D 520 -13.21 -24.26 -29.92
N SER D 521 -12.92 -25.54 -29.71
CA SER D 521 -12.73 -26.07 -28.37
C SER D 521 -11.35 -25.71 -27.85
N LYS D 522 -11.24 -25.57 -26.53
CA LYS D 522 -10.02 -25.06 -25.92
C LYS D 522 -9.34 -26.07 -25.00
N GLY D 523 -10.07 -26.64 -24.04
CA GLY D 523 -9.43 -27.38 -22.97
C GLY D 523 -9.48 -28.88 -23.11
N VAL D 524 -8.47 -29.54 -22.53
CA VAL D 524 -8.43 -30.99 -22.37
C VAL D 524 -8.03 -31.28 -20.93
N LEU D 525 -8.19 -32.54 -20.52
CA LEU D 525 -7.87 -32.92 -19.15
C LEU D 525 -7.48 -34.41 -19.17
N PHE D 526 -6.19 -34.68 -19.00
CA PHE D 526 -5.69 -36.05 -18.93
C PHE D 526 -5.71 -36.52 -17.48
N TYR D 527 -6.44 -37.60 -17.20
CA TYR D 527 -6.50 -38.18 -15.88
C TYR D 527 -6.30 -39.69 -15.97
N GLY D 528 -5.64 -40.25 -14.96
CA GLY D 528 -5.39 -41.66 -14.93
C GLY D 528 -4.26 -42.03 -13.99
N PRO D 529 -3.62 -43.18 -14.23
CA PRO D 529 -2.53 -43.62 -13.36
C PRO D 529 -1.26 -42.83 -13.63
N PRO D 530 -0.37 -42.73 -12.64
CA PRO D 530 0.91 -42.04 -12.89
C PRO D 530 1.83 -42.89 -13.74
N GLY D 531 2.62 -42.22 -14.58
CA GLY D 531 3.52 -42.90 -15.49
C GLY D 531 2.81 -43.51 -16.66
N THR D 532 2.05 -42.70 -17.39
CA THR D 532 1.28 -43.17 -18.54
C THR D 532 1.51 -42.33 -19.79
N GLY D 533 1.92 -41.08 -19.67
CA GLY D 533 2.20 -40.27 -20.85
C GLY D 533 1.56 -38.90 -20.85
N LYS D 534 1.06 -38.44 -19.70
CA LYS D 534 0.42 -37.13 -19.63
C LYS D 534 1.43 -36.01 -19.79
N THR D 535 2.49 -36.03 -18.98
CA THR D 535 3.56 -35.05 -19.10
C THR D 535 4.34 -35.26 -20.40
N LEU D 536 4.40 -36.49 -20.90
CA LEU D 536 5.03 -36.75 -22.19
C LEU D 536 4.21 -36.17 -23.33
N LEU D 537 2.88 -36.22 -23.22
CA LEU D 537 2.03 -35.56 -24.21
C LEU D 537 2.13 -34.05 -24.10
N ALA D 538 2.33 -33.53 -22.88
CA ALA D 538 2.56 -32.10 -22.71
C ALA D 538 3.88 -31.66 -23.36
N LYS D 539 4.92 -32.48 -23.23
CA LYS D 539 6.19 -32.18 -23.89
C LYS D 539 6.06 -32.30 -25.41
N ALA D 540 5.27 -33.27 -25.88
CA ALA D 540 5.06 -33.44 -27.31
C ALA D 540 4.27 -32.28 -27.91
N VAL D 541 3.36 -31.70 -27.13
CA VAL D 541 2.73 -30.44 -27.53
C VAL D 541 3.75 -29.32 -27.49
N ALA D 542 4.64 -29.32 -26.50
CA ALA D 542 5.57 -28.20 -26.32
C ALA D 542 6.66 -28.17 -27.39
N THR D 543 6.95 -29.29 -28.05
CA THR D 543 8.15 -29.31 -28.88
C THR D 543 7.90 -28.86 -30.33
N GLU D 544 6.78 -29.28 -30.95
CA GLU D 544 6.63 -29.03 -32.38
C GLU D 544 5.20 -28.64 -32.78
N VAL D 545 4.57 -27.73 -32.04
CA VAL D 545 3.35 -27.10 -32.54
C VAL D 545 3.66 -25.64 -32.83
N SER D 546 2.75 -24.95 -33.52
CA SER D 546 2.96 -23.56 -33.87
C SER D 546 2.77 -22.61 -32.70
N ALA D 547 1.85 -22.92 -31.78
CA ALA D 547 1.55 -22.02 -30.69
C ALA D 547 2.65 -22.04 -29.64
N ASN D 548 2.80 -20.90 -28.94
CA ASN D 548 3.81 -20.78 -27.90
C ASN D 548 3.40 -21.56 -26.66
N PHE D 549 4.40 -22.07 -25.94
CA PHE D 549 4.19 -22.90 -24.77
C PHE D 549 4.54 -22.09 -23.52
N ILE D 550 3.58 -21.96 -22.62
CA ILE D 550 3.76 -21.30 -21.34
C ILE D 550 3.51 -22.34 -20.27
N SER D 551 4.58 -22.95 -19.76
CA SER D 551 4.45 -24.00 -18.76
C SER D 551 4.29 -23.37 -17.37
N VAL D 552 3.57 -24.08 -16.51
CA VAL D 552 3.33 -23.64 -15.14
C VAL D 552 3.15 -24.88 -14.26
N LYS D 553 3.75 -24.84 -13.07
CA LYS D 553 3.63 -25.94 -12.13
C LYS D 553 2.40 -25.70 -11.25
N GLY D 554 2.14 -26.61 -10.31
CA GLY D 554 0.96 -26.53 -9.48
C GLY D 554 1.01 -25.41 -8.45
N PRO D 555 1.86 -25.55 -7.44
CA PRO D 555 1.97 -24.51 -6.40
C PRO D 555 2.96 -23.41 -6.74
N GLU D 556 3.38 -23.33 -8.01
CA GLU D 556 4.38 -22.35 -8.42
C GLU D 556 3.88 -20.91 -8.35
N LEU D 557 2.57 -20.69 -8.53
CA LEU D 557 2.03 -19.35 -8.58
C LEU D 557 1.48 -18.86 -7.24
N LEU D 558 1.47 -19.71 -6.22
CA LEU D 558 1.00 -19.29 -4.91
C LEU D 558 2.04 -18.42 -4.21
N SER D 559 1.58 -17.62 -3.26
CA SER D 559 2.47 -16.70 -2.56
C SER D 559 1.93 -16.46 -1.16
N MET D 560 2.73 -15.74 -0.37
CA MET D 560 2.39 -15.52 1.04
C MET D 560 1.37 -14.40 1.20
N TRP D 561 1.49 -13.34 0.42
CA TRP D 561 0.72 -12.13 0.64
C TRP D 561 -0.73 -12.31 0.19
N TYR D 562 -1.55 -11.31 0.51
CA TYR D 562 -2.99 -11.36 0.27
C TYR D 562 -3.26 -10.90 -1.16
N GLY D 563 -3.56 -11.84 -2.04
CA GLY D 563 -3.91 -11.54 -3.41
C GLY D 563 -2.79 -11.68 -4.41
N GLU D 564 -1.58 -12.03 -3.98
CA GLU D 564 -0.46 -12.16 -4.90
C GLU D 564 -0.59 -13.40 -5.79
N SER D 565 -1.21 -14.47 -5.27
CA SER D 565 -1.45 -15.66 -6.10
C SER D 565 -2.46 -15.37 -7.19
N GLU D 566 -3.52 -14.63 -6.86
CA GLU D 566 -4.49 -14.24 -7.89
C GLU D 566 -3.90 -13.22 -8.86
N SER D 567 -2.99 -12.37 -8.39
CA SER D 567 -2.29 -11.47 -9.30
C SER D 567 -1.37 -12.23 -10.25
N ASN D 568 -0.73 -13.30 -9.77
CA ASN D 568 0.09 -14.14 -10.63
C ASN D 568 -0.75 -14.90 -11.65
N ILE D 569 -1.94 -15.35 -11.23
CA ILE D 569 -2.86 -16.02 -12.15
C ILE D 569 -3.33 -15.05 -13.23
N ARG D 570 -3.68 -13.82 -12.84
CA ARG D 570 -4.10 -12.80 -13.81
C ARG D 570 -2.95 -12.41 -14.74
N ASP D 571 -1.73 -12.35 -14.21
CA ASP D 571 -0.57 -12.03 -15.04
C ASP D 571 -0.24 -13.11 -16.05
N ILE D 572 -0.28 -14.39 -15.64
CA ILE D 572 0.04 -15.45 -16.57
C ILE D 572 -1.09 -15.65 -17.58
N PHE D 573 -2.33 -15.34 -17.21
CA PHE D 573 -3.41 -15.44 -18.17
C PHE D 573 -3.43 -14.26 -19.14
N ASP D 574 -3.01 -13.07 -18.68
CA ASP D 574 -2.84 -11.95 -19.59
C ASP D 574 -1.66 -12.18 -20.53
N LYS D 575 -0.60 -12.83 -20.06
CA LYS D 575 0.49 -13.20 -20.94
C LYS D 575 0.09 -14.29 -21.93
N ALA D 576 -0.85 -15.15 -21.54
CA ALA D 576 -1.35 -16.18 -22.45
C ALA D 576 -2.23 -15.58 -23.54
N ARG D 577 -3.23 -14.79 -23.13
CA ARG D 577 -4.17 -14.22 -24.09
C ARG D 577 -3.63 -12.97 -24.79
N ALA D 578 -2.47 -12.45 -24.39
CA ALA D 578 -1.91 -11.28 -25.05
C ALA D 578 -1.26 -11.66 -26.37
N ALA D 579 -0.24 -12.53 -26.32
CA ALA D 579 0.46 -12.99 -27.51
C ALA D 579 -0.16 -14.29 -28.04
N ALA D 580 -1.48 -14.28 -28.24
CA ALA D 580 -2.25 -15.42 -28.69
C ALA D 580 -1.91 -15.78 -30.13
N PRO D 581 -1.97 -17.07 -30.51
CA PRO D 581 -2.29 -18.27 -29.72
C PRO D 581 -1.14 -18.84 -28.88
N THR D 582 -1.42 -19.05 -27.60
CA THR D 582 -0.55 -19.82 -26.72
C THR D 582 -1.31 -21.02 -26.18
N VAL D 583 -0.57 -21.96 -25.60
CA VAL D 583 -1.13 -23.13 -24.96
C VAL D 583 -0.57 -23.21 -23.54
N VAL D 584 -1.44 -23.41 -22.55
CA VAL D 584 -1.08 -23.36 -21.15
C VAL D 584 -1.22 -24.77 -20.57
N PHE D 585 -0.16 -25.26 -19.93
CA PHE D 585 -0.16 -26.58 -19.30
C PHE D 585 -0.40 -26.40 -17.82
N LEU D 586 -1.67 -26.42 -17.41
CA LEU D 586 -2.04 -26.29 -16.00
C LEU D 586 -1.83 -27.64 -15.32
N ASP D 587 -0.67 -27.79 -14.69
CA ASP D 587 -0.33 -29.02 -14.01
C ASP D 587 -0.80 -28.99 -12.57
N GLU D 588 -1.15 -30.17 -12.04
CA GLU D 588 -1.55 -30.41 -10.64
C GLU D 588 -2.78 -29.58 -10.26
N LEU D 589 -3.88 -29.91 -10.94
CA LEU D 589 -5.18 -29.34 -10.57
C LEU D 589 -5.68 -29.85 -9.23
N ASP D 590 -5.13 -30.96 -8.73
CA ASP D 590 -5.36 -31.34 -7.34
C ASP D 590 -4.78 -30.33 -6.38
N SER D 591 -3.64 -29.75 -6.72
CA SER D 591 -3.03 -28.72 -5.89
C SER D 591 -3.67 -27.35 -6.10
N ILE D 592 -4.10 -27.06 -7.33
CA ILE D 592 -4.62 -25.72 -7.61
C ILE D 592 -6.10 -25.62 -7.25
N ALA D 593 -6.92 -26.54 -7.75
CA ALA D 593 -8.38 -26.39 -7.63
C ALA D 593 -8.90 -26.84 -6.26
N LYS D 594 -8.68 -28.12 -5.92
CA LYS D 594 -8.99 -28.77 -4.64
C LYS D 594 -10.50 -28.89 -4.36
N ALA D 595 -11.36 -28.48 -5.31
CA ALA D 595 -12.82 -28.67 -5.27
C ALA D 595 -13.47 -28.08 -4.02
N ARG D 596 -13.51 -26.74 -3.94
CA ARG D 596 -13.53 -25.91 -2.74
C ARG D 596 -14.29 -26.41 -1.52
N GLY D 597 -15.61 -26.56 -1.66
CA GLY D 597 -16.43 -26.98 -0.53
C GLY D 597 -16.40 -25.97 0.59
N GLY D 598 -15.92 -26.41 1.76
CA GLY D 598 -15.71 -25.55 2.89
C GLY D 598 -14.73 -26.14 3.88
N SER D 599 -13.72 -25.36 4.28
CA SER D 599 -12.70 -25.83 5.21
C SER D 599 -12.49 -24.94 6.41
N LEU D 600 -13.13 -23.76 6.42
CA LEU D 600 -13.06 -22.78 7.55
C LEU D 600 -11.61 -22.39 7.89
N GLY D 601 -10.83 -21.93 6.90
CA GLY D 601 -9.45 -21.56 7.12
C GLY D 601 -8.94 -20.63 6.04
N ASP D 602 -7.75 -20.08 6.30
CA ASP D 602 -7.10 -19.20 5.33
C ASP D 602 -6.66 -19.93 4.08
N ALA D 603 -6.25 -21.20 4.21
CA ALA D 603 -5.92 -22.01 3.03
C ALA D 603 -7.15 -22.26 2.18
N GLY D 604 -8.30 -22.50 2.82
CA GLY D 604 -9.54 -22.63 2.08
C GLY D 604 -9.99 -21.34 1.44
N GLY D 605 -9.75 -20.21 2.12
CA GLY D 605 -10.09 -18.92 1.53
C GLY D 605 -9.23 -18.59 0.32
N ALA D 606 -7.92 -18.87 0.41
CA ALA D 606 -7.04 -18.68 -0.73
C ALA D 606 -7.35 -19.65 -1.87
N SER D 607 -7.79 -20.87 -1.54
CA SER D 607 -8.20 -21.81 -2.57
C SER D 607 -9.45 -21.35 -3.28
N ASP D 608 -10.44 -20.84 -2.53
CA ASP D 608 -11.65 -20.28 -3.13
C ASP D 608 -11.33 -19.07 -4.01
N ARG D 609 -10.41 -18.20 -3.55
CA ARG D 609 -10.02 -17.03 -4.34
C ARG D 609 -9.31 -17.42 -5.62
N VAL D 610 -8.38 -18.38 -5.57
CA VAL D 610 -7.67 -18.76 -6.79
C VAL D 610 -8.57 -19.56 -7.73
N VAL D 611 -9.57 -20.30 -7.20
CA VAL D 611 -10.49 -21.02 -8.06
C VAL D 611 -11.43 -20.05 -8.78
N ASN D 612 -11.94 -19.06 -8.05
CA ASN D 612 -12.81 -18.07 -8.68
C ASN D 612 -12.03 -17.16 -9.63
N GLN D 613 -10.75 -16.92 -9.36
CA GLN D 613 -9.91 -16.21 -10.32
C GLN D 613 -9.70 -17.02 -11.59
N LEU D 614 -9.52 -18.34 -11.47
CA LEU D 614 -9.44 -19.20 -12.65
C LEU D 614 -10.76 -19.23 -13.40
N LEU D 615 -11.88 -19.17 -12.68
CA LEU D 615 -13.18 -19.19 -13.32
C LEU D 615 -13.46 -17.90 -14.08
N THR D 616 -13.00 -16.77 -13.54
CA THR D 616 -13.15 -15.49 -14.21
C THR D 616 -12.07 -15.23 -15.26
N GLU D 617 -10.99 -16.01 -15.26
CA GLU D 617 -9.96 -15.85 -16.27
C GLU D 617 -10.09 -16.81 -17.45
N MET D 618 -10.59 -18.03 -17.21
CA MET D 618 -10.72 -18.98 -18.32
C MET D 618 -11.94 -18.66 -19.17
N ASP D 619 -13.10 -18.51 -18.54
CA ASP D 619 -14.33 -18.10 -19.22
C ASP D 619 -14.93 -16.96 -18.42
N GLY D 620 -14.53 -15.73 -18.75
CA GLY D 620 -15.06 -14.55 -18.11
C GLY D 620 -15.40 -13.49 -19.13
N MET D 621 -15.27 -12.23 -18.77
CA MET D 621 -15.56 -11.14 -19.69
C MET D 621 -14.25 -10.70 -20.32
N ASN D 622 -13.76 -11.52 -21.24
CA ASN D 622 -12.54 -11.25 -22.01
C ASN D 622 -12.86 -11.42 -23.49
N ALA D 623 -11.81 -11.38 -24.31
CA ALA D 623 -11.96 -11.57 -25.75
C ALA D 623 -11.96 -13.04 -26.16
N LYS D 624 -11.44 -13.92 -25.29
CA LYS D 624 -11.23 -15.37 -25.49
C LYS D 624 -10.76 -15.72 -26.91
N LYS D 625 -9.67 -15.07 -27.32
CA LYS D 625 -9.09 -15.25 -28.65
C LYS D 625 -8.58 -16.67 -28.86
N ASN D 626 -7.53 -17.05 -28.13
CA ASN D 626 -6.96 -18.40 -28.25
C ASN D 626 -6.22 -18.71 -26.94
N VAL D 627 -6.87 -19.45 -26.06
CA VAL D 627 -6.25 -19.93 -24.82
C VAL D 627 -6.52 -21.43 -24.73
N PHE D 628 -5.46 -22.23 -24.83
CA PHE D 628 -5.59 -23.69 -24.78
C PHE D 628 -5.05 -24.16 -23.42
N VAL D 629 -5.97 -24.45 -22.51
CA VAL D 629 -5.59 -24.92 -21.18
C VAL D 629 -5.51 -26.44 -21.19
N ILE D 630 -4.35 -26.98 -20.86
CA ILE D 630 -4.14 -28.43 -20.77
C ILE D 630 -3.97 -28.79 -19.30
N GLY D 631 -4.86 -29.65 -18.79
CA GLY D 631 -4.76 -30.14 -17.44
C GLY D 631 -4.29 -31.59 -17.41
N ALA D 632 -3.52 -31.91 -16.38
CA ALA D 632 -2.97 -33.26 -16.21
C ALA D 632 -2.99 -33.60 -14.73
N THR D 633 -4.01 -34.34 -14.31
CA THR D 633 -4.17 -34.76 -12.93
C THR D 633 -4.06 -36.28 -12.82
N ASN D 634 -3.97 -36.77 -11.58
CA ASN D 634 -3.99 -38.20 -11.33
C ASN D 634 -5.00 -38.56 -10.24
N ARG D 635 -5.90 -37.63 -9.90
CA ARG D 635 -6.94 -37.84 -8.91
C ARG D 635 -8.08 -36.87 -9.22
N PRO D 636 -9.00 -37.23 -10.11
CA PRO D 636 -10.01 -36.26 -10.56
C PRO D 636 -11.19 -36.11 -9.63
N ASP D 637 -11.14 -36.72 -8.45
CA ASP D 637 -12.20 -36.56 -7.46
C ASP D 637 -12.13 -35.23 -6.73
N GLN D 638 -11.01 -34.50 -6.82
CA GLN D 638 -10.81 -33.24 -6.13
C GLN D 638 -10.75 -32.07 -7.12
N ILE D 639 -11.58 -32.12 -8.16
CA ILE D 639 -11.67 -31.03 -9.13
C ILE D 639 -13.06 -30.42 -9.03
N ASP D 640 -13.12 -29.10 -9.16
CA ASP D 640 -14.38 -28.37 -9.04
C ASP D 640 -15.27 -28.64 -10.25
N PRO D 641 -16.57 -28.94 -10.05
CA PRO D 641 -17.48 -29.03 -11.21
C PRO D 641 -18.01 -27.68 -11.66
N ALA D 642 -17.13 -26.69 -11.72
CA ALA D 642 -17.30 -25.48 -12.51
C ALA D 642 -16.11 -25.26 -13.43
N ILE D 643 -14.97 -25.84 -13.11
CA ILE D 643 -13.89 -26.00 -14.07
C ILE D 643 -14.07 -27.29 -14.86
N LEU D 644 -14.91 -28.21 -14.34
CA LEU D 644 -15.21 -29.46 -15.08
C LEU D 644 -16.22 -29.16 -16.19
N ARG D 645 -16.87 -27.99 -16.14
CA ARG D 645 -17.93 -27.56 -17.08
C ARG D 645 -17.38 -27.25 -18.49
N PRO D 646 -18.12 -27.62 -19.56
CA PRO D 646 -17.74 -27.34 -20.95
C PRO D 646 -17.55 -25.84 -21.19
N GLY D 647 -16.63 -25.53 -22.11
CA GLY D 647 -16.19 -24.18 -22.36
C GLY D 647 -14.84 -23.86 -21.77
N ARG D 648 -14.44 -24.55 -20.70
CA ARG D 648 -13.12 -24.40 -20.11
C ARG D 648 -12.27 -25.65 -20.23
N LEU D 649 -12.76 -26.79 -19.72
CA LEU D 649 -12.03 -28.04 -19.71
C LEU D 649 -12.97 -29.18 -20.13
N ASP D 650 -13.63 -29.00 -21.27
CA ASP D 650 -14.71 -29.90 -21.71
C ASP D 650 -14.20 -31.31 -21.99
N GLN D 651 -13.03 -31.42 -22.60
CA GLN D 651 -12.50 -32.74 -22.97
C GLN D 651 -11.92 -33.42 -21.74
N LEU D 652 -12.59 -34.47 -21.27
CA LEU D 652 -12.11 -35.27 -20.15
C LEU D 652 -11.52 -36.56 -20.73
N ILE D 653 -10.23 -36.51 -21.04
CA ILE D 653 -9.54 -37.60 -21.71
C ILE D 653 -9.00 -38.57 -20.67
N TYR D 654 -9.45 -39.81 -20.73
CA TYR D 654 -8.96 -40.87 -19.86
C TYR D 654 -7.85 -41.62 -20.57
N VAL D 655 -6.69 -41.73 -19.91
CA VAL D 655 -5.54 -42.42 -20.48
C VAL D 655 -5.37 -43.74 -19.74
N PRO D 656 -5.83 -44.87 -20.29
CA PRO D 656 -5.83 -46.11 -19.53
C PRO D 656 -4.49 -46.83 -19.55
N LEU D 657 -4.45 -48.01 -18.93
CA LEU D 657 -3.23 -48.81 -18.94
C LEU D 657 -3.03 -49.45 -20.31
N PRO D 658 -1.78 -49.63 -20.74
CA PRO D 658 -1.54 -50.18 -22.09
C PRO D 658 -1.87 -51.66 -22.17
N ASP D 659 -2.31 -52.07 -23.36
CA ASP D 659 -2.59 -53.47 -23.67
C ASP D 659 -1.31 -54.11 -24.23
N GLU D 660 -1.43 -55.29 -24.86
CA GLU D 660 -0.26 -55.97 -25.39
C GLU D 660 0.33 -55.22 -26.58
N ASN D 661 -0.52 -54.81 -27.53
CA ASN D 661 -0.03 -54.06 -28.68
C ASN D 661 0.46 -52.66 -28.30
N ALA D 662 -0.20 -52.04 -27.32
CA ALA D 662 0.23 -50.73 -26.85
C ALA D 662 1.57 -50.83 -26.11
N ARG D 663 1.78 -51.90 -25.35
CA ARG D 663 3.05 -52.11 -24.68
C ARG D 663 4.15 -52.44 -25.68
N LEU D 664 3.81 -53.15 -26.77
CA LEU D 664 4.77 -53.39 -27.84
C LEU D 664 5.16 -52.10 -28.53
N SER D 665 4.18 -51.21 -28.76
CA SER D 665 4.49 -49.90 -29.35
C SER D 665 5.31 -49.03 -28.42
N ILE D 666 5.06 -49.12 -27.10
CA ILE D 666 5.84 -48.36 -26.13
C ILE D 666 7.28 -48.87 -26.09
N LEU D 667 7.46 -50.19 -26.09
CA LEU D 667 8.79 -50.77 -26.10
C LEU D 667 9.52 -50.51 -27.40
N ASN D 668 8.80 -50.37 -28.52
CA ASN D 668 9.44 -49.97 -29.76
C ASN D 668 9.81 -48.49 -29.76
N ALA D 669 9.00 -47.65 -29.09
CA ALA D 669 9.31 -46.22 -29.03
C ALA D 669 10.45 -45.91 -28.08
N GLN D 670 10.60 -46.68 -27.00
CA GLN D 670 11.72 -46.47 -26.09
C GLN D 670 13.03 -46.93 -26.70
N LEU D 671 12.97 -47.90 -27.61
CA LEU D 671 14.15 -48.40 -28.32
C LEU D 671 14.26 -47.81 -29.71
N ARG D 672 13.91 -46.53 -29.86
CA ARG D 672 13.92 -45.89 -31.18
C ARG D 672 15.34 -45.63 -31.65
N LYS D 673 16.18 -45.06 -30.79
CA LYS D 673 17.56 -44.73 -31.13
C LYS D 673 18.49 -45.46 -30.15
N THR D 674 18.83 -46.70 -30.51
CA THR D 674 19.75 -47.52 -29.74
C THR D 674 20.30 -48.61 -30.65
N PRO D 675 21.53 -49.07 -30.43
CA PRO D 675 22.00 -50.26 -31.14
C PRO D 675 21.39 -51.52 -30.55
N LEU D 676 20.64 -52.26 -31.35
CA LEU D 676 19.87 -53.40 -30.89
C LEU D 676 20.31 -54.66 -31.61
N GLU D 677 20.09 -55.81 -30.95
CA GLU D 677 20.39 -57.09 -31.56
C GLU D 677 19.41 -57.37 -32.69
N PRO D 678 19.91 -57.84 -33.85
CA PRO D 678 19.00 -58.09 -34.98
C PRO D 678 18.08 -59.29 -34.79
N GLY D 679 18.42 -60.22 -33.91
CA GLY D 679 17.57 -61.38 -33.68
C GLY D 679 16.80 -61.30 -32.38
N LEU D 680 16.28 -60.12 -32.07
CA LEU D 680 15.57 -59.88 -30.82
C LEU D 680 14.15 -59.41 -31.11
N GLU D 681 13.18 -59.98 -30.40
CA GLU D 681 11.79 -59.60 -30.51
C GLU D 681 11.27 -59.12 -29.15
N LEU D 682 10.36 -58.15 -29.19
CA LEU D 682 9.80 -57.56 -27.98
C LEU D 682 8.41 -58.08 -27.62
N THR D 683 7.89 -59.05 -28.40
CA THR D 683 6.56 -59.57 -28.13
C THR D 683 6.53 -60.40 -26.85
N ALA D 684 7.57 -61.20 -26.60
CA ALA D 684 7.66 -61.95 -25.36
C ALA D 684 7.88 -61.06 -24.15
N ILE D 685 8.46 -59.87 -24.35
CA ILE D 685 8.59 -58.92 -23.25
C ILE D 685 7.25 -58.24 -22.98
N ALA D 686 6.53 -57.88 -24.04
CA ALA D 686 5.28 -57.14 -23.86
C ALA D 686 4.13 -58.04 -23.42
N LYS D 687 4.21 -59.34 -23.70
CA LYS D 687 3.09 -60.22 -23.42
C LYS D 687 3.07 -60.70 -21.97
N ALA D 688 4.24 -60.89 -21.37
CA ALA D 688 4.35 -61.54 -20.06
C ALA D 688 4.33 -60.54 -18.90
N THR D 689 3.68 -59.40 -19.08
CA THR D 689 3.56 -58.41 -18.00
C THR D 689 2.12 -58.25 -17.52
N GLN D 690 1.21 -57.89 -18.44
CA GLN D 690 -0.25 -57.86 -18.27
C GLN D 690 -0.76 -56.83 -17.27
N GLY D 691 0.12 -56.10 -16.58
CA GLY D 691 -0.29 -55.08 -15.65
C GLY D 691 0.66 -53.91 -15.60
N PHE D 692 1.62 -53.89 -16.51
CA PHE D 692 2.74 -52.95 -16.45
C PHE D 692 2.34 -51.60 -17.03
N SER D 693 3.29 -50.67 -17.04
CA SER D 693 3.09 -49.34 -17.56
C SER D 693 4.36 -48.86 -18.24
N GLY D 694 4.29 -47.63 -18.78
CA GLY D 694 5.42 -47.06 -19.49
C GLY D 694 6.61 -46.79 -18.60
N ALA D 695 6.36 -46.41 -17.34
CA ALA D 695 7.46 -46.21 -16.39
C ALA D 695 8.15 -47.52 -16.06
N ASP D 696 7.39 -48.61 -15.92
CA ASP D 696 7.98 -49.92 -15.65
C ASP D 696 8.75 -50.44 -16.86
N LEU D 697 8.24 -50.19 -18.07
CA LEU D 697 8.98 -50.61 -19.26
C LEU D 697 10.25 -49.77 -19.45
N LEU D 698 10.19 -48.48 -19.11
CA LEU D 698 11.39 -47.64 -19.14
C LEU D 698 12.41 -48.10 -18.10
N TYR D 699 11.94 -48.54 -16.94
CA TYR D 699 12.83 -49.08 -15.91
C TYR D 699 13.48 -50.39 -16.37
N ILE D 700 12.73 -51.23 -17.08
CA ILE D 700 13.27 -52.47 -17.62
C ILE D 700 14.35 -52.19 -18.68
N VAL D 701 14.07 -51.24 -19.57
CA VAL D 701 15.02 -50.88 -20.62
C VAL D 701 16.27 -50.22 -20.02
N GLN D 702 16.09 -49.42 -18.96
CA GLN D 702 17.23 -48.78 -18.29
C GLN D 702 18.08 -49.80 -17.54
N ARG D 703 17.46 -50.80 -16.91
CA ARG D 703 18.24 -51.85 -16.26
C ARG D 703 18.98 -52.72 -17.27
N ALA D 704 18.37 -52.96 -18.45
CA ALA D 704 19.05 -53.70 -19.50
C ALA D 704 20.25 -52.93 -20.03
N ALA D 705 20.09 -51.61 -20.21
CA ALA D 705 21.20 -50.78 -20.65
C ALA D 705 22.29 -50.67 -19.59
N LYS D 706 21.91 -50.68 -18.30
CA LYS D 706 22.90 -50.64 -17.23
C LYS D 706 23.69 -51.93 -17.15
N TYR D 707 23.01 -53.08 -17.33
CA TYR D 707 23.72 -54.36 -17.35
C TYR D 707 24.62 -54.48 -18.57
N ALA D 708 24.17 -53.99 -19.72
CA ALA D 708 24.99 -54.01 -20.93
C ALA D 708 26.21 -53.10 -20.81
N ILE D 709 26.04 -51.91 -20.22
CA ILE D 709 27.20 -51.04 -20.06
C ILE D 709 28.12 -51.52 -18.93
N LYS D 710 27.60 -52.28 -17.95
CA LYS D 710 28.47 -52.88 -16.95
C LYS D 710 29.32 -53.99 -17.56
N ASP D 711 28.71 -54.81 -18.42
CA ASP D 711 29.46 -55.82 -19.16
C ASP D 711 30.46 -55.17 -20.12
N SER D 712 30.11 -54.02 -20.70
CA SER D 712 31.02 -53.32 -21.60
C SER D 712 32.22 -52.75 -20.85
N ILE D 713 32.00 -52.17 -19.66
CA ILE D 713 33.11 -51.66 -18.86
C ILE D 713 33.99 -52.80 -18.36
N GLU D 714 33.38 -53.93 -17.98
CA GLU D 714 34.17 -55.08 -17.53
C GLU D 714 35.00 -55.67 -18.67
N ALA D 715 34.43 -55.77 -19.87
CA ALA D 715 35.17 -56.28 -21.02
C ALA D 715 36.25 -55.31 -21.47
N HIS D 716 36.00 -54.01 -21.38
CA HIS D 716 37.03 -53.02 -21.72
C HIS D 716 38.17 -53.04 -20.71
N ARG D 717 37.86 -53.24 -19.42
CA ARG D 717 38.92 -53.38 -18.42
C ARG D 717 39.71 -54.66 -18.62
N GLN D 718 39.04 -55.74 -19.05
CA GLN D 718 39.74 -57.00 -19.33
C GLN D 718 40.66 -56.86 -20.54
N HIS D 719 40.17 -56.21 -21.61
CA HIS D 719 40.99 -56.00 -22.80
C HIS D 719 42.08 -54.96 -22.60
N GLU D 720 41.93 -54.07 -21.62
CA GLU D 720 43.01 -53.14 -21.28
C GLU D 720 44.04 -53.77 -20.35
N ALA D 721 43.63 -54.72 -19.51
CA ALA D 721 44.60 -55.45 -18.69
C ALA D 721 45.40 -56.43 -19.54
N GLU D 722 44.70 -57.27 -20.30
CA GLU D 722 45.37 -58.21 -21.20
C GLU D 722 45.47 -57.64 -22.61
N ASP D 748 35.43 -52.48 -30.08
CA ASP D 748 34.14 -52.64 -29.44
C ASP D 748 33.91 -54.10 -29.03
N PRO D 749 33.93 -54.37 -27.72
CA PRO D 749 33.72 -55.75 -27.27
C PRO D 749 32.29 -56.23 -27.42
N VAL D 750 31.32 -55.39 -27.08
CA VAL D 750 29.91 -55.71 -27.25
C VAL D 750 29.15 -54.47 -27.73
N PRO D 751 28.53 -54.52 -28.91
CA PRO D 751 27.89 -53.33 -29.48
C PRO D 751 26.39 -53.18 -29.24
N TYR D 752 25.70 -54.18 -28.72
CA TYR D 752 24.26 -54.07 -28.50
C TYR D 752 23.87 -54.80 -27.22
N ILE D 753 22.65 -54.52 -26.76
CA ILE D 753 22.09 -55.19 -25.59
C ILE D 753 21.60 -56.57 -26.01
N THR D 754 21.91 -57.58 -25.20
CA THR D 754 21.63 -58.96 -25.53
C THR D 754 20.39 -59.46 -24.79
N LYS D 755 19.94 -60.64 -25.21
CA LYS D 755 18.78 -61.27 -24.57
C LYS D 755 19.10 -61.71 -23.15
N GLU D 756 20.37 -62.06 -22.88
CA GLU D 756 20.79 -62.36 -21.52
C GLU D 756 20.70 -61.12 -20.63
N HIS D 757 21.08 -59.95 -21.17
CA HIS D 757 20.95 -58.70 -20.43
C HIS D 757 19.50 -58.33 -20.21
N PHE D 758 18.64 -58.57 -21.21
CA PHE D 758 17.21 -58.30 -21.05
C PHE D 758 16.57 -59.24 -20.03
N ALA D 759 17.03 -60.50 -19.99
CA ALA D 759 16.52 -61.43 -18.99
C ALA D 759 17.00 -61.08 -17.59
N GLU D 760 18.24 -60.61 -17.47
CA GLU D 760 18.73 -60.15 -16.18
C GLU D 760 18.04 -58.88 -15.73
N ALA D 761 17.59 -58.05 -16.68
CA ALA D 761 16.80 -56.87 -16.32
C ALA D 761 15.39 -57.25 -15.88
N MET D 762 14.76 -58.20 -16.59
CA MET D 762 13.41 -58.63 -16.26
C MET D 762 13.35 -59.61 -15.10
N LYS D 763 14.51 -60.06 -14.59
CA LYS D 763 14.53 -60.85 -13.37
C LYS D 763 13.94 -60.08 -12.18
N THR D 764 14.26 -58.79 -12.07
CA THR D 764 13.71 -57.94 -11.02
C THR D 764 12.78 -56.90 -11.65
N ALA D 765 11.49 -57.05 -11.39
CA ALA D 765 10.47 -56.12 -11.85
C ALA D 765 9.75 -55.51 -10.66
N LYS D 766 8.86 -54.56 -10.94
CA LYS D 766 8.23 -53.77 -9.89
C LYS D 766 6.73 -54.00 -9.77
N ARG D 767 5.98 -53.82 -10.86
CA ARG D 767 4.51 -53.72 -10.87
C ARG D 767 4.06 -52.66 -9.85
N SER D 768 4.40 -51.41 -10.19
CA SER D 768 4.33 -50.32 -9.22
C SER D 768 2.89 -49.93 -8.91
N VAL D 769 2.00 -50.01 -9.90
CA VAL D 769 0.61 -49.64 -9.70
C VAL D 769 -0.08 -50.75 -8.90
N SER D 770 -0.71 -50.37 -7.80
CA SER D 770 -1.33 -51.32 -6.89
C SER D 770 -2.70 -51.73 -7.43
N ASP D 771 -3.38 -52.60 -6.70
CA ASP D 771 -4.66 -53.16 -7.13
C ASP D 771 -5.86 -52.35 -6.64
N ALA D 772 -5.64 -51.27 -5.89
CA ALA D 772 -6.71 -50.42 -5.41
C ALA D 772 -6.87 -49.15 -6.24
N GLU D 773 -5.76 -48.56 -6.69
CA GLU D 773 -5.83 -47.38 -7.55
C GLU D 773 -6.37 -47.75 -8.92
N LEU D 774 -6.09 -48.98 -9.38
CA LEU D 774 -6.69 -49.49 -10.61
C LEU D 774 -8.21 -49.55 -10.51
N ARG D 775 -8.72 -50.09 -9.40
CA ARG D 775 -10.16 -50.16 -9.19
C ARG D 775 -10.78 -48.77 -9.03
N ARG D 776 -10.07 -47.84 -8.39
CA ARG D 776 -10.59 -46.49 -8.21
C ARG D 776 -10.67 -45.74 -9.54
N TYR D 777 -9.62 -45.84 -10.37
CA TYR D 777 -9.63 -45.15 -11.65
C TYR D 777 -10.61 -45.78 -12.64
N GLU D 778 -10.73 -47.11 -12.64
CA GLU D 778 -11.73 -47.72 -13.51
C GLU D 778 -13.15 -47.51 -12.99
N ALA D 779 -13.32 -47.30 -11.68
CA ALA D 779 -14.62 -46.95 -11.15
C ALA D 779 -15.01 -45.52 -11.54
N TYR D 780 -14.04 -44.60 -11.55
CA TYR D 780 -14.31 -43.25 -12.04
C TYR D 780 -14.60 -43.26 -13.54
N SER D 781 -13.91 -44.13 -14.29
CA SER D 781 -14.21 -44.27 -15.72
C SER D 781 -15.60 -44.85 -15.95
N GLN D 782 -16.01 -45.80 -15.10
CA GLN D 782 -17.37 -46.35 -15.19
C GLN D 782 -18.41 -45.32 -14.80
N GLN D 783 -18.08 -44.43 -13.85
CA GLN D 783 -18.99 -43.33 -13.50
C GLN D 783 -19.14 -42.36 -14.66
N MET D 784 -18.02 -42.03 -15.32
CA MET D 784 -18.06 -41.12 -16.46
C MET D 784 -18.76 -41.74 -17.66
N LYS D 785 -18.70 -43.07 -17.80
CA LYS D 785 -19.45 -43.74 -18.86
C LYS D 785 -20.91 -43.94 -18.51
N ALA D 786 -21.26 -44.04 -17.23
CA ALA D 786 -22.65 -44.10 -16.80
C ALA D 786 -23.32 -42.73 -16.84
N SER D 787 -22.55 -41.65 -16.75
CA SER D 787 -23.09 -40.32 -17.03
C SER D 787 -23.35 -40.09 -18.51
N ARG D 788 -22.81 -40.95 -19.38
CA ARG D 788 -23.03 -40.90 -20.82
C ARG D 788 -24.21 -41.80 -21.24
N GLY D 789 -25.21 -41.95 -20.36
CA GLY D 789 -26.32 -42.84 -20.65
C GLY D 789 -27.32 -42.25 -21.62
N GLN D 790 -28.14 -43.14 -22.17
CA GLN D 790 -29.18 -42.84 -23.17
C GLN D 790 -28.59 -42.15 -24.40
N PHE D 791 -27.66 -42.86 -25.05
CA PHE D 791 -27.03 -42.38 -26.28
C PHE D 791 -26.80 -43.56 -27.20
N SER D 792 -27.15 -43.38 -28.47
CA SER D 792 -27.11 -44.44 -29.47
C SER D 792 -26.59 -43.85 -30.76
N ASN D 793 -26.83 -44.55 -31.88
CA ASN D 793 -26.44 -44.05 -33.20
C ASN D 793 -27.22 -42.79 -33.58
N PHE D 794 -28.41 -42.60 -32.99
CA PHE D 794 -29.21 -41.37 -33.05
C PHE D 794 -29.62 -41.02 -34.48
N ASN D 795 -30.42 -41.92 -35.05
CA ASN D 795 -31.01 -41.66 -36.36
C ASN D 795 -32.11 -40.61 -36.24
N PHE D 796 -32.02 -39.58 -37.07
CA PHE D 796 -32.99 -38.49 -37.05
C PHE D 796 -34.29 -38.90 -37.71
N VAL E 211 42.67 -10.13 -17.40
CA VAL E 211 42.71 -8.95 -18.26
C VAL E 211 42.94 -9.36 -19.71
N GLY E 212 43.08 -10.67 -19.94
CA GLY E 212 43.28 -11.20 -21.27
C GLY E 212 42.38 -12.38 -21.54
N TYR E 213 42.44 -12.88 -22.78
CA TYR E 213 41.63 -14.02 -23.15
C TYR E 213 42.18 -15.33 -22.58
N ASP E 214 43.47 -15.35 -22.28
CA ASP E 214 44.07 -16.56 -21.70
C ASP E 214 43.70 -16.72 -20.23
N ASP E 215 43.30 -15.62 -19.56
CA ASP E 215 42.98 -15.64 -18.14
C ASP E 215 41.52 -15.96 -17.87
N ILE E 216 40.83 -16.62 -18.79
CA ILE E 216 39.44 -17.02 -18.64
C ILE E 216 39.37 -18.53 -18.75
N GLY E 217 38.85 -19.18 -17.70
CA GLY E 217 38.75 -20.63 -17.69
C GLY E 217 37.37 -21.15 -17.39
N GLY E 218 36.88 -22.07 -18.22
CA GLY E 218 35.60 -22.71 -18.02
C GLY E 218 34.45 -22.10 -18.82
N CYS E 219 34.50 -20.80 -19.07
CA CYS E 219 33.45 -20.12 -19.84
C CYS E 219 33.80 -20.07 -21.33
N ARG E 220 34.03 -21.23 -21.92
CA ARG E 220 34.60 -21.29 -23.27
C ARG E 220 33.60 -20.86 -24.33
N LYS E 221 32.42 -21.49 -24.37
CA LYS E 221 31.45 -21.21 -25.42
C LYS E 221 30.83 -19.81 -25.28
N GLN E 222 30.49 -19.40 -24.06
CA GLN E 222 29.94 -18.06 -23.86
C GLN E 222 31.01 -16.98 -24.05
N MET E 223 32.26 -17.28 -23.67
CA MET E 223 33.36 -16.35 -23.91
C MET E 223 33.60 -16.18 -25.41
N ALA E 224 33.53 -17.27 -26.17
CA ALA E 224 33.71 -17.18 -27.61
C ALA E 224 32.57 -16.44 -28.28
N GLN E 225 31.34 -16.63 -27.78
CA GLN E 225 30.18 -15.93 -28.34
C GLN E 225 30.25 -14.42 -28.08
N ILE E 226 30.59 -14.04 -26.84
CA ILE E 226 30.74 -12.63 -26.52
C ILE E 226 31.93 -12.02 -27.27
N ARG E 227 33.01 -12.81 -27.42
CA ARG E 227 34.20 -12.36 -28.13
C ARG E 227 33.89 -12.07 -29.60
N GLU E 228 33.17 -12.98 -30.27
CA GLU E 228 32.86 -12.75 -31.68
C GLU E 228 31.85 -11.62 -31.85
N MET E 229 30.86 -11.52 -30.96
CA MET E 229 29.85 -10.49 -31.13
C MET E 229 30.36 -9.10 -30.80
N VAL E 230 31.47 -8.98 -30.06
CA VAL E 230 32.13 -7.69 -29.89
C VAL E 230 33.17 -7.43 -31.00
N GLU E 231 34.01 -8.41 -31.33
CA GLU E 231 35.14 -8.09 -32.21
C GLU E 231 34.76 -8.08 -33.69
N LEU E 232 33.68 -8.77 -34.09
CA LEU E 232 33.28 -8.75 -35.49
C LEU E 232 32.76 -7.39 -35.98
N PRO E 233 32.07 -6.57 -35.17
CA PRO E 233 31.92 -5.17 -35.57
C PRO E 233 33.21 -4.37 -35.53
N LEU E 234 34.14 -4.71 -34.64
CA LEU E 234 35.32 -3.87 -34.42
C LEU E 234 36.49 -4.22 -35.33
N ARG E 235 36.66 -5.49 -35.69
CA ARG E 235 37.77 -5.87 -36.57
C ARG E 235 37.52 -5.43 -38.00
N HIS E 236 36.31 -5.66 -38.51
CA HIS E 236 35.94 -5.29 -39.87
C HIS E 236 34.44 -5.04 -39.92
N PRO E 237 34.02 -3.79 -40.10
CA PRO E 237 32.59 -3.52 -40.31
C PRO E 237 32.13 -3.75 -41.74
N GLN E 238 33.05 -4.10 -42.65
CA GLN E 238 32.69 -4.35 -44.04
C GLN E 238 31.85 -5.62 -44.21
N LEU E 239 32.01 -6.59 -43.32
CA LEU E 239 31.18 -7.80 -43.37
C LEU E 239 29.73 -7.48 -43.04
N PHE E 240 29.50 -6.68 -41.99
CA PHE E 240 28.15 -6.26 -41.65
C PHE E 240 27.61 -5.21 -42.61
N LYS E 241 28.49 -4.50 -43.33
CA LYS E 241 28.03 -3.65 -44.42
C LYS E 241 27.59 -4.46 -45.63
N ALA E 242 28.29 -5.54 -45.94
CA ALA E 242 27.94 -6.39 -47.07
C ALA E 242 26.69 -7.21 -46.79
N ILE E 243 26.52 -7.69 -45.55
CA ILE E 243 25.32 -8.46 -45.24
C ILE E 243 24.15 -7.51 -45.00
N GLY E 244 24.41 -6.24 -44.72
CA GLY E 244 23.36 -5.25 -44.63
C GLY E 244 22.48 -5.34 -43.41
N ILE E 245 23.06 -5.50 -42.23
CA ILE E 245 22.30 -5.57 -40.99
C ILE E 245 23.17 -5.05 -39.86
N LYS E 246 22.52 -4.63 -38.75
CA LYS E 246 23.22 -4.09 -37.59
C LYS E 246 23.45 -5.18 -36.55
N PRO E 247 24.61 -5.19 -35.89
CA PRO E 247 24.90 -6.20 -34.88
C PRO E 247 24.14 -5.92 -33.59
N PRO E 248 23.97 -6.92 -32.73
CA PRO E 248 23.38 -6.67 -31.41
C PRO E 248 24.29 -5.83 -30.53
N ARG E 249 23.68 -5.04 -29.66
CA ARG E 249 24.40 -4.10 -28.80
C ARG E 249 23.93 -4.25 -27.36
N GLY E 250 23.88 -5.48 -26.88
CA GLY E 250 23.48 -5.72 -25.50
C GLY E 250 23.73 -7.14 -25.03
N VAL E 251 24.38 -7.28 -23.88
CA VAL E 251 24.64 -8.58 -23.27
C VAL E 251 24.15 -8.54 -21.83
N LEU E 252 23.19 -9.41 -21.50
CA LEU E 252 22.68 -9.53 -20.14
C LEU E 252 23.28 -10.78 -19.50
N MET E 253 24.20 -10.58 -18.56
CA MET E 253 24.85 -11.67 -17.86
C MET E 253 24.13 -11.95 -16.55
N TYR E 254 23.86 -13.23 -16.29
CA TYR E 254 23.20 -13.65 -15.07
C TYR E 254 23.84 -14.93 -14.56
N GLY E 255 23.79 -15.11 -13.25
CA GLY E 255 24.39 -16.26 -12.61
C GLY E 255 24.70 -15.99 -11.16
N PRO E 256 25.42 -16.91 -10.51
CA PRO E 256 25.78 -16.71 -9.11
C PRO E 256 26.85 -15.66 -8.97
N PRO E 257 26.89 -14.93 -7.85
CA PRO E 257 27.95 -13.94 -7.65
C PRO E 257 29.31 -14.59 -7.41
N GLY E 258 30.31 -14.07 -8.10
CA GLY E 258 31.64 -14.65 -8.05
C GLY E 258 31.98 -15.58 -9.18
N THR E 259 31.43 -15.37 -10.37
CA THR E 259 31.62 -16.29 -11.49
C THR E 259 32.73 -15.84 -12.44
N GLY E 260 32.83 -14.55 -12.72
CA GLY E 260 33.85 -14.05 -13.63
C GLY E 260 33.29 -13.21 -14.76
N LYS E 261 32.09 -12.67 -14.58
CA LYS E 261 31.42 -11.93 -15.64
C LYS E 261 32.08 -10.57 -15.90
N THR E 262 32.41 -9.82 -14.85
CA THR E 262 33.09 -8.54 -15.06
C THR E 262 34.54 -8.74 -15.46
N LEU E 263 35.15 -9.88 -15.07
CA LEU E 263 36.49 -10.21 -15.57
C LEU E 263 36.45 -10.51 -17.06
N MET E 264 35.42 -11.22 -17.53
CA MET E 264 35.27 -11.48 -18.96
C MET E 264 35.02 -10.19 -19.73
N ALA E 265 34.19 -9.29 -19.16
CA ALA E 265 33.92 -8.02 -19.80
C ALA E 265 35.17 -7.14 -19.86
N ARG E 266 35.97 -7.16 -18.80
CA ARG E 266 37.23 -6.40 -18.78
C ARG E 266 38.25 -7.00 -19.75
N ALA E 267 38.23 -8.33 -19.91
CA ALA E 267 39.15 -8.96 -20.85
C ALA E 267 38.80 -8.63 -22.29
N VAL E 268 37.50 -8.62 -22.63
CA VAL E 268 37.09 -8.21 -23.96
C VAL E 268 37.35 -6.71 -24.18
N ALA E 269 37.15 -5.89 -23.15
CA ALA E 269 37.38 -4.45 -23.29
C ALA E 269 38.87 -4.12 -23.33
N ASN E 270 39.73 -5.02 -22.83
CA ASN E 270 41.17 -4.78 -22.88
C ASN E 270 41.78 -5.33 -24.17
N GLU E 271 41.28 -6.47 -24.66
CA GLU E 271 41.84 -7.06 -25.87
C GLU E 271 41.40 -6.31 -27.12
N THR E 272 40.33 -5.54 -27.05
CA THR E 272 39.82 -4.73 -28.15
C THR E 272 40.01 -3.26 -27.73
N GLY E 273 40.11 -2.36 -28.71
CA GLY E 273 40.35 -0.95 -28.41
C GLY E 273 39.16 -0.17 -27.92
N ALA E 274 38.53 -0.63 -26.83
CA ALA E 274 37.39 0.04 -26.23
C ALA E 274 37.85 0.77 -24.96
N PHE E 275 36.89 1.29 -24.19
CA PHE E 275 37.18 1.98 -22.94
C PHE E 275 36.22 1.45 -21.87
N PHE E 276 36.74 0.62 -20.97
CA PHE E 276 35.93 -0.02 -19.95
C PHE E 276 35.56 0.99 -18.87
N PHE E 277 34.29 1.38 -18.84
CA PHE E 277 33.77 2.27 -17.81
C PHE E 277 32.83 1.47 -16.92
N LEU E 278 33.09 1.50 -15.61
CA LEU E 278 32.36 0.69 -14.64
C LEU E 278 31.32 1.54 -13.92
N ILE E 279 30.07 1.12 -13.99
CA ILE E 279 28.96 1.76 -13.28
C ILE E 279 28.38 0.76 -12.29
N ASN E 280 28.32 1.15 -11.03
CA ASN E 280 27.79 0.27 -9.99
C ASN E 280 26.32 0.58 -9.72
N GLY E 281 25.62 -0.41 -9.19
CA GLY E 281 24.20 -0.31 -8.92
C GLY E 281 23.86 0.61 -7.76
N PRO E 282 24.19 0.20 -6.53
CA PRO E 282 23.88 1.05 -5.37
C PRO E 282 24.72 2.31 -5.25
N GLU E 283 25.80 2.45 -6.04
CA GLU E 283 26.61 3.66 -5.98
C GLU E 283 25.92 4.82 -6.71
N VAL E 284 25.34 4.55 -7.88
CA VAL E 284 24.75 5.61 -8.69
C VAL E 284 23.40 6.08 -8.12
N MET E 285 22.73 5.25 -7.32
CA MET E 285 21.44 5.61 -6.77
C MET E 285 21.61 6.53 -5.57
N SER E 286 20.78 7.57 -5.50
CA SER E 286 20.84 8.55 -4.43
C SER E 286 19.43 8.97 -4.05
N LYS E 287 19.35 9.81 -3.01
CA LYS E 287 18.07 10.32 -2.53
C LYS E 287 17.71 11.67 -3.14
N MET E 288 18.67 12.36 -3.74
CA MET E 288 18.38 13.63 -4.39
C MET E 288 17.60 13.41 -5.67
N ALA E 289 16.55 14.20 -5.86
CA ALA E 289 15.70 14.05 -7.04
C ALA E 289 16.42 14.60 -8.27
N GLY E 290 16.44 13.80 -9.34
CA GLY E 290 17.05 14.24 -10.58
C GLY E 290 18.56 14.26 -10.57
N GLU E 291 19.19 13.53 -9.65
CA GLU E 291 20.65 13.45 -9.57
C GLU E 291 21.20 12.13 -10.08
N SER E 292 20.51 11.02 -9.81
CA SER E 292 20.95 9.73 -10.32
C SER E 292 20.73 9.62 -11.82
N GLU E 293 19.64 10.20 -12.32
CA GLU E 293 19.43 10.28 -13.77
C GLU E 293 20.46 11.18 -14.43
N SER E 294 20.87 12.25 -13.75
CA SER E 294 21.92 13.11 -14.27
C SER E 294 23.27 12.39 -14.28
N ASN E 295 23.51 11.54 -13.28
CA ASN E 295 24.73 10.74 -13.26
C ASN E 295 24.74 9.71 -14.38
N LEU E 296 23.58 9.09 -14.65
CA LEU E 296 23.49 8.14 -15.75
C LEU E 296 23.67 8.82 -17.10
N ARG E 297 23.10 10.02 -17.26
CA ARG E 297 23.27 10.78 -18.50
C ARG E 297 24.71 11.23 -18.69
N LYS E 298 25.38 11.61 -17.59
CA LYS E 298 26.79 12.00 -17.65
C LYS E 298 27.67 10.81 -18.00
N ALA E 299 27.36 9.63 -17.46
CA ALA E 299 28.13 8.42 -17.76
C ALA E 299 27.93 8.01 -19.22
N PHE E 300 26.70 8.10 -19.72
CA PHE E 300 26.45 7.76 -21.12
C PHE E 300 27.07 8.77 -22.08
N GLU E 301 27.08 10.06 -21.71
CA GLU E 301 27.73 11.06 -22.55
C GLU E 301 29.25 10.90 -22.54
N GLU E 302 29.82 10.50 -21.40
CA GLU E 302 31.25 10.26 -21.34
C GLU E 302 31.62 9.01 -22.12
N ALA E 303 30.76 7.99 -22.11
CA ALA E 303 30.99 6.79 -22.90
C ALA E 303 30.81 7.00 -24.40
N GLU E 304 29.93 7.92 -24.79
CA GLU E 304 29.71 8.21 -26.20
C GLU E 304 30.60 9.33 -26.72
N LYS E 305 31.31 10.04 -25.84
CA LYS E 305 32.06 11.22 -26.27
C LYS E 305 33.41 10.83 -26.88
N ASN E 306 34.18 10.00 -26.19
CA ASN E 306 35.58 9.76 -26.56
C ASN E 306 35.75 8.76 -27.70
N ALA E 307 35.17 7.56 -27.56
CA ALA E 307 35.45 6.48 -28.48
C ALA E 307 34.33 5.44 -28.43
N PRO E 308 34.23 4.54 -29.41
CA PRO E 308 33.40 3.34 -29.23
C PRO E 308 33.91 2.49 -28.07
N ALA E 309 33.11 2.43 -27.01
CA ALA E 309 33.54 1.86 -25.75
C ALA E 309 32.56 0.78 -25.31
N ILE E 310 32.82 0.21 -24.13
CA ILE E 310 32.01 -0.85 -23.56
C ILE E 310 31.54 -0.38 -22.19
N ILE E 311 30.23 -0.31 -21.98
CA ILE E 311 29.64 0.11 -20.71
C ILE E 311 29.27 -1.14 -19.92
N PHE E 312 29.77 -1.22 -18.69
CA PHE E 312 29.42 -2.32 -17.79
C PHE E 312 28.68 -1.74 -16.59
N ILE E 313 27.35 -1.87 -16.61
CA ILE E 313 26.51 -1.47 -15.49
C ILE E 313 26.30 -2.70 -14.59
N ASP E 314 26.85 -2.65 -13.39
CA ASP E 314 26.84 -3.78 -12.49
C ASP E 314 25.66 -3.69 -11.52
N GLU E 315 25.10 -4.87 -11.22
CA GLU E 315 23.98 -5.05 -10.27
C GLU E 315 22.76 -4.23 -10.68
N ILE E 316 22.21 -4.56 -11.86
CA ILE E 316 21.07 -3.81 -12.40
C ILE E 316 19.75 -4.20 -11.75
N ASP E 317 19.72 -5.25 -10.95
CA ASP E 317 18.47 -5.66 -10.30
C ASP E 317 18.07 -4.73 -9.18
N SER E 318 19.02 -3.96 -8.63
CA SER E 318 18.69 -3.02 -7.56
C SER E 318 18.05 -1.75 -8.12
N ILE E 319 18.33 -1.43 -9.39
CA ILE E 319 17.78 -0.23 -10.01
C ILE E 319 16.78 -0.61 -11.09
N ALA E 320 16.19 -1.80 -10.97
CA ALA E 320 15.10 -2.23 -11.85
C ALA E 320 14.07 -2.97 -11.01
N PRO E 321 13.19 -2.23 -10.33
CA PRO E 321 12.25 -2.86 -9.39
C PRO E 321 10.94 -3.31 -10.02
N LYS E 322 10.93 -3.42 -11.36
CA LYS E 322 9.83 -3.87 -12.23
C LYS E 322 8.67 -2.87 -12.30
N ARG E 323 8.84 -1.65 -11.78
CA ARG E 323 7.91 -0.52 -11.90
C ARG E 323 6.52 -0.73 -11.30
N ASP E 324 6.30 -1.84 -10.60
CA ASP E 324 5.01 -2.13 -9.99
C ASP E 324 5.10 -2.54 -8.54
N LYS E 325 6.20 -3.17 -8.13
CA LYS E 325 6.35 -3.60 -6.74
C LYS E 325 6.94 -2.47 -5.89
N THR E 326 7.62 -1.51 -6.52
CA THR E 326 8.26 -0.44 -5.78
C THR E 326 7.24 0.64 -5.40
N ASN E 327 7.67 1.52 -4.49
CA ASN E 327 6.88 2.66 -4.08
C ASN E 327 7.62 3.96 -4.37
N GLY E 328 8.94 3.86 -4.55
CA GLY E 328 9.75 5.05 -4.78
C GLY E 328 9.65 5.55 -6.21
N GLU E 329 9.61 6.88 -6.34
CA GLU E 329 9.54 7.51 -7.65
C GLU E 329 10.90 7.55 -8.34
N VAL E 330 11.99 7.63 -7.56
CA VAL E 330 13.33 7.77 -8.13
C VAL E 330 13.76 6.50 -8.87
N GLU E 331 13.31 5.33 -8.39
CA GLU E 331 13.63 4.07 -9.06
C GLU E 331 12.94 3.98 -10.42
N ARG E 332 11.67 4.38 -10.49
CA ARG E 332 10.98 4.42 -11.78
C ARG E 332 11.57 5.50 -12.68
N ARG E 333 12.08 6.58 -12.10
CA ARG E 333 12.69 7.64 -12.90
C ARG E 333 14.02 7.20 -13.50
N VAL E 334 14.83 6.45 -12.75
CA VAL E 334 16.09 5.98 -13.34
C VAL E 334 15.83 4.81 -14.28
N VAL E 335 14.73 4.07 -14.07
CA VAL E 335 14.32 3.06 -15.05
C VAL E 335 13.94 3.72 -16.38
N SER E 336 13.17 4.81 -16.30
CA SER E 336 12.81 5.54 -17.51
C SER E 336 14.02 6.21 -18.15
N GLN E 337 14.99 6.65 -17.34
CA GLN E 337 16.21 7.21 -17.89
C GLN E 337 17.04 6.16 -18.62
N LEU E 338 17.10 4.95 -18.07
CA LEU E 338 17.81 3.86 -18.75
C LEU E 338 17.09 3.45 -20.04
N LEU E 339 15.76 3.41 -20.01
CA LEU E 339 15.00 3.05 -21.21
C LEU E 339 15.09 4.14 -22.28
N THR E 340 15.27 5.40 -21.87
CA THR E 340 15.45 6.47 -22.83
C THR E 340 16.86 6.48 -23.39
N LEU E 341 17.88 6.25 -22.56
CA LEU E 341 19.26 6.27 -23.04
C LEU E 341 19.59 5.03 -23.86
N MET E 342 18.86 3.94 -23.67
CA MET E 342 19.18 2.72 -24.42
C MET E 342 18.47 2.68 -25.77
N ASP E 343 17.27 3.25 -25.86
CA ASP E 343 16.51 3.23 -27.10
C ASP E 343 15.78 4.56 -27.27
N GLY E 344 15.76 5.05 -28.51
CA GLY E 344 15.10 6.31 -28.81
C GLY E 344 15.72 6.94 -30.04
N MET E 345 15.42 8.21 -30.24
CA MET E 345 16.02 8.97 -31.33
C MET E 345 17.48 9.27 -31.01
N LYS E 346 18.36 8.92 -31.96
CA LYS E 346 19.83 8.88 -31.89
C LYS E 346 20.34 8.41 -30.52
N ALA E 347 19.92 7.21 -30.10
CA ALA E 347 20.21 6.71 -28.77
C ALA E 347 21.67 6.31 -28.62
N ARG E 348 22.13 5.36 -29.44
CA ARG E 348 23.48 4.83 -29.31
C ARG E 348 24.18 4.88 -30.66
N SER E 349 25.43 5.32 -30.65
CA SER E 349 26.27 5.42 -31.84
C SER E 349 27.53 4.60 -31.61
N ASN E 350 27.46 3.32 -31.99
CA ASN E 350 28.56 2.36 -31.90
C ASN E 350 29.07 2.20 -30.46
N VAL E 351 28.18 1.72 -29.60
CA VAL E 351 28.52 1.47 -28.19
C VAL E 351 27.62 0.34 -27.70
N VAL E 352 28.23 -0.64 -27.02
CA VAL E 352 27.54 -1.82 -26.51
C VAL E 352 27.55 -1.77 -25.00
N VAL E 353 26.42 -2.13 -24.37
CA VAL E 353 26.30 -2.14 -22.92
C VAL E 353 26.25 -3.58 -22.42
N ILE E 354 26.85 -3.79 -21.25
CA ILE E 354 26.88 -5.09 -20.59
C ILE E 354 26.29 -4.93 -19.20
N ALA E 355 25.55 -5.95 -18.76
CA ALA E 355 24.91 -5.92 -17.45
C ALA E 355 25.41 -7.10 -16.63
N ALA E 356 24.97 -7.15 -15.38
CA ALA E 356 25.31 -8.23 -14.46
C ALA E 356 24.25 -8.29 -13.37
N THR E 357 23.75 -9.49 -13.09
CA THR E 357 22.71 -9.68 -12.10
C THR E 357 22.79 -11.11 -11.56
N ASN E 358 22.08 -11.35 -10.46
CA ASN E 358 21.96 -12.67 -9.86
C ASN E 358 20.63 -13.33 -10.17
N ARG E 359 19.54 -12.59 -10.08
CA ARG E 359 18.21 -13.09 -10.45
C ARG E 359 17.72 -12.32 -11.67
N PRO E 360 17.73 -12.92 -12.86
CA PRO E 360 17.33 -12.19 -14.07
C PRO E 360 15.83 -12.03 -14.26
N ASN E 361 15.01 -12.52 -13.34
CA ASN E 361 13.57 -12.39 -13.47
C ASN E 361 13.05 -11.04 -12.97
N SER E 362 13.80 -10.36 -12.10
CA SER E 362 13.40 -9.05 -11.59
C SER E 362 13.98 -7.92 -12.44
N ILE E 363 13.82 -8.03 -13.76
CA ILE E 363 14.22 -7.00 -14.72
C ILE E 363 12.97 -6.67 -15.54
N ASP E 364 12.96 -5.47 -16.11
CA ASP E 364 11.81 -5.01 -16.88
C ASP E 364 11.66 -5.81 -18.17
N PRO E 365 10.43 -6.08 -18.61
CA PRO E 365 10.23 -6.64 -19.95
C PRO E 365 10.61 -5.66 -21.06
N ALA E 366 10.57 -4.36 -20.80
CA ALA E 366 11.11 -3.38 -21.72
C ALA E 366 12.62 -3.29 -21.67
N LEU E 367 13.25 -3.67 -20.56
CA LEU E 367 14.70 -3.70 -20.50
C LEU E 367 15.26 -4.97 -21.13
N ARG E 368 14.55 -6.10 -21.02
CA ARG E 368 14.95 -7.36 -21.63
C ARG E 368 14.50 -7.48 -23.09
N ARG E 369 14.25 -6.35 -23.74
CA ARG E 369 13.77 -6.27 -25.11
C ARG E 369 14.95 -6.27 -26.07
N PHE E 370 14.66 -6.38 -27.36
CA PHE E 370 15.69 -6.24 -28.38
C PHE E 370 16.16 -4.80 -28.49
N GLY E 371 17.48 -4.63 -28.62
CA GLY E 371 18.09 -3.33 -28.69
C GLY E 371 18.67 -2.83 -27.38
N ARG E 372 18.23 -3.38 -26.24
CA ARG E 372 18.78 -3.01 -24.95
C ARG E 372 19.54 -4.17 -24.32
N PHE E 373 18.87 -5.30 -24.08
CA PHE E 373 19.47 -6.49 -23.48
C PHE E 373 19.05 -7.72 -24.29
N ASP E 374 19.22 -7.63 -25.61
CA ASP E 374 18.72 -8.62 -26.56
C ASP E 374 19.41 -9.98 -26.45
N ARG E 375 20.51 -10.11 -25.73
CA ARG E 375 21.17 -11.39 -25.55
C ARG E 375 21.33 -11.67 -24.06
N GLU E 376 20.91 -12.86 -23.65
CA GLU E 376 20.98 -13.30 -22.26
C GLU E 376 21.95 -14.47 -22.18
N VAL E 377 23.03 -14.29 -21.42
CA VAL E 377 24.12 -15.24 -21.35
C VAL E 377 24.14 -15.86 -19.96
N ASP E 378 24.08 -17.19 -19.90
CA ASP E 378 24.09 -17.93 -18.64
C ASP E 378 25.54 -18.30 -18.33
N ILE E 379 26.16 -17.54 -17.44
CA ILE E 379 27.51 -17.84 -16.97
C ILE E 379 27.35 -18.50 -15.61
N GLY E 380 27.26 -19.83 -15.62
CA GLY E 380 27.00 -20.60 -14.42
C GLY E 380 28.27 -21.12 -13.77
N ILE E 381 28.07 -22.06 -12.85
CA ILE E 381 29.20 -22.68 -12.13
C ILE E 381 29.94 -23.62 -13.07
N PRO E 382 31.26 -23.49 -13.21
CA PRO E 382 31.99 -24.35 -14.15
C PRO E 382 32.09 -25.79 -13.64
N ASP E 383 32.44 -26.68 -14.57
CA ASP E 383 32.58 -28.10 -14.28
C ASP E 383 34.02 -28.41 -13.89
N ALA E 384 34.40 -29.69 -13.89
CA ALA E 384 35.70 -30.11 -13.35
C ALA E 384 36.85 -29.63 -14.23
N THR E 385 36.71 -29.72 -15.55
CA THR E 385 37.78 -29.26 -16.43
C THR E 385 37.93 -27.74 -16.42
N GLY E 386 36.82 -27.00 -16.28
CA GLY E 386 36.92 -25.56 -16.14
C GLY E 386 37.53 -25.14 -14.82
N ARG E 387 37.20 -25.87 -13.75
CA ARG E 387 37.81 -25.62 -12.45
C ARG E 387 39.31 -25.93 -12.48
N LEU E 388 39.70 -26.98 -13.20
CA LEU E 388 41.11 -27.28 -13.39
C LEU E 388 41.81 -26.22 -14.22
N GLU E 389 41.10 -25.63 -15.20
CA GLU E 389 41.67 -24.52 -15.97
C GLU E 389 41.87 -23.28 -15.11
N VAL E 390 40.91 -23.00 -14.22
CA VAL E 390 41.04 -21.87 -13.30
C VAL E 390 42.18 -22.12 -12.30
N LEU E 391 42.34 -23.36 -11.86
CA LEU E 391 43.46 -23.72 -10.99
C LEU E 391 44.80 -23.59 -11.71
N ARG E 392 44.82 -23.91 -13.02
CA ARG E 392 46.06 -23.78 -13.78
C ARG E 392 46.42 -22.33 -14.06
N ILE E 393 45.42 -21.48 -14.33
CA ILE E 393 45.70 -20.08 -14.64
C ILE E 393 45.88 -19.23 -13.38
N HIS E 394 45.43 -19.71 -12.22
CA HIS E 394 45.63 -18.98 -10.98
C HIS E 394 46.93 -19.33 -10.28
N THR E 395 47.52 -20.49 -10.60
CA THR E 395 48.84 -20.87 -10.08
C THR E 395 49.93 -20.72 -11.14
N LYS E 396 49.79 -19.77 -12.06
CA LYS E 396 50.73 -19.64 -13.17
C LYS E 396 51.95 -18.81 -12.78
N ASN E 397 51.78 -17.82 -11.90
CA ASN E 397 52.84 -16.90 -11.54
C ASN E 397 53.60 -17.34 -10.29
N MET E 398 53.63 -18.64 -10.01
CA MET E 398 54.35 -19.15 -8.84
C MET E 398 54.78 -20.59 -9.10
N LYS E 399 56.03 -20.88 -8.77
CA LYS E 399 56.55 -22.24 -8.83
C LYS E 399 56.15 -22.96 -7.55
N LEU E 400 55.04 -23.73 -7.61
CA LEU E 400 54.43 -24.41 -6.42
C LEU E 400 55.16 -25.66 -5.86
N ALA E 401 55.49 -26.66 -6.70
CA ALA E 401 56.16 -27.89 -6.28
C ALA E 401 56.38 -28.75 -7.52
N ASP E 402 56.80 -29.99 -7.31
CA ASP E 402 56.93 -30.99 -8.35
C ASP E 402 55.92 -32.12 -8.22
N ASP E 403 55.41 -32.37 -7.01
CA ASP E 403 54.56 -33.53 -6.74
C ASP E 403 53.13 -33.13 -6.36
N VAL E 404 52.69 -31.93 -6.75
CA VAL E 404 51.32 -31.51 -6.48
C VAL E 404 50.45 -31.95 -7.66
N ASP E 405 49.44 -32.77 -7.38
CA ASP E 405 48.50 -33.24 -8.39
C ASP E 405 47.23 -32.42 -8.29
N LEU E 406 46.82 -31.83 -9.41
CA LEU E 406 45.64 -30.96 -9.44
C LEU E 406 44.33 -31.74 -9.58
N GLU E 407 44.39 -33.07 -9.71
CA GLU E 407 43.17 -33.86 -9.84
C GLU E 407 42.38 -33.86 -8.53
N ALA E 408 43.06 -34.03 -7.40
CA ALA E 408 42.38 -33.96 -6.12
C ALA E 408 41.89 -32.56 -5.80
N LEU E 409 42.64 -31.53 -6.24
CA LEU E 409 42.21 -30.15 -6.04
C LEU E 409 41.04 -29.77 -6.94
N ALA E 410 40.86 -30.44 -8.08
CA ALA E 410 39.73 -30.21 -8.96
C ALA E 410 38.54 -31.11 -8.62
N ALA E 411 38.75 -32.20 -7.91
CA ALA E 411 37.66 -33.10 -7.52
C ALA E 411 37.12 -32.84 -6.13
N GLU E 412 37.93 -32.32 -5.21
CA GLU E 412 37.47 -32.13 -3.84
C GLU E 412 36.72 -30.81 -3.66
N THR E 413 37.11 -29.77 -4.39
CA THR E 413 36.44 -28.47 -4.34
C THR E 413 35.29 -28.42 -5.34
N HIS E 414 34.30 -29.27 -5.09
CA HIS E 414 33.18 -29.47 -6.01
C HIS E 414 32.15 -28.35 -5.96
N GLY E 415 32.21 -27.46 -4.97
CA GLY E 415 31.22 -26.41 -4.84
C GLY E 415 31.80 -25.01 -4.88
N TYR E 416 32.97 -24.87 -5.50
CA TYR E 416 33.62 -23.57 -5.58
C TYR E 416 33.17 -22.83 -6.84
N VAL E 417 32.79 -21.57 -6.67
CA VAL E 417 32.20 -20.82 -7.77
C VAL E 417 33.25 -20.33 -8.75
N GLY E 418 34.45 -20.02 -8.26
CA GLY E 418 35.51 -19.53 -9.13
C GLY E 418 36.25 -18.34 -8.55
N ALA E 419 35.53 -17.50 -7.79
CA ALA E 419 36.15 -16.39 -7.08
C ALA E 419 36.75 -16.81 -5.75
N ASP E 420 36.42 -18.00 -5.27
CA ASP E 420 37.02 -18.54 -4.05
C ASP E 420 38.30 -19.31 -4.33
N ILE E 421 38.55 -19.70 -5.58
CA ILE E 421 39.76 -20.45 -5.92
C ILE E 421 40.99 -19.56 -5.81
N ALA E 422 40.87 -18.29 -6.22
CA ALA E 422 41.97 -17.35 -6.09
C ALA E 422 42.27 -17.05 -4.62
N SER E 423 41.23 -16.94 -3.79
CA SER E 423 41.42 -16.77 -2.36
C SER E 423 42.02 -18.03 -1.72
N LEU E 424 41.68 -19.19 -2.27
CA LEU E 424 42.26 -20.46 -1.79
C LEU E 424 43.76 -20.53 -2.06
N CYS E 425 44.15 -20.21 -3.30
CA CYS E 425 45.57 -20.21 -3.65
C CYS E 425 46.35 -19.12 -2.91
N SER E 426 45.70 -17.96 -2.70
CA SER E 426 46.34 -16.89 -1.94
C SER E 426 46.51 -17.26 -0.47
N GLU E 427 45.52 -17.93 0.12
CA GLU E 427 45.62 -18.37 1.50
C GLU E 427 46.66 -19.47 1.67
N ALA E 428 46.77 -20.37 0.69
CA ALA E 428 47.82 -21.40 0.74
C ALA E 428 49.21 -20.79 0.59
N ALA E 429 49.38 -19.84 -0.33
CA ALA E 429 50.67 -19.19 -0.51
C ALA E 429 51.03 -18.29 0.67
N MET E 430 50.02 -17.76 1.38
CA MET E 430 50.30 -17.00 2.59
C MET E 430 50.66 -17.92 3.74
N GLN E 431 49.97 -19.05 3.86
CA GLN E 431 50.18 -19.96 4.99
C GLN E 431 51.51 -20.70 4.88
N GLN E 432 51.97 -20.97 3.65
CA GLN E 432 53.27 -21.62 3.47
C GLN E 432 54.41 -20.72 3.94
N ILE E 433 54.38 -19.44 3.55
CA ILE E 433 55.40 -18.49 3.99
C ILE E 433 55.22 -18.18 5.48
N ARG E 434 53.99 -18.26 6.00
CA ARG E 434 53.76 -18.04 7.43
C ARG E 434 54.35 -19.15 8.28
N GLU E 435 54.18 -20.40 7.85
CA GLU E 435 54.74 -21.54 8.57
C GLU E 435 56.22 -21.76 8.26
N LYS E 436 56.76 -21.10 7.23
CA LYS E 436 58.17 -21.21 6.88
C LYS E 436 58.98 -19.99 7.28
N MET E 437 58.51 -19.21 8.25
CA MET E 437 59.24 -18.03 8.71
C MET E 437 59.45 -17.99 10.21
N ASP E 438 59.14 -19.07 10.94
CA ASP E 438 59.24 -19.05 12.39
C ASP E 438 60.68 -19.09 12.86
N LEU E 439 61.56 -19.78 12.14
CA LEU E 439 62.98 -19.86 12.48
C LEU E 439 63.83 -18.90 11.67
N ILE E 440 63.59 -18.82 10.36
CA ILE E 440 64.33 -17.91 9.50
C ILE E 440 63.86 -16.49 9.74
N ASP E 441 64.80 -15.54 9.76
CA ASP E 441 64.50 -14.15 10.07
C ASP E 441 63.62 -13.50 9.01
N LEU E 442 63.00 -12.40 9.39
CA LEU E 442 61.95 -11.73 8.60
C LEU E 442 62.47 -10.49 7.90
N ASP E 443 63.71 -10.56 7.38
CA ASP E 443 64.39 -9.47 6.67
C ASP E 443 64.52 -8.21 7.53
N GLU E 444 64.97 -8.38 8.78
CA GLU E 444 65.20 -7.24 9.65
C GLU E 444 66.57 -6.62 9.45
N ASP E 445 67.56 -7.39 8.98
CA ASP E 445 68.90 -6.88 8.75
C ASP E 445 69.34 -6.99 7.30
N GLU E 446 69.17 -8.16 6.68
CA GLU E 446 69.70 -8.42 5.35
C GLU E 446 68.96 -9.61 4.75
N ILE E 447 68.64 -9.50 3.46
CA ILE E 447 67.97 -10.59 2.77
C ILE E 447 68.95 -11.75 2.56
N ASP E 448 68.41 -12.96 2.43
CA ASP E 448 69.21 -14.17 2.32
C ASP E 448 69.07 -14.77 0.92
N ALA E 449 70.04 -15.59 0.54
CA ALA E 449 70.11 -16.14 -0.81
C ALA E 449 69.53 -17.55 -0.90
N GLU E 450 69.68 -18.36 0.14
CA GLU E 450 69.25 -19.76 0.10
C GLU E 450 67.81 -19.97 0.55
N VAL E 451 67.18 -18.96 1.15
CA VAL E 451 65.79 -19.11 1.59
C VAL E 451 64.83 -18.98 0.40
N LEU E 452 65.15 -18.13 -0.58
CA LEU E 452 64.29 -17.97 -1.73
C LEU E 452 64.32 -19.20 -2.64
N ASP E 453 65.39 -19.98 -2.58
CA ASP E 453 65.44 -21.25 -3.28
C ASP E 453 64.56 -22.27 -2.57
N SER E 454 63.94 -23.16 -3.37
CA SER E 454 63.06 -24.25 -2.91
C SER E 454 61.88 -23.73 -2.11
N LEU E 455 61.20 -22.72 -2.65
CA LEU E 455 59.97 -22.19 -2.06
C LEU E 455 58.77 -22.64 -2.86
N GLY E 456 57.61 -22.58 -2.22
CA GLY E 456 56.36 -22.93 -2.87
C GLY E 456 55.49 -23.77 -1.97
N VAL E 457 54.25 -23.94 -2.40
CA VAL E 457 53.25 -24.67 -1.63
C VAL E 457 53.31 -26.15 -1.98
N THR E 458 52.86 -26.98 -1.04
CA THR E 458 52.76 -28.42 -1.20
C THR E 458 51.31 -28.84 -1.04
N MET E 459 51.09 -30.16 -0.97
CA MET E 459 49.74 -30.69 -0.87
C MET E 459 49.10 -30.42 0.48
N ASP E 460 49.88 -30.44 1.56
CA ASP E 460 49.33 -30.21 2.90
C ASP E 460 48.93 -28.76 3.09
N ASN E 461 49.58 -27.83 2.39
CA ASN E 461 49.15 -26.43 2.39
C ASN E 461 47.77 -26.28 1.74
N PHE E 462 47.53 -26.98 0.64
CA PHE E 462 46.21 -26.98 0.02
C PHE E 462 45.18 -27.71 0.88
N ARG E 463 45.60 -28.73 1.63
CA ARG E 463 44.67 -29.38 2.56
C ARG E 463 44.27 -28.45 3.69
N PHE E 464 45.22 -27.68 4.22
CA PHE E 464 44.90 -26.69 5.25
C PHE E 464 44.06 -25.55 4.67
N ALA E 465 44.28 -25.19 3.40
CA ALA E 465 43.46 -24.16 2.77
C ALA E 465 42.04 -24.65 2.54
N LEU E 466 41.86 -25.93 2.20
CA LEU E 466 40.53 -26.50 2.09
C LEU E 466 39.86 -26.64 3.45
N GLY E 467 40.64 -26.90 4.50
CA GLY E 467 40.08 -26.93 5.83
C GLY E 467 39.68 -25.55 6.34
N ASN E 468 40.40 -24.52 5.93
CA ASN E 468 40.05 -23.15 6.28
C ASN E 468 38.97 -22.61 5.37
N SER E 481 30.83 -31.61 1.53
CA SER E 481 31.53 -30.95 2.64
C SER E 481 31.75 -31.93 3.79
N VAL E 482 31.50 -33.21 3.54
CA VAL E 482 31.68 -34.27 4.52
C VAL E 482 33.01 -34.94 4.28
N ASN E 483 33.56 -35.56 5.32
CA ASN E 483 34.88 -36.18 5.27
C ASN E 483 34.76 -37.69 5.42
N VAL E 484 34.44 -38.36 4.31
CA VAL E 484 34.40 -39.82 4.20
C VAL E 484 34.98 -40.18 2.84
N THR E 485 35.56 -41.38 2.75
CA THR E 485 35.91 -41.94 1.43
C THR E 485 35.81 -43.48 1.51
N TRP E 486 34.60 -43.98 1.25
CA TRP E 486 34.27 -45.40 1.03
C TRP E 486 34.77 -46.37 2.09
N ASP E 487 35.06 -45.90 3.30
CA ASP E 487 35.70 -46.75 4.29
C ASP E 487 35.00 -46.69 5.65
N ASP E 488 34.30 -45.59 5.92
CA ASP E 488 33.64 -45.44 7.21
C ASP E 488 32.38 -46.27 7.32
N VAL E 489 31.82 -46.72 6.20
CA VAL E 489 30.65 -47.59 6.23
C VAL E 489 31.11 -49.05 6.34
N GLY E 490 30.40 -49.83 7.14
CA GLY E 490 30.74 -51.22 7.35
C GLY E 490 29.65 -52.14 6.82
N GLY E 491 30.07 -53.19 6.13
CA GLY E 491 29.13 -54.14 5.56
C GLY E 491 28.42 -53.56 4.34
N LEU E 492 27.34 -54.26 3.95
CA LEU E 492 26.46 -53.90 2.84
C LEU E 492 27.24 -53.80 1.52
N ASP E 493 27.88 -54.91 1.15
CA ASP E 493 28.76 -54.91 -0.01
C ASP E 493 27.99 -54.81 -1.32
N GLU E 494 26.87 -55.55 -1.43
CA GLU E 494 26.09 -55.47 -2.67
C GLU E 494 25.34 -54.14 -2.77
N ILE E 495 24.98 -53.54 -1.64
CA ILE E 495 24.32 -52.23 -1.66
C ILE E 495 25.32 -51.16 -2.04
N LYS E 496 26.56 -51.27 -1.53
CA LYS E 496 27.62 -50.34 -1.92
C LYS E 496 27.97 -50.49 -3.39
N GLU E 497 27.98 -51.72 -3.90
CA GLU E 497 28.25 -51.95 -5.32
C GLU E 497 27.16 -51.40 -6.20
N GLU E 498 25.89 -51.59 -5.81
CA GLU E 498 24.77 -51.07 -6.60
C GLU E 498 24.73 -49.55 -6.60
N LEU E 499 24.96 -48.93 -5.44
CA LEU E 499 25.01 -47.47 -5.37
C LEU E 499 26.20 -46.91 -6.13
N LYS E 500 27.36 -47.56 -6.02
CA LYS E 500 28.55 -47.13 -6.73
C LYS E 500 28.36 -47.20 -8.24
N GLU E 501 27.71 -48.27 -8.72
CA GLU E 501 27.40 -48.40 -10.14
C GLU E 501 26.43 -47.30 -10.59
N THR E 502 25.23 -47.27 -9.99
CA THR E 502 24.19 -46.36 -10.46
C THR E 502 24.43 -44.89 -10.09
N VAL E 503 25.52 -44.55 -9.40
CA VAL E 503 25.92 -43.16 -9.23
C VAL E 503 27.17 -42.82 -10.05
N GLU E 504 28.20 -43.67 -10.01
CA GLU E 504 29.45 -43.36 -10.68
C GLU E 504 29.38 -43.55 -12.19
N TYR E 505 28.45 -44.37 -12.69
CA TYR E 505 28.37 -44.60 -14.14
C TYR E 505 27.85 -43.44 -14.99
N PRO E 506 26.80 -42.68 -14.61
CA PRO E 506 26.42 -41.54 -15.46
C PRO E 506 27.36 -40.35 -15.40
N VAL E 507 28.34 -40.35 -14.51
CA VAL E 507 29.27 -39.23 -14.37
C VAL E 507 30.52 -39.50 -15.21
N LEU E 508 30.98 -40.74 -15.19
CA LEU E 508 32.25 -41.10 -15.82
C LEU E 508 32.13 -41.36 -17.32
N HIS E 509 31.01 -41.95 -17.77
CA HIS E 509 30.84 -42.31 -19.18
C HIS E 509 29.55 -41.69 -19.72
N PRO E 510 29.60 -40.41 -20.15
CA PRO E 510 28.45 -39.83 -20.85
C PRO E 510 28.43 -40.20 -22.32
N ASP E 511 29.62 -40.40 -22.91
CA ASP E 511 29.72 -40.70 -24.33
C ASP E 511 29.17 -42.08 -24.66
N GLN E 512 29.39 -43.06 -23.79
CA GLN E 512 28.82 -44.39 -24.02
C GLN E 512 27.31 -44.39 -23.84
N TYR E 513 26.79 -43.53 -22.96
CA TYR E 513 25.33 -43.42 -22.81
C TYR E 513 24.70 -42.68 -23.98
N THR E 514 25.40 -41.71 -24.58
CA THR E 514 24.88 -41.12 -25.81
C THR E 514 25.03 -42.04 -27.01
N LYS E 515 26.01 -42.96 -26.97
CA LYS E 515 26.08 -44.00 -27.99
C LYS E 515 24.94 -44.99 -27.85
N PHE E 516 24.62 -45.39 -26.61
CA PHE E 516 23.46 -46.24 -26.37
C PHE E 516 22.15 -45.49 -26.50
N GLY E 517 22.15 -44.18 -26.27
CA GLY E 517 20.96 -43.37 -26.45
C GLY E 517 19.88 -43.55 -25.40
N LEU E 518 20.27 -43.62 -24.12
CA LEU E 518 19.31 -43.79 -23.04
C LEU E 518 19.75 -42.98 -21.83
N SER E 519 18.77 -42.53 -21.04
CA SER E 519 18.95 -41.79 -19.81
C SER E 519 19.07 -42.73 -18.62
N PRO E 520 19.97 -42.47 -17.68
CA PRO E 520 20.17 -43.38 -16.56
C PRO E 520 19.11 -43.18 -15.47
N SER E 521 19.16 -44.04 -14.47
CA SER E 521 18.25 -43.94 -13.34
C SER E 521 18.74 -42.92 -12.33
N LYS E 522 17.81 -42.36 -11.56
CA LYS E 522 18.13 -41.28 -10.63
C LYS E 522 17.86 -41.64 -9.18
N GLY E 523 16.67 -42.15 -8.87
CA GLY E 523 16.23 -42.23 -7.48
C GLY E 523 16.56 -43.53 -6.78
N VAL E 524 17.05 -43.40 -5.55
CA VAL E 524 17.27 -44.52 -4.64
C VAL E 524 16.50 -44.22 -3.35
N LEU E 525 15.75 -45.20 -2.85
CA LEU E 525 14.99 -45.06 -1.61
C LEU E 525 15.44 -46.12 -0.62
N PHE E 526 15.75 -45.69 0.61
CA PHE E 526 16.11 -46.58 1.68
C PHE E 526 14.99 -46.65 2.72
N TYR E 527 14.86 -47.81 3.36
CA TYR E 527 13.90 -47.98 4.44
C TYR E 527 14.41 -49.08 5.36
N GLY E 528 13.93 -49.03 6.62
CA GLY E 528 14.34 -49.98 7.62
C GLY E 528 14.39 -49.38 9.01
N PRO E 529 15.15 -50.00 9.91
CA PRO E 529 15.21 -49.49 11.28
C PRO E 529 16.10 -48.26 11.37
N PRO E 530 15.88 -47.41 12.37
CA PRO E 530 16.77 -46.25 12.55
C PRO E 530 18.10 -46.66 13.15
N GLY E 531 19.12 -45.85 12.90
CA GLY E 531 20.46 -46.15 13.35
C GLY E 531 21.09 -47.27 12.55
N THR E 532 20.85 -47.26 11.23
CA THR E 532 21.30 -48.32 10.35
C THR E 532 22.41 -47.87 9.41
N GLY E 533 22.45 -46.61 9.02
CA GLY E 533 23.53 -46.10 8.20
C GLY E 533 23.12 -45.59 6.84
N LYS E 534 21.91 -45.01 6.75
CA LYS E 534 21.44 -44.48 5.47
C LYS E 534 22.14 -43.18 5.12
N THR E 535 22.32 -42.29 6.11
CA THR E 535 23.00 -41.02 5.87
C THR E 535 24.48 -41.24 5.58
N LEU E 536 25.10 -42.19 6.27
CA LEU E 536 26.50 -42.52 6.00
C LEU E 536 26.68 -43.15 4.62
N LEU E 537 25.69 -43.94 4.19
CA LEU E 537 25.74 -44.52 2.84
C LEU E 537 25.55 -43.44 1.78
N ALA E 538 24.68 -42.46 2.05
CA ALA E 538 24.49 -41.35 1.11
C ALA E 538 25.74 -40.49 1.02
N LYS E 539 26.41 -40.23 2.15
CA LYS E 539 27.65 -39.46 2.13
C LYS E 539 28.77 -40.25 1.45
N ALA E 540 28.81 -41.57 1.66
CA ALA E 540 29.87 -42.39 1.07
C ALA E 540 29.66 -42.58 -0.43
N VAL E 541 28.41 -42.48 -0.92
CA VAL E 541 28.22 -42.55 -2.36
C VAL E 541 28.30 -41.15 -2.97
N ALA E 542 28.17 -40.10 -2.15
CA ALA E 542 28.31 -38.74 -2.64
C ALA E 542 29.77 -38.30 -2.67
N THR E 543 30.64 -38.94 -1.89
CA THR E 543 31.98 -38.41 -1.68
C THR E 543 32.96 -38.74 -2.80
N GLU E 544 32.68 -39.75 -3.64
CA GLU E 544 33.65 -40.11 -4.68
C GLU E 544 33.41 -39.36 -5.98
N VAL E 545 32.20 -38.87 -6.22
CA VAL E 545 31.91 -38.08 -7.42
C VAL E 545 32.30 -36.64 -7.16
N SER E 546 32.31 -35.82 -8.21
CA SER E 546 32.59 -34.39 -8.10
C SER E 546 31.32 -33.58 -7.91
N ALA E 547 30.30 -34.17 -7.28
CA ALA E 547 29.02 -33.52 -7.05
C ALA E 547 29.00 -32.86 -5.68
N ASN E 548 27.98 -32.03 -5.47
CA ASN E 548 27.76 -31.39 -4.18
C ASN E 548 26.94 -32.32 -3.28
N PHE E 549 26.48 -31.78 -2.16
CA PHE E 549 25.63 -32.55 -1.25
C PHE E 549 24.69 -31.60 -0.54
N ILE E 550 23.40 -31.71 -0.83
CA ILE E 550 22.36 -30.88 -0.21
C ILE E 550 21.50 -31.83 0.62
N SER E 551 21.75 -31.88 1.92
CA SER E 551 21.02 -32.76 2.83
C SER E 551 20.05 -31.89 3.63
N VAL E 552 18.77 -31.98 3.30
CA VAL E 552 17.71 -31.25 3.98
C VAL E 552 16.86 -32.23 4.78
N LYS E 553 16.17 -31.71 5.79
CA LYS E 553 15.38 -32.55 6.68
C LYS E 553 13.90 -32.45 6.33
N GLY E 554 13.11 -33.34 6.90
CA GLY E 554 11.68 -33.41 6.65
C GLY E 554 10.89 -32.24 7.18
N PRO E 555 10.73 -32.16 8.52
CA PRO E 555 9.86 -31.11 9.08
C PRO E 555 10.53 -29.76 9.26
N GLU E 556 11.71 -29.55 8.67
CA GLU E 556 12.39 -28.27 8.72
C GLU E 556 11.99 -27.34 7.58
N LEU E 557 11.19 -27.83 6.63
CA LEU E 557 10.76 -27.03 5.49
C LEU E 557 9.31 -26.58 5.58
N LEU E 558 8.49 -27.23 6.39
CA LEU E 558 7.09 -26.85 6.52
C LEU E 558 6.96 -25.56 7.34
N SER E 559 5.97 -24.75 6.98
CA SER E 559 5.74 -23.48 7.65
C SER E 559 4.23 -23.26 7.80
N MET E 560 3.88 -22.30 8.64
CA MET E 560 2.48 -21.99 8.88
C MET E 560 1.90 -21.06 7.82
N TRP E 561 2.74 -20.49 6.95
CA TRP E 561 2.27 -19.56 5.93
C TRP E 561 1.74 -20.33 4.72
N TYR E 562 1.35 -19.59 3.69
CA TYR E 562 0.75 -20.15 2.48
C TYR E 562 1.79 -20.10 1.36
N GLY E 563 2.34 -21.26 1.00
CA GLY E 563 3.27 -21.35 -0.09
C GLY E 563 4.73 -21.44 0.30
N GLU E 564 5.05 -21.35 1.60
CA GLU E 564 6.44 -21.30 2.02
C GLU E 564 7.15 -22.64 1.89
N SER E 565 6.46 -23.75 2.19
CA SER E 565 7.08 -25.06 2.06
C SER E 565 7.32 -25.43 0.60
N GLU E 566 6.39 -25.10 -0.28
CA GLU E 566 6.59 -25.37 -1.70
C GLU E 566 7.63 -24.43 -2.31
N SER E 567 7.71 -23.19 -1.81
CA SER E 567 8.78 -22.29 -2.22
C SER E 567 10.14 -22.80 -1.76
N ASN E 568 10.22 -23.39 -0.57
CA ASN E 568 11.47 -23.97 -0.09
C ASN E 568 11.85 -25.20 -0.89
N ILE E 569 10.86 -26.01 -1.29
CA ILE E 569 11.12 -27.18 -2.12
C ILE E 569 11.64 -26.76 -3.49
N ARG E 570 11.02 -25.74 -4.09
CA ARG E 570 11.48 -25.21 -5.37
C ARG E 570 12.86 -24.58 -5.26
N ASP E 571 13.16 -23.92 -4.14
CA ASP E 571 14.49 -23.34 -3.95
C ASP E 571 15.55 -24.43 -3.79
N ILE E 572 15.21 -25.51 -3.08
CA ILE E 572 16.14 -26.62 -2.89
C ILE E 572 16.43 -27.30 -4.23
N PHE E 573 15.38 -27.53 -5.03
CA PHE E 573 15.58 -28.15 -6.34
C PHE E 573 16.28 -27.22 -7.32
N ASP E 574 16.07 -25.90 -7.20
CA ASP E 574 16.77 -24.96 -8.07
C ASP E 574 18.25 -24.89 -7.72
N LYS E 575 18.57 -24.91 -6.42
CA LYS E 575 19.98 -24.94 -6.01
C LYS E 575 20.61 -26.29 -6.33
N ALA E 576 19.82 -27.35 -6.42
CA ALA E 576 20.36 -28.65 -6.82
C ALA E 576 20.67 -28.68 -8.31
N ARG E 577 19.73 -28.27 -9.16
CA ARG E 577 19.93 -28.31 -10.60
C ARG E 577 20.70 -27.11 -11.14
N ALA E 578 21.06 -26.16 -10.27
CA ALA E 578 21.90 -25.04 -10.70
C ALA E 578 23.38 -25.35 -10.66
N ALA E 579 23.77 -26.53 -10.16
CA ALA E 579 25.17 -26.95 -10.08
C ALA E 579 25.21 -28.45 -10.38
N ALA E 580 25.53 -28.79 -11.63
CA ALA E 580 25.53 -30.19 -12.02
C ALA E 580 26.94 -30.77 -11.93
N PRO E 581 27.11 -31.98 -11.37
CA PRO E 581 26.06 -32.82 -10.78
C PRO E 581 25.80 -32.50 -9.31
N THR E 582 24.67 -32.97 -8.79
CA THR E 582 24.31 -32.74 -7.39
C THR E 582 23.36 -33.84 -6.95
N VAL E 583 23.71 -34.52 -5.86
CA VAL E 583 22.88 -35.56 -5.25
C VAL E 583 22.07 -34.92 -4.13
N VAL E 584 20.77 -35.21 -4.11
CA VAL E 584 19.84 -34.64 -3.12
C VAL E 584 19.47 -35.73 -2.12
N PHE E 585 19.53 -35.39 -0.84
CA PHE E 585 19.21 -36.33 0.24
C PHE E 585 17.96 -35.84 0.96
N LEU E 586 16.81 -36.34 0.54
CA LEU E 586 15.53 -36.03 1.18
C LEU E 586 15.32 -37.03 2.32
N ASP E 587 15.25 -36.51 3.54
CA ASP E 587 15.03 -37.35 4.71
C ASP E 587 13.60 -37.22 5.18
N GLU E 588 13.12 -38.28 5.86
CA GLU E 588 11.76 -38.38 6.41
C GLU E 588 10.70 -38.21 5.33
N LEU E 589 10.72 -39.15 4.37
CA LEU E 589 9.69 -39.17 3.34
C LEU E 589 8.32 -39.53 3.90
N ASP E 590 8.29 -40.29 5.00
CA ASP E 590 7.02 -40.55 5.68
C ASP E 590 6.46 -39.30 6.35
N SER E 591 7.31 -38.35 6.73
CA SER E 591 6.86 -37.08 7.26
C SER E 591 6.55 -36.07 6.15
N ILE E 592 7.17 -36.23 4.99
CA ILE E 592 6.91 -35.30 3.88
C ILE E 592 5.69 -35.74 3.09
N ALA E 593 5.66 -37.00 2.65
CA ALA E 593 4.63 -37.44 1.71
C ALA E 593 3.31 -37.74 2.42
N LYS E 594 3.35 -38.60 3.45
CA LYS E 594 2.24 -38.99 4.31
C LYS E 594 1.14 -39.78 3.56
N ALA E 595 1.37 -40.12 2.28
CA ALA E 595 0.44 -40.86 1.41
C ALA E 595 -0.92 -40.15 1.33
N ARG E 596 -0.87 -38.97 0.69
CA ARG E 596 -1.79 -37.85 0.83
C ARG E 596 -3.27 -38.18 1.05
N GLY E 597 -3.82 -39.06 0.19
CA GLY E 597 -5.19 -39.57 0.30
C GLY E 597 -6.28 -38.53 0.43
N GLY E 598 -6.93 -38.52 1.59
CA GLY E 598 -7.88 -37.50 1.94
C GLY E 598 -7.85 -37.20 3.43
N SER E 599 -7.63 -35.93 3.78
CA SER E 599 -7.57 -35.52 5.18
C SER E 599 -8.60 -34.48 5.56
N LEU E 600 -9.09 -33.66 4.62
CA LEU E 600 -10.17 -32.68 4.81
C LEU E 600 -9.79 -31.64 5.86
N GLY E 601 -8.72 -30.90 5.58
CA GLY E 601 -8.28 -29.86 6.49
C GLY E 601 -7.19 -29.02 5.89
N ASP E 602 -6.75 -28.02 6.65
CA ASP E 602 -5.71 -27.10 6.17
C ASP E 602 -4.36 -27.80 6.10
N ALA E 603 -4.03 -28.60 7.10
CA ALA E 603 -2.79 -29.37 7.08
C ALA E 603 -2.82 -30.44 5.99
N GLY E 604 -4.01 -31.01 5.74
CA GLY E 604 -4.13 -31.97 4.65
C GLY E 604 -3.97 -31.33 3.28
N GLY E 605 -4.53 -30.14 3.10
CA GLY E 605 -4.35 -29.43 1.85
C GLY E 605 -2.92 -28.96 1.65
N ALA E 606 -2.24 -28.57 2.73
CA ALA E 606 -0.82 -28.24 2.66
C ALA E 606 0.01 -29.47 2.31
N SER E 607 -0.38 -30.64 2.84
CA SER E 607 0.31 -31.88 2.49
C SER E 607 0.10 -32.24 1.03
N ASP E 608 -1.12 -32.04 0.52
CA ASP E 608 -1.40 -32.28 -0.89
C ASP E 608 -0.59 -31.34 -1.79
N ARG E 609 -0.45 -30.07 -1.39
CA ARG E 609 0.31 -29.13 -2.19
C ARG E 609 1.82 -29.43 -2.14
N VAL E 610 2.32 -29.86 -0.97
CA VAL E 610 3.73 -30.25 -0.86
C VAL E 610 4.02 -31.49 -1.71
N VAL E 611 3.11 -32.47 -1.69
CA VAL E 611 3.29 -33.69 -2.47
C VAL E 611 3.23 -33.40 -3.96
N ASN E 612 2.30 -32.54 -4.38
CA ASN E 612 2.21 -32.18 -5.79
C ASN E 612 3.39 -31.36 -6.26
N GLN E 613 3.93 -30.48 -5.41
CA GLN E 613 5.13 -29.73 -5.76
C GLN E 613 6.34 -30.64 -5.87
N LEU E 614 6.45 -31.64 -4.98
CA LEU E 614 7.55 -32.59 -5.06
C LEU E 614 7.42 -33.48 -6.30
N LEU E 615 6.19 -33.86 -6.64
CA LEU E 615 5.96 -34.69 -7.81
C LEU E 615 6.24 -33.93 -9.10
N THR E 616 5.98 -32.63 -9.11
CA THR E 616 6.31 -31.80 -10.25
C THR E 616 7.80 -31.50 -10.36
N GLU E 617 8.47 -31.26 -9.23
CA GLU E 617 9.91 -30.95 -9.26
C GLU E 617 10.77 -32.17 -9.52
N MET E 618 10.33 -33.37 -9.13
CA MET E 618 11.14 -34.55 -9.35
C MET E 618 11.06 -35.02 -10.80
N ASP E 619 9.84 -35.24 -11.32
CA ASP E 619 9.63 -35.62 -12.71
C ASP E 619 8.39 -34.88 -13.22
N GLY E 620 8.60 -33.71 -13.81
CA GLY E 620 7.53 -32.93 -14.37
C GLY E 620 7.92 -32.31 -15.71
N MET E 621 7.76 -31.00 -15.82
CA MET E 621 8.22 -30.27 -17.01
C MET E 621 9.63 -29.72 -16.78
N ASN E 622 10.57 -30.65 -16.61
CA ASN E 622 11.97 -30.30 -16.38
C ASN E 622 12.83 -30.92 -17.47
N ALA E 623 14.14 -30.70 -17.38
CA ALA E 623 15.10 -31.25 -18.32
C ALA E 623 15.93 -32.39 -17.75
N LYS E 624 15.88 -32.61 -16.42
CA LYS E 624 16.61 -33.60 -15.62
C LYS E 624 18.05 -33.82 -16.04
N LYS E 625 18.85 -32.75 -16.03
CA LYS E 625 20.25 -32.81 -16.43
C LYS E 625 21.08 -33.70 -15.52
N ASN E 626 21.23 -33.33 -14.25
CA ASN E 626 21.97 -34.13 -13.28
C ASN E 626 21.35 -33.88 -11.90
N VAL E 627 20.40 -34.72 -11.52
CA VAL E 627 19.75 -34.64 -10.22
C VAL E 627 19.63 -36.07 -9.68
N PHE E 628 20.21 -36.31 -8.51
CA PHE E 628 20.19 -37.63 -7.88
C PHE E 628 19.44 -37.53 -6.56
N VAL E 629 18.12 -37.73 -6.61
CA VAL E 629 17.31 -37.70 -5.40
C VAL E 629 17.49 -39.02 -4.65
N ILE E 630 17.85 -38.94 -3.38
CA ILE E 630 18.01 -40.11 -2.53
C ILE E 630 17.13 -39.94 -1.30
N GLY E 631 16.18 -40.86 -1.14
CA GLY E 631 15.29 -40.82 0.00
C GLY E 631 15.71 -41.76 1.12
N ALA E 632 15.29 -41.43 2.34
CA ALA E 632 15.63 -42.23 3.50
C ALA E 632 14.53 -42.04 4.54
N THR E 633 13.71 -43.08 4.74
CA THR E 633 12.62 -43.06 5.69
C THR E 633 12.67 -44.32 6.55
N ASN E 634 11.78 -44.37 7.55
CA ASN E 634 11.64 -45.53 8.40
C ASN E 634 10.20 -46.05 8.42
N ARG E 635 9.38 -45.59 7.48
CA ARG E 635 7.98 -46.01 7.39
C ARG E 635 7.54 -45.93 5.93
N PRO E 636 7.81 -46.97 5.15
CA PRO E 636 7.46 -46.93 3.72
C PRO E 636 6.00 -47.20 3.41
N ASP E 637 5.19 -47.57 4.41
CA ASP E 637 3.78 -47.82 4.16
C ASP E 637 3.00 -46.52 4.03
N GLN E 638 3.53 -45.42 4.57
CA GLN E 638 2.87 -44.11 4.51
C GLN E 638 3.37 -43.27 3.35
N ILE E 639 3.78 -43.89 2.25
CA ILE E 639 4.21 -43.18 1.04
C ILE E 639 3.15 -43.40 -0.03
N ASP E 640 2.79 -42.32 -0.73
CA ASP E 640 1.81 -42.41 -1.80
C ASP E 640 2.39 -43.16 -2.99
N PRO E 641 1.54 -43.84 -3.78
CA PRO E 641 2.05 -44.57 -4.95
C PRO E 641 2.26 -43.68 -6.18
N ALA E 642 2.92 -42.54 -5.98
CA ALA E 642 3.31 -41.67 -7.09
C ALA E 642 4.75 -41.21 -7.03
N ILE E 643 5.36 -41.13 -5.84
CA ILE E 643 6.79 -40.90 -5.74
C ILE E 643 7.56 -42.21 -5.88
N LEU E 644 6.95 -43.33 -5.49
CA LEU E 644 7.51 -44.67 -5.70
C LEU E 644 7.37 -45.16 -7.13
N ARG E 645 6.76 -44.36 -8.00
CA ARG E 645 6.70 -44.65 -9.43
C ARG E 645 8.10 -44.68 -10.02
N PRO E 646 8.37 -45.57 -10.98
CA PRO E 646 9.69 -45.57 -11.65
C PRO E 646 9.95 -44.28 -12.41
N GLY E 647 11.20 -43.85 -12.38
CA GLY E 647 11.59 -42.54 -12.85
C GLY E 647 11.81 -41.52 -11.77
N ARG E 648 11.26 -41.74 -10.57
CA ARG E 648 11.44 -40.83 -9.45
C ARG E 648 12.21 -41.48 -8.31
N LEU E 649 11.73 -42.58 -7.75
CA LEU E 649 12.37 -43.28 -6.64
C LEU E 649 12.29 -44.80 -6.85
N ASP E 650 12.70 -45.25 -8.04
CA ASP E 650 12.44 -46.62 -8.47
C ASP E 650 13.22 -47.66 -7.66
N GLN E 651 14.41 -47.30 -7.17
CA GLN E 651 15.23 -48.25 -6.42
C GLN E 651 14.66 -48.41 -5.01
N LEU E 652 13.98 -49.53 -4.76
CA LEU E 652 13.43 -49.83 -3.45
C LEU E 652 14.40 -50.73 -2.68
N ILE E 653 15.53 -50.13 -2.32
CA ILE E 653 16.60 -50.87 -1.65
C ILE E 653 16.33 -50.93 -0.16
N TYR E 654 16.29 -52.14 0.39
CA TYR E 654 16.11 -52.36 1.81
C TYR E 654 17.47 -52.49 2.49
N VAL E 655 17.65 -51.77 3.60
CA VAL E 655 18.89 -51.81 4.35
C VAL E 655 18.65 -52.61 5.63
N PRO E 656 19.08 -53.85 5.71
CA PRO E 656 18.75 -54.69 6.87
C PRO E 656 19.69 -54.45 8.04
N LEU E 657 19.44 -55.20 9.12
CA LEU E 657 20.27 -55.10 10.31
C LEU E 657 21.54 -55.93 10.11
N PRO E 658 22.68 -55.46 10.61
CA PRO E 658 23.94 -56.19 10.41
C PRO E 658 24.03 -57.42 11.31
N ASP E 659 24.70 -58.44 10.77
CA ASP E 659 24.99 -59.66 11.52
C ASP E 659 26.31 -59.49 12.28
N GLU E 660 26.84 -60.58 12.83
CA GLU E 660 28.08 -60.49 13.59
C GLU E 660 29.28 -60.29 12.67
N ASN E 661 29.26 -60.94 11.50
CA ASN E 661 30.35 -60.76 10.54
C ASN E 661 30.32 -59.37 9.93
N ALA E 662 29.15 -58.73 9.87
CA ALA E 662 29.09 -57.33 9.45
C ALA E 662 29.47 -56.38 10.57
N ARG E 663 29.14 -56.73 11.82
CA ARG E 663 29.53 -55.90 12.96
C ARG E 663 31.03 -55.94 13.19
N LEU E 664 31.69 -57.03 12.79
CA LEU E 664 33.15 -57.07 12.78
C LEU E 664 33.73 -56.01 11.85
N SER E 665 33.13 -55.88 10.65
CA SER E 665 33.59 -54.85 9.71
C SER E 665 33.23 -53.44 10.19
N ILE E 666 32.10 -53.30 10.89
CA ILE E 666 31.73 -52.00 11.47
C ILE E 666 32.72 -51.60 12.56
N LEU E 667 33.08 -52.53 13.44
CA LEU E 667 34.07 -52.26 14.49
C LEU E 667 35.47 -52.06 13.93
N ASN E 668 35.79 -52.66 12.77
CA ASN E 668 37.08 -52.39 12.15
C ASN E 668 37.08 -51.06 11.41
N ALA E 669 35.93 -50.62 10.90
CA ALA E 669 35.84 -49.37 10.17
C ALA E 669 35.73 -48.16 11.09
N GLN E 670 35.15 -48.33 12.28
CA GLN E 670 35.06 -47.21 13.20
C GLN E 670 36.38 -46.95 13.91
N LEU E 671 37.13 -48.02 14.20
CA LEU E 671 38.44 -47.88 14.84
C LEU E 671 39.55 -47.92 13.78
N ARG E 672 39.53 -46.92 12.90
CA ARG E 672 40.55 -46.83 11.86
C ARG E 672 41.83 -46.18 12.39
N LYS E 673 41.73 -44.97 12.90
CA LYS E 673 42.88 -44.27 13.48
C LYS E 673 42.64 -44.17 14.99
N THR E 674 42.99 -45.26 15.69
CA THR E 674 42.90 -45.40 17.14
C THR E 674 44.06 -46.27 17.58
N PRO E 675 44.78 -45.88 18.64
CA PRO E 675 45.82 -46.76 19.18
C PRO E 675 45.19 -47.98 19.86
N LEU E 676 45.43 -49.16 19.29
CA LEU E 676 44.81 -50.39 19.74
C LEU E 676 45.80 -51.24 20.53
N GLU E 677 45.25 -52.10 21.38
CA GLU E 677 45.87 -53.10 22.24
C GLU E 677 45.85 -54.47 21.56
N PRO E 678 46.95 -55.23 21.63
CA PRO E 678 46.94 -56.58 21.07
C PRO E 678 46.12 -57.58 21.87
N GLY E 679 45.69 -57.23 23.08
CA GLY E 679 44.94 -58.13 23.93
C GLY E 679 43.43 -58.06 23.82
N LEU E 680 42.88 -57.11 23.06
CA LEU E 680 41.44 -57.00 22.90
C LEU E 680 40.97 -57.89 21.76
N GLU E 681 39.78 -58.44 21.91
CA GLU E 681 39.16 -59.29 20.89
C GLU E 681 37.85 -58.63 20.46
N LEU E 682 37.81 -58.14 19.22
CA LEU E 682 36.59 -57.54 18.69
C LEU E 682 35.54 -58.60 18.38
N THR E 683 35.98 -59.85 18.16
CA THR E 683 35.04 -60.95 17.94
C THR E 683 34.23 -61.25 19.20
N ALA E 684 34.85 -61.16 20.37
CA ALA E 684 34.14 -61.36 21.63
C ALA E 684 33.18 -60.22 21.91
N ILE E 685 33.47 -59.01 21.40
CA ILE E 685 32.54 -57.90 21.54
C ILE E 685 31.36 -58.08 20.58
N ALA E 686 31.63 -58.51 19.35
CA ALA E 686 30.58 -58.67 18.36
C ALA E 686 29.70 -59.90 18.61
N LYS E 687 30.20 -60.90 19.33
CA LYS E 687 29.40 -62.09 19.60
C LYS E 687 28.30 -61.81 20.61
N ALA E 688 28.51 -60.86 21.53
CA ALA E 688 27.56 -60.57 22.58
C ALA E 688 26.63 -59.42 22.22
N THR E 689 26.49 -59.09 20.94
CA THR E 689 25.60 -58.01 20.54
C THR E 689 24.15 -58.48 20.46
N GLN E 690 23.89 -59.43 19.55
CA GLN E 690 22.59 -60.09 19.34
C GLN E 690 21.49 -59.07 19.01
N GLY E 691 21.69 -58.38 17.89
CA GLY E 691 20.71 -57.46 17.38
C GLY E 691 20.94 -56.00 17.70
N PHE E 692 22.20 -55.56 17.77
CA PHE E 692 22.49 -54.15 18.01
C PHE E 692 22.56 -53.40 16.69
N SER E 693 22.72 -52.08 16.79
CA SER E 693 22.75 -51.20 15.63
C SER E 693 24.05 -50.42 15.60
N GLY E 694 24.24 -49.70 14.49
CA GLY E 694 25.41 -48.86 14.33
C GLY E 694 25.46 -47.69 15.28
N ALA E 695 24.31 -47.15 15.66
CA ALA E 695 24.27 -46.10 16.68
C ALA E 695 24.67 -46.64 18.04
N ASP E 696 24.27 -47.87 18.36
CA ASP E 696 24.68 -48.49 19.62
C ASP E 696 26.17 -48.81 19.63
N LEU E 697 26.71 -49.24 18.48
CA LEU E 697 28.15 -49.50 18.40
C LEU E 697 28.95 -48.21 18.48
N LEU E 698 28.44 -47.12 17.88
CA LEU E 698 29.08 -45.81 18.03
C LEU E 698 28.99 -45.30 19.46
N TYR E 699 27.89 -45.62 20.17
CA TYR E 699 27.78 -45.25 21.57
C TYR E 699 28.77 -46.02 22.43
N ILE E 700 28.99 -47.31 22.10
CA ILE E 700 29.98 -48.12 22.81
C ILE E 700 31.39 -47.59 22.57
N VAL E 701 31.70 -47.24 21.31
CA VAL E 701 33.00 -46.66 20.97
C VAL E 701 33.21 -45.30 21.65
N GLN E 702 32.14 -44.50 21.74
CA GLN E 702 32.24 -43.20 22.39
C GLN E 702 32.42 -43.34 23.90
N ARG E 703 31.76 -44.33 24.52
CA ARG E 703 31.97 -44.58 25.94
C ARG E 703 33.37 -45.11 26.21
N ALA E 704 33.91 -45.93 25.31
CA ALA E 704 35.28 -46.40 25.46
C ALA E 704 36.28 -45.27 25.31
N ALA E 705 36.03 -44.34 24.38
CA ALA E 705 36.90 -43.17 24.22
C ALA E 705 36.79 -42.22 25.40
N LYS E 706 35.60 -42.10 25.99
CA LYS E 706 35.43 -41.27 27.19
C LYS E 706 36.15 -41.88 28.38
N TYR E 707 36.09 -43.21 28.53
CA TYR E 707 36.85 -43.87 29.60
C TYR E 707 38.35 -43.80 29.35
N ALA E 708 38.77 -43.82 28.09
CA ALA E 708 40.19 -43.67 27.77
C ALA E 708 40.70 -42.28 28.09
N ILE E 709 39.93 -41.24 27.76
CA ILE E 709 40.35 -39.88 28.09
C ILE E 709 40.20 -39.60 29.58
N LYS E 710 39.35 -40.34 30.29
CA LYS E 710 39.27 -40.22 31.74
C LYS E 710 40.48 -40.87 32.41
N ASP E 711 40.93 -42.01 31.88
CA ASP E 711 42.15 -42.64 32.39
C ASP E 711 43.38 -41.83 32.01
N SER E 712 43.35 -41.12 30.88
CA SER E 712 44.48 -40.29 30.48
C SER E 712 44.56 -39.01 31.32
N ILE E 713 43.43 -38.33 31.51
CA ILE E 713 43.42 -37.10 32.30
C ILE E 713 43.47 -37.44 33.78
N TYR E 752 47.25 -46.54 24.49
CA TYR E 752 46.25 -47.24 23.70
C TYR E 752 44.98 -47.45 24.51
N ILE E 753 43.93 -47.94 23.84
CA ILE E 753 42.68 -48.29 24.52
C ILE E 753 42.86 -49.63 25.22
N THR E 754 42.43 -49.69 26.47
CA THR E 754 42.57 -50.91 27.27
C THR E 754 41.30 -51.75 27.20
N LYS E 755 41.40 -52.98 27.71
CA LYS E 755 40.30 -53.93 27.61
C LYS E 755 39.23 -53.72 28.67
N GLU E 756 39.60 -53.19 29.84
CA GLU E 756 38.63 -53.02 30.91
C GLU E 756 37.64 -51.89 30.62
N HIS E 757 38.00 -50.94 29.76
CA HIS E 757 37.05 -49.91 29.34
C HIS E 757 35.94 -50.53 28.50
N PHE E 758 36.28 -51.41 27.57
CA PHE E 758 35.26 -52.13 26.79
C PHE E 758 34.49 -53.10 27.68
N ALA E 759 35.16 -53.71 28.66
CA ALA E 759 34.50 -54.66 29.56
C ALA E 759 33.50 -53.96 30.48
N GLU E 760 33.75 -52.71 30.86
CA GLU E 760 32.80 -51.96 31.66
C GLU E 760 31.80 -51.18 30.82
N ALA E 761 32.07 -50.98 29.53
CA ALA E 761 31.10 -50.31 28.67
C ALA E 761 30.16 -51.27 27.95
N MET E 762 30.50 -52.57 27.90
CA MET E 762 29.62 -53.53 27.25
C MET E 762 28.38 -53.82 28.08
N LYS E 763 28.43 -53.58 29.39
CA LYS E 763 27.27 -53.84 30.24
C LYS E 763 26.19 -52.78 30.05
N THR E 764 26.58 -51.52 29.86
CA THR E 764 25.63 -50.42 29.74
C THR E 764 25.18 -50.19 28.29
N ALA E 765 24.68 -51.27 27.66
CA ALA E 765 24.14 -51.17 26.32
C ALA E 765 22.75 -50.57 26.34
N LYS E 766 22.22 -50.27 25.15
CA LYS E 766 20.90 -49.65 25.03
C LYS E 766 19.88 -50.55 24.37
N ARG E 767 20.15 -51.00 23.14
CA ARG E 767 19.24 -51.77 22.29
C ARG E 767 17.91 -51.03 22.12
N SER E 768 18.00 -49.87 21.46
CA SER E 768 16.86 -48.98 21.33
C SER E 768 15.79 -49.51 20.38
N VAL E 769 16.13 -50.43 19.50
CA VAL E 769 15.17 -51.00 18.56
C VAL E 769 14.45 -52.16 19.23
N SER E 770 13.12 -52.18 19.13
CA SER E 770 12.32 -53.23 19.74
C SER E 770 12.19 -54.41 18.77
N ASP E 771 11.30 -55.35 19.08
CA ASP E 771 11.17 -56.58 18.31
C ASP E 771 10.03 -56.55 17.31
N ALA E 772 8.94 -55.84 17.61
CA ALA E 772 7.77 -55.85 16.72
C ALA E 772 8.02 -55.06 15.44
N GLU E 773 8.84 -54.02 15.50
CA GLU E 773 9.19 -53.27 14.31
C GLU E 773 10.03 -54.10 13.35
N LEU E 774 10.86 -55.00 13.88
CA LEU E 774 11.60 -55.92 13.03
C LEU E 774 10.66 -56.90 12.33
N ARG E 775 9.61 -57.34 13.02
CA ARG E 775 8.60 -58.19 12.39
C ARG E 775 7.83 -57.44 11.32
N ARG E 776 7.55 -56.15 11.55
CA ARG E 776 6.85 -55.35 10.55
C ARG E 776 7.72 -55.11 9.32
N TYR E 777 9.01 -54.85 9.53
CA TYR E 777 9.92 -54.65 8.40
C TYR E 777 10.15 -55.95 7.63
N GLU E 778 10.20 -57.09 8.35
CA GLU E 778 10.33 -58.37 7.68
C GLU E 778 9.07 -58.73 6.91
N ALA E 779 7.90 -58.36 7.43
CA ALA E 779 6.65 -58.59 6.71
C ALA E 779 6.55 -57.71 5.46
N TYR E 780 7.03 -56.47 5.55
CA TYR E 780 7.05 -55.59 4.38
C TYR E 780 8.03 -56.09 3.33
N SER E 781 9.19 -56.60 3.76
CA SER E 781 10.15 -57.16 2.82
C SER E 781 9.64 -58.45 2.19
N GLN E 782 8.92 -59.27 2.94
CA GLN E 782 8.35 -60.49 2.38
C GLN E 782 7.21 -60.17 1.41
N GLN E 783 6.45 -59.11 1.69
CA GLN E 783 5.40 -58.69 0.76
C GLN E 783 6.00 -58.11 -0.51
N MET E 784 7.11 -57.37 -0.39
CA MET E 784 7.79 -56.85 -1.57
C MET E 784 8.44 -57.97 -2.38
N LYS E 785 8.88 -59.04 -1.71
CA LYS E 785 9.43 -60.18 -2.44
C LYS E 785 8.32 -61.00 -3.10
N ALA E 786 7.17 -61.12 -2.45
CA ALA E 786 6.05 -61.88 -3.01
C ALA E 786 5.31 -61.11 -4.08
N SER E 787 5.46 -59.78 -4.15
CA SER E 787 4.90 -59.03 -5.25
C SER E 787 5.65 -59.33 -6.55
N ARG E 788 6.94 -59.63 -6.45
CA ARG E 788 7.74 -60.06 -7.60
C ARG E 788 7.44 -61.52 -7.90
N GLY E 789 6.36 -61.77 -8.65
CA GLY E 789 5.94 -63.12 -8.94
C GLY E 789 5.88 -63.39 -10.43
N GLN E 790 5.94 -64.69 -10.76
CA GLN E 790 5.98 -65.21 -12.13
C GLN E 790 7.14 -64.62 -12.93
N PHE E 791 8.30 -64.52 -12.28
CA PHE E 791 9.52 -64.03 -12.90
C PHE E 791 10.62 -65.05 -12.70
N SER E 792 11.29 -65.42 -13.79
CA SER E 792 12.23 -66.52 -13.79
C SER E 792 13.42 -66.13 -14.66
N ASN E 793 14.18 -67.13 -15.11
CA ASN E 793 15.29 -66.89 -16.04
C ASN E 793 14.81 -66.32 -17.38
N PHE E 794 13.55 -66.61 -17.75
CA PHE E 794 12.82 -65.98 -18.86
C PHE E 794 13.52 -66.20 -20.21
N ASN E 795 13.55 -67.48 -20.59
CA ASN E 795 14.05 -67.84 -21.91
C ASN E 795 13.10 -67.34 -22.99
N PHE E 796 13.65 -66.73 -24.02
CA PHE E 796 12.84 -66.18 -25.11
C PHE E 796 12.37 -67.28 -26.05
N UNK F 1 29.29 39.90 -5.17
CA UNK F 1 28.35 39.50 -4.12
C UNK F 1 28.00 38.02 -4.24
N UNK F 2 27.64 37.42 -3.12
CA UNK F 2 27.28 36.01 -3.07
C UNK F 2 25.76 35.87 -3.06
N UNK F 3 25.30 34.62 -3.14
CA UNK F 3 23.87 34.32 -3.15
C UNK F 3 23.65 32.93 -2.57
N UNK F 4 22.46 32.71 -2.04
CA UNK F 4 22.06 31.44 -1.45
C UNK F 4 21.14 30.68 -2.41
N UNK F 5 20.77 29.48 -2.01
CA UNK F 5 19.89 28.64 -2.82
C UNK F 5 19.12 27.69 -1.91
N UNK F 6 17.85 27.46 -2.23
CA UNK F 6 17.00 26.55 -1.47
C UNK F 6 16.84 25.24 -2.23
N UNK F 7 16.60 24.17 -1.47
CA UNK F 7 16.47 22.84 -2.06
C UNK F 7 15.63 21.95 -1.15
N UNK F 8 14.70 21.22 -1.76
CA UNK F 8 13.89 20.22 -1.07
C UNK F 8 13.76 19.01 -2.00
N UNK F 9 14.50 17.95 -1.71
CA UNK F 9 14.62 16.85 -2.66
C UNK F 9 13.61 15.74 -2.43
N UNK F 10 13.64 15.10 -1.26
CA UNK F 10 12.84 13.91 -1.04
C UNK F 10 12.67 13.57 0.45
N UNK F 11 12.10 12.41 0.72
CA UNK F 11 11.92 11.90 2.08
C UNK F 11 11.98 10.37 2.01
N UNK F 12 11.54 9.71 3.07
CA UNK F 12 11.55 8.26 3.12
C UNK F 12 10.39 7.77 3.98
N UNK F 13 9.58 6.88 3.44
CA UNK F 13 8.40 6.35 4.12
C UNK F 13 8.54 4.85 4.32
N UNK F 14 7.67 4.31 5.17
CA UNK F 14 7.64 2.89 5.51
C UNK F 14 6.26 2.36 5.20
N UNK F 15 6.18 1.35 4.33
CA UNK F 15 4.91 0.76 3.94
C UNK F 15 4.58 -0.44 4.82
N UNK F 16 3.29 -0.78 4.87
CA UNK F 16 2.79 -1.89 5.67
C UNK F 16 2.14 -2.90 4.73
N UNK F 17 2.52 -4.16 4.87
CA UNK F 17 2.00 -5.24 4.04
C UNK F 17 1.23 -6.25 4.88
N UNK F 18 0.31 -6.95 4.23
CA UNK F 18 -0.55 -7.93 4.89
C UNK F 18 -0.16 -9.31 4.38
N UNK F 19 -0.04 -10.25 5.32
CA UNK F 19 0.32 -11.63 5.02
C UNK F 19 -0.85 -12.55 5.33
N UNK F 20 -0.79 -13.75 4.77
CA UNK F 20 -1.83 -14.78 4.95
C UNK F 20 -1.17 -16.00 5.56
N UNK F 21 -1.68 -16.43 6.72
CA UNK F 21 -1.15 -17.58 7.44
C UNK F 21 -2.12 -18.75 7.26
N UNK F 22 -1.76 -19.69 6.39
CA UNK F 22 -2.60 -20.85 6.13
C UNK F 22 -2.47 -21.87 7.26
PB ADP G . -10.27 2.26 33.48
O1B ADP G . -10.76 1.34 32.28
O2B ADP G . -9.96 1.51 34.72
O3B ADP G . -9.03 2.99 32.95
PA ADP G . -11.52 4.77 34.05
O1A ADP G . -11.35 5.56 32.74
O2A ADP G . -10.44 5.05 35.03
O3A ADP G . -11.49 3.24 33.70
O5' ADP G . -12.99 4.93 34.59
C5' ADP G . -13.89 5.86 33.96
C4' ADP G . -14.95 6.21 34.97
O4' ADP G . -15.00 5.18 35.98
C3' ADP G . -14.73 7.54 35.69
O3' ADP G . -15.84 8.41 35.51
C2' ADP G . -14.52 7.15 37.16
O2' ADP G . -15.11 8.09 38.03
C1' ADP G . -15.19 5.77 37.24
N9 ADP G . -14.56 4.88 38.21
C8 ADP G . -13.96 3.68 37.93
N7 ADP G . -13.47 3.07 38.98
C5 ADP G . -13.76 3.93 40.02
C6 ADP G . -13.50 3.87 41.41
N6 ADP G . -12.87 2.85 42.00
N1 ADP G . -13.93 4.90 42.18
C2 ADP G . -14.58 5.93 41.60
N3 ADP G . -14.87 6.09 40.30
C4 ADP G . -14.44 5.05 39.57
BE BEF H . -9.96 0.98 30.94
F1 BEF H . -9.00 2.10 30.52
F2 BEF H . -9.22 -0.33 31.23
F3 BEF H . -11.12 0.84 29.94
MG MG I . -7.53 4.02 30.52
PB ADP J . 20.57 32.05 29.41
O1B ADP J . 19.87 30.63 29.26
O2B ADP J . 21.89 31.99 30.06
O3B ADP J . 20.65 32.58 27.97
PA ADP J . 19.56 34.39 30.70
O1A ADP J . 20.93 34.77 31.09
O2A ADP J . 19.06 35.21 29.49
O3A ADP J . 19.54 32.87 30.29
O5' ADP J . 18.49 34.42 31.85
C5' ADP J . 17.39 35.35 31.78
C4' ADP J . 16.82 35.49 33.17
O4' ADP J . 17.02 34.25 33.88
C3' ADP J . 17.45 36.59 34.02
O3' ADP J . 16.44 37.29 34.76
C2' ADP J . 18.40 35.81 34.93
O2' ADP J . 18.65 36.51 36.14
C1' ADP J . 17.62 34.53 35.14
N9 ADP J . 18.41 33.37 35.49
C8 ADP J . 18.68 32.29 34.68
N7 ADP J . 19.43 31.38 35.24
C5 ADP J . 19.68 31.88 36.51
C6 ADP J . 20.42 31.38 37.61
N6 ADP J . 21.07 30.22 37.60
N1 ADP J . 20.46 32.14 38.74
C2 ADP J . 19.81 33.32 38.75
N3 ADP J . 19.09 33.87 37.78
C4 ADP J . 19.06 33.11 36.68
BE BEF K . 19.91 29.68 27.96
F1 BEF K . 20.78 30.25 26.84
F2 BEF K . 20.44 28.32 28.45
F3 BEF K . 18.43 29.68 27.56
MG MG L . 21.77 32.80 26.08
PB ADP M . -29.46 -1.07 8.39
O1B ADP M . -28.90 -2.43 7.80
O2B ADP M . -30.02 -1.18 9.76
O3B ADP M . -28.26 -0.09 8.36
PA ADP M . -31.15 0.76 6.96
O1A ADP M . -30.26 1.29 5.82
O2A ADP M . -31.12 1.63 8.16
O3A ADP M . -30.57 -0.66 7.35
O5' ADP M . -32.57 0.37 6.41
C5' ADP M . -32.71 -0.17 5.09
C4' ADP M . -33.66 0.70 4.32
O4' ADP M . -34.98 0.14 4.39
C3' ADP M . -33.78 2.14 4.83
O3' ADP M . -32.81 2.99 4.21
C2' ADP M . -35.21 2.48 4.41
O2' ADP M . -35.28 2.84 3.04
C1' ADP M . -35.92 1.16 4.72
N9 ADP M . -36.28 0.98 6.12
C8 ADP M . -35.71 0.12 7.00
N7 ADP M . -36.23 0.16 8.21
C5 ADP M . -37.21 1.14 8.11
C6 ADP M . -38.12 1.67 9.04
N6 ADP M . -38.20 1.27 10.31
N1 ADP M . -38.97 2.64 8.61
C2 ADP M . -38.89 3.04 7.33
N3 ADP M . -38.07 2.62 6.36
C4 ADP M . -37.25 1.66 6.82
MG MG N . -26.19 0.79 7.46
PB ADP O . -7.77 35.45 12.52
O1B ADP O . -7.39 34.23 11.59
O2B ADP O . -8.52 35.07 13.75
O3B ADP O . -6.45 36.13 12.86
PA ADP O . -8.78 37.93 11.47
O1A ADP O . -7.97 38.36 10.23
O2A ADP O . -8.27 38.53 12.73
O3A ADP O . -8.66 36.36 11.58
O5' ADP O . -10.31 38.11 11.20
C5' ADP O . -10.76 38.71 9.98
C4' ADP O . -12.11 39.32 10.25
O4' ADP O . -12.99 38.32 10.81
C3' ADP O . -12.12 40.46 11.27
O3' ADP O . -11.79 41.70 10.65
C2' ADP O . -13.57 40.42 11.75
O2' ADP O . -14.44 41.10 10.88
C1' ADP O . -13.83 38.91 11.79
N9 ADP O . -13.53 38.27 13.07
C8 ADP O . -12.71 37.18 13.26
N7 ADP O . -12.61 36.81 14.51
C5 ADP O . -13.42 37.71 15.19
C6 ADP O . -13.74 37.85 16.55
N6 ADP O . -13.27 37.06 17.52
N1 ADP O . -14.59 38.85 16.89
C2 ADP O . -15.07 39.66 15.94
N3 ADP O . -14.82 39.61 14.62
C4 ADP O . -13.99 38.60 14.31
BE BEF P . -5.95 33.52 11.50
F1 BEF P . -4.83 34.50 11.15
F2 BEF P . -5.71 32.84 12.86
F3 BEF P . -6.20 32.54 10.34
MG MG Q . -3.66 36.27 11.03
BE BEF R . -27.37 -2.88 7.69
F1 BEF R . -26.40 -1.68 7.79
F2 BEF R . -27.12 -3.92 8.79
F3 BEF R . -27.36 -3.46 6.26
PB ADP S . -21.99 -19.37 -17.26
O1B ADP S . -21.01 -20.21 -16.32
O2B ADP S . -23.33 -19.97 -17.42
O3B ADP S . -22.08 -17.97 -16.62
PA ADP S . -21.46 -18.48 -19.94
O1A ADP S . -20.09 -17.98 -20.42
O2A ADP S . -22.40 -17.39 -19.61
O3A ADP S . -21.21 -19.34 -18.64
O5' ADP S . -22.00 -19.59 -20.92
C5' ADP S . -21.08 -20.44 -21.62
C4' ADP S . -21.31 -20.26 -23.09
O4' ADP S . -22.20 -21.31 -23.56
C3' ADP S . -21.99 -18.95 -23.50
O3' ADP S . -21.01 -17.95 -23.76
C2' ADP S . -22.73 -19.38 -24.76
O2' ADP S . -21.89 -19.41 -25.89
C1' ADP S . -23.23 -20.75 -24.34
N9 ADP S . -24.44 -20.73 -23.52
C8 ADP S . -24.55 -21.17 -22.23
N7 ADP S . -25.76 -21.03 -21.72
C5 ADP S . -26.49 -20.47 -22.76
C6 ADP S . -27.83 -20.07 -22.88
N6 ADP S . -28.73 -20.19 -21.89
N1 ADP S . -28.24 -19.54 -24.05
C2 ADP S . -27.36 -19.42 -25.05
N3 ADP S . -26.05 -19.75 -25.05
C4 ADP S . -25.69 -20.28 -23.88
BE BEF T . -20.50 -19.82 -14.86
F1 BEF T . -20.04 -18.36 -14.76
F2 BEF T . -21.67 -20.10 -13.90
F3 BEF T . -19.31 -20.78 -14.71
MG MG U . -19.46 -16.33 -14.87
PB ADP V . -11.64 22.44 -17.15
O1B ADP V . -10.78 21.21 -16.63
O2B ADP V . -13.10 22.31 -16.97
O3B ADP V . -11.09 23.65 -16.37
PA ADP V . -11.68 23.53 -19.81
O1A ADP V . -10.40 23.95 -20.54
O2A ADP V . -12.39 24.66 -19.18
O3A ADP V . -11.26 22.51 -18.69
O5' ADP V . -12.55 22.61 -20.73
C5' ADP V . -11.99 22.03 -21.93
C4' ADP V . -13.03 22.11 -23.01
O4' ADP V . -14.30 21.66 -22.48
C3' ADP V . -13.26 23.51 -23.59
O3' ADP V . -13.38 23.45 -25.01
C2' ADP V . -14.57 23.94 -22.92
O2' ADP V . -15.27 24.88 -23.70
C1' ADP V . -15.30 22.60 -22.80
N9 ADP V . -16.29 22.56 -21.73
C8 ADP V . -16.20 21.85 -20.57
N7 ADP V . -17.24 21.98 -19.78
C5 ADP V . -18.07 22.84 -20.48
C6 ADP V . -19.34 23.38 -20.20
N6 ADP V . -20.02 23.13 -19.08
N1 ADP V . -19.89 24.22 -21.12
C2 ADP V . -19.22 24.48 -22.25
N3 ADP V . -18.02 24.02 -22.62
C4 ADP V . -17.50 23.21 -21.69
BE BEF W . -9.80 21.19 -15.37
F1 BEF W . -8.89 22.43 -15.30
F2 BEF W . -10.69 21.06 -14.12
F3 BEF W . -8.98 19.92 -15.68
MG MG X . -8.09 24.52 -15.42
PB ADP Y . 3.17 -39.20 -15.99
O1B ADP Y . 2.14 -40.03 -16.63
O2B ADP Y . 3.00 -37.71 -16.33
O3B ADP Y . 3.17 -39.27 -14.40
PA ADP Y . 5.57 -39.36 -17.57
O1A ADP Y . 4.74 -39.04 -18.74
O2A ADP Y . 6.45 -38.18 -17.11
O3A ADP Y . 4.63 -39.72 -16.35
O5' ADP Y . 6.44 -40.66 -17.67
C5' ADP Y . 7.85 -40.63 -17.40
C4' ADP Y . 8.54 -41.36 -18.51
O4' ADP Y . 7.84 -42.60 -18.77
C3' ADP Y . 8.59 -40.64 -19.85
O3' ADP Y . 9.71 -39.78 -19.91
C2' ADP Y . 8.70 -41.80 -20.85
O2' ADP Y . 10.05 -42.11 -21.14
C1' ADP Y . 7.97 -42.96 -20.13
N9 ADP Y . 6.63 -43.24 -20.64
C8 ADP Y . 5.50 -43.33 -19.88
N7 ADP Y . 4.42 -43.61 -20.57
C5 ADP Y . 4.88 -43.70 -21.88
C6 ADP Y . 4.24 -43.98 -23.10
N6 ADP Y . 2.92 -44.20 -23.21
N1 ADP Y . 4.99 -44.00 -24.23
C2 ADP Y . 6.31 -43.77 -24.12
N3 ADP Y . 7.03 -43.50 -23.03
C4 ADP Y . 6.25 -43.48 -21.93
BE BEF Z . 2.75 -38.12 -13.38
F1 BEF Z . 2.36 -36.81 -14.09
F2 BEF Z . 1.58 -38.67 -12.54
F3 BEF Z . 4.06 -37.94 -12.60
MG MG AA . 3.39 -35.08 -14.72
PB ADP BA . 10.00 1.15 -28.40
O1B ADP BA . 10.77 0.21 -27.46
O2B ADP BA . 10.48 2.55 -28.26
O3B ADP BA . 8.48 0.96 -27.99
PA ADP BA . 10.96 1.12 -31.13
O1A ADP BA . 10.16 1.97 -32.02
O2A ADP BA . 12.19 1.86 -30.54
O3A ADP BA . 10.05 0.67 -29.90
O5' ADP BA . 11.41 -0.27 -31.71
C5' ADP BA . 12.78 -0.68 -31.61
C4' ADP BA . 13.21 -1.26 -32.92
O4' ADP BA . 12.19 -2.17 -33.40
C3' ADP BA . 13.47 -0.24 -34.04
O3' ADP BA . 14.67 -0.55 -34.73
C2' ADP BA . 12.23 -0.36 -34.94
O2' ADP BA . 12.56 -0.12 -36.29
C1' ADP BA . 11.75 -1.79 -34.69
N9 ADP BA . 10.30 -1.92 -34.67
C8 ADP BA . 9.53 -2.03 -33.54
N7 ADP BA . 8.25 -2.14 -33.79
C5 ADP BA . 8.17 -2.08 -35.17
C6 ADP BA . 7.09 -2.14 -36.06
N6 ADP BA . 5.81 -2.26 -35.67
N1 ADP BA . 7.35 -2.06 -37.39
C2 ADP BA . 8.63 -1.92 -37.78
N3 ADP BA . 9.72 -1.86 -37.03
C4 ADP BA . 9.43 -1.95 -35.72
BE BEF CA . 7.90 0.93 -26.51
F1 BEF CA . 7.98 2.29 -25.81
F2 BEF CA . 6.45 0.41 -26.60
F3 BEF CA . 8.89 -0.07 -25.85
MG MG DA . 10.06 4.29 -26.88
PB ADP EA . 20.37 -43.63 10.49
O1B ADP EA . 21.41 -44.73 10.46
O2B ADP EA . 19.10 -44.00 11.20
O3B ADP EA . 20.15 -42.94 9.17
PA ADP EA . 22.41 -41.75 11.08
O1A ADP EA . 22.93 -42.31 9.77
O2A ADP EA . 22.18 -40.27 11.19
O3A ADP EA . 21.01 -42.47 11.43
O5' ADP EA . 23.41 -42.19 12.26
C5' ADP EA . 23.77 -43.55 12.48
C4' ADP EA . 25.16 -43.62 13.09
O4' ADP EA . 25.55 -44.98 13.26
C3' ADP EA . 26.20 -42.95 12.20
O3' ADP EA . 26.77 -41.82 12.87
C2' ADP EA . 27.26 -43.99 11.94
O2' ADP EA . 28.53 -43.52 12.40
C1' ADP EA . 26.84 -45.23 12.71
N9 ADP EA . 26.72 -46.38 11.77
C8 ADP EA . 25.57 -46.92 11.34
N7 ADP EA . 25.80 -47.95 10.50
C5 ADP EA . 27.12 -48.09 10.37
C6 ADP EA . 28.02 -49.00 9.62
N6 ADP EA . 27.53 -49.98 8.83
N1 ADP EA . 29.36 -48.81 9.77
C2 ADP EA . 29.84 -47.84 10.55
N3 ADP EA . 29.09 -46.98 11.26
C4 ADP EA . 27.74 -47.05 11.21
PB ADP FA . 32.93 -11.31 -9.63
O1B ADP FA . 32.93 -12.45 -10.62
O2B ADP FA . 31.77 -10.35 -9.80
O3B ADP FA . 33.21 -11.72 -8.21
PA ADP FA . 35.47 -10.91 -10.89
O1A ADP FA . 34.96 -11.28 -12.26
O2A ADP FA . 36.57 -9.88 -10.75
O3A ADP FA . 34.22 -10.39 -10.01
O5' ADP FA . 35.98 -12.27 -10.18
C5' ADP FA . 36.48 -12.27 -8.85
C4' ADP FA . 37.81 -13.01 -8.86
O4' ADP FA . 37.63 -14.34 -9.31
C3' ADP FA . 38.79 -12.34 -9.82
O3' ADP FA . 39.86 -11.74 -9.09
C2' ADP FA . 39.32 -13.44 -10.70
O2' ADP FA . 40.74 -13.54 -10.57
C1' ADP FA . 38.65 -14.73 -10.23
N9 ADP FA . 38.04 -15.45 -11.37
C8 ADP FA . 36.72 -15.61 -11.56
N7 ADP FA . 36.47 -16.31 -12.69
C5 ADP FA . 37.65 -16.60 -13.26
C6 ADP FA . 38.10 -17.31 -14.48
N6 ADP FA . 37.20 -17.87 -15.33
N1 ADP FA . 39.43 -17.40 -14.70
C2 ADP FA . 40.32 -16.85 -13.86
N3 ADP FA . 39.99 -16.19 -12.74
C4 ADP FA . 38.68 -16.03 -12.38
#